data_9I32
#
_entry.id   9I32
#
_cell.length_a   276.488
_cell.length_b   276.488
_cell.length_c   390.120
_cell.angle_alpha   90.000
_cell.angle_beta   90.000
_cell.angle_gamma   90.000
#
_symmetry.space_group_name_H-M   'I 4 2 2'
#
loop_
_entity.id
_entity.type
_entity.pdbx_description
1 polymer 'Alpha-methylacyl-CoA racemase'
2 non-polymer 'ISOBUTYRYL-COENZYME A'
3 water water
#
_entity_poly.entity_id   1
_entity_poly.type   'polypeptide(L)'
_entity_poly.pdbx_seq_one_letter_code
;MAGPLSGLRVVELAGIGPGPHAAMILGDLGADVVRIDRPSSVDGISRDAMLRNRRIVTADLKSDQGLELALKLIAKADVL
IEGYRPGVTERLGLGPEECAKVNDRLIYARMTGWGQTGPRSQQAGHDINYISLNGILHAIGRGDERPVPPLNLVGDFGGG
SMFLLVGILAALWERQSSGKGQVVDAAMVDGSSVLIQMMWAMRATGMWTDTRGANMLDGGAPYYDTYECADGRYVAVGAI
EPQFYAAMLAGLGLDAAELPPQNDRARWPELRALLTEAFASHDRDHWGAVFANSDACVTPVLAFGEVHNEPHIIERNTFY
EANGGWQPMPAPRFSRTASSQPRPPAATIDIEAVLTDWDGGSGC
;
_entity_poly.pdbx_strand_id   A,B,C,D,E,F,G,H,I,J,K,L
#
loop_
_chem_comp.id
_chem_comp.type
_chem_comp.name
_chem_comp.formula
CO6 non-polymer 'ISOBUTYRYL-COENZYME A' 'C25 H42 N7 O17 P3 S'
#
# COMPACT_ATOMS: atom_id res chain seq x y z
N MET A 1 67.55 -19.08 1.75
CA MET A 1 66.67 -20.12 1.12
C MET A 1 67.11 -20.34 -0.34
N ALA A 2 67.37 -21.61 -0.71
CA ALA A 2 67.91 -21.95 -2.02
C ALA A 2 66.85 -21.91 -3.11
N GLY A 3 67.23 -21.44 -4.30
CA GLY A 3 66.43 -21.61 -5.49
C GLY A 3 66.06 -20.29 -6.12
N PRO A 4 65.50 -20.28 -7.35
CA PRO A 4 65.32 -19.04 -8.08
C PRO A 4 64.30 -18.07 -7.49
N LEU A 5 63.41 -18.60 -6.62
CA LEU A 5 62.32 -17.82 -6.08
C LEU A 5 62.66 -17.33 -4.68
N SER A 6 63.91 -17.52 -4.26
CA SER A 6 64.42 -16.93 -3.02
C SER A 6 63.97 -15.46 -2.92
N GLY A 7 63.47 -15.10 -1.73
CA GLY A 7 62.97 -13.75 -1.49
C GLY A 7 61.47 -13.60 -1.78
N LEU A 8 60.84 -14.54 -2.50
CA LEU A 8 59.43 -14.39 -2.79
C LEU A 8 58.61 -14.81 -1.55
N ARG A 9 57.60 -13.99 -1.20
CA ARG A 9 56.84 -14.19 0.02
C ARG A 9 55.42 -14.59 -0.32
N VAL A 10 54.96 -15.69 0.27
CA VAL A 10 53.68 -16.23 -0.15
C VAL A 10 52.80 -16.51 1.05
N VAL A 11 51.53 -16.05 0.92
CA VAL A 11 50.52 -16.37 1.92
C VAL A 11 49.47 -17.27 1.25
N GLU A 12 49.26 -18.42 1.89
CA GLU A 12 48.40 -19.48 1.35
C GLU A 12 47.23 -19.70 2.31
N LEU A 13 46.02 -19.40 1.86
CA LEU A 13 44.86 -19.76 2.64
C LEU A 13 44.54 -21.24 2.39
N ALA A 14 44.76 -22.06 3.44
CA ALA A 14 44.76 -23.50 3.38
C ALA A 14 43.49 -24.03 2.73
N GLY A 15 43.69 -24.87 1.71
CA GLY A 15 42.61 -25.56 1.04
C GLY A 15 43.04 -26.98 0.67
N ILE A 16 42.45 -27.49 -0.40
CA ILE A 16 42.77 -28.85 -0.82
C ILE A 16 43.07 -28.83 -2.32
N GLY A 17 43.95 -29.75 -2.74
CA GLY A 17 44.13 -30.02 -4.15
C GLY A 17 45.13 -29.06 -4.80
N PRO A 18 44.70 -28.29 -5.81
CA PRO A 18 45.62 -27.46 -6.59
C PRO A 18 46.32 -26.35 -5.80
N GLY A 19 45.59 -25.64 -4.94
CA GLY A 19 46.19 -24.59 -4.12
C GLY A 19 47.39 -25.04 -3.32
N PRO A 20 47.32 -26.08 -2.47
CA PRO A 20 48.53 -26.53 -1.79
C PRO A 20 49.63 -27.06 -2.71
N HIS A 21 49.27 -27.56 -3.92
CA HIS A 21 50.28 -28.10 -4.82
C HIS A 21 51.09 -26.95 -5.40
N ALA A 22 50.41 -25.91 -5.87
CA ALA A 22 51.04 -24.66 -6.29
C ALA A 22 51.93 -24.06 -5.19
N ALA A 23 51.42 -23.97 -3.97
CA ALA A 23 52.18 -23.42 -2.87
C ALA A 23 53.42 -24.26 -2.62
N MET A 24 53.29 -25.59 -2.74
CA MET A 24 54.43 -26.48 -2.55
C MET A 24 55.53 -26.15 -3.58
N ILE A 25 55.16 -25.96 -4.82
CA ILE A 25 56.16 -25.78 -5.86
C ILE A 25 56.85 -24.41 -5.66
N LEU A 26 56.10 -23.34 -5.33
CA LEU A 26 56.74 -22.06 -4.97
C LEU A 26 57.74 -22.27 -3.83
N GLY A 27 57.32 -22.96 -2.77
CA GLY A 27 58.23 -23.31 -1.71
C GLY A 27 59.45 -24.10 -2.21
N ASP A 28 59.18 -25.08 -3.09
CA ASP A 28 60.20 -25.97 -3.62
C ASP A 28 61.31 -25.15 -4.28
N LEU A 29 60.94 -24.07 -4.98
CA LEU A 29 61.86 -23.27 -5.77
C LEU A 29 62.46 -22.08 -4.97
N GLY A 30 62.20 -22.02 -3.65
CA GLY A 30 62.88 -21.06 -2.78
C GLY A 30 61.98 -20.02 -2.09
N ALA A 31 60.71 -19.89 -2.54
CA ALA A 31 59.77 -18.96 -1.93
C ALA A 31 59.59 -19.25 -0.45
N ASP A 32 59.28 -18.14 0.25
CA ASP A 32 58.96 -18.14 1.67
C ASP A 32 57.43 -18.27 1.80
N VAL A 33 56.97 -19.45 2.14
CA VAL A 33 55.54 -19.71 2.02
C VAL A 33 54.98 -19.85 3.42
N VAL A 34 53.91 -19.09 3.67
CA VAL A 34 53.25 -19.10 4.96
C VAL A 34 51.81 -19.51 4.75
N ARG A 35 51.46 -20.60 5.45
CA ARG A 35 50.18 -21.23 5.27
C ARG A 35 49.28 -20.97 6.48
N ILE A 36 48.18 -20.27 6.24
CA ILE A 36 47.20 -20.00 7.29
C ILE A 36 46.10 -21.06 7.21
N ASP A 37 46.09 -21.97 8.21
CA ASP A 37 44.99 -22.91 8.43
C ASP A 37 44.11 -22.42 9.61
N ARG A 38 42.90 -23.01 9.72
CA ARG A 38 42.03 -22.78 10.85
C ARG A 38 42.52 -23.64 12.04
N PRO A 39 42.32 -23.19 13.29
CA PRO A 39 42.65 -24.01 14.46
C PRO A 39 41.86 -25.31 14.57
N SER A 40 40.60 -25.34 14.09
CA SER A 40 39.83 -26.58 14.04
C SER A 40 40.71 -27.76 13.64
N SER A 41 41.62 -27.58 12.67
CA SER A 41 42.64 -28.58 12.34
C SER A 41 43.75 -28.59 13.41
N VAL A 42 44.89 -27.92 13.16
CA VAL A 42 46.10 -28.01 13.98
C VAL A 42 46.43 -29.49 14.18
N ASP A 43 46.72 -29.90 15.42
CA ASP A 43 46.82 -31.30 15.83
C ASP A 43 48.16 -31.90 15.41
N GLY A 44 49.27 -31.20 15.73
CA GLY A 44 50.61 -31.78 15.64
C GLY A 44 51.30 -31.50 14.29
N ILE A 45 52.41 -32.21 14.04
CA ILE A 45 53.18 -32.06 12.81
C ILE A 45 52.58 -32.94 11.70
N SER A 46 52.26 -32.31 10.54
CA SER A 46 51.53 -32.94 9.45
C SER A 46 52.29 -34.13 8.85
N ARG A 47 51.52 -35.14 8.42
CA ARG A 47 52.07 -36.32 7.78
C ARG A 47 52.02 -36.17 6.26
N ASP A 48 51.51 -35.02 5.77
CA ASP A 48 51.24 -34.78 4.36
C ASP A 48 52.45 -34.06 3.75
N ALA A 49 53.29 -34.85 3.06
CA ALA A 49 54.49 -34.35 2.41
C ALA A 49 54.20 -33.24 1.38
N MET A 50 52.94 -33.08 0.92
CA MET A 50 52.60 -31.95 0.07
C MET A 50 52.74 -30.60 0.81
N LEU A 51 52.80 -30.63 2.16
CA LEU A 51 52.90 -29.42 2.95
C LEU A 51 54.36 -29.16 3.34
N ARG A 52 55.28 -29.69 2.54
CA ARG A 52 56.69 -29.40 2.72
C ARG A 52 56.95 -27.95 2.32
N ASN A 53 58.12 -27.45 2.73
CA ASN A 53 58.57 -26.10 2.41
C ASN A 53 57.53 -25.04 2.79
N ARG A 54 57.03 -25.15 4.04
CA ARG A 54 55.98 -24.28 4.56
C ARG A 54 56.33 -23.79 5.98
N ARG A 55 55.88 -22.57 6.33
CA ARG A 55 55.52 -22.31 7.72
C ARG A 55 54.00 -22.35 7.87
N ILE A 56 53.52 -23.14 8.84
CA ILE A 56 52.09 -23.24 9.16
C ILE A 56 51.73 -22.29 10.31
N VAL A 57 50.60 -21.58 10.20
CA VAL A 57 50.07 -20.80 11.30
C VAL A 57 48.55 -20.99 11.37
N THR A 58 48.00 -20.76 12.58
CA THR A 58 46.59 -20.88 12.94
C THR A 58 45.88 -19.51 12.97
N ALA A 59 44.60 -19.44 12.57
CA ALA A 59 43.87 -18.19 12.63
C ALA A 59 42.40 -18.36 12.25
N ASP A 60 41.51 -17.99 13.18
CA ASP A 60 40.09 -17.94 12.89
C ASP A 60 39.83 -16.67 12.10
N LEU A 61 39.73 -16.80 10.77
CA LEU A 61 39.51 -15.66 9.89
C LEU A 61 38.13 -15.06 10.09
N LYS A 62 37.24 -15.80 10.77
CA LYS A 62 35.88 -15.33 11.02
C LYS A 62 35.85 -14.27 12.13
N SER A 63 36.88 -14.27 13.00
CA SER A 63 37.03 -13.31 14.08
C SER A 63 37.66 -12.00 13.57
N ASP A 64 37.66 -10.97 14.42
CA ASP A 64 38.26 -9.70 14.06
C ASP A 64 39.78 -9.76 14.14
N GLN A 65 40.30 -10.51 15.12
CA GLN A 65 41.74 -10.56 15.35
C GLN A 65 42.41 -11.38 14.25
N GLY A 66 41.92 -12.61 14.04
CA GLY A 66 42.33 -13.41 12.90
C GLY A 66 42.39 -12.57 11.62
N LEU A 67 41.29 -11.90 11.27
CA LEU A 67 41.22 -11.16 10.02
C LEU A 67 42.35 -10.15 9.97
N GLU A 68 42.66 -9.53 11.11
CA GLU A 68 43.61 -8.44 11.09
C GLU A 68 45.04 -8.98 11.06
N LEU A 69 45.36 -10.05 11.79
CA LEU A 69 46.69 -10.65 11.69
C LEU A 69 46.96 -11.16 10.27
N ALA A 70 45.94 -11.74 9.64
CA ALA A 70 46.01 -12.17 8.27
C ALA A 70 46.29 -10.99 7.35
N LEU A 71 45.55 -9.88 7.51
CA LEU A 71 45.76 -8.72 6.66
C LEU A 71 47.15 -8.13 6.89
N LYS A 72 47.70 -8.33 8.08
CA LYS A 72 49.06 -7.89 8.36
C LYS A 72 50.06 -8.70 7.54
N LEU A 73 49.87 -10.03 7.44
CA LEU A 73 50.78 -10.86 6.66
C LEU A 73 50.69 -10.48 5.19
N ILE A 74 49.47 -10.37 4.70
CA ILE A 74 49.22 -10.10 3.30
C ILE A 74 49.84 -8.76 2.90
N ALA A 75 49.91 -7.83 3.86
CA ALA A 75 50.42 -6.49 3.62
C ALA A 75 51.90 -6.57 3.25
N LYS A 76 52.59 -7.58 3.81
CA LYS A 76 54.03 -7.75 3.69
C LYS A 76 54.41 -8.86 2.70
N ALA A 77 53.49 -9.30 1.82
CA ALA A 77 53.75 -10.48 1.00
C ALA A 77 53.61 -10.13 -0.47
N ASP A 78 54.15 -11.01 -1.33
CA ASP A 78 54.09 -10.79 -2.76
C ASP A 78 52.86 -11.46 -3.35
N VAL A 79 52.45 -12.58 -2.74
CA VAL A 79 51.42 -13.40 -3.34
C VAL A 79 50.48 -13.92 -2.25
N LEU A 80 49.20 -13.92 -2.64
CA LEU A 80 48.17 -14.68 -1.92
C LEU A 80 47.54 -15.76 -2.82
N ILE A 81 47.47 -16.96 -2.25
CA ILE A 81 46.75 -18.09 -2.84
C ILE A 81 45.53 -18.43 -1.99
N GLU A 82 44.37 -18.48 -2.64
CA GLU A 82 43.18 -19.03 -2.02
C GLU A 82 42.47 -19.91 -3.02
N GLY A 83 41.86 -21.00 -2.53
CA GLY A 83 41.12 -21.92 -3.37
C GLY A 83 39.75 -22.31 -2.80
N TYR A 84 39.00 -21.29 -2.31
CA TYR A 84 37.66 -21.46 -1.77
C TYR A 84 36.69 -21.13 -2.89
N ARG A 85 35.41 -21.43 -2.67
CA ARG A 85 34.42 -21.03 -3.65
C ARG A 85 34.49 -19.52 -3.81
N PRO A 86 34.07 -18.98 -4.96
CA PRO A 86 33.97 -17.53 -5.14
C PRO A 86 33.08 -16.92 -4.05
N GLY A 87 33.56 -15.82 -3.46
CA GLY A 87 32.78 -15.08 -2.51
C GLY A 87 33.22 -15.40 -1.10
N VAL A 88 33.96 -16.48 -0.92
CA VAL A 88 34.36 -16.78 0.44
C VAL A 88 35.31 -15.69 0.94
N THR A 89 36.29 -15.28 0.13
CA THR A 89 37.26 -14.34 0.69
C THR A 89 36.58 -12.97 0.83
N GLU A 90 35.77 -12.57 -0.14
CA GLU A 90 35.01 -11.34 0.00
C GLU A 90 34.35 -11.30 1.38
N ARG A 91 33.39 -12.20 1.64
CA ARG A 91 32.61 -12.19 2.88
C ARG A 91 33.52 -12.27 4.10
N LEU A 92 34.72 -12.83 3.98
CA LEU A 92 35.65 -12.86 5.10
C LEU A 92 36.39 -11.52 5.29
N GLY A 93 36.27 -10.60 4.33
CA GLY A 93 37.06 -9.36 4.28
C GLY A 93 38.55 -9.58 3.95
N LEU A 94 38.84 -10.64 3.16
CA LEU A 94 40.14 -10.89 2.57
C LEU A 94 39.98 -10.92 1.05
N GLY A 95 38.91 -10.34 0.54
CA GLY A 95 38.69 -10.25 -0.89
C GLY A 95 39.84 -9.49 -1.56
N PRO A 96 39.91 -9.48 -2.91
CA PRO A 96 40.93 -8.72 -3.62
C PRO A 96 40.89 -7.21 -3.29
N GLU A 97 39.71 -6.58 -3.40
CA GLU A 97 39.52 -5.15 -3.10
C GLU A 97 40.04 -4.78 -1.72
N GLU A 98 39.74 -5.60 -0.71
CA GLU A 98 40.24 -5.36 0.64
C GLU A 98 41.77 -5.51 0.72
N CYS A 99 42.33 -6.49 0.01
CA CYS A 99 43.78 -6.69 0.01
C CYS A 99 44.46 -5.54 -0.75
N ALA A 100 43.85 -5.09 -1.87
CA ALA A 100 44.35 -3.99 -2.69
C ALA A 100 44.57 -2.72 -1.87
N LYS A 101 43.76 -2.55 -0.81
CA LYS A 101 43.87 -1.42 0.09
C LYS A 101 45.05 -1.55 1.05
N VAL A 102 45.54 -2.76 1.36
CA VAL A 102 46.68 -2.81 2.27
C VAL A 102 47.98 -3.18 1.56
N ASN A 103 47.96 -3.29 0.22
CA ASN A 103 49.12 -3.79 -0.51
C ASN A 103 48.80 -3.89 -1.98
N ASP A 104 49.06 -2.84 -2.76
CA ASP A 104 48.63 -2.83 -4.15
C ASP A 104 49.65 -3.52 -5.07
N ARG A 105 50.66 -4.16 -4.47
CA ARG A 105 51.66 -4.93 -5.21
C ARG A 105 51.29 -6.43 -5.25
N LEU A 106 50.21 -6.80 -4.53
CA LEU A 106 49.87 -8.18 -4.24
C LEU A 106 49.46 -8.92 -5.51
N ILE A 107 49.99 -10.14 -5.69
CA ILE A 107 49.41 -11.00 -6.70
C ILE A 107 48.33 -11.83 -6.03
N TYR A 108 47.08 -11.62 -6.48
CA TYR A 108 45.93 -12.19 -5.79
C TYR A 108 45.48 -13.42 -6.59
N ALA A 109 45.86 -14.62 -6.11
CA ALA A 109 45.73 -15.84 -6.91
C ALA A 109 44.55 -16.69 -6.46
N ARG A 110 43.57 -16.81 -7.36
CA ARG A 110 42.32 -17.49 -7.10
C ARG A 110 42.22 -18.82 -7.86
N MET A 111 42.25 -19.91 -7.10
CA MET A 111 42.26 -21.26 -7.65
C MET A 111 40.88 -21.88 -7.50
N THR A 112 40.15 -22.04 -8.60
CA THR A 112 38.88 -22.75 -8.57
C THR A 112 38.79 -23.81 -9.67
N GLY A 113 37.65 -24.52 -9.68
CA GLY A 113 37.35 -25.46 -10.76
C GLY A 113 36.56 -24.79 -11.87
N TRP A 114 35.46 -24.14 -11.47
CA TRP A 114 34.48 -23.67 -12.43
C TRP A 114 34.73 -22.21 -12.83
N GLY A 115 35.55 -21.52 -12.04
CA GLY A 115 35.80 -20.11 -12.30
C GLY A 115 35.08 -19.20 -11.31
N GLN A 116 35.13 -17.89 -11.57
CA GLN A 116 34.65 -16.93 -10.58
C GLN A 116 33.17 -16.64 -10.85
N THR A 117 32.67 -16.86 -12.06
CA THR A 117 31.29 -16.60 -12.38
C THR A 117 30.70 -17.74 -13.19
N GLY A 118 29.39 -17.63 -13.48
CA GLY A 118 28.68 -18.54 -14.35
C GLY A 118 27.87 -19.55 -13.53
N PRO A 119 27.00 -20.32 -14.18
CA PRO A 119 26.02 -21.18 -13.52
C PRO A 119 26.57 -22.24 -12.55
N ARG A 120 27.79 -22.74 -12.82
CA ARG A 120 28.34 -23.80 -12.01
C ARG A 120 29.28 -23.26 -10.96
N SER A 121 29.40 -21.93 -10.87
CA SER A 121 30.45 -21.32 -10.06
C SER A 121 30.31 -21.61 -8.58
N GLN A 122 29.11 -21.98 -8.12
CA GLN A 122 28.96 -22.31 -6.71
C GLN A 122 28.86 -23.81 -6.43
N GLN A 123 28.87 -24.67 -7.46
CA GLN A 123 28.79 -26.10 -7.21
C GLN A 123 30.11 -26.65 -6.71
N ALA A 124 30.05 -27.46 -5.67
CA ALA A 124 31.19 -28.30 -5.29
C ALA A 124 31.58 -29.23 -6.44
N GLY A 125 32.85 -29.62 -6.44
CA GLY A 125 33.37 -30.48 -7.49
C GLY A 125 34.75 -30.96 -7.10
N HIS A 126 35.22 -31.94 -7.88
CA HIS A 126 36.59 -32.38 -7.81
C HIS A 126 37.10 -32.55 -9.24
N ASP A 127 38.36 -32.95 -9.36
CA ASP A 127 39.03 -33.08 -10.67
C ASP A 127 38.12 -33.70 -11.71
N ILE A 128 37.54 -34.87 -11.40
CA ILE A 128 36.77 -35.64 -12.36
C ILE A 128 35.58 -34.84 -12.89
N ASN A 129 34.98 -33.98 -12.05
CA ASN A 129 33.87 -33.13 -12.50
C ASN A 129 34.38 -32.11 -13.53
N TYR A 130 35.50 -31.45 -13.22
CA TYR A 130 35.95 -30.34 -14.06
C TYR A 130 36.34 -30.85 -15.47
N ILE A 131 37.03 -32.00 -15.54
CA ILE A 131 37.43 -32.57 -16.81
C ILE A 131 36.27 -33.28 -17.50
N SER A 132 35.17 -33.54 -16.78
CA SER A 132 34.02 -34.13 -17.44
C SER A 132 33.33 -33.14 -18.38
N LEU A 133 33.39 -31.85 -18.06
CA LEU A 133 32.57 -30.88 -18.79
C LEU A 133 33.24 -30.35 -20.06
N ASN A 134 34.57 -30.51 -20.19
CA ASN A 134 35.28 -29.89 -21.29
C ASN A 134 35.80 -30.94 -22.30
N GLY A 135 35.26 -32.15 -22.22
CA GLY A 135 35.52 -33.14 -23.24
C GLY A 135 36.70 -34.07 -22.91
N ILE A 136 37.46 -33.78 -21.85
CA ILE A 136 38.70 -34.49 -21.61
C ILE A 136 38.40 -35.92 -21.14
N LEU A 137 37.56 -36.05 -20.12
CA LEU A 137 37.34 -37.33 -19.46
C LEU A 137 36.77 -38.31 -20.48
N HIS A 138 35.89 -37.83 -21.33
CA HIS A 138 35.24 -38.67 -22.32
C HIS A 138 36.30 -39.30 -23.23
N ALA A 139 37.47 -38.67 -23.37
CA ALA A 139 38.46 -39.14 -24.33
C ALA A 139 39.41 -40.16 -23.70
N ILE A 140 39.29 -40.42 -22.38
CA ILE A 140 40.27 -41.25 -21.68
C ILE A 140 39.69 -42.65 -21.42
N GLY A 141 40.37 -43.66 -21.96
CA GLY A 141 40.10 -45.05 -21.65
C GLY A 141 39.86 -45.89 -22.91
N ARG A 142 39.53 -47.16 -22.70
CA ARG A 142 39.27 -48.07 -23.81
C ARG A 142 37.92 -47.77 -24.43
N GLY A 143 37.80 -48.07 -25.73
CA GLY A 143 36.58 -47.83 -26.48
C GLY A 143 35.41 -48.71 -26.03
N ASP A 144 35.75 -49.84 -25.42
CA ASP A 144 34.73 -50.81 -25.09
C ASP A 144 34.28 -50.64 -23.62
N GLU A 145 34.68 -49.54 -22.97
CA GLU A 145 34.35 -49.32 -21.57
C GLU A 145 34.05 -47.86 -21.29
N ARG A 146 33.48 -47.59 -20.11
CA ARG A 146 33.22 -46.23 -19.69
C ARG A 146 34.55 -45.52 -19.44
N PRO A 147 34.54 -44.18 -19.52
CA PRO A 147 35.77 -43.39 -19.36
C PRO A 147 36.43 -43.64 -18.01
N VAL A 148 37.76 -43.54 -17.97
CA VAL A 148 38.44 -43.78 -16.74
C VAL A 148 39.19 -42.53 -16.33
N PRO A 149 39.06 -42.10 -15.07
CA PRO A 149 39.77 -40.92 -14.64
C PRO A 149 41.26 -41.14 -14.63
N PRO A 150 42.02 -40.18 -15.21
CA PRO A 150 43.49 -40.16 -15.13
C PRO A 150 44.01 -39.64 -13.80
N LEU A 151 43.74 -40.41 -12.74
CA LEU A 151 43.80 -39.93 -11.38
C LEU A 151 43.24 -38.50 -11.35
N ASN A 152 43.86 -37.64 -10.52
CA ASN A 152 43.53 -36.23 -10.44
C ASN A 152 44.66 -35.39 -11.04
N LEU A 153 45.31 -35.93 -12.08
CA LEU A 153 46.53 -35.32 -12.61
C LEU A 153 46.20 -34.18 -13.58
N VAL A 154 45.05 -34.25 -14.26
CA VAL A 154 44.82 -33.37 -15.40
C VAL A 154 44.06 -32.10 -15.01
N GLY A 155 43.10 -32.21 -14.09
CA GLY A 155 42.32 -31.04 -13.66
C GLY A 155 42.96 -30.33 -12.47
N ASP A 156 43.28 -31.09 -11.43
CA ASP A 156 43.86 -30.53 -10.24
C ASP A 156 45.24 -29.93 -10.54
N PHE A 157 46.13 -30.72 -11.14
CA PHE A 157 47.54 -30.37 -11.15
C PHE A 157 47.88 -29.77 -12.50
N GLY A 158 47.84 -30.57 -13.59
CA GLY A 158 48.27 -30.07 -14.89
C GLY A 158 47.48 -28.88 -15.38
N GLY A 159 46.15 -28.93 -15.19
CA GLY A 159 45.25 -27.89 -15.63
C GLY A 159 44.83 -26.93 -14.51
N GLY A 160 45.36 -27.11 -13.31
CA GLY A 160 44.96 -26.33 -12.14
C GLY A 160 46.15 -25.60 -11.49
N SER A 161 46.82 -26.25 -10.54
CA SER A 161 47.97 -25.70 -9.87
C SER A 161 48.97 -25.12 -10.88
N MET A 162 49.27 -25.85 -11.98
CA MET A 162 50.32 -25.37 -12.86
C MET A 162 49.94 -24.08 -13.58
N PHE A 163 48.66 -23.92 -13.95
CA PHE A 163 48.23 -22.67 -14.54
C PHE A 163 48.18 -21.54 -13.50
N LEU A 164 47.94 -21.90 -12.24
CA LEU A 164 47.99 -20.92 -11.18
C LEU A 164 49.43 -20.40 -11.07
N LEU A 165 50.40 -21.32 -11.07
CA LEU A 165 51.82 -20.98 -11.01
C LEU A 165 52.22 -20.05 -12.15
N VAL A 166 51.84 -20.40 -13.36
CA VAL A 166 52.21 -19.59 -14.49
C VAL A 166 51.63 -18.17 -14.35
N GLY A 167 50.35 -18.08 -13.92
CA GLY A 167 49.69 -16.81 -13.65
C GLY A 167 50.41 -15.97 -12.59
N ILE A 168 50.74 -16.59 -11.46
CA ILE A 168 51.42 -15.93 -10.38
C ILE A 168 52.72 -15.34 -10.95
N LEU A 169 53.48 -16.18 -11.68
CA LEU A 169 54.84 -15.82 -12.07
C LEU A 169 54.78 -14.84 -13.23
N ALA A 170 53.77 -14.96 -14.09
CA ALA A 170 53.60 -14.03 -15.18
C ALA A 170 53.22 -12.64 -14.66
N ALA A 171 52.41 -12.62 -13.60
CA ALA A 171 51.97 -11.39 -12.97
C ALA A 171 53.13 -10.71 -12.27
N LEU A 172 54.06 -11.48 -11.65
CA LEU A 172 55.25 -10.92 -11.05
C LEU A 172 56.15 -10.27 -12.10
N TRP A 173 56.24 -10.88 -13.29
CA TRP A 173 56.95 -10.25 -14.40
C TRP A 173 56.28 -8.91 -14.74
N GLU A 174 54.96 -8.90 -14.79
CA GLU A 174 54.26 -7.69 -15.23
C GLU A 174 54.47 -6.58 -14.20
N ARG A 175 54.49 -6.96 -12.93
CA ARG A 175 54.65 -6.04 -11.83
C ARG A 175 56.02 -5.36 -11.88
N GLN A 176 56.95 -5.92 -12.65
CA GLN A 176 58.26 -5.33 -12.72
C GLN A 176 58.16 -4.00 -13.45
N SER A 177 57.32 -3.91 -14.50
CA SER A 177 57.04 -2.68 -15.21
C SER A 177 56.14 -1.76 -14.39
N SER A 178 54.97 -2.27 -13.96
CA SER A 178 53.81 -1.47 -13.56
C SER A 178 53.90 -0.97 -12.11
N GLY A 179 54.68 -1.69 -11.27
CA GLY A 179 54.74 -1.48 -9.83
C GLY A 179 53.47 -1.96 -9.11
N LYS A 180 52.57 -2.65 -9.86
CA LYS A 180 51.24 -3.03 -9.38
C LYS A 180 50.98 -4.54 -9.56
N GLY A 181 50.42 -5.15 -8.51
CA GLY A 181 49.82 -6.48 -8.58
C GLY A 181 48.50 -6.51 -9.35
N GLN A 182 47.78 -7.64 -9.21
CA GLN A 182 46.51 -7.87 -9.90
C GLN A 182 45.94 -9.24 -9.48
N VAL A 183 44.78 -9.58 -10.06
CA VAL A 183 44.09 -10.80 -9.73
C VAL A 183 44.35 -11.85 -10.81
N VAL A 184 44.78 -13.04 -10.36
CA VAL A 184 44.89 -14.20 -11.22
C VAL A 184 43.73 -15.14 -10.96
N ASP A 185 42.92 -15.35 -12.03
CA ASP A 185 41.75 -16.22 -12.01
C ASP A 185 42.08 -17.55 -12.74
N ALA A 186 42.52 -18.55 -11.97
CA ALA A 186 42.85 -19.87 -12.52
C ALA A 186 41.70 -20.86 -12.29
N ALA A 187 40.97 -21.20 -13.34
CA ALA A 187 39.97 -22.25 -13.25
C ALA A 187 40.42 -23.57 -13.92
N MET A 188 40.20 -24.70 -13.25
CA MET A 188 40.62 -26.00 -13.76
C MET A 188 39.94 -26.28 -15.08
N VAL A 189 38.70 -25.81 -15.29
CA VAL A 189 38.01 -26.12 -16.53
C VAL A 189 38.71 -25.43 -17.70
N ASP A 190 39.32 -24.26 -17.46
CA ASP A 190 40.00 -23.52 -18.52
C ASP A 190 41.43 -24.03 -18.72
N GLY A 191 42.19 -24.10 -17.63
CA GLY A 191 43.55 -24.60 -17.64
C GLY A 191 43.65 -25.98 -18.30
N SER A 192 42.79 -26.95 -17.89
CA SER A 192 42.80 -28.29 -18.49
C SER A 192 42.44 -28.22 -19.99
N SER A 193 41.62 -27.24 -20.42
CA SER A 193 41.28 -27.10 -21.82
C SER A 193 42.49 -26.64 -22.65
N VAL A 194 43.35 -25.80 -22.07
CA VAL A 194 44.57 -25.36 -22.74
C VAL A 194 45.61 -26.49 -22.72
N LEU A 195 45.60 -27.29 -21.64
CA LEU A 195 46.45 -28.48 -21.56
C LEU A 195 46.18 -29.43 -22.73
N ILE A 196 44.93 -29.57 -23.15
CA ILE A 196 44.57 -30.44 -24.26
C ILE A 196 44.40 -29.67 -25.58
N GLN A 197 45.05 -28.52 -25.73
CA GLN A 197 44.87 -27.74 -26.95
C GLN A 197 45.25 -28.54 -28.21
N MET A 198 46.27 -29.41 -28.08
CA MET A 198 46.63 -30.27 -29.20
C MET A 198 45.43 -31.02 -29.78
N MET A 199 44.59 -31.58 -28.90
CA MET A 199 43.51 -32.41 -29.41
C MET A 199 42.49 -31.53 -30.12
N TRP A 200 42.29 -30.31 -29.60
CA TRP A 200 41.36 -29.40 -30.25
C TRP A 200 41.88 -28.96 -31.63
N ALA A 201 43.18 -28.84 -31.77
CA ALA A 201 43.79 -28.50 -33.06
C ALA A 201 43.66 -29.66 -34.06
N MET A 202 43.96 -30.87 -33.59
CA MET A 202 43.91 -32.04 -34.46
C MET A 202 42.46 -32.33 -34.84
N ARG A 203 41.55 -32.04 -33.91
CA ARG A 203 40.14 -32.27 -34.17
C ARG A 203 39.69 -31.41 -35.35
N ALA A 204 40.17 -30.16 -35.40
CA ALA A 204 39.77 -29.24 -36.45
C ALA A 204 40.31 -29.69 -37.81
N THR A 205 41.50 -30.31 -37.83
CA THR A 205 42.11 -30.76 -39.07
C THR A 205 41.76 -32.22 -39.35
N GLY A 206 40.77 -32.80 -38.67
CA GLY A 206 40.31 -34.17 -38.92
C GLY A 206 41.27 -35.27 -38.44
N MET A 207 42.31 -34.92 -37.68
CA MET A 207 43.27 -35.90 -37.20
C MET A 207 42.93 -36.43 -35.80
N TRP A 208 41.76 -36.06 -35.23
CA TRP A 208 41.32 -36.61 -33.95
C TRP A 208 39.80 -36.74 -33.94
N THR A 209 39.26 -37.91 -33.56
CA THR A 209 37.81 -38.08 -33.47
C THR A 209 37.36 -38.14 -32.01
N ASP A 210 36.05 -38.01 -31.83
CA ASP A 210 35.44 -38.04 -30.52
C ASP A 210 35.26 -39.47 -30.03
N THR A 211 35.51 -40.47 -30.90
CA THR A 211 35.41 -41.88 -30.54
C THR A 211 36.57 -42.23 -29.62
N ARG A 212 36.24 -42.66 -28.40
CA ARG A 212 37.22 -43.01 -27.39
C ARG A 212 37.97 -44.27 -27.84
N GLY A 213 39.30 -44.30 -27.70
CA GLY A 213 40.10 -45.48 -27.99
C GLY A 213 40.33 -45.73 -29.49
N ALA A 214 40.13 -44.71 -30.34
CA ALA A 214 40.26 -44.84 -31.78
C ALA A 214 41.12 -43.74 -32.39
N ASN A 215 42.14 -43.28 -31.66
CA ASN A 215 43.05 -42.23 -32.10
C ASN A 215 44.52 -42.61 -31.86
N MET A 216 45.43 -41.74 -32.27
CA MET A 216 46.83 -42.12 -32.30
C MET A 216 47.42 -42.19 -30.89
N LEU A 217 46.90 -41.34 -30.00
CA LEU A 217 47.48 -41.17 -28.68
C LEU A 217 46.55 -41.60 -27.53
N ASP A 218 45.46 -42.31 -27.79
CA ASP A 218 44.57 -42.66 -26.67
C ASP A 218 44.60 -44.16 -26.39
N GLY A 219 45.44 -44.90 -27.10
CA GLY A 219 45.50 -46.35 -26.97
C GLY A 219 45.00 -47.08 -28.21
N GLY A 220 44.39 -46.35 -29.14
CA GLY A 220 43.90 -46.93 -30.38
C GLY A 220 44.99 -47.40 -31.34
N ALA A 221 46.14 -46.75 -31.37
CA ALA A 221 47.23 -47.16 -32.24
C ALA A 221 48.02 -48.28 -31.59
N PRO A 222 48.25 -49.40 -32.30
CA PRO A 222 49.06 -50.50 -31.77
C PRO A 222 50.49 -50.15 -31.44
N TYR A 223 51.00 -49.05 -32.01
CA TYR A 223 52.35 -48.61 -31.71
C TYR A 223 52.39 -47.52 -30.64
N TYR A 224 51.24 -47.14 -30.06
CA TYR A 224 51.24 -46.24 -28.92
C TYR A 224 50.28 -46.80 -27.88
N ASP A 225 50.77 -47.70 -27.05
CA ASP A 225 49.90 -48.38 -26.11
C ASP A 225 50.75 -49.21 -25.16
N THR A 226 50.10 -49.85 -24.16
CA THR A 226 50.81 -50.79 -23.33
C THR A 226 50.53 -52.22 -23.84
N TYR A 227 51.45 -53.16 -23.49
CA TYR A 227 51.35 -54.56 -23.84
C TYR A 227 51.67 -55.42 -22.63
N GLU A 228 50.87 -56.47 -22.43
CA GLU A 228 51.11 -57.43 -21.38
C GLU A 228 52.19 -58.42 -21.82
N CYS A 229 53.11 -58.72 -20.90
CA CYS A 229 54.26 -59.56 -21.16
C CYS A 229 53.99 -60.93 -20.55
N ALA A 230 54.98 -61.82 -20.68
CA ALA A 230 54.84 -63.22 -20.31
C ALA A 230 54.60 -63.34 -18.81
N ASP A 231 55.11 -62.41 -18.03
CA ASP A 231 55.00 -62.47 -16.58
C ASP A 231 53.76 -61.72 -16.08
N GLY A 232 52.90 -61.23 -16.97
CA GLY A 232 51.74 -60.47 -16.50
C GLY A 232 52.06 -59.01 -16.14
N ARG A 233 53.30 -58.56 -16.37
CA ARG A 233 53.65 -57.15 -16.22
C ARG A 233 53.59 -56.47 -17.59
N TYR A 234 53.86 -55.15 -17.65
CA TYR A 234 53.60 -54.43 -18.89
C TYR A 234 54.82 -53.65 -19.37
N VAL A 235 54.86 -53.47 -20.70
CA VAL A 235 55.72 -52.48 -21.34
C VAL A 235 54.84 -51.45 -22.01
N ALA A 236 55.45 -50.29 -22.25
CA ALA A 236 54.86 -49.20 -22.98
C ALA A 236 55.60 -49.06 -24.29
N VAL A 237 54.81 -48.90 -25.36
CA VAL A 237 55.29 -48.66 -26.70
C VAL A 237 54.81 -47.29 -27.15
N GLY A 238 55.75 -46.47 -27.65
CA GLY A 238 55.46 -45.13 -28.10
C GLY A 238 56.12 -44.81 -29.45
N ALA A 239 56.20 -45.81 -30.34
CA ALA A 239 57.04 -45.75 -31.54
C ALA A 239 56.30 -45.09 -32.67
N ILE A 240 56.04 -43.80 -32.53
CA ILE A 240 55.24 -43.09 -33.51
C ILE A 240 55.99 -42.98 -34.83
N GLU A 241 57.23 -42.48 -34.77
CA GLU A 241 58.00 -42.19 -35.97
C GLU A 241 58.44 -43.51 -36.63
N PRO A 242 58.41 -43.57 -37.97
CA PRO A 242 58.63 -44.84 -38.65
C PRO A 242 59.98 -45.46 -38.35
N GLN A 243 61.00 -44.64 -38.13
N GLN A 243 61.05 -44.66 -38.18
CA GLN A 243 62.35 -45.16 -37.92
CA GLN A 243 62.38 -45.21 -37.87
C GLN A 243 62.46 -45.81 -36.53
C GLN A 243 62.36 -45.94 -36.53
N PHE A 244 61.68 -45.34 -35.53
CA PHE A 244 61.62 -45.93 -34.20
C PHE A 244 60.78 -47.21 -34.24
N TYR A 245 59.68 -47.16 -34.99
CA TYR A 245 58.80 -48.30 -35.15
C TYR A 245 59.60 -49.45 -35.78
N ALA A 246 60.43 -49.12 -36.79
CA ALA A 246 61.15 -50.17 -37.50
C ALA A 246 62.13 -50.80 -36.52
N ALA A 247 62.70 -49.99 -35.61
CA ALA A 247 63.63 -50.50 -34.60
C ALA A 247 62.94 -51.40 -33.57
N MET A 248 61.70 -51.05 -33.21
CA MET A 248 60.89 -51.87 -32.32
C MET A 248 60.63 -53.24 -32.97
N LEU A 249 60.18 -53.26 -34.23
CA LEU A 249 59.89 -54.52 -34.93
C LEU A 249 61.08 -55.47 -34.98
N ALA A 250 62.25 -54.92 -35.26
CA ALA A 250 63.46 -55.71 -35.33
C ALA A 250 63.77 -56.32 -33.99
N GLY A 251 63.59 -55.55 -32.89
CA GLY A 251 63.83 -56.09 -31.57
C GLY A 251 62.82 -57.14 -31.16
N LEU A 252 61.61 -57.07 -31.73
CA LEU A 252 60.56 -58.03 -31.41
C LEU A 252 60.73 -59.31 -32.20
N GLY A 253 61.51 -59.26 -33.29
CA GLY A 253 61.69 -60.41 -34.14
C GLY A 253 60.60 -60.55 -35.20
N LEU A 254 59.89 -59.48 -35.55
CA LEU A 254 58.88 -59.52 -36.58
C LEU A 254 59.44 -58.87 -37.84
N ASP A 255 59.28 -59.55 -38.98
CA ASP A 255 59.68 -58.97 -40.26
C ASP A 255 58.55 -58.06 -40.70
N ALA A 256 58.90 -56.82 -41.04
CA ALA A 256 57.96 -55.84 -41.57
C ALA A 256 57.18 -56.38 -42.78
N ALA A 257 57.81 -57.24 -43.62
CA ALA A 257 57.12 -57.78 -44.79
C ALA A 257 55.91 -58.62 -44.38
N GLU A 258 55.92 -59.20 -43.18
CA GLU A 258 54.80 -60.03 -42.75
C GLU A 258 53.71 -59.24 -42.01
N LEU A 259 53.86 -57.92 -41.82
CA LEU A 259 52.88 -57.17 -41.06
C LEU A 259 52.15 -56.22 -41.99
N PRO A 260 50.95 -55.76 -41.62
CA PRO A 260 50.32 -54.67 -42.32
C PRO A 260 51.10 -53.38 -42.08
N PRO A 261 50.89 -52.35 -42.92
CA PRO A 261 51.57 -51.07 -42.74
C PRO A 261 51.23 -50.47 -41.37
N GLN A 262 52.20 -49.74 -40.80
CA GLN A 262 52.10 -49.18 -39.48
C GLN A 262 50.83 -48.33 -39.31
N ASN A 263 50.50 -47.56 -40.35
CA ASN A 263 49.42 -46.59 -40.26
C ASN A 263 48.26 -46.96 -41.19
N ASP A 264 48.08 -48.24 -41.52
CA ASP A 264 46.87 -48.68 -42.20
C ASP A 264 45.83 -49.06 -41.15
N ARG A 265 45.00 -48.10 -40.78
CA ARG A 265 44.17 -48.23 -39.60
C ARG A 265 43.12 -49.32 -39.78
N ALA A 266 42.78 -49.64 -41.04
CA ALA A 266 41.81 -50.71 -41.28
C ALA A 266 42.40 -52.04 -40.85
N ARG A 267 43.74 -52.14 -40.82
CA ARG A 267 44.37 -53.41 -40.47
C ARG A 267 45.00 -53.36 -39.08
N TRP A 268 44.63 -52.36 -38.29
CA TRP A 268 45.14 -52.27 -36.92
C TRP A 268 44.75 -53.48 -36.07
N PRO A 269 43.57 -54.10 -36.25
CA PRO A 269 43.28 -55.33 -35.51
C PRO A 269 44.32 -56.43 -35.71
N GLU A 270 44.70 -56.71 -36.99
CA GLU A 270 45.74 -57.69 -37.28
C GLU A 270 47.07 -57.25 -36.67
N LEU A 271 47.47 -55.99 -36.89
CA LEU A 271 48.75 -55.54 -36.37
C LEU A 271 48.79 -55.70 -34.84
N ARG A 272 47.74 -55.26 -34.13
CA ARG A 272 47.69 -55.43 -32.68
C ARG A 272 47.83 -56.90 -32.27
N ALA A 273 47.14 -57.80 -32.98
CA ALA A 273 47.24 -59.23 -32.67
C ALA A 273 48.70 -59.68 -32.79
N LEU A 274 49.39 -59.24 -33.85
CA LEU A 274 50.77 -59.67 -34.06
C LEU A 274 51.68 -59.13 -32.96
N LEU A 275 51.54 -57.83 -32.63
CA LEU A 275 52.40 -57.23 -31.62
C LEU A 275 52.08 -57.86 -30.26
N THR A 276 50.78 -58.09 -30.00
CA THR A 276 50.36 -58.68 -28.73
C THR A 276 51.01 -60.04 -28.47
N GLU A 277 51.01 -60.91 -29.49
CA GLU A 277 51.57 -62.25 -29.35
C GLU A 277 53.08 -62.18 -29.17
N ALA A 278 53.73 -61.29 -29.91
CA ALA A 278 55.16 -61.08 -29.78
C ALA A 278 55.54 -60.58 -28.38
N PHE A 279 54.91 -59.53 -27.88
CA PHE A 279 55.32 -59.02 -26.56
C PHE A 279 55.05 -60.04 -25.46
N ALA A 280 53.98 -60.82 -25.65
CA ALA A 280 53.56 -61.81 -24.66
C ALA A 280 54.55 -62.97 -24.54
N SER A 281 55.54 -63.08 -25.44
CA SER A 281 56.41 -64.26 -25.48
C SER A 281 57.61 -64.12 -24.56
N HIS A 282 57.85 -62.94 -23.98
CA HIS A 282 58.92 -62.81 -23.00
C HIS A 282 58.47 -61.86 -21.90
N ASP A 283 59.24 -61.78 -20.82
CA ASP A 283 58.80 -61.04 -19.65
C ASP A 283 59.24 -59.59 -19.80
N ARG A 284 58.69 -58.71 -18.95
CA ARG A 284 58.93 -57.28 -19.07
C ARG A 284 60.43 -56.98 -19.06
N ASP A 285 61.17 -57.60 -18.12
CA ASP A 285 62.56 -57.22 -17.89
C ASP A 285 63.43 -57.68 -19.06
N HIS A 286 63.04 -58.76 -19.75
CA HIS A 286 63.61 -59.09 -21.05
C HIS A 286 63.51 -57.95 -22.07
N TRP A 287 62.30 -57.42 -22.27
CA TRP A 287 62.13 -56.35 -23.23
C TRP A 287 62.91 -55.13 -22.79
N GLY A 288 62.98 -54.90 -21.47
CA GLY A 288 63.71 -53.76 -20.91
C GLY A 288 65.19 -53.79 -21.32
N ALA A 289 65.77 -55.01 -21.36
CA ALA A 289 67.16 -55.25 -21.71
C ALA A 289 67.39 -55.11 -23.21
N VAL A 290 66.63 -55.86 -24.00
CA VAL A 290 66.61 -55.73 -25.44
C VAL A 290 66.59 -54.27 -25.89
N PHE A 291 65.75 -53.41 -25.29
CA PHE A 291 65.48 -52.12 -25.90
C PHE A 291 66.26 -50.99 -25.19
N ALA A 292 67.13 -51.36 -24.25
CA ALA A 292 67.60 -50.47 -23.20
C ALA A 292 68.21 -49.18 -23.73
N ASN A 293 69.03 -49.24 -24.78
CA ASN A 293 69.65 -48.01 -25.31
C ASN A 293 69.17 -47.71 -26.72
N SER A 294 67.94 -48.11 -27.04
CA SER A 294 67.47 -48.00 -28.39
C SER A 294 66.49 -46.86 -28.53
N ASP A 295 66.23 -46.52 -29.77
CA ASP A 295 65.20 -45.57 -30.14
C ASP A 295 63.87 -46.26 -30.45
N ALA A 296 63.69 -47.52 -30.01
CA ALA A 296 62.46 -48.27 -30.27
C ALA A 296 61.25 -47.75 -29.45
N CYS A 297 61.48 -46.88 -28.45
CA CYS A 297 60.39 -46.32 -27.65
C CYS A 297 59.60 -47.41 -26.95
N VAL A 298 60.32 -48.35 -26.34
CA VAL A 298 59.75 -49.43 -25.55
C VAL A 298 60.32 -49.34 -24.12
N THR A 299 59.48 -49.11 -23.13
CA THR A 299 59.98 -48.98 -21.77
C THR A 299 59.15 -49.82 -20.83
N PRO A 300 59.75 -50.32 -19.74
CA PRO A 300 58.98 -51.10 -18.76
C PRO A 300 58.04 -50.17 -18.00
N VAL A 301 56.83 -50.69 -17.76
CA VAL A 301 55.82 -50.00 -16.99
C VAL A 301 56.04 -50.34 -15.53
N LEU A 302 56.73 -49.45 -14.79
CA LEU A 302 57.09 -49.72 -13.40
C LEU A 302 55.99 -49.25 -12.45
N ALA A 303 55.79 -50.02 -11.39
CA ALA A 303 54.94 -49.63 -10.28
C ALA A 303 55.72 -48.70 -9.35
N PHE A 304 54.99 -47.84 -8.63
CA PHE A 304 55.64 -46.88 -7.73
C PHE A 304 56.75 -47.54 -6.93
N GLY A 305 56.47 -48.71 -6.36
CA GLY A 305 57.39 -49.37 -5.45
C GLY A 305 58.70 -49.82 -6.10
N GLU A 306 58.74 -49.90 -7.44
CA GLU A 306 59.92 -50.35 -8.16
C GLU A 306 60.73 -49.18 -8.69
N VAL A 307 60.17 -47.97 -8.67
CA VAL A 307 60.81 -46.85 -9.34
C VAL A 307 62.21 -46.58 -8.76
N HIS A 308 62.38 -46.76 -7.45
CA HIS A 308 63.62 -46.41 -6.77
C HIS A 308 64.77 -47.33 -7.22
N ASN A 309 64.50 -48.42 -7.96
CA ASN A 309 65.55 -49.30 -8.43
C ASN A 309 65.95 -49.01 -9.89
N GLU A 310 65.29 -48.07 -10.56
CA GLU A 310 65.59 -47.84 -11.95
C GLU A 310 66.84 -46.96 -12.04
N PRO A 311 67.93 -47.45 -12.69
CA PRO A 311 69.20 -46.70 -12.73
C PRO A 311 69.04 -45.25 -13.14
N HIS A 312 68.26 -44.94 -14.17
CA HIS A 312 68.14 -43.57 -14.64
C HIS A 312 67.45 -42.63 -13.62
N ILE A 313 66.48 -43.17 -12.89
CA ILE A 313 65.83 -42.43 -11.81
C ILE A 313 66.84 -42.14 -10.67
N ILE A 314 67.64 -43.15 -10.30
CA ILE A 314 68.58 -43.05 -9.20
C ILE A 314 69.64 -42.00 -9.53
N GLU A 315 70.17 -42.08 -10.74
CA GLU A 315 71.35 -41.32 -11.05
C GLU A 315 71.03 -39.85 -11.24
N ARG A 316 69.80 -39.48 -11.64
CA ARG A 316 69.50 -38.06 -11.78
C ARG A 316 68.91 -37.48 -10.48
N ASN A 317 68.83 -38.29 -9.42
CA ASN A 317 68.16 -37.93 -8.17
C ASN A 317 66.81 -37.29 -8.43
N THR A 318 65.93 -37.98 -9.16
CA THR A 318 64.57 -37.52 -9.32
C THR A 318 63.83 -37.57 -7.98
N PHE A 319 64.21 -38.51 -7.10
CA PHE A 319 63.56 -38.75 -5.81
C PHE A 319 64.54 -38.55 -4.65
N TYR A 320 64.00 -38.29 -3.45
CA TYR A 320 64.77 -38.24 -2.21
C TYR A 320 63.94 -38.98 -1.17
N GLU A 321 64.57 -39.49 -0.11
CA GLU A 321 63.86 -40.23 0.94
C GLU A 321 63.39 -39.28 2.04
N ALA A 322 62.21 -39.57 2.61
CA ALA A 322 61.70 -38.78 3.72
C ALA A 322 60.52 -39.53 4.35
N ASN A 323 60.64 -39.88 5.63
CA ASN A 323 59.51 -40.41 6.37
C ASN A 323 58.88 -41.58 5.62
N GLY A 324 59.49 -42.77 5.74
CA GLY A 324 58.93 -44.00 5.16
C GLY A 324 58.32 -43.79 3.78
N GLY A 325 59.12 -43.22 2.86
CA GLY A 325 58.79 -43.20 1.45
C GLY A 325 59.59 -42.16 0.66
N TRP A 326 59.78 -42.45 -0.62
CA TRP A 326 60.39 -41.50 -1.51
C TRP A 326 59.41 -40.40 -1.84
N GLN A 327 59.97 -39.23 -2.14
CA GLN A 327 59.23 -38.10 -2.65
C GLN A 327 60.01 -37.48 -3.82
N PRO A 328 59.31 -36.85 -4.77
CA PRO A 328 60.00 -36.19 -5.87
C PRO A 328 60.76 -34.94 -5.44
N MET A 329 61.98 -34.82 -5.98
CA MET A 329 62.74 -33.60 -5.86
C MET A 329 62.07 -32.51 -6.66
N PRO A 330 62.33 -31.24 -6.33
CA PRO A 330 61.75 -30.14 -7.11
C PRO A 330 62.04 -30.25 -8.59
N ALA A 331 61.12 -29.69 -9.37
CA ALA A 331 61.30 -29.57 -10.79
C ALA A 331 60.81 -28.19 -11.15
N PRO A 332 61.27 -27.58 -12.25
CA PRO A 332 62.38 -28.10 -13.06
C PRO A 332 63.68 -27.78 -12.35
N ARG A 333 64.82 -27.91 -13.06
CA ARG A 333 66.12 -27.70 -12.43
C ARG A 333 66.78 -26.44 -13.00
N PHE A 334 67.66 -25.84 -12.18
CA PHE A 334 68.25 -24.55 -12.47
C PHE A 334 69.77 -24.65 -12.31
N SER A 335 70.50 -24.22 -13.34
CA SER A 335 71.96 -24.30 -13.39
C SER A 335 72.65 -23.47 -12.28
N ARG A 336 72.28 -22.20 -12.09
CA ARG A 336 72.98 -21.34 -11.13
C ARG A 336 72.30 -21.31 -9.76
N THR A 337 70.99 -21.08 -9.69
CA THR A 337 70.30 -21.03 -8.41
C THR A 337 69.49 -22.32 -8.19
N ALA A 338 70.20 -23.36 -7.79
CA ALA A 338 69.62 -24.68 -7.66
C ALA A 338 68.68 -24.70 -6.46
N SER A 339 67.60 -25.50 -6.54
CA SER A 339 66.73 -25.77 -5.42
C SER A 339 67.47 -26.69 -4.47
N SER A 340 67.05 -26.66 -3.22
CA SER A 340 67.60 -27.59 -2.26
C SER A 340 66.55 -28.66 -1.98
N GLN A 341 66.99 -29.71 -1.32
CA GLN A 341 66.08 -30.70 -0.80
C GLN A 341 64.97 -29.98 -0.02
N PRO A 342 63.71 -30.41 -0.15
CA PRO A 342 62.61 -29.81 0.60
C PRO A 342 62.77 -30.01 2.11
N ARG A 343 62.32 -29.00 2.86
CA ARG A 343 62.25 -29.09 4.32
C ARG A 343 60.96 -29.81 4.68
N PRO A 344 60.99 -30.76 5.64
CA PRO A 344 59.80 -31.53 5.94
C PRO A 344 58.76 -30.59 6.53
N PRO A 345 57.48 -31.00 6.70
CA PRO A 345 56.54 -30.22 7.49
C PRO A 345 57.05 -30.04 8.94
N ALA A 346 56.80 -28.85 9.52
CA ALA A 346 57.26 -28.50 10.86
C ALA A 346 56.05 -28.30 11.79
N ALA A 347 56.30 -28.10 13.09
CA ALA A 347 55.23 -27.66 13.98
C ALA A 347 54.76 -26.26 13.60
N THR A 348 53.52 -25.94 13.98
CA THR A 348 52.94 -24.62 13.82
C THR A 348 53.85 -23.54 14.41
N ILE A 349 53.58 -22.31 14.01
CA ILE A 349 54.33 -21.14 14.43
C ILE A 349 53.30 -20.06 14.76
N ASP A 350 53.66 -19.15 15.67
CA ASP A 350 52.76 -18.03 15.95
C ASP A 350 52.83 -17.04 14.80
N ILE A 351 51.65 -16.52 14.44
CA ILE A 351 51.51 -15.56 13.37
C ILE A 351 52.27 -14.26 13.64
N GLU A 352 52.56 -13.97 14.93
CA GLU A 352 53.33 -12.81 15.36
C GLU A 352 54.82 -13.03 15.08
N ALA A 353 55.35 -14.19 15.48
CA ALA A 353 56.73 -14.57 15.18
C ALA A 353 57.05 -14.40 13.69
N VAL A 354 56.06 -14.62 12.82
CA VAL A 354 56.24 -14.50 11.39
C VAL A 354 56.25 -13.02 11.00
N LEU A 355 55.28 -12.25 11.53
CA LEU A 355 55.18 -10.83 11.24
C LEU A 355 56.43 -10.09 11.69
N THR A 356 57.05 -10.62 12.76
CA THR A 356 58.30 -10.17 13.35
C THR A 356 59.47 -10.49 12.42
N ASP A 357 59.67 -11.79 12.13
CA ASP A 357 60.66 -12.21 11.14
C ASP A 357 60.52 -11.43 9.82
N TRP A 358 59.30 -11.17 9.33
CA TRP A 358 59.12 -10.44 8.07
C TRP A 358 59.32 -8.94 8.20
N ASP A 359 60.01 -8.50 9.27
CA ASP A 359 60.40 -7.11 9.51
C ASP A 359 59.43 -6.47 10.51
N GLY A 360 58.12 -6.60 10.25
CA GLY A 360 57.09 -6.11 11.17
C GLY A 360 57.10 -4.60 11.28
N MET B 1 50.64 -5.81 -27.91
CA MET B 1 50.32 -7.22 -27.53
C MET B 1 49.78 -7.25 -26.10
N ALA B 2 48.54 -7.74 -25.93
CA ALA B 2 47.89 -7.76 -24.62
C ALA B 2 48.41 -8.92 -23.77
N GLY B 3 48.43 -8.72 -22.45
CA GLY B 3 48.66 -9.79 -21.49
C GLY B 3 49.82 -9.46 -20.55
N PRO B 4 49.98 -10.20 -19.43
CA PRO B 4 51.01 -9.84 -18.46
C PRO B 4 52.43 -9.98 -18.98
N LEU B 5 52.62 -10.73 -20.07
CA LEU B 5 53.98 -10.98 -20.53
C LEU B 5 54.32 -10.07 -21.72
N SER B 6 53.60 -8.96 -21.87
CA SER B 6 53.88 -7.99 -22.92
C SER B 6 55.34 -7.59 -22.83
N GLY B 7 56.05 -7.64 -23.97
CA GLY B 7 57.43 -7.20 -24.03
C GLY B 7 58.46 -8.30 -23.71
N LEU B 8 58.00 -9.50 -23.33
CA LEU B 8 58.92 -10.62 -23.20
C LEU B 8 59.21 -11.16 -24.61
N ARG B 9 60.51 -11.37 -24.88
CA ARG B 9 60.91 -11.89 -26.19
C ARG B 9 61.45 -13.32 -26.05
N VAL B 10 60.94 -14.20 -26.93
CA VAL B 10 61.14 -15.63 -26.82
C VAL B 10 61.57 -16.15 -28.18
N VAL B 11 62.70 -16.85 -28.20
CA VAL B 11 63.05 -17.56 -29.43
C VAL B 11 62.82 -19.05 -29.21
N GLU B 12 62.07 -19.65 -30.15
CA GLU B 12 61.71 -21.04 -30.05
C GLU B 12 62.32 -21.81 -31.22
N LEU B 13 63.21 -22.76 -30.92
CA LEU B 13 63.71 -23.67 -31.92
C LEU B 13 62.70 -24.81 -32.11
N ALA B 14 62.11 -24.93 -33.31
CA ALA B 14 60.98 -25.81 -33.57
C ALA B 14 61.23 -27.29 -33.23
N GLY B 15 60.29 -27.87 -32.50
CA GLY B 15 60.29 -29.26 -32.11
C GLY B 15 58.85 -29.77 -31.99
N ILE B 16 58.63 -30.76 -31.14
CA ILE B 16 57.29 -31.32 -31.03
C ILE B 16 56.93 -31.50 -29.56
N GLY B 17 55.60 -31.44 -29.33
CA GLY B 17 55.05 -31.76 -28.02
C GLY B 17 55.26 -30.61 -27.03
N PRO B 18 56.08 -30.78 -25.98
CA PRO B 18 56.07 -29.79 -24.90
C PRO B 18 56.61 -28.40 -25.26
N GLY B 19 57.70 -28.31 -26.05
CA GLY B 19 58.30 -27.01 -26.39
C GLY B 19 57.30 -26.09 -27.11
N PRO B 20 56.64 -26.58 -28.17
CA PRO B 20 55.64 -25.78 -28.84
C PRO B 20 54.48 -25.33 -27.94
N HIS B 21 54.16 -26.15 -26.94
CA HIS B 21 53.05 -25.88 -26.05
C HIS B 21 53.41 -24.71 -25.11
N ALA B 22 54.59 -24.78 -24.52
CA ALA B 22 55.12 -23.75 -23.66
C ALA B 22 55.17 -22.43 -24.43
N ALA B 23 55.74 -22.50 -25.64
CA ALA B 23 55.84 -21.32 -26.50
C ALA B 23 54.46 -20.74 -26.72
N MET B 24 53.48 -21.62 -26.99
CA MET B 24 52.11 -21.19 -27.24
C MET B 24 51.60 -20.39 -26.05
N ILE B 25 51.78 -20.92 -24.84
CA ILE B 25 51.20 -20.29 -23.67
C ILE B 25 51.89 -18.94 -23.42
N LEU B 26 53.20 -18.85 -23.69
CA LEU B 26 53.91 -17.58 -23.56
C LEU B 26 53.31 -16.57 -24.52
N GLY B 27 53.13 -17.00 -25.77
CA GLY B 27 52.42 -16.22 -26.77
C GLY B 27 51.02 -15.78 -26.33
N ASP B 28 50.30 -16.72 -25.71
CA ASP B 28 48.91 -16.50 -25.37
C ASP B 28 48.82 -15.29 -24.45
N LEU B 29 49.77 -15.21 -23.51
CA LEU B 29 49.85 -14.23 -22.44
C LEU B 29 50.63 -12.97 -22.89
N GLY B 30 50.92 -12.87 -24.19
CA GLY B 30 51.38 -11.63 -24.82
C GLY B 30 52.89 -11.53 -25.02
N ALA B 31 53.61 -12.65 -24.87
CA ALA B 31 55.02 -12.63 -25.23
C ALA B 31 55.15 -12.59 -26.74
N ASP B 32 56.30 -12.02 -27.14
CA ASP B 32 56.72 -11.92 -28.52
C ASP B 32 57.53 -13.18 -28.84
N VAL B 33 56.93 -14.08 -29.61
CA VAL B 33 57.48 -15.41 -29.81
C VAL B 33 57.89 -15.58 -31.27
N VAL B 34 59.20 -15.85 -31.46
CA VAL B 34 59.68 -16.11 -32.81
C VAL B 34 60.17 -17.55 -32.89
N ARG B 35 59.55 -18.28 -33.82
CA ARG B 35 59.80 -19.70 -34.00
C ARG B 35 60.65 -19.93 -35.25
N ILE B 36 61.85 -20.47 -35.04
CA ILE B 36 62.75 -20.85 -36.12
C ILE B 36 62.49 -22.29 -36.52
N ASP B 37 62.00 -22.49 -37.75
CA ASP B 37 61.83 -23.82 -38.31
C ASP B 37 62.86 -24.04 -39.43
N ARG B 38 62.85 -25.22 -40.06
CA ARG B 38 63.76 -25.48 -41.15
C ARG B 38 62.99 -25.37 -42.46
N PRO B 39 63.61 -24.87 -43.56
CA PRO B 39 62.89 -24.55 -44.79
C PRO B 39 62.06 -25.70 -45.36
N SER B 40 62.39 -26.94 -44.96
CA SER B 40 61.56 -28.11 -45.22
C SER B 40 60.60 -28.39 -44.05
N GLY B 44 52.31 -23.56 -47.23
CA GLY B 44 51.45 -22.41 -46.96
C GLY B 44 51.47 -22.06 -45.46
N ILE B 45 50.34 -21.54 -44.96
CA ILE B 45 50.20 -21.14 -43.57
C ILE B 45 49.95 -22.40 -42.74
N SER B 46 50.66 -22.58 -41.62
CA SER B 46 50.51 -23.78 -40.81
C SER B 46 49.09 -23.86 -40.26
N ARG B 47 48.49 -25.06 -40.31
CA ARG B 47 47.14 -25.27 -39.82
C ARG B 47 47.17 -26.10 -38.54
N ASP B 48 48.33 -26.06 -37.84
CA ASP B 48 48.44 -26.54 -36.48
C ASP B 48 48.23 -25.36 -35.52
N ALA B 49 46.99 -25.24 -35.00
CA ALA B 49 46.59 -24.10 -34.16
C ALA B 49 47.44 -24.01 -32.90
N MET B 50 48.26 -25.04 -32.57
CA MET B 50 49.23 -24.92 -31.48
C MET B 50 50.34 -23.90 -31.83
N LEU B 51 50.42 -23.52 -33.11
CA LEU B 51 51.38 -22.55 -33.59
C LEU B 51 50.77 -21.15 -33.63
N ARG B 52 49.70 -20.92 -32.86
CA ARG B 52 49.08 -19.63 -32.75
C ARG B 52 50.01 -18.68 -31.98
N ASN B 53 49.81 -17.36 -32.16
CA ASN B 53 50.56 -16.33 -31.46
C ASN B 53 52.07 -16.46 -31.68
N ARG B 54 52.46 -16.75 -32.93
CA ARG B 54 53.86 -16.85 -33.30
C ARG B 54 54.16 -15.96 -34.50
N ARG B 55 55.45 -15.61 -34.62
CA ARG B 55 56.02 -15.36 -35.94
C ARG B 55 56.95 -16.52 -36.27
N ILE B 56 56.73 -17.10 -37.45
CA ILE B 56 57.53 -18.20 -37.97
C ILE B 56 58.59 -17.65 -38.92
N VAL B 57 59.85 -18.05 -38.72
CA VAL B 57 60.92 -17.81 -39.68
C VAL B 57 61.57 -19.15 -39.99
N THR B 58 62.07 -19.32 -41.21
CA THR B 58 62.90 -20.46 -41.55
C THR B 58 64.37 -20.06 -41.57
N ALA B 59 65.23 -21.06 -41.29
CA ALA B 59 66.67 -20.91 -41.32
C ALA B 59 67.33 -22.29 -41.19
N ASP B 60 68.20 -22.65 -42.16
CA ASP B 60 69.07 -23.80 -42.05
C ASP B 60 70.09 -23.54 -40.95
N LEU B 61 69.84 -24.07 -39.75
CA LEU B 61 70.73 -23.83 -38.62
C LEU B 61 72.06 -24.55 -38.78
N LYS B 62 72.18 -25.40 -39.81
CA LYS B 62 73.47 -26.04 -40.09
C LYS B 62 74.36 -25.16 -40.98
N SER B 63 73.83 -24.07 -41.56
CA SER B 63 74.62 -23.18 -42.40
C SER B 63 75.27 -22.09 -41.54
N ASP B 64 76.17 -21.30 -42.15
CA ASP B 64 76.88 -20.26 -41.40
C ASP B 64 75.95 -19.07 -41.17
N GLN B 65 75.17 -18.77 -42.21
CA GLN B 65 74.26 -17.65 -42.26
C GLN B 65 73.01 -17.87 -41.39
N GLY B 66 72.54 -19.13 -41.35
CA GLY B 66 71.45 -19.51 -40.47
C GLY B 66 71.87 -19.42 -39.02
N LEU B 67 73.03 -20.00 -38.68
CA LEU B 67 73.52 -19.87 -37.31
C LEU B 67 73.64 -18.39 -36.97
N GLU B 68 74.21 -17.58 -37.87
CA GLU B 68 74.57 -16.23 -37.49
C GLU B 68 73.29 -15.44 -37.21
N LEU B 69 72.32 -15.55 -38.14
CA LEU B 69 71.01 -14.92 -38.02
C LEU B 69 70.32 -15.32 -36.71
N ALA B 70 70.47 -16.59 -36.31
CA ALA B 70 69.85 -17.12 -35.09
C ALA B 70 70.48 -16.52 -33.84
N LEU B 71 71.82 -16.42 -33.83
CA LEU B 71 72.49 -15.83 -32.68
C LEU B 71 72.15 -14.35 -32.57
N LYS B 72 71.81 -13.71 -33.69
CA LYS B 72 71.39 -12.32 -33.67
C LYS B 72 70.01 -12.21 -33.00
N LEU B 73 69.08 -13.11 -33.33
CA LEU B 73 67.80 -13.17 -32.62
C LEU B 73 68.04 -13.31 -31.12
N ILE B 74 68.85 -14.30 -30.75
CA ILE B 74 68.97 -14.72 -29.37
C ILE B 74 69.59 -13.61 -28.52
N ALA B 75 70.48 -12.84 -29.16
CA ALA B 75 71.10 -11.69 -28.54
C ALA B 75 70.03 -10.68 -28.10
N LYS B 76 68.96 -10.53 -28.91
CA LYS B 76 67.90 -9.57 -28.69
C LYS B 76 66.77 -10.09 -27.77
N ALA B 77 66.81 -11.37 -27.35
CA ALA B 77 65.66 -12.07 -26.75
C ALA B 77 65.83 -12.26 -25.25
N ASP B 78 64.74 -12.58 -24.54
CA ASP B 78 64.85 -12.87 -23.11
C ASP B 78 64.98 -14.36 -22.81
N VAL B 79 64.33 -15.18 -23.66
CA VAL B 79 64.23 -16.61 -23.39
C VAL B 79 64.50 -17.39 -24.69
N LEU B 80 65.21 -18.51 -24.56
CA LEU B 80 65.30 -19.46 -25.66
C LEU B 80 64.73 -20.81 -25.23
N ILE B 81 63.88 -21.37 -26.10
CA ILE B 81 63.35 -22.70 -25.87
C ILE B 81 63.91 -23.66 -26.92
N GLU B 82 64.46 -24.78 -26.45
CA GLU B 82 64.81 -25.87 -27.35
C GLU B 82 64.33 -27.22 -26.78
N GLY B 83 63.81 -28.09 -27.65
CA GLY B 83 63.33 -29.39 -27.23
C GLY B 83 63.99 -30.56 -27.96
N TYR B 84 65.30 -30.47 -28.22
CA TYR B 84 66.03 -31.52 -28.91
C TYR B 84 66.72 -32.41 -27.90
N ARG B 85 67.21 -33.54 -28.36
CA ARG B 85 68.02 -34.37 -27.49
C ARG B 85 69.22 -33.56 -27.01
N PRO B 86 69.75 -33.87 -25.82
CA PRO B 86 70.96 -33.22 -25.33
C PRO B 86 72.08 -33.30 -26.36
N GLY B 87 72.85 -32.22 -26.51
CA GLY B 87 73.98 -32.18 -27.42
C GLY B 87 73.61 -31.49 -28.72
N VAL B 88 72.32 -31.49 -29.08
CA VAL B 88 71.96 -31.04 -30.40
C VAL B 88 72.27 -29.56 -30.55
N THR B 89 71.82 -28.72 -29.59
CA THR B 89 72.03 -27.29 -29.77
C THR B 89 73.52 -26.96 -29.70
N GLU B 90 74.26 -27.66 -28.83
CA GLU B 90 75.69 -27.47 -28.67
C GLU B 90 76.40 -27.58 -30.02
N ARG B 91 76.09 -28.65 -30.77
CA ARG B 91 76.73 -28.91 -32.05
C ARG B 91 76.24 -27.94 -33.10
N LEU B 92 75.03 -27.39 -32.96
CA LEU B 92 74.67 -26.34 -33.90
C LEU B 92 75.47 -25.05 -33.66
N GLY B 93 76.23 -24.97 -32.57
CA GLY B 93 76.78 -23.69 -32.11
C GLY B 93 75.72 -22.81 -31.44
N LEU B 94 74.65 -23.41 -30.88
CA LEU B 94 73.59 -22.66 -30.19
C LEU B 94 73.42 -23.16 -28.76
N GLY B 95 74.46 -23.78 -28.23
CA GLY B 95 74.43 -24.28 -26.87
C GLY B 95 74.37 -23.14 -25.85
N PRO B 96 74.18 -23.47 -24.56
CA PRO B 96 74.10 -22.44 -23.53
C PRO B 96 75.30 -21.50 -23.57
N GLU B 97 76.51 -22.05 -23.70
CA GLU B 97 77.71 -21.22 -23.56
C GLU B 97 77.88 -20.30 -24.76
N GLU B 98 77.56 -20.76 -25.97
CA GLU B 98 77.62 -19.85 -27.11
C GLU B 98 76.61 -18.72 -26.93
N CYS B 99 75.46 -19.00 -26.32
CA CYS B 99 74.41 -18.02 -26.20
C CYS B 99 74.77 -17.01 -25.10
N ALA B 100 75.46 -17.47 -24.06
CA ALA B 100 75.89 -16.65 -22.94
C ALA B 100 76.94 -15.64 -23.38
N LYS B 101 77.63 -15.93 -24.50
CA LYS B 101 78.59 -15.01 -25.04
C LYS B 101 77.84 -13.83 -25.65
N VAL B 102 76.73 -14.06 -26.36
CA VAL B 102 76.02 -12.95 -27.01
C VAL B 102 74.97 -12.34 -26.08
N ASN B 103 74.73 -12.91 -24.88
CA ASN B 103 73.59 -12.47 -24.08
C ASN B 103 73.61 -13.21 -22.73
N ASP B 104 74.28 -12.61 -21.73
CA ASP B 104 74.43 -13.22 -20.42
C ASP B 104 73.14 -13.15 -19.60
N ARG B 105 72.07 -12.57 -20.18
CA ARG B 105 70.79 -12.39 -19.49
C ARG B 105 69.76 -13.42 -19.97
N LEU B 106 70.13 -14.27 -20.94
CA LEU B 106 69.20 -15.21 -21.57
C LEU B 106 68.75 -16.29 -20.58
N ILE B 107 67.44 -16.55 -20.56
CA ILE B 107 66.91 -17.76 -19.94
C ILE B 107 66.92 -18.87 -20.98
N TYR B 108 67.80 -19.86 -20.75
CA TYR B 108 68.04 -20.93 -21.71
C TYR B 108 67.29 -22.18 -21.26
N ALA B 109 66.20 -22.46 -21.96
CA ALA B 109 65.21 -23.41 -21.46
C ALA B 109 65.23 -24.69 -22.30
N ARG B 110 65.62 -25.78 -21.66
CA ARG B 110 65.80 -27.07 -22.33
C ARG B 110 64.73 -28.06 -21.91
N MET B 111 63.94 -28.50 -22.90
CA MET B 111 62.76 -29.32 -22.69
C MET B 111 63.08 -30.72 -23.21
N THR B 112 63.26 -31.66 -22.30
CA THR B 112 63.45 -33.05 -22.70
C THR B 112 62.55 -33.98 -21.90
N GLY B 113 62.53 -35.26 -22.29
CA GLY B 113 61.84 -36.29 -21.54
C GLY B 113 62.67 -36.86 -20.41
N TRP B 114 63.91 -37.26 -20.72
CA TRP B 114 64.72 -38.01 -19.77
C TRP B 114 65.74 -37.14 -19.01
N GLY B 115 65.91 -35.89 -19.44
CA GLY B 115 66.87 -35.01 -18.78
C GLY B 115 68.12 -34.78 -19.64
N GLN B 116 69.09 -34.06 -19.06
CA GLN B 116 70.25 -33.63 -19.81
C GLN B 116 71.36 -34.69 -19.80
N THR B 117 71.37 -35.54 -18.77
CA THR B 117 72.38 -36.55 -18.61
C THR B 117 71.73 -37.84 -18.12
N GLY B 118 72.52 -38.91 -18.10
CA GLY B 118 72.12 -40.18 -17.56
C GLY B 118 71.83 -41.19 -18.65
N PRO B 119 71.67 -42.46 -18.27
CA PRO B 119 71.71 -43.58 -19.21
C PRO B 119 70.63 -43.54 -20.29
N ARG B 120 69.51 -42.83 -20.03
CA ARG B 120 68.43 -42.81 -21.00
C ARG B 120 68.43 -41.51 -21.77
N SER B 121 69.44 -40.65 -21.55
CA SER B 121 69.39 -39.28 -22.03
C SER B 121 69.46 -39.17 -23.54
N GLN B 122 69.87 -40.24 -24.25
CA GLN B 122 69.86 -40.16 -25.70
C GLN B 122 68.78 -41.05 -26.34
N GLN B 123 67.93 -41.70 -25.53
CA GLN B 123 66.88 -42.55 -26.07
C GLN B 123 65.75 -41.70 -26.63
N ALA B 124 65.29 -42.01 -27.83
CA ALA B 124 64.05 -41.44 -28.32
C ALA B 124 62.93 -41.78 -27.32
N GLY B 125 61.86 -41.00 -27.35
CA GLY B 125 60.75 -41.29 -26.46
C GLY B 125 59.55 -40.38 -26.72
N HIS B 126 58.40 -40.83 -26.21
CA HIS B 126 57.21 -40.02 -26.18
C HIS B 126 56.62 -40.10 -24.77
N ASP B 127 55.55 -39.32 -24.60
CA ASP B 127 54.85 -39.20 -23.33
C ASP B 127 54.72 -40.55 -22.65
N ILE B 128 54.15 -41.53 -23.34
CA ILE B 128 53.84 -42.81 -22.72
C ILE B 128 55.11 -43.44 -22.13
N ASN B 129 56.29 -43.23 -22.74
CA ASN B 129 57.53 -43.77 -22.20
C ASN B 129 57.93 -43.08 -20.89
N TYR B 130 57.93 -41.73 -20.88
CA TYR B 130 58.40 -40.97 -19.72
C TYR B 130 57.56 -41.30 -18.50
N ILE B 131 56.22 -41.48 -18.68
CA ILE B 131 55.34 -41.78 -17.54
C ILE B 131 55.35 -43.26 -17.18
N SER B 132 55.99 -44.10 -18.01
CA SER B 132 56.04 -45.51 -17.67
C SER B 132 57.13 -45.74 -16.63
N LEU B 133 58.18 -44.94 -16.66
CA LEU B 133 59.34 -45.24 -15.84
C LEU B 133 59.18 -44.76 -14.41
N ASN B 134 58.26 -43.82 -14.12
CA ASN B 134 58.21 -43.22 -12.80
C ASN B 134 56.94 -43.59 -12.03
N GLY B 135 56.21 -44.62 -12.48
CA GLY B 135 55.12 -45.19 -11.69
C GLY B 135 53.72 -44.69 -12.09
N ILE B 136 53.68 -43.64 -12.92
CA ILE B 136 52.43 -42.97 -13.22
C ILE B 136 51.54 -43.84 -14.10
N LEU B 137 52.10 -44.36 -15.20
CA LEU B 137 51.27 -45.06 -16.19
C LEU B 137 50.68 -46.32 -15.55
N HIS B 138 51.45 -46.96 -14.69
CA HIS B 138 51.02 -48.19 -14.07
C HIS B 138 49.75 -47.99 -13.24
N ALA B 139 49.56 -46.76 -12.74
CA ALA B 139 48.48 -46.47 -11.79
C ALA B 139 47.18 -46.08 -12.51
N ILE B 140 47.22 -45.99 -13.83
CA ILE B 140 46.09 -45.49 -14.59
C ILE B 140 45.35 -46.60 -15.35
N GLY B 141 44.04 -46.73 -15.10
CA GLY B 141 43.18 -47.65 -15.83
C GLY B 141 42.47 -48.64 -14.90
N ARG B 142 41.66 -49.56 -15.43
CA ARG B 142 40.99 -50.54 -14.59
C ARG B 142 41.95 -51.67 -14.20
N GLY B 143 41.71 -52.30 -13.05
CA GLY B 143 42.55 -53.31 -12.45
C GLY B 143 42.62 -54.61 -13.26
N ASP B 144 41.58 -54.91 -14.02
CA ASP B 144 41.54 -56.17 -14.74
C ASP B 144 42.15 -55.99 -16.14
N GLU B 145 42.72 -54.82 -16.44
CA GLU B 145 43.14 -54.53 -17.80
C GLU B 145 44.52 -53.90 -17.78
N ARG B 146 45.14 -53.82 -18.95
CA ARG B 146 46.45 -53.23 -18.98
C ARG B 146 46.29 -51.72 -18.88
N PRO B 147 47.33 -51.03 -18.38
CA PRO B 147 47.24 -49.57 -18.20
C PRO B 147 46.91 -48.84 -19.48
N VAL B 148 46.21 -47.72 -19.35
CA VAL B 148 45.75 -46.97 -20.49
C VAL B 148 46.40 -45.59 -20.44
N PRO B 149 46.97 -45.13 -21.57
CA PRO B 149 47.63 -43.83 -21.59
C PRO B 149 46.56 -42.76 -21.45
N PRO B 150 46.78 -41.78 -20.54
CA PRO B 150 45.92 -40.61 -20.43
C PRO B 150 46.28 -39.55 -21.45
N LEU B 151 45.97 -39.90 -22.70
CA LEU B 151 46.46 -39.19 -23.86
C LEU B 151 47.93 -38.88 -23.62
N ASN B 152 48.38 -37.71 -24.10
CA ASN B 152 49.70 -37.21 -23.78
C ASN B 152 49.63 -36.02 -22.83
N LEU B 153 48.65 -36.03 -21.92
CA LEU B 153 48.43 -34.87 -21.08
C LEU B 153 49.38 -34.80 -19.89
N VAL B 154 49.89 -35.94 -19.41
CA VAL B 154 50.59 -35.95 -18.13
C VAL B 154 52.09 -35.75 -18.30
N GLY B 155 52.68 -36.35 -19.33
CA GLY B 155 54.12 -36.22 -19.51
C GLY B 155 54.49 -34.99 -20.33
N ASP B 156 53.89 -34.83 -21.50
CA ASP B 156 54.23 -33.72 -22.37
C ASP B 156 53.76 -32.39 -21.78
N PHE B 157 52.51 -32.33 -21.33
CA PHE B 157 51.90 -31.03 -21.03
C PHE B 157 51.98 -30.74 -19.54
N GLY B 158 51.22 -31.49 -18.71
CA GLY B 158 51.19 -31.28 -17.28
C GLY B 158 52.55 -31.34 -16.61
N GLY B 159 53.33 -32.37 -16.95
CA GLY B 159 54.63 -32.60 -16.32
C GLY B 159 55.78 -32.14 -17.22
N GLY B 160 55.45 -31.46 -18.32
CA GLY B 160 56.41 -31.13 -19.35
C GLY B 160 56.45 -29.64 -19.60
N SER B 161 55.60 -29.20 -20.52
CA SER B 161 55.53 -27.80 -20.91
C SER B 161 55.27 -26.92 -19.67
N MET B 162 54.46 -27.41 -18.72
CA MET B 162 54.04 -26.53 -17.65
C MET B 162 55.19 -26.26 -16.70
N PHE B 163 56.06 -27.27 -16.49
CA PHE B 163 57.24 -27.12 -15.69
C PHE B 163 58.29 -26.28 -16.45
N LEU B 164 58.40 -26.42 -17.78
CA LEU B 164 59.27 -25.52 -18.53
C LEU B 164 58.83 -24.05 -18.27
N LEU B 165 57.52 -23.77 -18.30
CA LEU B 165 56.96 -22.44 -18.06
C LEU B 165 57.26 -21.94 -16.65
N VAL B 166 57.04 -22.78 -15.66
CA VAL B 166 57.31 -22.39 -14.30
C VAL B 166 58.78 -22.07 -14.15
N GLY B 167 59.65 -22.82 -14.86
CA GLY B 167 61.08 -22.58 -14.81
C GLY B 167 61.50 -21.28 -15.53
N ILE B 168 60.94 -21.04 -16.70
CA ILE B 168 61.25 -19.84 -17.45
C ILE B 168 60.84 -18.61 -16.62
N LEU B 169 59.68 -18.67 -15.94
CA LEU B 169 59.11 -17.48 -15.34
C LEU B 169 59.75 -17.28 -13.98
N ALA B 170 60.08 -18.35 -13.27
CA ALA B 170 60.86 -18.22 -12.06
C ALA B 170 62.28 -17.70 -12.32
N ALA B 171 62.87 -18.09 -13.45
CA ALA B 171 64.21 -17.64 -13.76
C ALA B 171 64.21 -16.14 -14.08
N LEU B 172 63.16 -15.66 -14.77
CA LEU B 172 63.01 -14.25 -15.06
C LEU B 172 62.89 -13.42 -13.77
N TRP B 173 62.26 -13.98 -12.74
CA TRP B 173 62.14 -13.35 -11.44
C TRP B 173 63.50 -13.30 -10.75
N GLU B 174 64.24 -14.41 -10.83
CA GLU B 174 65.57 -14.44 -10.24
C GLU B 174 66.45 -13.40 -10.96
N ARG B 175 66.24 -13.20 -12.27
CA ARG B 175 67.06 -12.34 -13.10
C ARG B 175 66.96 -10.89 -12.61
N GLN B 176 65.77 -10.46 -12.14
CA GLN B 176 65.58 -9.09 -11.68
C GLN B 176 66.48 -8.76 -10.49
N SER B 177 66.89 -9.75 -9.70
CA SER B 177 67.72 -9.45 -8.55
C SER B 177 69.20 -9.73 -8.84
N SER B 178 69.53 -10.48 -9.90
CA SER B 178 70.91 -10.93 -10.08
C SER B 178 71.52 -10.35 -11.36
N GLY B 179 70.65 -9.96 -12.30
CA GLY B 179 71.04 -9.35 -13.57
C GLY B 179 71.41 -10.37 -14.65
N LYS B 180 71.34 -11.67 -14.32
CA LYS B 180 71.84 -12.76 -15.14
C LYS B 180 70.74 -13.77 -15.46
N GLY B 181 70.85 -14.40 -16.65
CA GLY B 181 70.10 -15.59 -16.99
C GLY B 181 70.69 -16.87 -16.39
N GLN B 182 70.16 -18.02 -16.82
CA GLN B 182 70.65 -19.34 -16.43
C GLN B 182 69.94 -20.40 -17.28
N VAL B 183 70.26 -21.67 -17.00
CA VAL B 183 69.69 -22.76 -17.77
C VAL B 183 68.59 -23.44 -16.94
N VAL B 184 67.45 -23.61 -17.60
CA VAL B 184 66.34 -24.36 -17.04
C VAL B 184 66.32 -25.71 -17.74
N ASP B 185 66.49 -26.75 -16.92
CA ASP B 185 66.45 -28.13 -17.35
C ASP B 185 65.14 -28.75 -16.86
N ALA B 186 64.17 -28.83 -17.78
CA ALA B 186 62.87 -29.42 -17.57
C ALA B 186 62.80 -30.80 -18.25
N ALA B 187 62.84 -31.82 -17.43
CA ALA B 187 62.64 -33.19 -17.88
C ALA B 187 61.24 -33.67 -17.53
N MET B 188 60.53 -34.27 -18.50
CA MET B 188 59.18 -34.77 -18.28
C MET B 188 59.12 -35.85 -17.19
N VAL B 189 60.20 -36.62 -17.03
CA VAL B 189 60.21 -37.66 -16.02
C VAL B 189 60.22 -37.04 -14.60
N ASP B 190 60.81 -35.82 -14.49
CA ASP B 190 60.87 -35.09 -13.22
C ASP B 190 59.55 -34.37 -12.96
N GLY B 191 59.15 -33.50 -13.89
CA GLY B 191 57.95 -32.68 -13.76
C GLY B 191 56.72 -33.56 -13.48
N SER B 192 56.58 -34.67 -14.23
CA SER B 192 55.40 -35.50 -14.07
C SER B 192 55.45 -36.12 -12.67
N SER B 193 56.64 -36.40 -12.13
CA SER B 193 56.71 -36.93 -10.77
C SER B 193 56.25 -35.91 -9.70
N VAL B 194 56.56 -34.63 -9.90
CA VAL B 194 56.11 -33.60 -8.97
C VAL B 194 54.61 -33.44 -9.18
N LEU B 195 54.16 -33.61 -10.44
CA LEU B 195 52.75 -33.45 -10.75
C LEU B 195 51.93 -34.43 -9.93
N ILE B 196 52.52 -35.62 -9.67
CA ILE B 196 51.85 -36.70 -8.95
C ILE B 196 52.38 -36.82 -7.53
N GLN B 197 52.92 -35.74 -6.97
CA GLN B 197 53.42 -35.79 -5.59
C GLN B 197 52.33 -36.23 -4.60
N MET B 198 51.07 -35.87 -4.85
CA MET B 198 50.00 -36.26 -3.92
C MET B 198 49.94 -37.78 -3.74
N MET B 199 50.18 -38.58 -4.79
CA MET B 199 50.20 -40.03 -4.65
C MET B 199 51.42 -40.48 -3.87
N TRP B 200 52.58 -39.87 -4.08
CA TRP B 200 53.73 -40.28 -3.32
C TRP B 200 53.51 -39.96 -1.82
N ALA B 201 52.85 -38.83 -1.55
CA ALA B 201 52.51 -38.45 -0.17
C ALA B 201 51.61 -39.52 0.47
N MET B 202 50.52 -39.84 -0.22
CA MET B 202 49.55 -40.82 0.25
C MET B 202 50.16 -42.22 0.36
N ARG B 203 51.12 -42.62 -0.50
CA ARG B 203 51.70 -43.95 -0.35
C ARG B 203 52.43 -43.99 0.98
N ALA B 204 53.14 -42.90 1.29
CA ALA B 204 53.91 -42.82 2.52
C ALA B 204 52.98 -42.93 3.75
N THR B 205 51.80 -42.33 3.70
CA THR B 205 50.86 -42.43 4.80
C THR B 205 49.98 -43.68 4.73
N GLY B 206 50.31 -44.65 3.88
CA GLY B 206 49.54 -45.87 3.74
C GLY B 206 48.13 -45.65 3.19
N MET B 207 47.86 -44.55 2.48
CA MET B 207 46.55 -44.25 1.95
C MET B 207 46.54 -44.33 0.41
N TRP B 208 47.55 -44.97 -0.19
CA TRP B 208 47.53 -45.23 -1.61
C TRP B 208 48.25 -46.55 -1.85
N THR B 209 47.70 -47.41 -2.70
CA THR B 209 48.33 -48.71 -3.00
C THR B 209 48.79 -48.79 -4.47
N ASP B 210 49.80 -49.65 -4.72
CA ASP B 210 50.30 -49.88 -6.07
C ASP B 210 49.33 -50.76 -6.88
N THR B 211 48.33 -51.38 -6.25
CA THR B 211 47.26 -52.05 -6.99
C THR B 211 46.43 -51.06 -7.80
N ARG B 212 46.37 -51.28 -9.12
CA ARG B 212 45.59 -50.44 -10.02
C ARG B 212 44.10 -50.69 -9.78
N GLY B 213 43.30 -49.64 -9.88
CA GLY B 213 41.86 -49.74 -9.69
C GLY B 213 41.42 -49.95 -8.23
N ALA B 214 42.28 -49.68 -7.26
CA ALA B 214 41.95 -49.98 -5.86
C ALA B 214 42.12 -48.76 -4.96
N ASN B 215 41.96 -47.54 -5.48
CA ASN B 215 42.32 -46.36 -4.71
C ASN B 215 41.19 -45.31 -4.78
N MET B 216 41.33 -44.25 -3.99
CA MET B 216 40.26 -43.26 -3.92
C MET B 216 40.08 -42.50 -5.24
N LEU B 217 41.18 -42.26 -5.98
CA LEU B 217 41.11 -41.35 -7.13
C LEU B 217 41.44 -42.04 -8.47
N ASP B 218 41.48 -43.38 -8.53
CA ASP B 218 41.88 -44.05 -9.76
C ASP B 218 40.70 -44.73 -10.44
N GLY B 219 39.50 -44.59 -9.86
CA GLY B 219 38.31 -45.21 -10.41
C GLY B 219 37.84 -46.37 -9.54
N GLY B 220 38.66 -46.78 -8.56
CA GLY B 220 38.27 -47.87 -7.67
C GLY B 220 37.13 -47.47 -6.71
N ALA B 221 37.04 -46.19 -6.34
CA ALA B 221 36.03 -45.74 -5.40
C ALA B 221 34.72 -45.54 -6.13
N PRO B 222 33.61 -46.14 -5.65
CA PRO B 222 32.32 -45.96 -6.29
C PRO B 222 31.80 -44.53 -6.32
N TYR B 223 32.32 -43.72 -5.42
CA TYR B 223 31.94 -42.32 -5.43
C TYR B 223 32.94 -41.44 -6.16
N TYR B 224 33.94 -42.00 -6.85
CA TYR B 224 34.85 -41.22 -7.69
C TYR B 224 35.16 -42.02 -8.96
N ASP B 225 34.24 -41.94 -9.92
CA ASP B 225 34.23 -42.79 -11.10
C ASP B 225 33.15 -42.28 -12.05
N THR B 226 33.15 -42.83 -13.28
CA THR B 226 32.08 -42.61 -14.21
C THR B 226 31.06 -43.74 -14.13
N TYR B 227 29.82 -43.42 -14.52
CA TYR B 227 28.72 -44.37 -14.53
C TYR B 227 28.02 -44.21 -15.86
N GLU B 228 27.66 -45.37 -16.44
CA GLU B 228 26.87 -45.39 -17.66
C GLU B 228 25.38 -45.17 -17.34
N CYS B 229 24.70 -44.38 -18.16
CA CYS B 229 23.31 -43.99 -17.97
C CYS B 229 22.41 -44.75 -18.95
N ALA B 230 21.08 -44.54 -18.87
CA ALA B 230 20.13 -45.32 -19.65
C ALA B 230 20.37 -45.15 -21.14
N ASP B 231 20.99 -44.05 -21.54
CA ASP B 231 21.17 -43.76 -22.96
C ASP B 231 22.56 -44.18 -23.44
N GLY B 232 23.39 -44.79 -22.61
CA GLY B 232 24.72 -45.21 -23.02
C GLY B 232 25.77 -44.09 -22.88
N ARG B 233 25.33 -42.90 -22.43
CA ARG B 233 26.22 -41.79 -22.15
C ARG B 233 26.57 -41.87 -20.68
N TYR B 234 27.45 -40.97 -20.23
CA TYR B 234 28.08 -41.15 -18.94
C TYR B 234 27.88 -39.92 -18.07
N VAL B 235 27.83 -40.19 -16.76
CA VAL B 235 28.08 -39.16 -15.78
C VAL B 235 29.36 -39.45 -15.03
N ALA B 236 29.89 -38.38 -14.47
CA ALA B 236 30.96 -38.49 -13.50
C ALA B 236 30.46 -38.11 -12.11
N VAL B 237 30.92 -38.91 -11.17
CA VAL B 237 30.68 -38.74 -9.77
C VAL B 237 32.01 -38.52 -9.09
N GLY B 238 32.06 -37.45 -8.26
CA GLY B 238 33.27 -37.06 -7.57
C GLY B 238 33.02 -36.69 -6.11
N ALA B 239 32.08 -37.42 -5.49
CA ALA B 239 31.51 -37.04 -4.21
C ALA B 239 32.32 -37.60 -3.06
N ILE B 240 33.52 -37.06 -2.88
CA ILE B 240 34.43 -37.55 -1.86
C ILE B 240 33.91 -37.20 -0.45
N GLU B 241 33.59 -35.91 -0.22
CA GLU B 241 33.19 -35.42 1.10
C GLU B 241 31.83 -36.06 1.47
N PRO B 242 31.67 -36.57 2.70
CA PRO B 242 30.44 -37.29 3.07
C PRO B 242 29.16 -36.50 2.83
N GLN B 243 29.21 -35.18 3.01
N GLN B 243 29.15 -35.15 3.07
CA GLN B 243 28.03 -34.36 2.87
CA GLN B 243 27.99 -34.29 2.81
C GLN B 243 27.63 -34.30 1.39
C GLN B 243 27.59 -34.38 1.35
N PHE B 244 28.59 -34.31 0.46
CA PHE B 244 28.29 -34.28 -0.95
C PHE B 244 27.77 -35.66 -1.38
N TYR B 245 28.43 -36.69 -0.84
CA TYR B 245 28.05 -38.09 -1.06
C TYR B 245 26.58 -38.29 -0.63
N ALA B 246 26.23 -37.84 0.57
CA ALA B 246 24.85 -37.97 1.02
C ALA B 246 23.89 -37.33 0.02
N ALA B 247 24.29 -36.17 -0.54
CA ALA B 247 23.37 -35.44 -1.39
C ALA B 247 23.16 -36.20 -2.68
N MET B 248 24.24 -36.85 -3.15
CA MET B 248 24.16 -37.64 -4.37
C MET B 248 23.18 -38.80 -4.13
N LEU B 249 23.31 -39.49 -2.99
CA LEU B 249 22.45 -40.64 -2.73
C LEU B 249 20.98 -40.23 -2.71
N ALA B 250 20.67 -39.10 -2.06
CA ALA B 250 19.28 -38.62 -2.02
C ALA B 250 18.76 -38.37 -3.43
N GLY B 251 19.57 -37.76 -4.31
CA GLY B 251 19.07 -37.45 -5.63
C GLY B 251 18.95 -38.71 -6.49
N LEU B 252 19.72 -39.75 -6.17
CA LEU B 252 19.59 -41.03 -6.85
C LEU B 252 18.36 -41.78 -6.37
N GLY B 253 17.87 -41.45 -5.17
CA GLY B 253 16.68 -42.10 -4.67
C GLY B 253 17.04 -43.26 -3.77
N LEU B 254 18.25 -43.22 -3.22
CA LEU B 254 18.80 -44.32 -2.46
C LEU B 254 18.93 -43.93 -1.00
N ASP B 255 18.41 -44.83 -0.20
CA ASP B 255 18.33 -44.60 1.22
C ASP B 255 19.67 -45.08 1.81
N ALA B 256 20.40 -44.18 2.46
CA ALA B 256 21.74 -44.44 2.93
C ALA B 256 21.79 -45.59 3.92
N ALA B 257 20.67 -45.84 4.61
CA ALA B 257 20.57 -46.94 5.55
C ALA B 257 20.63 -48.31 4.87
N GLU B 258 20.23 -48.42 3.59
CA GLU B 258 20.26 -49.67 2.82
C GLU B 258 21.63 -49.97 2.20
N LEU B 259 22.65 -49.12 2.38
CA LEU B 259 23.88 -49.22 1.60
C LEU B 259 25.01 -49.56 2.55
N PRO B 260 26.12 -50.15 2.06
CA PRO B 260 27.31 -50.27 2.87
C PRO B 260 27.89 -48.88 3.14
N PRO B 261 28.76 -48.70 4.15
CA PRO B 261 29.41 -47.42 4.37
C PRO B 261 30.23 -46.98 3.15
N GLN B 262 30.25 -45.66 2.92
CA GLN B 262 30.88 -45.01 1.79
C GLN B 262 32.31 -45.50 1.62
N ASN B 263 33.02 -45.64 2.74
CA ASN B 263 34.44 -45.92 2.73
C ASN B 263 34.75 -47.30 3.29
N ASP B 264 33.82 -48.25 3.26
CA ASP B 264 34.18 -49.64 3.57
C ASP B 264 34.59 -50.33 2.28
N ARG B 265 35.89 -50.42 2.07
CA ARG B 265 36.45 -50.72 0.77
C ARG B 265 36.16 -52.17 0.40
N ALA B 266 36.02 -53.04 1.39
CA ALA B 266 35.74 -54.45 1.13
C ALA B 266 34.36 -54.61 0.51
N ARG B 267 33.46 -53.65 0.76
CA ARG B 267 32.13 -53.68 0.21
C ARG B 267 31.93 -52.72 -0.95
N TRP B 268 33.02 -52.11 -1.44
CA TRP B 268 32.90 -51.24 -2.59
C TRP B 268 32.26 -51.92 -3.79
N PRO B 269 32.56 -53.20 -4.11
CA PRO B 269 31.92 -53.85 -5.26
C PRO B 269 30.40 -53.86 -5.15
N GLU B 270 29.94 -54.13 -3.94
CA GLU B 270 28.52 -54.14 -3.61
C GLU B 270 27.89 -52.75 -3.75
N LEU B 271 28.51 -51.73 -3.14
CA LEU B 271 28.06 -50.35 -3.27
C LEU B 271 28.02 -49.91 -4.73
N ARG B 272 29.08 -50.22 -5.49
CA ARG B 272 29.12 -49.85 -6.90
C ARG B 272 27.96 -50.46 -7.68
N ALA B 273 27.63 -51.73 -7.37
CA ALA B 273 26.53 -52.37 -8.10
C ALA B 273 25.23 -51.62 -7.86
N LEU B 274 25.03 -51.14 -6.64
CA LEU B 274 23.81 -50.44 -6.28
C LEU B 274 23.74 -49.08 -6.99
N LEU B 275 24.87 -48.37 -7.06
CA LEU B 275 24.91 -47.08 -7.74
C LEU B 275 24.80 -47.27 -9.26
N THR B 276 25.39 -48.35 -9.79
CA THR B 276 25.30 -48.64 -11.22
C THR B 276 23.85 -48.82 -11.64
N GLU B 277 23.09 -49.56 -10.84
CA GLU B 277 21.69 -49.79 -11.18
C GLU B 277 20.90 -48.47 -11.14
N ALA B 278 21.16 -47.63 -10.13
CA ALA B 278 20.47 -46.35 -10.01
C ALA B 278 20.80 -45.44 -11.19
N PHE B 279 22.10 -45.23 -11.50
CA PHE B 279 22.43 -44.32 -12.59
C PHE B 279 21.89 -44.84 -13.92
N ALA B 280 21.79 -46.17 -14.07
CA ALA B 280 21.41 -46.73 -15.35
C ALA B 280 19.94 -46.51 -15.66
N SER B 281 19.15 -46.09 -14.67
CA SER B 281 17.71 -46.05 -14.83
C SER B 281 17.24 -44.73 -15.45
N HIS B 282 18.09 -43.71 -15.59
CA HIS B 282 17.78 -42.50 -16.34
C HIS B 282 18.95 -42.10 -17.25
N ASP B 283 18.67 -41.24 -18.22
CA ASP B 283 19.68 -40.79 -19.17
C ASP B 283 20.56 -39.69 -18.56
N ARG B 284 21.66 -39.37 -19.26
CA ARG B 284 22.67 -38.46 -18.76
C ARG B 284 22.07 -37.10 -18.45
N ASP B 285 21.19 -36.64 -19.35
CA ASP B 285 20.76 -35.25 -19.30
C ASP B 285 19.79 -35.08 -18.15
N HIS B 286 18.99 -36.12 -17.88
CA HIS B 286 18.20 -36.20 -16.67
C HIS B 286 19.03 -35.98 -15.42
N TRP B 287 20.19 -36.65 -15.32
CA TRP B 287 20.99 -36.52 -14.11
C TRP B 287 21.60 -35.12 -14.07
N GLY B 288 21.93 -34.55 -15.24
CA GLY B 288 22.56 -33.24 -15.29
C GLY B 288 21.60 -32.18 -14.74
N ALA B 289 20.32 -32.36 -15.10
CA ALA B 289 19.23 -31.54 -14.63
C ALA B 289 19.02 -31.73 -13.13
N VAL B 290 18.68 -32.95 -12.69
CA VAL B 290 18.50 -33.28 -11.28
C VAL B 290 19.58 -32.67 -10.38
N PHE B 291 20.86 -32.71 -10.80
CA PHE B 291 21.96 -32.32 -9.93
C PHE B 291 22.48 -30.89 -10.20
N ALA B 292 21.88 -30.15 -11.13
CA ALA B 292 22.29 -28.76 -11.30
C ALA B 292 22.06 -28.00 -9.98
N ASN B 293 23.05 -27.18 -9.61
CA ASN B 293 23.05 -26.31 -8.44
C ASN B 293 23.26 -27.11 -7.16
N SER B 294 23.64 -28.40 -7.27
CA SER B 294 23.91 -29.19 -6.08
C SER B 294 25.39 -29.40 -5.85
N ASP B 295 25.67 -29.77 -4.63
CA ASP B 295 26.98 -30.18 -4.22
C ASP B 295 27.17 -31.70 -4.31
N ALA B 296 26.32 -32.40 -5.08
CA ALA B 296 26.39 -33.85 -5.22
C ALA B 296 27.63 -34.32 -6.01
N CYS B 297 28.28 -33.39 -6.73
CA CYS B 297 29.48 -33.67 -7.55
C CYS B 297 29.18 -34.74 -8.60
N VAL B 298 28.08 -34.53 -9.33
CA VAL B 298 27.64 -35.35 -10.43
C VAL B 298 27.55 -34.41 -11.65
N THR B 299 28.31 -34.72 -12.72
CA THR B 299 28.34 -33.88 -13.93
C THR B 299 28.24 -34.76 -15.15
N PRO B 300 27.62 -34.27 -16.23
CA PRO B 300 27.59 -35.00 -17.50
C PRO B 300 29.00 -35.05 -18.08
N VAL B 301 29.34 -36.19 -18.68
CA VAL B 301 30.61 -36.39 -19.35
C VAL B 301 30.39 -36.06 -20.82
N LEU B 302 30.82 -34.87 -21.24
CA LEU B 302 30.53 -34.40 -22.59
C LEU B 302 31.69 -34.84 -23.50
N ALA B 303 31.36 -35.20 -24.72
CA ALA B 303 32.34 -35.36 -25.78
C ALA B 303 32.69 -34.00 -26.37
N PHE B 304 33.85 -33.91 -27.02
CA PHE B 304 34.37 -32.64 -27.48
C PHE B 304 33.29 -31.88 -28.26
N GLY B 305 32.58 -32.57 -29.16
CA GLY B 305 31.62 -31.93 -30.04
C GLY B 305 30.37 -31.39 -29.35
N GLU B 306 30.18 -31.70 -28.04
CA GLU B 306 29.05 -31.20 -27.27
C GLU B 306 29.43 -30.00 -26.40
N VAL B 307 30.73 -29.71 -26.29
CA VAL B 307 31.18 -28.80 -25.26
C VAL B 307 30.69 -27.39 -25.60
N HIS B 308 30.67 -27.04 -26.89
CA HIS B 308 30.19 -25.73 -27.32
C HIS B 308 28.71 -25.49 -26.95
N ASN B 309 27.95 -26.53 -26.58
CA ASN B 309 26.55 -26.31 -26.20
C ASN B 309 26.31 -26.26 -24.71
N GLU B 310 27.35 -26.27 -23.87
CA GLU B 310 27.17 -26.31 -22.43
C GLU B 310 27.15 -24.89 -21.88
N PRO B 311 26.05 -24.45 -21.20
CA PRO B 311 25.95 -23.08 -20.70
C PRO B 311 27.19 -22.59 -19.97
N HIS B 312 27.69 -23.36 -19.01
CA HIS B 312 28.82 -22.87 -18.24
C HIS B 312 30.06 -22.58 -19.11
N ILE B 313 30.26 -23.37 -20.16
CA ILE B 313 31.38 -23.18 -21.07
C ILE B 313 31.17 -21.90 -21.89
N ILE B 314 29.99 -21.77 -22.49
CA ILE B 314 29.64 -20.66 -23.37
C ILE B 314 29.79 -19.34 -22.63
N GLU B 315 29.23 -19.26 -21.42
CA GLU B 315 29.09 -17.99 -20.73
C GLU B 315 30.42 -17.51 -20.14
N ARG B 316 31.41 -18.39 -19.96
CA ARG B 316 32.69 -17.95 -19.45
C ARG B 316 33.70 -17.73 -20.58
N ASN B 317 33.29 -17.92 -21.85
CA ASN B 317 34.12 -17.92 -23.04
C ASN B 317 35.44 -18.69 -22.85
N THR B 318 35.35 -19.94 -22.41
CA THR B 318 36.48 -20.84 -22.30
C THR B 318 37.06 -21.10 -23.69
N PHE B 319 36.21 -21.07 -24.73
CA PHE B 319 36.61 -21.31 -26.10
C PHE B 319 36.29 -20.07 -26.95
N TYR B 320 36.95 -19.98 -28.12
CA TYR B 320 36.65 -19.04 -29.19
C TYR B 320 36.56 -19.88 -30.47
N GLU B 321 35.86 -19.40 -31.49
CA GLU B 321 35.81 -20.11 -32.76
C GLU B 321 37.01 -19.66 -33.61
N ALA B 322 37.70 -20.62 -34.25
CA ALA B 322 38.74 -20.27 -35.20
C ALA B 322 38.31 -20.72 -36.60
N ASN B 323 39.20 -21.39 -37.34
CA ASN B 323 38.96 -21.88 -38.70
C ASN B 323 38.03 -23.09 -38.69
N GLY B 324 38.60 -24.31 -38.54
CA GLY B 324 37.81 -25.53 -38.51
C GLY B 324 36.79 -25.54 -37.37
N GLY B 325 37.24 -25.16 -36.16
CA GLY B 325 36.35 -25.14 -35.00
C GLY B 325 36.98 -24.46 -33.79
N TRP B 326 36.52 -24.89 -32.61
CA TRP B 326 36.81 -24.24 -31.35
C TRP B 326 38.22 -24.56 -30.85
N GLN B 327 38.76 -23.58 -30.15
CA GLN B 327 40.04 -23.68 -29.47
C GLN B 327 39.87 -23.02 -28.12
N PRO B 328 40.61 -23.48 -27.10
CA PRO B 328 40.60 -22.84 -25.79
C PRO B 328 41.25 -21.47 -25.81
N MET B 329 40.57 -20.52 -25.15
CA MET B 329 41.14 -19.22 -24.89
C MET B 329 42.31 -19.39 -23.94
N PRO B 330 43.24 -18.40 -23.90
CA PRO B 330 44.35 -18.41 -22.96
C PRO B 330 43.91 -18.65 -21.54
N ALA B 331 44.80 -19.25 -20.77
CA ALA B 331 44.55 -19.44 -19.36
C ALA B 331 45.89 -19.26 -18.66
N PRO B 332 45.92 -18.85 -17.39
CA PRO B 332 44.73 -18.45 -16.67
C PRO B 332 44.36 -17.01 -17.07
N ARG B 333 43.49 -16.36 -16.29
CA ARG B 333 42.98 -15.05 -16.63
C ARG B 333 43.48 -14.02 -15.61
N PHE B 334 43.58 -12.76 -16.07
CA PHE B 334 44.26 -11.68 -15.37
C PHE B 334 43.35 -10.44 -15.28
N SER B 335 43.20 -9.81 -14.11
CA SER B 335 42.23 -8.71 -13.98
C SER B 335 42.63 -7.47 -14.79
N ARG B 336 43.87 -7.00 -14.62
CA ARG B 336 44.33 -5.73 -15.18
C ARG B 336 44.92 -5.91 -16.59
N THR B 337 45.84 -6.87 -16.79
CA THR B 337 46.44 -7.04 -18.11
C THR B 337 45.98 -8.33 -18.76
N ALA B 338 44.82 -8.26 -19.41
CA ALA B 338 44.08 -9.41 -19.88
C ALA B 338 44.65 -9.85 -21.22
N SER B 339 44.76 -11.16 -21.39
CA SER B 339 45.11 -11.72 -22.68
C SER B 339 44.03 -11.36 -23.68
N SER B 340 44.43 -11.30 -24.95
CA SER B 340 43.47 -11.19 -26.02
C SER B 340 43.34 -12.55 -26.67
N GLN B 341 42.38 -12.62 -27.59
CA GLN B 341 42.16 -13.80 -28.39
C GLN B 341 43.41 -14.08 -29.20
N PRO B 342 43.84 -15.35 -29.31
CA PRO B 342 45.02 -15.68 -30.11
C PRO B 342 44.96 -15.28 -31.58
N ARG B 343 46.13 -14.91 -32.09
CA ARG B 343 46.34 -14.62 -33.49
C ARG B 343 46.61 -15.92 -34.21
N PRO B 344 45.91 -16.24 -35.32
CA PRO B 344 46.07 -17.53 -35.98
C PRO B 344 47.49 -17.67 -36.51
N PRO B 345 47.92 -18.91 -36.84
CA PRO B 345 49.27 -19.12 -37.36
C PRO B 345 49.47 -18.25 -38.60
N ALA B 346 50.50 -17.38 -38.57
CA ALA B 346 50.73 -16.39 -39.61
C ALA B 346 51.55 -17.01 -40.75
N ALA B 347 51.80 -16.23 -41.80
CA ALA B 347 52.69 -16.67 -42.86
C ALA B 347 54.14 -16.46 -42.45
N THR B 348 55.02 -17.33 -42.96
CA THR B 348 56.46 -17.25 -42.74
C THR B 348 56.93 -15.85 -43.12
N ILE B 349 57.75 -15.24 -42.26
CA ILE B 349 58.33 -13.92 -42.53
C ILE B 349 59.84 -14.10 -42.63
N ASP B 350 60.55 -13.07 -43.13
CA ASP B 350 62.00 -13.15 -43.20
C ASP B 350 62.59 -12.67 -41.87
N ILE B 351 63.70 -13.32 -41.52
CA ILE B 351 64.34 -13.23 -40.23
C ILE B 351 65.00 -11.87 -40.02
N GLU B 352 65.35 -11.20 -41.13
CA GLU B 352 65.88 -9.84 -41.10
C GLU B 352 64.80 -8.86 -40.63
N ALA B 353 63.58 -9.00 -41.19
CA ALA B 353 62.42 -8.23 -40.76
C ALA B 353 62.33 -8.20 -39.23
N VAL B 354 62.45 -9.39 -38.63
CA VAL B 354 62.29 -9.49 -37.19
C VAL B 354 63.41 -8.73 -36.51
N LEU B 355 64.64 -8.88 -37.02
CA LEU B 355 65.78 -8.21 -36.41
C LEU B 355 65.63 -6.70 -36.47
N THR B 356 65.06 -6.20 -37.59
CA THR B 356 64.77 -4.76 -37.74
C THR B 356 63.80 -4.34 -36.65
N ASP B 357 62.66 -5.04 -36.60
CA ASP B 357 61.68 -4.90 -35.53
C ASP B 357 62.35 -4.80 -34.16
N TRP B 358 63.34 -5.67 -33.86
CA TRP B 358 63.88 -5.80 -32.51
C TRP B 358 65.09 -4.89 -32.21
N ASP B 359 65.51 -4.04 -33.18
CA ASP B 359 66.41 -2.89 -32.98
C ASP B 359 67.75 -3.08 -33.69
N GLY B 360 68.52 -4.11 -33.29
CA GLY B 360 69.89 -4.31 -33.79
C GLY B 360 70.22 -5.78 -33.99
N MET C 1 -69.00 14.45 -13.55
CA MET C 1 -68.17 13.76 -14.59
C MET C 1 -68.80 12.40 -14.93
N ALA C 2 -68.94 12.14 -16.23
CA ALA C 2 -69.63 10.95 -16.71
C ALA C 2 -68.65 9.77 -16.79
N GLY C 3 -69.13 8.56 -16.45
CA GLY C 3 -68.47 7.32 -16.84
C GLY C 3 -68.16 6.47 -15.63
N PRO C 4 -67.68 5.22 -15.81
CA PRO C 4 -67.54 4.33 -14.67
C PRO C 4 -66.45 4.72 -13.66
N LEU C 5 -65.60 5.69 -14.03
CA LEU C 5 -64.52 6.07 -13.14
C LEU C 5 -64.73 7.49 -12.60
N SER C 6 -65.96 8.04 -12.67
CA SER C 6 -66.32 9.17 -11.81
C SER C 6 -65.78 8.92 -10.41
N GLY C 7 -65.03 9.92 -9.92
CA GLY C 7 -64.55 9.90 -8.54
C GLY C 7 -63.10 9.47 -8.38
N LEU C 8 -62.51 8.79 -9.40
CA LEU C 8 -61.10 8.41 -9.34
C LEU C 8 -60.24 9.64 -9.65
N ARG C 9 -59.21 9.86 -8.83
CA ARG C 9 -58.37 11.04 -8.95
C ARG C 9 -56.99 10.62 -9.43
N VAL C 10 -56.53 11.28 -10.51
CA VAL C 10 -55.30 10.82 -11.14
C VAL C 10 -54.29 11.96 -11.22
N VAL C 11 -53.06 11.66 -10.78
CA VAL C 11 -51.98 12.59 -11.08
C VAL C 11 -50.99 12.01 -12.09
N GLU C 12 -50.84 12.76 -13.18
CA GLU C 12 -50.01 12.45 -14.34
C GLU C 12 -48.79 13.38 -14.41
N LEU C 13 -47.60 12.82 -14.21
CA LEU C 13 -46.35 13.51 -14.51
C LEU C 13 -46.08 13.47 -16.02
N ALA C 14 -46.18 14.63 -16.67
CA ALA C 14 -46.17 14.71 -18.13
C ALA C 14 -44.96 13.98 -18.72
N GLY C 15 -45.25 13.13 -19.72
CA GLY C 15 -44.26 12.34 -20.44
C GLY C 15 -44.74 12.18 -21.89
N ILE C 16 -44.29 11.13 -22.56
CA ILE C 16 -44.66 10.95 -23.97
C ILE C 16 -45.05 9.49 -24.15
N GLY C 17 -45.92 9.23 -25.13
CA GLY C 17 -46.17 7.84 -25.48
C GLY C 17 -47.22 7.19 -24.60
N PRO C 18 -46.92 6.07 -23.92
CA PRO C 18 -47.95 5.32 -23.22
C PRO C 18 -48.61 6.01 -22.01
N GLY C 19 -47.82 6.80 -21.25
CA GLY C 19 -48.29 7.43 -20.02
C GLY C 19 -49.47 8.33 -20.30
N PRO C 20 -49.33 9.28 -21.23
CA PRO C 20 -50.44 10.15 -21.58
C PRO C 20 -51.63 9.47 -22.26
N HIS C 21 -51.39 8.32 -22.88
CA HIS C 21 -52.49 7.61 -23.51
C HIS C 21 -53.31 6.96 -22.41
N ALA C 22 -52.62 6.30 -21.48
CA ALA C 22 -53.27 5.71 -20.32
C ALA C 22 -54.09 6.76 -19.55
N ALA C 23 -53.53 7.98 -19.43
CA ALA C 23 -54.17 9.03 -18.68
C ALA C 23 -55.39 9.51 -19.44
N MET C 24 -55.27 9.60 -20.76
CA MET C 24 -56.38 10.02 -21.61
C MET C 24 -57.55 9.04 -21.40
N ILE C 25 -57.27 7.73 -21.32
CA ILE C 25 -58.34 6.75 -21.26
C ILE C 25 -59.03 6.82 -19.89
N LEU C 26 -58.23 7.03 -18.84
CA LEU C 26 -58.79 7.15 -17.50
C LEU C 26 -59.74 8.33 -17.48
N GLY C 27 -59.31 9.44 -18.08
CA GLY C 27 -60.10 10.65 -18.19
C GLY C 27 -61.34 10.47 -19.08
N ASP C 28 -61.17 9.68 -20.15
CA ASP C 28 -62.26 9.42 -21.09
C ASP C 28 -63.41 8.75 -20.35
N LEU C 29 -63.06 7.86 -19.41
CA LEU C 29 -64.01 6.99 -18.69
C LEU C 29 -64.49 7.62 -17.36
N GLY C 30 -64.19 8.92 -17.17
CA GLY C 30 -64.73 9.72 -16.07
C GLY C 30 -63.70 10.19 -15.04
N ALA C 31 -62.49 9.60 -15.00
CA ALA C 31 -61.51 9.95 -13.98
C ALA C 31 -61.13 11.41 -14.05
N ASP C 32 -60.72 11.93 -12.88
CA ASP C 32 -60.37 13.33 -12.68
C ASP C 32 -58.86 13.43 -12.78
N VAL C 33 -58.39 13.95 -13.92
CA VAL C 33 -57.00 13.76 -14.28
C VAL C 33 -56.29 15.11 -14.28
N VAL C 34 -55.28 15.17 -13.40
CA VAL C 34 -54.44 16.35 -13.34
C VAL C 34 -53.01 16.02 -13.77
N ARG C 35 -52.59 16.79 -14.77
CA ARG C 35 -51.30 16.57 -15.42
C ARG C 35 -50.38 17.72 -15.07
N ILE C 36 -49.27 17.35 -14.44
CA ILE C 36 -48.22 18.29 -14.09
C ILE C 36 -47.16 18.31 -15.20
N ASP C 37 -47.11 19.43 -15.93
CA ASP C 37 -46.09 19.71 -16.94
C ASP C 37 -45.16 20.84 -16.50
N ARG C 38 -44.01 20.99 -17.17
CA ARG C 38 -43.06 22.05 -16.91
C ARG C 38 -43.55 23.39 -17.45
N PRO C 39 -43.18 24.51 -16.77
CA PRO C 39 -43.51 25.84 -17.29
C PRO C 39 -42.89 26.01 -18.67
N SER C 40 -41.71 25.41 -18.88
CA SER C 40 -40.94 25.58 -20.10
C SER C 40 -41.70 25.08 -21.33
N SER C 41 -42.65 24.14 -21.14
CA SER C 41 -43.30 23.47 -22.26
C SER C 41 -44.58 24.17 -22.73
N VAL C 42 -45.49 24.54 -21.81
CA VAL C 42 -46.86 24.86 -22.18
C VAL C 42 -46.96 26.31 -22.69
N ASP C 43 -47.53 26.49 -23.90
CA ASP C 43 -47.76 27.80 -24.49
C ASP C 43 -49.18 27.88 -25.06
N GLY C 44 -50.14 28.12 -24.17
CA GLY C 44 -51.56 28.14 -24.51
C GLY C 44 -52.20 26.77 -24.32
N ILE C 45 -53.37 26.61 -24.96
CA ILE C 45 -54.08 25.33 -25.00
C ILE C 45 -53.27 24.39 -25.90
N SER C 46 -53.00 23.16 -25.44
CA SER C 46 -52.31 22.18 -26.28
C SER C 46 -53.19 21.84 -27.48
N ARG C 47 -52.56 21.63 -28.63
CA ARG C 47 -53.29 21.18 -29.79
C ARG C 47 -53.06 19.68 -29.99
N ASP C 48 -52.61 18.98 -28.94
CA ASP C 48 -52.58 17.52 -28.95
C ASP C 48 -53.91 16.99 -28.38
N ALA C 49 -54.80 16.49 -29.26
CA ALA C 49 -56.07 15.93 -28.82
C ALA C 49 -55.87 14.76 -27.83
N MET C 50 -54.66 14.17 -27.76
CA MET C 50 -54.35 13.17 -26.75
C MET C 50 -54.44 13.73 -25.31
N LEU C 51 -54.47 15.06 -25.16
CA LEU C 51 -54.50 15.69 -23.83
C LEU C 51 -55.93 16.15 -23.52
N ARG C 52 -56.90 15.50 -24.15
CA ARG C 52 -58.31 15.75 -23.86
C ARG C 52 -58.58 15.23 -22.45
N ASN C 53 -59.68 15.69 -21.82
CA ASN C 53 -60.14 15.17 -20.53
C ASN C 53 -59.08 15.31 -19.43
N ARG C 54 -58.54 16.54 -19.34
CA ARG C 54 -57.32 16.83 -18.59
C ARG C 54 -57.49 18.16 -17.84
N ARG C 55 -56.92 18.26 -16.64
CA ARG C 55 -56.49 19.57 -16.15
C ARG C 55 -54.95 19.61 -16.18
N ILE C 56 -54.44 20.64 -16.89
CA ILE C 56 -53.01 20.84 -17.09
C ILE C 56 -52.53 21.89 -16.09
N VAL C 57 -51.67 21.50 -15.14
CA VAL C 57 -51.01 22.47 -14.27
C VAL C 57 -49.51 22.45 -14.53
N THR C 58 -48.93 23.66 -14.51
CA THR C 58 -47.50 23.92 -14.63
C THR C 58 -46.83 23.90 -13.26
N ALA C 59 -45.57 23.47 -13.22
CA ALA C 59 -44.83 23.36 -11.97
C ALA C 59 -43.43 22.84 -12.25
N ASP C 60 -42.43 23.60 -11.79
CA ASP C 60 -41.04 23.16 -11.76
C ASP C 60 -40.85 22.24 -10.55
N LEU C 61 -40.70 20.94 -10.81
CA LEU C 61 -40.55 19.93 -9.77
C LEU C 61 -39.14 19.89 -9.20
N LYS C 62 -38.25 20.74 -9.72
CA LYS C 62 -36.93 20.79 -9.13
C LYS C 62 -36.93 21.82 -8.00
N SER C 63 -37.73 22.89 -8.11
CA SER C 63 -37.86 23.90 -7.06
C SER C 63 -38.66 23.35 -5.87
N ASP C 64 -38.35 23.82 -4.65
CA ASP C 64 -38.86 23.24 -3.42
C ASP C 64 -40.38 23.42 -3.31
N GLN C 65 -40.86 24.55 -3.83
CA GLN C 65 -42.27 24.85 -3.86
C GLN C 65 -42.99 23.84 -4.77
N GLY C 66 -42.61 23.88 -6.06
CA GLY C 66 -43.01 22.90 -7.05
C GLY C 66 -43.17 21.50 -6.47
N LEU C 67 -42.13 20.96 -5.80
CA LEU C 67 -42.17 19.62 -5.23
C LEU C 67 -43.26 19.54 -4.15
N GLU C 68 -43.48 20.67 -3.47
CA GLU C 68 -44.41 20.68 -2.36
C GLU C 68 -45.84 20.70 -2.90
N LEU C 69 -46.17 21.63 -3.83
CA LEU C 69 -47.46 21.67 -4.50
C LEU C 69 -47.82 20.31 -5.12
N ALA C 70 -46.83 19.61 -5.68
CA ALA C 70 -47.05 18.30 -6.28
C ALA C 70 -47.36 17.26 -5.22
N LEU C 71 -46.60 17.27 -4.11
CA LEU C 71 -46.81 16.30 -3.05
C LEU C 71 -48.18 16.44 -2.37
N LYS C 72 -48.78 17.63 -2.46
CA LYS C 72 -50.10 17.86 -1.89
C LYS C 72 -51.20 17.31 -2.79
N LEU C 73 -51.10 17.51 -4.12
CA LEU C 73 -51.97 16.85 -5.10
C LEU C 73 -51.96 15.34 -4.87
N ILE C 74 -50.76 14.78 -4.73
CA ILE C 74 -50.60 13.33 -4.70
C ILE C 74 -51.24 12.76 -3.44
N ALA C 75 -51.43 13.61 -2.42
CA ALA C 75 -51.98 13.16 -1.14
C ALA C 75 -53.50 13.04 -1.22
N LYS C 76 -54.12 13.92 -2.01
CA LYS C 76 -55.54 13.95 -2.32
C LYS C 76 -55.94 13.05 -3.49
N ALA C 77 -55.10 12.07 -3.90
CA ALA C 77 -55.31 11.39 -5.17
C ALA C 77 -55.16 9.88 -5.05
N ASP C 78 -55.76 9.14 -6.00
CA ASP C 78 -55.76 7.68 -5.96
C ASP C 78 -54.61 7.06 -6.74
N VAL C 79 -54.21 7.78 -7.80
CA VAL C 79 -53.32 7.21 -8.80
C VAL C 79 -52.30 8.26 -9.24
N LEU C 80 -51.06 7.79 -9.29
CA LEU C 80 -49.97 8.55 -9.89
C LEU C 80 -49.41 7.81 -11.10
N ILE C 81 -49.32 8.53 -12.21
CA ILE C 81 -48.68 7.98 -13.40
C ILE C 81 -47.38 8.73 -13.68
N GLU C 82 -46.29 7.96 -13.80
CA GLU C 82 -45.04 8.50 -14.30
C GLU C 82 -44.43 7.56 -15.34
N GLY C 83 -43.89 8.15 -16.43
CA GLY C 83 -43.19 7.38 -17.45
C GLY C 83 -41.78 7.89 -17.77
N TYR C 84 -41.01 8.22 -16.73
CA TYR C 84 -39.64 8.66 -16.87
C TYR C 84 -38.76 7.43 -16.69
N ARG C 85 -37.45 7.59 -16.98
CA ARG C 85 -36.52 6.51 -16.70
C ARG C 85 -36.56 6.22 -15.20
N PRO C 86 -36.25 5.00 -14.75
CA PRO C 86 -36.19 4.66 -13.34
C PRO C 86 -35.16 5.57 -12.65
N GLY C 87 -35.54 6.17 -11.50
CA GLY C 87 -34.70 7.05 -10.71
C GLY C 87 -35.25 8.46 -10.75
N VAL C 88 -35.93 8.78 -11.83
CA VAL C 88 -36.21 10.18 -12.04
C VAL C 88 -37.18 10.70 -10.99
N THR C 89 -38.12 9.87 -10.53
CA THR C 89 -39.09 10.40 -9.58
C THR C 89 -38.45 10.44 -8.20
N GLU C 90 -37.73 9.38 -7.83
CA GLU C 90 -36.97 9.31 -6.61
C GLU C 90 -36.27 10.67 -6.39
N ARG C 91 -35.45 11.05 -7.38
CA ARG C 91 -34.54 12.15 -7.19
C ARG C 91 -35.35 13.43 -7.17
N LEU C 92 -36.50 13.47 -7.83
CA LEU C 92 -37.31 14.66 -7.66
C LEU C 92 -37.83 14.76 -6.22
N GLY C 93 -37.77 13.65 -5.47
CA GLY C 93 -38.49 13.50 -4.21
C GLY C 93 -39.98 13.18 -4.40
N LEU C 94 -40.28 12.34 -5.42
CA LEU C 94 -41.63 12.00 -5.82
C LEU C 94 -41.70 10.51 -6.11
N GLY C 95 -40.79 9.74 -5.53
CA GLY C 95 -40.73 8.30 -5.72
C GLY C 95 -41.80 7.58 -4.91
N PRO C 96 -41.86 6.23 -4.94
CA PRO C 96 -42.88 5.48 -4.20
C PRO C 96 -42.93 5.92 -2.73
N GLU C 97 -41.78 5.80 -2.06
CA GLU C 97 -41.68 5.90 -0.60
C GLU C 97 -41.99 7.31 -0.12
N GLU C 98 -41.47 8.33 -0.78
CA GLU C 98 -41.90 9.69 -0.46
C GLU C 98 -43.41 9.86 -0.68
N CYS C 99 -43.98 9.14 -1.65
CA CYS C 99 -45.39 9.29 -1.97
C CYS C 99 -46.23 8.52 -0.95
N ALA C 100 -45.75 7.33 -0.56
CA ALA C 100 -46.38 6.52 0.46
C ALA C 100 -46.51 7.31 1.77
N LYS C 101 -45.47 8.05 2.14
CA LYS C 101 -45.48 8.85 3.35
C LYS C 101 -46.67 9.81 3.37
N VAL C 102 -47.09 10.40 2.25
CA VAL C 102 -48.21 11.35 2.29
C VAL C 102 -49.52 10.69 1.85
N ASN C 103 -49.56 9.37 1.60
CA ASN C 103 -50.74 8.73 1.02
C ASN C 103 -50.44 7.28 0.71
N ASP C 104 -50.65 6.38 1.69
CA ASP C 104 -50.28 4.98 1.52
C ASP C 104 -51.41 4.21 0.84
N ARG C 105 -52.43 4.91 0.35
CA ARG C 105 -53.46 4.23 -0.43
C ARG C 105 -53.07 4.23 -1.92
N LEU C 106 -52.04 5.03 -2.28
CA LEU C 106 -51.77 5.43 -3.65
C LEU C 106 -51.45 4.23 -4.54
N ILE C 107 -52.07 4.25 -5.74
CA ILE C 107 -51.59 3.40 -6.83
C ILE C 107 -50.52 4.17 -7.60
N TYR C 108 -49.29 3.63 -7.48
CA TYR C 108 -48.08 4.24 -8.01
C TYR C 108 -47.73 3.56 -9.34
N ALA C 109 -48.07 4.23 -10.46
CA ALA C 109 -47.99 3.58 -11.77
C ALA C 109 -46.76 4.05 -12.56
N ARG C 110 -45.88 3.09 -12.85
CA ARG C 110 -44.59 3.31 -13.49
C ARG C 110 -44.54 2.71 -14.92
N MET C 111 -44.49 3.60 -15.89
CA MET C 111 -44.60 3.23 -17.31
C MET C 111 -43.23 3.36 -17.98
N THR C 112 -42.60 2.23 -18.27
CA THR C 112 -41.33 2.20 -18.97
C THR C 112 -41.35 1.20 -20.13
N GLY C 113 -40.25 1.22 -20.90
CA GLY C 113 -40.03 0.27 -21.96
C GLY C 113 -39.37 -0.98 -21.44
N TRP C 114 -38.24 -0.77 -20.75
CA TRP C 114 -37.36 -1.88 -20.43
C TRP C 114 -37.60 -2.43 -19.03
N GLY C 115 -38.43 -1.75 -18.23
CA GLY C 115 -38.68 -2.16 -16.85
C GLY C 115 -37.83 -1.37 -15.83
N GLN C 116 -37.88 -1.77 -14.55
CA GLN C 116 -37.38 -0.89 -13.50
C GLN C 116 -35.91 -1.19 -13.22
N THR C 117 -35.47 -2.39 -13.61
CA THR C 117 -34.12 -2.82 -13.44
C THR C 117 -33.65 -3.61 -14.65
N GLY C 118 -32.37 -4.00 -14.64
CA GLY C 118 -31.76 -4.88 -15.62
C GLY C 118 -30.89 -4.05 -16.57
N PRO C 119 -30.11 -4.70 -17.44
CA PRO C 119 -29.10 -4.02 -18.25
C PRO C 119 -29.52 -2.87 -19.19
N ARG C 120 -30.79 -2.91 -19.67
CA ARG C 120 -31.29 -1.92 -20.63
C ARG C 120 -32.08 -0.85 -19.92
N SER C 121 -32.16 -0.94 -18.58
CA SER C 121 -33.13 -0.14 -17.84
C SER C 121 -32.85 1.34 -17.98
N GLN C 122 -31.64 1.78 -18.36
CA GLN C 122 -31.46 3.22 -18.52
C GLN C 122 -31.26 3.63 -20.00
N GLN C 123 -31.33 2.67 -20.93
CA GLN C 123 -31.30 2.97 -22.36
C GLN C 123 -32.54 3.72 -22.83
N ALA C 124 -32.35 4.86 -23.50
CA ALA C 124 -33.42 5.49 -24.23
C ALA C 124 -33.96 4.48 -25.25
N GLY C 125 -35.24 4.68 -25.61
CA GLY C 125 -35.90 3.79 -26.54
C GLY C 125 -37.24 4.32 -26.96
N HIS C 126 -37.72 3.76 -28.06
CA HIS C 126 -39.09 3.98 -28.53
C HIS C 126 -39.70 2.61 -28.83
N ASP C 127 -40.98 2.64 -29.20
CA ASP C 127 -41.76 1.45 -29.51
C ASP C 127 -40.95 0.43 -30.32
N ILE C 128 -40.33 0.88 -31.42
CA ILE C 128 -39.66 -0.06 -32.32
C ILE C 128 -38.56 -0.85 -31.63
N ASN C 129 -37.91 -0.25 -30.62
CA ASN C 129 -36.82 -0.87 -29.89
C ASN C 129 -37.39 -1.98 -28.99
N TYR C 130 -38.48 -1.66 -28.28
CA TYR C 130 -39.02 -2.57 -27.28
C TYR C 130 -39.56 -3.83 -27.96
N ILE C 131 -40.17 -3.66 -29.14
CA ILE C 131 -40.70 -4.81 -29.87
C ILE C 131 -39.64 -5.55 -30.69
N SER C 132 -38.42 -5.00 -30.81
CA SER C 132 -37.39 -5.73 -31.53
C SER C 132 -36.79 -6.84 -30.69
N LEU C 133 -36.73 -6.63 -29.38
CA LEU C 133 -35.98 -7.50 -28.48
C LEU C 133 -36.78 -8.74 -28.10
N ASN C 134 -38.10 -8.72 -28.33
CA ASN C 134 -38.91 -9.80 -27.77
C ASN C 134 -39.56 -10.61 -28.88
N GLY C 135 -39.10 -10.42 -30.14
CA GLY C 135 -39.49 -11.28 -31.24
C GLY C 135 -40.63 -10.72 -32.11
N ILE C 136 -41.30 -9.68 -31.62
CA ILE C 136 -42.47 -9.17 -32.30
C ILE C 136 -42.14 -8.54 -33.65
N LEU C 137 -41.18 -7.61 -33.67
CA LEU C 137 -40.91 -6.83 -34.87
C LEU C 137 -40.49 -7.77 -35.98
N HIS C 138 -39.72 -8.78 -35.63
CA HIS C 138 -39.17 -9.67 -36.61
C HIS C 138 -40.26 -10.41 -37.39
N ALA C 139 -41.44 -10.61 -36.75
CA ALA C 139 -42.54 -11.39 -37.29
C ALA C 139 -43.42 -10.57 -38.22
N ILE C 140 -43.19 -9.26 -38.36
CA ILE C 140 -44.10 -8.38 -39.07
C ILE C 140 -43.52 -7.94 -40.41
N GLY C 141 -44.27 -8.17 -41.50
CA GLY C 141 -43.93 -7.71 -42.83
C GLY C 141 -43.89 -8.87 -43.84
N ARG C 142 -43.54 -8.56 -45.07
CA ARG C 142 -43.35 -9.60 -46.08
C ARG C 142 -42.01 -10.30 -45.87
N GLY C 143 -41.93 -11.53 -46.38
CA GLY C 143 -40.78 -12.38 -46.11
C GLY C 143 -39.54 -11.92 -46.87
N ASP C 144 -39.74 -11.20 -47.97
CA ASP C 144 -38.65 -10.86 -48.88
C ASP C 144 -38.20 -9.43 -48.60
N GLU C 145 -38.57 -8.89 -47.44
CA GLU C 145 -38.21 -7.54 -47.10
C GLU C 145 -37.88 -7.43 -45.61
N ARG C 146 -37.26 -6.33 -45.26
CA ARG C 146 -36.93 -6.09 -43.87
C ARG C 146 -38.20 -5.79 -43.05
N PRO C 147 -38.20 -6.06 -41.74
CA PRO C 147 -39.43 -5.98 -40.95
C PRO C 147 -39.93 -4.55 -40.91
N VAL C 148 -41.25 -4.40 -40.85
CA VAL C 148 -41.80 -3.07 -40.88
C VAL C 148 -42.48 -2.75 -39.55
N PRO C 149 -42.31 -1.53 -39.03
CA PRO C 149 -42.93 -1.19 -37.76
C PRO C 149 -44.44 -1.06 -37.95
N PRO C 150 -45.23 -1.68 -37.06
CA PRO C 150 -46.67 -1.51 -37.03
C PRO C 150 -47.04 -0.23 -36.29
N LEU C 151 -46.70 0.87 -36.93
CA LEU C 151 -46.61 2.17 -36.30
C LEU C 151 -46.06 1.95 -34.88
N ASN C 152 -46.61 2.66 -33.90
CA ASN C 152 -46.22 2.46 -32.52
C ASN C 152 -47.40 1.88 -31.73
N LEU C 153 -48.18 0.99 -32.37
CA LEU C 153 -49.40 0.48 -31.76
C LEU C 153 -49.14 -0.64 -30.75
N VAL C 154 -48.05 -1.39 -30.94
CA VAL C 154 -47.89 -2.65 -30.26
C VAL C 154 -47.07 -2.49 -28.98
N GLY C 155 -46.06 -1.61 -28.98
CA GLY C 155 -45.26 -1.43 -27.77
C GLY C 155 -45.80 -0.31 -26.89
N ASP C 156 -45.96 0.88 -27.46
CA ASP C 156 -46.54 1.98 -26.72
C ASP C 156 -47.94 1.67 -26.21
N PHE C 157 -48.86 1.30 -27.11
CA PHE C 157 -50.28 1.38 -26.74
C PHE C 157 -50.75 0.00 -26.32
N GLY C 158 -50.75 -0.95 -27.25
CA GLY C 158 -51.23 -2.27 -26.96
C GLY C 158 -50.52 -2.93 -25.79
N GLY C 159 -49.19 -2.87 -25.79
CA GLY C 159 -48.40 -3.59 -24.82
C GLY C 159 -47.88 -2.66 -23.72
N GLY C 160 -48.34 -1.42 -23.73
CA GLY C 160 -47.78 -0.37 -22.89
C GLY C 160 -48.84 0.29 -22.04
N SER C 161 -49.46 1.37 -22.55
CA SER C 161 -50.54 2.07 -21.87
C SER C 161 -51.63 1.10 -21.42
N MET C 162 -51.99 0.11 -22.24
CA MET C 162 -53.12 -0.75 -21.89
C MET C 162 -52.75 -1.65 -20.71
N PHE C 163 -51.51 -2.15 -20.61
CA PHE C 163 -51.12 -2.94 -19.46
C PHE C 163 -50.97 -2.04 -18.23
N LEU C 164 -50.59 -0.78 -18.42
CA LEU C 164 -50.57 0.14 -17.30
C LEU C 164 -51.98 0.29 -16.73
N LEU C 165 -52.99 0.42 -17.61
CA LEU C 165 -54.39 0.55 -17.22
C LEU C 165 -54.85 -0.73 -16.53
N VAL C 166 -54.60 -1.90 -17.09
CA VAL C 166 -55.01 -3.09 -16.40
C VAL C 166 -54.38 -3.18 -15.00
N GLY C 167 -53.10 -2.78 -14.86
CA GLY C 167 -52.41 -2.82 -13.57
C GLY C 167 -53.01 -1.84 -12.56
N ILE C 168 -53.17 -0.58 -12.94
CA ILE C 168 -53.85 0.39 -12.11
C ILE C 168 -55.17 -0.20 -11.60
N LEU C 169 -56.08 -0.50 -12.54
CA LEU C 169 -57.47 -0.80 -12.21
C LEU C 169 -57.53 -2.08 -11.36
N ALA C 170 -56.62 -3.04 -11.59
CA ALA C 170 -56.56 -4.29 -10.84
C ALA C 170 -56.06 -4.07 -9.41
N ALA C 171 -55.17 -3.08 -9.24
CA ALA C 171 -54.60 -2.81 -7.94
C ALA C 171 -55.61 -2.02 -7.13
N LEU C 172 -56.41 -1.16 -7.79
CA LEU C 172 -57.60 -0.54 -7.23
C LEU C 172 -58.61 -1.55 -6.70
N TRP C 173 -58.87 -2.63 -7.42
CA TRP C 173 -59.69 -3.71 -6.91
C TRP C 173 -59.04 -4.34 -5.67
N GLU C 174 -57.72 -4.54 -5.71
CA GLU C 174 -57.03 -5.17 -4.60
C GLU C 174 -57.15 -4.29 -3.36
N ARG C 175 -57.07 -2.97 -3.56
CA ARG C 175 -57.11 -1.97 -2.52
C ARG C 175 -58.45 -1.98 -1.78
N GLN C 176 -59.51 -2.43 -2.46
CA GLN C 176 -60.82 -2.56 -1.84
C GLN C 176 -60.69 -3.58 -0.71
N SER C 177 -60.09 -4.74 -0.95
CA SER C 177 -59.81 -5.68 0.12
C SER C 177 -58.92 -5.06 1.19
N SER C 178 -57.69 -4.67 0.83
CA SER C 178 -56.60 -4.53 1.78
C SER C 178 -56.39 -3.10 2.32
N GLY C 179 -57.09 -2.10 1.79
CA GLY C 179 -56.94 -0.71 2.22
C GLY C 179 -55.63 -0.06 1.74
N LYS C 180 -54.75 -0.85 1.09
CA LYS C 180 -53.35 -0.53 0.80
C LYS C 180 -53.06 -0.35 -0.70
N GLY C 181 -52.34 0.74 -1.03
CA GLY C 181 -51.76 0.92 -2.36
C GLY C 181 -50.66 -0.07 -2.71
N GLN C 182 -50.08 0.13 -3.89
CA GLN C 182 -48.83 -0.52 -4.28
C GLN C 182 -48.33 0.13 -5.57
N VAL C 183 -47.21 -0.41 -6.06
CA VAL C 183 -46.59 0.05 -7.29
C VAL C 183 -46.89 -0.94 -8.40
N VAL C 184 -47.25 -0.37 -9.55
CA VAL C 184 -47.42 -1.12 -10.78
C VAL C 184 -46.22 -0.87 -11.71
N ASP C 185 -45.52 -1.95 -12.08
CA ASP C 185 -44.37 -1.91 -12.96
C ASP C 185 -44.81 -2.43 -14.34
N ALA C 186 -45.19 -1.49 -15.22
CA ALA C 186 -45.60 -1.78 -16.58
C ALA C 186 -44.45 -1.47 -17.54
N ALA C 187 -43.79 -2.51 -18.02
CA ALA C 187 -42.79 -2.41 -19.05
C ALA C 187 -43.32 -2.90 -20.42
N MET C 188 -43.11 -2.09 -21.46
CA MET C 188 -43.61 -2.39 -22.79
C MET C 188 -43.07 -3.73 -23.30
N VAL C 189 -41.83 -4.05 -22.95
CA VAL C 189 -41.25 -5.32 -23.35
C VAL C 189 -42.01 -6.52 -22.75
N ASP C 190 -42.64 -6.35 -21.58
CA ASP C 190 -43.42 -7.41 -20.94
C ASP C 190 -44.84 -7.45 -21.52
N GLY C 191 -45.50 -6.29 -21.49
CA GLY C 191 -46.88 -6.15 -21.94
C GLY C 191 -47.04 -6.63 -23.38
N SER C 192 -46.09 -6.25 -24.26
CA SER C 192 -46.19 -6.57 -25.67
C SER C 192 -46.04 -8.08 -25.84
N SER C 193 -45.23 -8.70 -24.97
CA SER C 193 -45.00 -10.14 -24.99
C SER C 193 -46.28 -10.90 -24.59
N VAL C 194 -47.07 -10.36 -23.67
CA VAL C 194 -48.31 -11.00 -23.27
C VAL C 194 -49.35 -10.76 -24.37
N LEU C 195 -49.35 -9.54 -24.93
CA LEU C 195 -50.16 -9.20 -26.08
C LEU C 195 -50.00 -10.23 -27.21
N ILE C 196 -48.78 -10.77 -27.41
CA ILE C 196 -48.49 -11.71 -28.48
C ILE C 196 -48.45 -13.14 -27.94
N GLN C 197 -49.06 -13.42 -26.78
CA GLN C 197 -49.04 -14.77 -26.20
C GLN C 197 -49.57 -15.83 -27.19
N MET C 198 -50.57 -15.50 -27.99
CA MET C 198 -51.09 -16.49 -28.95
C MET C 198 -49.96 -17.11 -29.79
N MET C 199 -49.00 -16.27 -30.23
CA MET C 199 -47.98 -16.75 -31.15
C MET C 199 -47.03 -17.68 -30.42
N TRP C 200 -46.73 -17.35 -29.16
CA TRP C 200 -45.89 -18.21 -28.34
C TRP C 200 -46.56 -19.55 -28.11
N ALA C 201 -47.88 -19.56 -27.87
CA ALA C 201 -48.64 -20.80 -27.80
C ALA C 201 -48.55 -21.59 -29.11
N MET C 202 -48.81 -20.89 -30.22
CA MET C 202 -48.85 -21.54 -31.51
C MET C 202 -47.47 -22.07 -31.91
N ARG C 203 -46.39 -21.48 -31.36
CA ARG C 203 -45.05 -21.92 -31.71
C ARG C 203 -44.78 -23.24 -31.04
N ALA C 204 -45.22 -23.38 -29.78
CA ALA C 204 -45.01 -24.61 -29.02
C ALA C 204 -45.80 -25.77 -29.64
N THR C 205 -46.98 -25.50 -30.21
CA THR C 205 -47.72 -26.59 -30.85
C THR C 205 -47.30 -26.75 -32.31
N GLY C 206 -46.16 -26.16 -32.72
CA GLY C 206 -45.71 -26.30 -34.10
C GLY C 206 -46.63 -25.59 -35.11
N MET C 207 -47.50 -24.68 -34.68
CA MET C 207 -48.35 -24.00 -35.65
C MET C 207 -47.97 -22.53 -35.90
N TRP C 208 -46.71 -22.15 -35.61
CA TRP C 208 -46.21 -20.82 -35.92
C TRP C 208 -44.71 -20.95 -36.08
N THR C 209 -44.15 -20.39 -37.18
CA THR C 209 -42.73 -20.52 -37.50
C THR C 209 -42.07 -19.13 -37.48
N ASP C 210 -40.77 -19.11 -37.19
CA ASP C 210 -40.04 -17.87 -37.04
C ASP C 210 -39.84 -17.23 -38.42
N THR C 211 -40.15 -17.95 -39.51
CA THR C 211 -40.09 -17.42 -40.84
C THR C 211 -41.17 -16.37 -41.09
N ARG C 212 -40.72 -15.20 -41.52
CA ARG C 212 -41.60 -14.08 -41.73
C ARG C 212 -42.39 -14.31 -43.01
N GLY C 213 -43.68 -13.97 -42.97
CA GLY C 213 -44.53 -14.06 -44.14
C GLY C 213 -44.94 -15.50 -44.47
N ALA C 214 -44.85 -16.43 -43.52
CA ALA C 214 -45.17 -17.82 -43.81
C ALA C 214 -46.15 -18.42 -42.79
N ASN C 215 -47.04 -17.61 -42.21
CA ASN C 215 -47.92 -18.11 -41.17
C ASN C 215 -49.36 -17.74 -41.51
N MET C 216 -50.28 -18.19 -40.64
CA MET C 216 -51.69 -18.01 -40.91
C MET C 216 -52.06 -16.54 -40.78
N LEU C 217 -51.38 -15.81 -39.90
CA LEU C 217 -51.84 -14.49 -39.52
C LEU C 217 -50.86 -13.35 -39.84
N ASP C 218 -49.78 -13.60 -40.58
CA ASP C 218 -48.79 -12.58 -40.82
C ASP C 218 -48.87 -12.04 -42.25
N GLY C 219 -49.81 -12.60 -43.01
CA GLY C 219 -49.98 -12.23 -44.41
C GLY C 219 -49.59 -13.36 -45.33
N GLY C 220 -49.00 -14.43 -44.77
CA GLY C 220 -48.61 -15.63 -45.51
C GLY C 220 -49.79 -16.42 -46.11
N ALA C 221 -50.93 -16.44 -45.41
CA ALA C 221 -52.09 -17.21 -45.85
C ALA C 221 -52.87 -16.41 -46.90
N PRO C 222 -53.14 -16.99 -48.08
CA PRO C 222 -53.88 -16.27 -49.11
C PRO C 222 -55.27 -15.80 -48.64
N TYR C 223 -55.81 -16.49 -47.64
CA TYR C 223 -57.14 -16.17 -47.13
C TYR C 223 -57.07 -15.22 -45.93
N TYR C 224 -55.87 -14.75 -45.54
CA TYR C 224 -55.72 -13.72 -44.52
C TYR C 224 -54.70 -12.69 -44.98
N ASP C 225 -55.14 -11.69 -45.74
CA ASP C 225 -54.22 -10.78 -46.41
C ASP C 225 -55.01 -9.71 -47.12
N THR C 226 -54.31 -8.69 -47.62
CA THR C 226 -54.94 -7.69 -48.46
C THR C 226 -54.76 -8.08 -49.92
N TYR C 227 -55.65 -7.56 -50.77
CA TYR C 227 -55.56 -7.73 -52.22
C TYR C 227 -55.81 -6.39 -52.88
N GLU C 228 -55.04 -6.11 -53.94
CA GLU C 228 -55.26 -4.93 -54.75
C GLU C 228 -56.42 -5.17 -55.71
N CYS C 229 -57.31 -4.17 -55.81
CA CYS C 229 -58.49 -4.19 -56.66
C CYS C 229 -58.22 -3.44 -57.96
N ALA C 230 -59.22 -3.39 -58.86
CA ALA C 230 -59.02 -2.91 -60.21
C ALA C 230 -58.64 -1.45 -60.16
N ASP C 231 -59.14 -0.76 -59.12
CA ASP C 231 -58.98 0.68 -58.99
C ASP C 231 -57.69 1.02 -58.24
N GLY C 232 -56.86 0.04 -57.89
CA GLY C 232 -55.67 0.36 -57.10
C GLY C 232 -55.91 0.48 -55.59
N ARG C 233 -57.17 0.37 -55.13
CA ARG C 233 -57.50 0.31 -53.72
C ARG C 233 -57.49 -1.15 -53.25
N TYR C 234 -57.71 -1.36 -51.95
CA TYR C 234 -57.49 -2.68 -51.37
C TYR C 234 -58.74 -3.18 -50.65
N VAL C 235 -58.87 -4.50 -50.61
CA VAL C 235 -59.73 -5.17 -49.66
C VAL C 235 -58.88 -6.06 -48.77
N ALA C 236 -59.49 -6.40 -47.64
CA ALA C 236 -58.93 -7.31 -46.66
C ALA C 236 -59.77 -8.56 -46.65
N VAL C 237 -59.07 -9.71 -46.67
CA VAL C 237 -59.68 -11.01 -46.57
C VAL C 237 -59.19 -11.65 -45.30
N GLY C 238 -60.16 -12.12 -44.48
CA GLY C 238 -59.89 -12.75 -43.20
C GLY C 238 -60.62 -14.08 -43.01
N ALA C 239 -60.83 -14.80 -44.10
CA ALA C 239 -61.72 -15.97 -44.10
C ALA C 239 -61.01 -17.23 -43.64
N ILE C 240 -60.73 -17.30 -42.35
CA ILE C 240 -60.03 -18.45 -41.79
C ILE C 240 -60.88 -19.72 -41.79
N GLU C 241 -62.13 -19.57 -41.31
CA GLU C 241 -63.04 -20.69 -41.15
C GLU C 241 -63.43 -21.21 -42.53
N PRO C 242 -63.42 -22.53 -42.75
CA PRO C 242 -63.67 -23.05 -44.11
C PRO C 242 -65.01 -22.64 -44.72
N GLN C 243 -66.08 -22.49 -43.92
CA GLN C 243 -67.36 -22.07 -44.49
C GLN C 243 -67.24 -20.66 -45.04
N PHE C 244 -66.59 -19.80 -44.25
CA PHE C 244 -66.41 -18.40 -44.63
C PHE C 244 -65.60 -18.31 -45.92
N TYR C 245 -64.49 -19.06 -45.95
CA TYR C 245 -63.61 -19.11 -47.10
C TYR C 245 -64.40 -19.57 -48.36
N ALA C 246 -65.23 -20.60 -48.21
CA ALA C 246 -66.00 -21.13 -49.33
C ALA C 246 -66.92 -20.05 -49.86
N ALA C 247 -67.55 -19.25 -48.97
CA ALA C 247 -68.43 -18.18 -49.41
C ALA C 247 -67.66 -17.09 -50.14
N MET C 248 -66.45 -16.83 -49.64
CA MET C 248 -65.56 -15.88 -50.32
C MET C 248 -65.26 -16.34 -51.75
N LEU C 249 -64.85 -17.60 -51.93
CA LEU C 249 -64.56 -18.10 -53.27
C LEU C 249 -65.78 -17.94 -54.20
N ALA C 250 -67.00 -18.33 -53.74
CA ALA C 250 -68.17 -18.25 -54.62
C ALA C 250 -68.46 -16.79 -55.01
N GLY C 251 -68.25 -15.86 -54.08
CA GLY C 251 -68.46 -14.46 -54.38
C GLY C 251 -67.47 -13.92 -55.41
N LEU C 252 -66.28 -14.51 -55.46
CA LEU C 252 -65.27 -14.14 -56.45
C LEU C 252 -65.58 -14.76 -57.82
N GLY C 253 -66.49 -15.72 -57.89
CA GLY C 253 -66.79 -16.41 -59.14
C GLY C 253 -65.86 -17.59 -59.37
N LEU C 254 -65.21 -18.09 -58.32
CA LEU C 254 -64.28 -19.19 -58.42
C LEU C 254 -64.94 -20.47 -57.95
N ASP C 255 -64.67 -21.54 -58.70
CA ASP C 255 -65.16 -22.86 -58.33
C ASP C 255 -64.10 -23.50 -57.44
N ALA C 256 -64.46 -23.76 -56.18
CA ALA C 256 -63.51 -24.39 -55.26
C ALA C 256 -62.93 -25.68 -55.81
N ALA C 257 -63.64 -26.40 -56.68
CA ALA C 257 -63.15 -27.70 -57.16
C ALA C 257 -61.96 -27.53 -58.10
N GLU C 258 -61.69 -26.31 -58.58
CA GLU C 258 -60.55 -26.04 -59.43
C GLU C 258 -59.37 -25.43 -58.66
N LEU C 259 -59.45 -25.32 -57.34
CA LEU C 259 -58.38 -24.61 -56.64
C LEU C 259 -57.65 -25.60 -55.76
N PRO C 260 -56.42 -25.27 -55.33
CA PRO C 260 -55.76 -26.04 -54.31
C PRO C 260 -56.55 -25.94 -53.01
N PRO C 261 -56.32 -26.89 -52.09
CA PRO C 261 -56.92 -26.84 -50.76
C PRO C 261 -56.58 -25.53 -50.03
N GLN C 262 -57.52 -25.03 -49.21
CA GLN C 262 -57.33 -23.80 -48.47
C GLN C 262 -56.02 -23.78 -47.70
N ASN C 263 -55.70 -24.93 -47.07
CA ASN C 263 -54.59 -25.04 -46.17
C ASN C 263 -53.51 -26.01 -46.66
N ASP C 264 -53.36 -26.15 -47.97
CA ASP C 264 -52.15 -26.76 -48.49
C ASP C 264 -51.10 -25.66 -48.71
N ARG C 265 -50.19 -25.52 -47.74
CA ARG C 265 -49.29 -24.38 -47.70
C ARG C 265 -48.31 -24.43 -48.86
N ALA C 266 -47.96 -25.64 -49.31
CA ALA C 266 -47.07 -25.79 -50.44
C ALA C 266 -47.67 -25.09 -51.67
N ARG C 267 -49.00 -24.95 -51.74
CA ARG C 267 -49.65 -24.45 -52.95
C ARG C 267 -50.22 -23.05 -52.75
N TRP C 268 -49.86 -22.44 -51.62
CA TRP C 268 -50.34 -21.10 -51.34
C TRP C 268 -49.97 -20.11 -52.43
N PRO C 269 -48.76 -20.15 -53.02
CA PRO C 269 -48.44 -19.20 -54.08
C PRO C 269 -49.40 -19.33 -55.26
N GLU C 270 -49.68 -20.57 -55.62
CA GLU C 270 -50.61 -20.90 -56.69
C GLU C 270 -51.99 -20.34 -56.36
N LEU C 271 -52.46 -20.59 -55.13
CA LEU C 271 -53.78 -20.15 -54.69
C LEU C 271 -53.84 -18.62 -54.69
N ARG C 272 -52.81 -17.97 -54.14
CA ARG C 272 -52.75 -16.51 -54.08
C ARG C 272 -52.83 -15.90 -55.48
N ALA C 273 -52.16 -16.52 -56.47
CA ALA C 273 -52.22 -16.03 -57.84
C ALA C 273 -53.65 -16.00 -58.37
N LEU C 274 -54.44 -17.02 -58.05
CA LEU C 274 -55.82 -17.08 -58.55
C LEU C 274 -56.70 -16.04 -57.86
N LEU C 275 -56.52 -15.89 -56.54
CA LEU C 275 -57.26 -14.89 -55.78
C LEU C 275 -56.82 -13.50 -56.20
N THR C 276 -55.51 -13.30 -56.47
CA THR C 276 -55.06 -11.99 -56.92
C THR C 276 -55.79 -11.59 -58.21
N GLU C 277 -55.87 -12.53 -59.17
CA GLU C 277 -56.48 -12.21 -60.45
C GLU C 277 -57.98 -11.93 -60.28
N ALA C 278 -58.67 -12.71 -59.44
CA ALA C 278 -60.09 -12.47 -59.20
C ALA C 278 -60.31 -11.10 -58.55
N PHE C 279 -59.62 -10.78 -57.44
CA PHE C 279 -59.84 -9.47 -56.80
C PHE C 279 -59.49 -8.31 -57.73
N ALA C 280 -58.48 -8.50 -58.60
CA ALA C 280 -58.05 -7.38 -59.44
C ALA C 280 -59.08 -7.09 -60.56
N SER C 281 -60.09 -7.94 -60.76
CA SER C 281 -61.01 -7.75 -61.90
C SER C 281 -62.10 -6.72 -61.60
N HIS C 282 -62.26 -6.32 -60.33
CA HIS C 282 -63.26 -5.32 -59.98
C HIS C 282 -62.68 -4.36 -58.93
N ASP C 283 -63.36 -3.22 -58.73
CA ASP C 283 -62.93 -2.18 -57.79
C ASP C 283 -63.36 -2.53 -56.37
N ARG C 284 -62.85 -1.78 -55.40
CA ARG C 284 -63.01 -2.13 -54.00
C ARG C 284 -64.48 -2.05 -53.61
N ASP C 285 -65.15 -1.00 -54.07
CA ASP C 285 -66.54 -0.76 -53.75
C ASP C 285 -67.45 -1.85 -54.32
N HIS C 286 -67.05 -2.43 -55.45
CA HIS C 286 -67.77 -3.59 -55.96
C HIS C 286 -67.71 -4.72 -54.96
N TRP C 287 -66.50 -5.02 -54.46
CA TRP C 287 -66.36 -6.09 -53.49
C TRP C 287 -67.11 -5.77 -52.20
N GLY C 288 -67.11 -4.48 -51.80
CA GLY C 288 -67.89 -4.04 -50.65
C GLY C 288 -69.38 -4.40 -50.76
N ALA C 289 -69.98 -4.07 -51.90
CA ALA C 289 -71.38 -4.38 -52.18
C ALA C 289 -71.62 -5.89 -52.26
N VAL C 290 -70.88 -6.60 -53.12
CA VAL C 290 -70.99 -8.03 -53.28
C VAL C 290 -71.01 -8.76 -51.93
N PHE C 291 -70.17 -8.35 -50.97
CA PHE C 291 -70.00 -9.12 -49.74
C PHE C 291 -70.70 -8.49 -48.54
N ALA C 292 -71.46 -7.40 -48.75
CA ALA C 292 -72.26 -6.84 -47.67
C ALA C 292 -73.23 -7.92 -47.20
N ASN C 293 -73.32 -8.04 -45.88
CA ASN C 293 -74.21 -8.95 -45.18
C ASN C 293 -73.75 -10.39 -45.27
N SER C 294 -72.56 -10.62 -45.84
CA SER C 294 -72.05 -11.98 -45.94
C SER C 294 -71.05 -12.27 -44.83
N ASP C 295 -70.78 -13.57 -44.71
CA ASP C 295 -69.77 -14.10 -43.81
C ASP C 295 -68.44 -14.36 -44.53
N ALA C 296 -68.21 -13.74 -45.69
CA ALA C 296 -67.03 -14.08 -46.46
C ALA C 296 -65.74 -13.46 -45.88
N CYS C 297 -65.90 -12.54 -44.91
CA CYS C 297 -64.81 -11.84 -44.22
C CYS C 297 -63.98 -11.04 -45.22
N VAL C 298 -64.68 -10.27 -46.05
CA VAL C 298 -64.04 -9.38 -46.99
C VAL C 298 -64.55 -7.98 -46.68
N THR C 299 -63.59 -7.06 -46.53
CA THR C 299 -63.91 -5.70 -46.13
C THR C 299 -63.05 -4.74 -46.93
N PRO C 300 -63.57 -3.52 -47.19
CA PRO C 300 -62.79 -2.47 -47.82
C PRO C 300 -61.73 -1.97 -46.86
N VAL C 301 -60.51 -1.75 -47.39
CA VAL C 301 -59.42 -1.20 -46.60
C VAL C 301 -59.51 0.31 -46.77
N LEU C 302 -60.12 0.97 -45.79
CA LEU C 302 -60.32 2.41 -45.88
C LEU C 302 -59.10 3.15 -45.32
N ALA C 303 -58.74 4.22 -46.00
CA ALA C 303 -57.82 5.22 -45.46
C ALA C 303 -58.52 6.09 -44.43
N PHE C 304 -57.71 6.71 -43.55
CA PHE C 304 -58.25 7.56 -42.51
C PHE C 304 -59.29 8.52 -43.07
N GLY C 305 -58.95 9.28 -44.12
CA GLY C 305 -59.82 10.33 -44.62
C GLY C 305 -61.19 9.86 -45.15
N GLU C 306 -61.36 8.55 -45.35
CA GLU C 306 -62.60 7.95 -45.87
C GLU C 306 -63.49 7.35 -44.77
N VAL C 307 -62.96 7.21 -43.56
CA VAL C 307 -63.61 6.45 -42.52
C VAL C 307 -64.96 7.08 -42.14
N HIS C 308 -65.02 8.43 -42.16
CA HIS C 308 -66.19 9.22 -41.77
C HIS C 308 -67.37 9.02 -42.70
N ASN C 309 -67.13 8.46 -43.88
CA ASN C 309 -68.17 8.17 -44.85
C ASN C 309 -68.67 6.73 -44.77
N GLU C 310 -68.16 5.92 -43.83
CA GLU C 310 -68.55 4.53 -43.77
C GLU C 310 -69.76 4.37 -42.86
N PRO C 311 -70.91 3.82 -43.36
CA PRO C 311 -72.12 3.66 -42.55
C PRO C 311 -71.96 3.01 -41.19
N HIS C 312 -71.19 1.92 -41.09
CA HIS C 312 -71.09 1.25 -39.81
C HIS C 312 -70.36 2.13 -38.78
N ILE C 313 -69.44 3.00 -39.25
CA ILE C 313 -68.71 3.93 -38.40
C ILE C 313 -69.65 5.07 -37.97
N ILE C 314 -70.38 5.63 -38.93
CA ILE C 314 -71.27 6.75 -38.66
C ILE C 314 -72.32 6.35 -37.63
N GLU C 315 -72.98 5.24 -37.90
CA GLU C 315 -74.19 4.87 -37.18
C GLU C 315 -73.87 4.48 -35.75
N ARG C 316 -72.66 3.98 -35.46
CA ARG C 316 -72.33 3.66 -34.07
C ARG C 316 -71.60 4.79 -33.33
N ASN C 317 -71.42 5.95 -33.95
CA ASN C 317 -70.74 7.06 -33.31
C ASN C 317 -69.38 6.67 -32.74
N THR C 318 -68.59 5.94 -33.54
CA THR C 318 -67.24 5.55 -33.15
C THR C 318 -66.36 6.79 -33.02
N PHE C 319 -66.67 7.83 -33.81
CA PHE C 319 -65.91 9.08 -33.83
C PHE C 319 -66.80 10.29 -33.55
N TYR C 320 -66.17 11.42 -33.17
CA TYR C 320 -66.82 12.73 -32.96
C TYR C 320 -65.94 13.79 -33.63
N GLU C 321 -66.52 14.86 -34.18
CA GLU C 321 -65.73 15.97 -34.71
C GLU C 321 -65.17 16.84 -33.60
N ALA C 322 -63.88 17.18 -33.70
CA ALA C 322 -63.27 18.13 -32.78
C ALA C 322 -62.23 18.94 -33.53
N ASN C 323 -62.32 20.27 -33.44
CA ASN C 323 -61.19 21.11 -33.76
C ASN C 323 -60.58 20.63 -35.08
N GLY C 324 -61.34 20.79 -36.16
CA GLY C 324 -60.93 20.44 -37.52
C GLY C 324 -60.35 19.03 -37.61
N GLY C 325 -61.19 18.01 -37.36
CA GLY C 325 -60.81 16.62 -37.54
C GLY C 325 -61.51 15.69 -36.55
N TRP C 326 -61.82 14.49 -37.03
CA TRP C 326 -62.45 13.46 -36.22
C TRP C 326 -61.46 12.87 -35.23
N GLN C 327 -62.02 12.43 -34.10
CA GLN C 327 -61.30 11.83 -33.00
C GLN C 327 -62.16 10.68 -32.52
N PRO C 328 -61.58 9.57 -32.04
CA PRO C 328 -62.39 8.46 -31.58
C PRO C 328 -63.03 8.73 -30.23
N MET C 329 -64.31 8.35 -30.13
CA MET C 329 -65.04 8.37 -28.88
C MET C 329 -64.43 7.35 -27.94
N PRO C 330 -64.64 7.53 -26.61
CA PRO C 330 -64.14 6.60 -25.63
C PRO C 330 -64.53 5.16 -25.86
N ALA C 331 -63.67 4.25 -25.42
CA ALA C 331 -63.95 2.85 -25.54
C ALA C 331 -63.42 2.22 -24.28
N PRO C 332 -63.99 1.10 -23.81
CA PRO C 332 -65.19 0.48 -24.39
C PRO C 332 -66.42 1.25 -23.94
N ARG C 333 -67.61 0.63 -24.10
CA ARG C 333 -68.85 1.34 -23.79
C ARG C 333 -69.55 0.66 -22.62
N PHE C 334 -70.36 1.47 -21.91
CA PHE C 334 -70.98 1.09 -20.63
C PHE C 334 -72.49 1.31 -20.68
N SER C 335 -73.27 0.30 -20.30
CA SER C 335 -74.73 0.39 -20.38
C SER C 335 -75.30 1.43 -19.40
N ARG C 336 -74.81 1.44 -18.15
CA ARG C 336 -75.39 2.30 -17.12
C ARG C 336 -74.61 3.61 -16.91
N THR C 337 -73.30 3.54 -16.63
CA THR C 337 -72.52 4.76 -16.45
C THR C 337 -71.77 5.09 -17.74
N ALA C 338 -72.45 5.79 -18.66
CA ALA C 338 -71.90 5.99 -19.98
C ALA C 338 -70.92 7.15 -19.95
N SER C 339 -69.86 7.01 -20.75
CA SER C 339 -68.91 8.09 -20.97
C SER C 339 -69.57 9.20 -21.76
N SER C 340 -69.03 10.42 -21.62
CA SER C 340 -69.45 11.54 -22.44
C SER C 340 -68.36 11.89 -23.46
N GLN C 341 -68.75 12.76 -24.39
CA GLN C 341 -67.82 13.27 -25.38
C GLN C 341 -66.63 13.86 -24.64
N PRO C 342 -65.37 13.56 -25.05
CA PRO C 342 -64.20 14.13 -24.38
C PRO C 342 -64.16 15.66 -24.37
N ARG C 343 -63.65 16.25 -23.26
CA ARG C 343 -63.47 17.70 -23.15
C ARG C 343 -62.18 18.07 -23.88
N PRO C 344 -62.13 19.09 -24.77
CA PRO C 344 -60.91 19.44 -25.47
C PRO C 344 -59.83 19.83 -24.44
N PRO C 345 -58.53 19.78 -24.81
CA PRO C 345 -57.48 20.26 -23.90
C PRO C 345 -57.82 21.69 -23.50
N ALA C 346 -57.76 21.93 -22.17
CA ALA C 346 -58.15 23.20 -21.57
C ALA C 346 -56.91 24.11 -21.48
N ALA C 347 -57.14 25.38 -21.11
CA ALA C 347 -56.07 26.30 -20.75
C ALA C 347 -55.47 25.86 -19.41
N THR C 348 -54.22 26.27 -19.18
CA THR C 348 -53.49 25.90 -17.96
C THR C 348 -54.28 26.38 -16.74
N ILE C 349 -54.19 25.60 -15.66
CA ILE C 349 -54.88 25.90 -14.43
C ILE C 349 -53.80 26.13 -13.40
N ASP C 350 -54.11 26.96 -12.39
CA ASP C 350 -53.24 27.15 -11.25
C ASP C 350 -53.34 25.92 -10.32
N ILE C 351 -52.20 25.40 -9.91
CA ILE C 351 -52.16 24.16 -9.14
C ILE C 351 -52.90 24.32 -7.81
N GLU C 352 -52.82 25.52 -7.21
CA GLU C 352 -53.50 25.81 -5.94
C GLU C 352 -55.02 25.69 -6.12
N ALA C 353 -55.54 26.24 -7.23
CA ALA C 353 -56.97 26.20 -7.51
C ALA C 353 -57.49 24.75 -7.55
N VAL C 354 -56.64 23.82 -8.00
CA VAL C 354 -56.98 22.41 -8.01
C VAL C 354 -56.97 21.88 -6.58
N LEU C 355 -56.01 22.36 -5.76
CA LEU C 355 -55.93 21.93 -4.37
C LEU C 355 -57.14 22.42 -3.57
N THR C 356 -57.72 23.56 -3.96
CA THR C 356 -58.97 24.05 -3.39
C THR C 356 -60.09 23.06 -3.73
N ASP C 357 -60.29 22.86 -5.04
CA ASP C 357 -61.29 21.95 -5.61
C ASP C 357 -61.27 20.60 -4.89
N TRP C 358 -60.09 20.03 -4.62
CA TRP C 358 -60.00 18.68 -4.05
C TRP C 358 -60.09 18.67 -2.52
N ASP C 359 -60.59 19.75 -1.91
CA ASP C 359 -60.57 19.94 -0.46
C ASP C 359 -59.15 19.90 0.08
N GLY C 360 -58.99 20.21 1.37
CA GLY C 360 -57.69 20.31 2.00
C GLY C 360 -56.97 21.60 1.64
N MET D 1 -54.76 -18.01 -4.27
CA MET D 1 -54.34 -17.61 -5.65
C MET D 1 -53.58 -16.28 -5.63
N ALA D 2 -52.34 -16.27 -6.15
CA ALA D 2 -51.46 -15.11 -6.10
C ALA D 2 -51.96 -14.01 -7.03
N GLY D 3 -51.93 -12.76 -6.57
CA GLY D 3 -51.99 -11.63 -7.46
C GLY D 3 -53.07 -10.68 -7.05
N PRO D 4 -53.16 -9.49 -7.67
CA PRO D 4 -54.10 -8.47 -7.22
C PRO D 4 -55.58 -8.79 -7.49
N LEU D 5 -55.88 -9.77 -8.35
CA LEU D 5 -57.29 -10.08 -8.62
C LEU D 5 -57.68 -11.36 -7.90
N SER D 6 -56.91 -11.76 -6.88
CA SER D 6 -57.31 -12.83 -5.97
C SER D 6 -58.73 -12.51 -5.46
N GLY D 7 -59.64 -13.48 -5.60
CA GLY D 7 -61.02 -13.33 -5.11
C GLY D 7 -62.04 -12.92 -6.18
N LEU D 8 -61.57 -12.52 -7.37
CA LEU D 8 -62.45 -12.24 -8.49
C LEU D 8 -62.81 -13.56 -9.18
N ARG D 9 -64.12 -13.73 -9.41
CA ARG D 9 -64.66 -14.92 -10.03
C ARG D 9 -65.17 -14.58 -11.43
N VAL D 10 -64.69 -15.38 -12.37
CA VAL D 10 -64.98 -15.05 -13.75
C VAL D 10 -65.55 -16.28 -14.45
N VAL D 11 -66.70 -16.06 -15.09
CA VAL D 11 -67.25 -17.05 -16.01
C VAL D 11 -67.05 -16.60 -17.46
N GLU D 12 -66.40 -17.47 -18.22
CA GLU D 12 -66.03 -17.20 -19.60
C GLU D 12 -66.79 -18.16 -20.51
N LEU D 13 -67.60 -17.64 -21.44
CA LEU D 13 -68.16 -18.54 -22.45
C LEU D 13 -67.18 -18.66 -23.64
N ALA D 14 -66.72 -19.88 -23.90
CA ALA D 14 -65.58 -20.11 -24.74
C ALA D 14 -65.82 -19.58 -26.15
N GLY D 15 -64.91 -18.71 -26.58
CA GLY D 15 -64.88 -18.27 -27.96
C GLY D 15 -63.47 -18.33 -28.51
N ILE D 16 -63.14 -17.35 -29.37
CA ILE D 16 -61.82 -17.33 -29.97
C ILE D 16 -61.31 -15.89 -29.98
N GLY D 17 -59.98 -15.76 -29.90
CA GLY D 17 -59.35 -14.46 -30.02
C GLY D 17 -59.43 -13.65 -28.75
N PRO D 18 -60.08 -12.47 -28.75
CA PRO D 18 -59.98 -11.52 -27.63
C PRO D 18 -60.52 -12.04 -26.30
N GLY D 19 -61.67 -12.73 -26.37
CA GLY D 19 -62.32 -13.26 -25.17
C GLY D 19 -61.39 -14.17 -24.37
N PRO D 20 -60.76 -15.20 -24.93
CA PRO D 20 -59.85 -16.01 -24.13
C PRO D 20 -58.55 -15.31 -23.69
N HIS D 21 -58.13 -14.28 -24.43
CA HIS D 21 -56.96 -13.53 -24.04
C HIS D 21 -57.32 -12.69 -22.80
N ALA D 22 -58.43 -11.97 -22.84
CA ALA D 22 -58.92 -11.26 -21.68
C ALA D 22 -59.01 -12.18 -20.47
N ALA D 23 -59.62 -13.35 -20.64
CA ALA D 23 -59.81 -14.29 -19.54
C ALA D 23 -58.45 -14.74 -19.02
N MET D 24 -57.52 -14.96 -19.94
CA MET D 24 -56.19 -15.40 -19.59
C MET D 24 -55.51 -14.38 -18.68
N ILE D 25 -55.61 -13.09 -19.00
CA ILE D 25 -54.94 -12.09 -18.21
C ILE D 25 -55.62 -11.96 -16.84
N LEU D 26 -56.96 -12.01 -16.76
CA LEU D 26 -57.64 -12.06 -15.46
C LEU D 26 -57.10 -13.19 -14.60
N GLY D 27 -57.05 -14.42 -15.13
CA GLY D 27 -56.47 -15.57 -14.45
C GLY D 27 -55.01 -15.34 -14.05
N ASP D 28 -54.23 -14.80 -15.00
CA ASP D 28 -52.82 -14.50 -14.81
C ASP D 28 -52.63 -13.69 -13.53
N LEU D 29 -53.48 -12.66 -13.31
CA LEU D 29 -53.37 -11.75 -12.17
C LEU D 29 -54.14 -12.20 -10.92
N GLY D 30 -54.44 -13.49 -10.80
CA GLY D 30 -55.06 -14.01 -9.59
C GLY D 30 -56.51 -14.49 -9.72
N ALA D 31 -57.27 -14.01 -10.73
CA ALA D 31 -58.71 -14.28 -10.77
C ALA D 31 -58.98 -15.78 -10.95
N ASP D 32 -60.15 -16.18 -10.39
CA ASP D 32 -60.66 -17.54 -10.51
C ASP D 32 -61.57 -17.58 -11.74
N VAL D 33 -61.07 -18.23 -12.79
CA VAL D 33 -61.71 -18.17 -14.08
C VAL D 33 -62.18 -19.58 -14.41
N VAL D 34 -63.49 -19.66 -14.65
CA VAL D 34 -64.14 -20.87 -15.08
C VAL D 34 -64.64 -20.66 -16.50
N ARG D 35 -64.19 -21.55 -17.37
CA ARG D 35 -64.45 -21.45 -18.79
C ARG D 35 -65.46 -22.53 -19.18
N ILE D 36 -66.66 -22.11 -19.58
CA ILE D 36 -67.62 -23.07 -20.10
C ILE D 36 -67.44 -23.26 -21.62
N ASP D 37 -67.02 -24.46 -21.99
CA ASP D 37 -66.95 -24.88 -23.37
C ASP D 37 -68.07 -25.88 -23.65
N ARG D 38 -68.23 -26.25 -24.94
CA ARG D 38 -69.20 -27.27 -25.29
C ARG D 38 -68.51 -28.64 -25.31
N PRO D 39 -69.23 -29.75 -25.03
CA PRO D 39 -68.63 -31.09 -25.08
C PRO D 39 -67.95 -31.49 -26.38
N SER D 40 -68.48 -30.99 -27.49
CA SER D 40 -67.92 -31.11 -28.84
C SER D 40 -66.41 -30.82 -28.85
N SER D 41 -65.92 -29.90 -27.99
CA SER D 41 -64.51 -29.56 -27.90
C SER D 41 -63.87 -30.08 -26.61
N VAL D 42 -63.76 -31.40 -26.42
CA VAL D 42 -63.27 -31.96 -25.16
C VAL D 42 -62.32 -33.11 -25.48
N ASP D 43 -61.13 -33.10 -24.85
CA ASP D 43 -60.08 -34.00 -25.26
C ASP D 43 -58.99 -34.07 -24.20
N GLY D 44 -59.37 -34.12 -22.92
CA GLY D 44 -58.41 -34.03 -21.84
C GLY D 44 -57.72 -32.66 -21.83
N ILE D 45 -56.41 -32.65 -21.57
CA ILE D 45 -55.69 -31.41 -21.37
C ILE D 45 -55.52 -30.69 -22.71
N SER D 46 -55.88 -29.39 -22.75
CA SER D 46 -55.65 -28.55 -23.93
C SER D 46 -54.16 -28.25 -24.11
N ARG D 47 -53.75 -28.11 -25.38
CA ARG D 47 -52.36 -27.78 -25.71
C ARG D 47 -52.25 -26.32 -26.15
N ASP D 48 -53.30 -25.52 -25.85
CA ASP D 48 -53.31 -24.07 -26.03
C ASP D 48 -52.91 -23.38 -24.72
N ALA D 49 -51.67 -22.88 -24.67
CA ALA D 49 -51.14 -22.20 -23.49
C ALA D 49 -51.93 -20.93 -23.18
N MET D 50 -52.77 -20.45 -24.11
CA MET D 50 -53.66 -19.33 -23.80
C MET D 50 -54.73 -19.72 -22.79
N LEU D 51 -54.98 -21.03 -22.63
CA LEU D 51 -55.98 -21.53 -21.71
C LEU D 51 -55.38 -21.80 -20.33
N ARG D 52 -54.19 -21.26 -20.05
CA ARG D 52 -53.57 -21.34 -18.74
C ARG D 52 -54.42 -20.58 -17.74
N ASN D 53 -54.25 -20.88 -16.44
CA ASN D 53 -54.93 -20.19 -15.35
C ASN D 53 -56.47 -20.27 -15.43
N ARG D 54 -57.00 -21.47 -15.72
CA ARG D 54 -58.44 -21.70 -15.81
C ARG D 54 -58.85 -22.97 -15.08
N ARG D 55 -60.15 -23.08 -14.77
CA ARG D 55 -60.77 -24.40 -14.75
C ARG D 55 -61.75 -24.54 -15.91
N ILE D 56 -61.58 -25.61 -16.70
CA ILE D 56 -62.45 -25.86 -17.85
C ILE D 56 -63.64 -26.75 -17.45
N VAL D 57 -64.88 -26.28 -17.71
CA VAL D 57 -66.07 -27.14 -17.67
C VAL D 57 -66.74 -27.21 -19.04
N THR D 58 -67.49 -28.31 -19.29
CA THR D 58 -68.35 -28.38 -20.46
C THR D 58 -69.83 -28.36 -20.06
N ALA D 59 -70.68 -27.97 -21.02
CA ALA D 59 -72.11 -27.82 -20.85
C ALA D 59 -72.73 -27.54 -22.22
N ASP D 60 -73.80 -28.26 -22.53
CA ASP D 60 -74.59 -27.94 -23.70
C ASP D 60 -75.59 -26.85 -23.29
N LEU D 61 -75.30 -25.61 -23.69
CA LEU D 61 -76.11 -24.47 -23.26
C LEU D 61 -77.45 -24.48 -24.00
N LYS D 62 -77.59 -25.38 -24.98
CA LYS D 62 -78.86 -25.58 -25.66
C LYS D 62 -79.80 -26.44 -24.83
N SER D 63 -79.28 -27.42 -24.08
CA SER D 63 -80.11 -28.21 -23.18
C SER D 63 -80.58 -27.35 -21.99
N ASP D 64 -81.66 -27.80 -21.31
CA ASP D 64 -82.23 -27.04 -20.19
C ASP D 64 -81.30 -27.10 -18.97
N GLN D 65 -80.64 -28.24 -18.81
CA GLN D 65 -79.80 -28.46 -17.64
C GLN D 65 -78.48 -27.70 -17.77
N GLY D 66 -77.81 -27.86 -18.93
CA GLY D 66 -76.69 -27.01 -19.31
C GLY D 66 -76.93 -25.54 -18.97
N LEU D 67 -78.08 -24.99 -19.42
CA LEU D 67 -78.43 -23.61 -19.13
C LEU D 67 -78.60 -23.36 -17.64
N GLU D 68 -79.14 -24.33 -16.90
CA GLU D 68 -79.41 -24.09 -15.49
C GLU D 68 -78.07 -24.02 -14.74
N LEU D 69 -77.19 -25.00 -14.96
CA LEU D 69 -75.88 -25.03 -14.36
C LEU D 69 -75.08 -23.76 -14.68
N ALA D 70 -75.16 -23.34 -15.94
CA ALA D 70 -74.49 -22.12 -16.37
C ALA D 70 -75.01 -20.94 -15.58
N LEU D 71 -76.35 -20.84 -15.36
CA LEU D 71 -76.91 -19.67 -14.67
C LEU D 71 -76.58 -19.71 -13.17
N LYS D 72 -76.34 -20.90 -12.62
CA LYS D 72 -75.97 -21.01 -11.21
C LYS D 72 -74.56 -20.46 -11.01
N LEU D 73 -73.60 -20.92 -11.84
CA LEU D 73 -72.25 -20.38 -11.91
C LEU D 73 -72.26 -18.86 -11.98
N ILE D 74 -73.02 -18.32 -12.93
CA ILE D 74 -73.08 -16.89 -13.15
C ILE D 74 -73.60 -16.14 -11.92
N ALA D 75 -74.45 -16.81 -11.12
CA ALA D 75 -75.06 -16.21 -9.93
C ALA D 75 -74.01 -15.97 -8.85
N LYS D 76 -72.97 -16.82 -8.84
CA LYS D 76 -71.90 -16.76 -7.84
C LYS D 76 -70.69 -15.96 -8.33
N ALA D 77 -70.78 -15.27 -9.49
CA ALA D 77 -69.61 -14.76 -10.17
C ALA D 77 -69.61 -13.24 -10.17
N ASP D 78 -68.42 -12.65 -10.39
CA ASP D 78 -68.33 -11.20 -10.52
C ASP D 78 -68.47 -10.79 -11.99
N VAL D 79 -67.94 -11.64 -12.87
CA VAL D 79 -67.79 -11.27 -14.28
C VAL D 79 -68.22 -12.40 -15.21
N LEU D 80 -68.92 -12.01 -16.27
CA LEU D 80 -69.17 -12.90 -17.38
C LEU D 80 -68.51 -12.34 -18.64
N ILE D 81 -67.77 -13.20 -19.34
CA ILE D 81 -67.22 -12.86 -20.63
C ILE D 81 -67.88 -13.66 -21.74
N GLU D 82 -68.38 -12.97 -22.78
CA GLU D 82 -68.79 -13.67 -23.98
C GLU D 82 -68.31 -12.94 -25.24
N GLY D 83 -68.00 -13.76 -26.26
CA GLY D 83 -67.52 -13.24 -27.54
C GLY D 83 -68.26 -13.80 -28.75
N TYR D 84 -69.58 -13.93 -28.67
CA TYR D 84 -70.37 -14.44 -29.78
C TYR D 84 -70.95 -13.27 -30.54
N ARG D 85 -71.58 -13.52 -31.68
CA ARG D 85 -72.35 -12.47 -32.34
C ARG D 85 -73.40 -11.92 -31.38
N PRO D 86 -73.76 -10.62 -31.53
CA PRO D 86 -74.90 -10.05 -30.83
C PRO D 86 -76.14 -10.94 -31.04
N GLY D 87 -76.90 -11.17 -29.95
CA GLY D 87 -78.16 -11.89 -30.02
C GLY D 87 -77.99 -13.34 -29.62
N VAL D 88 -76.75 -13.84 -29.60
CA VAL D 88 -76.52 -15.24 -29.33
C VAL D 88 -76.80 -15.55 -27.88
N THR D 89 -76.25 -14.79 -26.92
CA THR D 89 -76.49 -15.17 -25.53
C THR D 89 -77.98 -14.97 -25.18
N GLU D 90 -78.57 -13.88 -25.67
CA GLU D 90 -80.00 -13.64 -25.51
C GLU D 90 -80.84 -14.86 -25.90
N ARG D 91 -80.67 -15.40 -27.10
CA ARG D 91 -81.53 -16.50 -27.55
C ARG D 91 -81.16 -17.77 -26.80
N LEU D 92 -79.94 -17.87 -26.25
CA LEU D 92 -79.62 -19.00 -25.37
C LEU D 92 -80.25 -18.88 -23.98
N GLY D 93 -80.76 -17.68 -23.60
CA GLY D 93 -81.25 -17.45 -22.24
C GLY D 93 -80.15 -17.07 -21.23
N LEU D 94 -78.99 -16.61 -21.76
CA LEU D 94 -77.85 -16.09 -20.99
C LEU D 94 -77.59 -14.63 -21.31
N GLY D 95 -78.58 -13.94 -21.87
CA GLY D 95 -78.53 -12.52 -22.14
C GLY D 95 -78.26 -11.69 -20.87
N PRO D 96 -77.92 -10.40 -21.03
CA PRO D 96 -77.74 -9.50 -19.89
C PRO D 96 -78.96 -9.48 -18.99
N GLU D 97 -80.18 -9.49 -19.57
CA GLU D 97 -81.39 -9.34 -18.77
C GLU D 97 -81.67 -10.61 -17.96
N GLU D 98 -81.56 -11.77 -18.59
CA GLU D 98 -81.70 -13.02 -17.85
C GLU D 98 -80.65 -13.11 -16.72
N CYS D 99 -79.43 -12.65 -17.01
CA CYS D 99 -78.33 -12.72 -16.06
C CYS D 99 -78.53 -11.74 -14.91
N ALA D 100 -79.11 -10.57 -15.18
CA ALA D 100 -79.37 -9.56 -14.18
C ALA D 100 -80.42 -10.02 -13.17
N LYS D 101 -81.23 -11.02 -13.58
CA LYS D 101 -82.22 -11.61 -12.70
C LYS D 101 -81.57 -12.52 -11.68
N VAL D 102 -80.46 -13.18 -11.99
CA VAL D 102 -79.86 -14.00 -10.95
C VAL D 102 -78.73 -13.24 -10.25
N ASN D 103 -78.36 -12.01 -10.67
CA ASN D 103 -77.13 -11.42 -10.16
C ASN D 103 -76.98 -10.00 -10.66
N ASP D 104 -77.49 -9.05 -9.88
CA ASP D 104 -77.46 -7.66 -10.31
C ASP D 104 -76.08 -7.04 -10.03
N ARG D 105 -75.15 -7.83 -9.50
CA ARG D 105 -73.78 -7.36 -9.25
C ARG D 105 -72.84 -7.73 -10.41
N LEU D 106 -73.38 -8.40 -11.45
CA LEU D 106 -72.57 -9.04 -12.49
C LEU D 106 -71.99 -8.00 -13.44
N ILE D 107 -70.71 -8.17 -13.79
CA ILE D 107 -70.19 -7.40 -14.92
C ILE D 107 -70.31 -8.26 -16.18
N TYR D 108 -71.12 -7.73 -17.10
CA TYR D 108 -71.48 -8.48 -18.29
C TYR D 108 -70.67 -7.92 -19.47
N ALA D 109 -69.63 -8.67 -19.79
CA ALA D 109 -68.60 -8.21 -20.74
C ALA D 109 -68.81 -8.86 -22.10
N ARG D 110 -69.13 -8.03 -23.12
CA ARG D 110 -69.41 -8.47 -24.48
C ARG D 110 -68.27 -8.10 -25.47
N MET D 111 -67.59 -9.13 -25.95
CA MET D 111 -66.41 -8.94 -26.80
C MET D 111 -66.78 -9.23 -28.26
N THR D 112 -66.92 -8.18 -29.08
CA THR D 112 -67.18 -8.32 -30.51
C THR D 112 -66.21 -7.48 -31.33
N GLY D 113 -66.28 -7.66 -32.66
CA GLY D 113 -65.52 -6.87 -33.61
C GLY D 113 -66.24 -5.58 -34.00
N TRP D 114 -67.50 -5.72 -34.43
CA TRP D 114 -68.26 -4.65 -35.04
C TRP D 114 -69.16 -3.90 -34.05
N GLY D 115 -69.36 -4.46 -32.87
CA GLY D 115 -70.25 -3.88 -31.89
C GLY D 115 -71.59 -4.62 -31.82
N GLN D 116 -72.47 -4.10 -30.97
CA GLN D 116 -73.75 -4.76 -30.69
C GLN D 116 -74.79 -4.34 -31.73
N THR D 117 -74.62 -3.19 -32.38
CA THR D 117 -75.59 -2.74 -33.35
C THR D 117 -74.87 -2.33 -34.61
N GLY D 118 -75.68 -2.02 -35.63
CA GLY D 118 -75.22 -1.41 -36.86
C GLY D 118 -75.15 -2.40 -38.01
N PRO D 119 -74.91 -1.88 -39.21
CA PRO D 119 -75.11 -2.68 -40.42
C PRO D 119 -74.15 -3.85 -40.56
N ARG D 120 -72.96 -3.81 -39.94
CA ARG D 120 -72.00 -4.92 -40.08
C ARG D 120 -72.13 -5.84 -38.88
N SER D 121 -73.09 -5.56 -37.99
CA SER D 121 -72.98 -6.13 -36.64
C SER D 121 -73.21 -7.64 -36.63
N GLN D 122 -73.72 -8.21 -37.72
CA GLN D 122 -73.90 -9.67 -37.78
C GLN D 122 -72.91 -10.37 -38.72
N GLN D 123 -72.03 -9.62 -39.40
CA GLN D 123 -71.06 -10.24 -40.29
C GLN D 123 -69.96 -10.92 -39.47
N ALA D 124 -69.56 -12.12 -39.86
CA ALA D 124 -68.36 -12.75 -39.33
C ALA D 124 -67.15 -11.90 -39.71
N GLY D 125 -66.09 -12.07 -38.96
CA GLY D 125 -64.89 -11.30 -39.19
C GLY D 125 -63.74 -11.78 -38.29
N HIS D 126 -62.56 -11.25 -38.67
CA HIS D 126 -61.33 -11.45 -37.94
C HIS D 126 -60.60 -10.10 -37.82
N ASP D 127 -59.54 -10.11 -37.01
CA ASP D 127 -58.78 -8.88 -36.71
C ASP D 127 -58.65 -8.01 -37.97
N ILE D 128 -58.15 -8.63 -39.05
CA ILE D 128 -57.81 -7.90 -40.27
C ILE D 128 -59.03 -7.14 -40.80
N ASN D 129 -60.25 -7.67 -40.60
CA ASN D 129 -61.45 -6.99 -41.07
C ASN D 129 -61.74 -5.77 -40.22
N TYR D 130 -61.58 -5.89 -38.90
CA TYR D 130 -61.99 -4.79 -38.05
C TYR D 130 -61.03 -3.61 -38.20
N ILE D 131 -59.74 -3.87 -38.36
CA ILE D 131 -58.78 -2.78 -38.55
C ILE D 131 -58.77 -2.26 -40.00
N SER D 132 -59.38 -2.96 -40.95
CA SER D 132 -59.51 -2.41 -42.29
C SER D 132 -60.49 -1.24 -42.33
N LEU D 133 -61.53 -1.26 -41.50
CA LEU D 133 -62.60 -0.31 -41.68
C LEU D 133 -62.32 1.04 -41.01
N ASN D 134 -61.35 1.12 -40.10
CA ASN D 134 -61.15 2.35 -39.34
C ASN D 134 -59.82 3.06 -39.62
N GLY D 135 -59.23 2.76 -40.78
CA GLY D 135 -58.03 3.45 -41.28
C GLY D 135 -56.71 2.81 -40.84
N ILE D 136 -56.74 1.84 -39.92
CA ILE D 136 -55.54 1.32 -39.32
C ILE D 136 -54.75 0.49 -40.33
N LEU D 137 -55.37 -0.53 -40.97
CA LEU D 137 -54.65 -1.45 -41.83
C LEU D 137 -53.99 -0.69 -42.99
N HIS D 138 -54.71 0.28 -43.53
CA HIS D 138 -54.23 1.06 -44.66
C HIS D 138 -52.91 1.75 -44.35
N ALA D 139 -52.66 2.01 -43.07
CA ALA D 139 -51.52 2.80 -42.61
C ALA D 139 -50.30 1.92 -42.37
N ILE D 140 -50.45 0.60 -42.49
CA ILE D 140 -49.35 -0.29 -42.14
C ILE D 140 -48.71 -0.92 -43.38
N GLY D 141 -47.38 -0.72 -43.50
CA GLY D 141 -46.55 -1.39 -44.49
C GLY D 141 -45.78 -0.40 -45.36
N ARG D 142 -45.00 -0.91 -46.32
CA ARG D 142 -44.22 -0.04 -47.19
C ARG D 142 -45.16 0.66 -48.16
N GLY D 143 -44.72 1.85 -48.62
CA GLY D 143 -45.46 2.68 -49.55
C GLY D 143 -45.63 2.01 -50.92
N ASP D 144 -44.71 1.13 -51.28
CA ASP D 144 -44.62 0.56 -52.60
C ASP D 144 -45.35 -0.78 -52.68
N GLU D 145 -46.05 -1.15 -51.61
CA GLU D 145 -46.70 -2.44 -51.55
C GLU D 145 -48.09 -2.29 -50.93
N ARG D 146 -48.89 -3.34 -50.99
CA ARG D 146 -50.20 -3.31 -50.37
C ARG D 146 -50.07 -3.46 -48.86
N PRO D 147 -51.09 -3.04 -48.08
CA PRO D 147 -51.02 -3.07 -46.63
C PRO D 147 -50.73 -4.47 -46.10
N VAL D 148 -49.99 -4.53 -44.99
CA VAL D 148 -49.60 -5.79 -44.43
C VAL D 148 -50.24 -5.90 -43.05
N PRO D 149 -50.84 -7.06 -42.69
CA PRO D 149 -51.43 -7.19 -41.37
C PRO D 149 -50.37 -7.24 -40.28
N PRO D 150 -50.53 -6.45 -39.21
CA PRO D 150 -49.63 -6.52 -38.06
C PRO D 150 -50.01 -7.66 -37.13
N LEU D 151 -49.84 -8.86 -37.65
CA LEU D 151 -50.41 -10.06 -37.09
C LEU D 151 -51.85 -9.73 -36.70
N ASN D 152 -52.33 -10.34 -35.62
CA ASN D 152 -53.62 -10.01 -35.04
C ASN D 152 -53.47 -9.23 -33.73
N LEU D 153 -52.49 -8.31 -33.66
CA LEU D 153 -52.12 -7.69 -32.40
C LEU D 153 -52.95 -6.46 -32.10
N VAL D 154 -53.45 -5.82 -33.16
CA VAL D 154 -54.01 -4.49 -33.02
C VAL D 154 -55.52 -4.55 -32.79
N GLY D 155 -56.21 -5.46 -33.48
CA GLY D 155 -57.65 -5.60 -33.33
C GLY D 155 -58.05 -6.55 -32.21
N ASP D 156 -57.57 -7.79 -32.29
CA ASP D 156 -57.90 -8.84 -31.32
C ASP D 156 -57.42 -8.41 -29.93
N PHE D 157 -56.16 -7.97 -29.78
CA PHE D 157 -55.58 -7.89 -28.45
C PHE D 157 -55.54 -6.44 -28.02
N GLY D 158 -54.65 -5.67 -28.65
CA GLY D 158 -54.45 -4.31 -28.20
C GLY D 158 -55.75 -3.51 -28.18
N GLY D 159 -56.56 -3.65 -29.24
CA GLY D 159 -57.78 -2.85 -29.32
C GLY D 159 -59.02 -3.69 -28.98
N GLY D 160 -58.79 -4.92 -28.54
CA GLY D 160 -59.86 -5.89 -28.34
C GLY D 160 -59.91 -6.37 -26.89
N SER D 161 -59.17 -7.43 -26.56
CA SER D 161 -59.13 -7.97 -25.20
C SER D 161 -58.72 -6.89 -24.19
N MET D 162 -57.80 -5.97 -24.57
CA MET D 162 -57.26 -5.06 -23.58
C MET D 162 -58.36 -4.09 -23.20
N PHE D 163 -59.21 -3.71 -24.15
CA PHE D 163 -60.27 -2.75 -23.81
C PHE D 163 -61.39 -3.45 -23.04
N LEU D 164 -61.62 -4.73 -23.31
CA LEU D 164 -62.54 -5.52 -22.50
C LEU D 164 -62.03 -5.57 -21.04
N LEU D 165 -60.71 -5.74 -20.84
CA LEU D 165 -60.11 -5.74 -19.50
C LEU D 165 -60.31 -4.40 -18.80
N VAL D 166 -60.06 -3.29 -19.51
CA VAL D 166 -60.23 -2.00 -18.89
C VAL D 166 -61.70 -1.78 -18.52
N GLY D 167 -62.61 -2.21 -19.40
CA GLY D 167 -64.04 -2.09 -19.15
C GLY D 167 -64.48 -2.88 -17.92
N ILE D 168 -64.06 -4.15 -17.85
CA ILE D 168 -64.38 -5.02 -16.75
C ILE D 168 -63.90 -4.39 -15.45
N LEU D 169 -62.63 -3.94 -15.44
CA LEU D 169 -62.01 -3.50 -14.20
C LEU D 169 -62.53 -2.13 -13.83
N ALA D 170 -62.92 -1.30 -14.83
CA ALA D 170 -63.48 -0.02 -14.48
C ALA D 170 -64.88 -0.19 -13.91
N ALA D 171 -65.62 -1.18 -14.46
CA ALA D 171 -66.98 -1.45 -14.02
C ALA D 171 -66.98 -1.86 -12.54
N LEU D 172 -66.00 -2.71 -12.15
CA LEU D 172 -65.79 -3.20 -10.80
C LEU D 172 -65.46 -2.05 -9.84
N TRP D 173 -64.69 -1.09 -10.33
CA TRP D 173 -64.54 0.17 -9.63
C TRP D 173 -65.92 0.80 -9.36
N GLU D 174 -66.66 1.08 -10.42
CA GLU D 174 -67.97 1.69 -10.24
C GLU D 174 -68.82 0.85 -9.27
N ARG D 175 -68.79 -0.48 -9.39
CA ARG D 175 -69.63 -1.38 -8.61
C ARG D 175 -69.40 -1.20 -7.10
N GLN D 176 -68.23 -0.67 -6.73
CA GLN D 176 -67.88 -0.57 -5.33
C GLN D 176 -68.74 0.52 -4.70
N SER D 177 -69.11 1.54 -5.47
CA SER D 177 -69.93 2.63 -4.94
C SER D 177 -71.44 2.47 -5.25
N SER D 178 -71.83 1.71 -6.31
CA SER D 178 -73.24 1.61 -6.71
C SER D 178 -73.92 0.31 -6.23
N GLY D 179 -73.14 -0.68 -5.79
CA GLY D 179 -73.65 -2.02 -5.52
C GLY D 179 -74.10 -2.80 -6.74
N LYS D 180 -73.95 -2.24 -7.96
CA LYS D 180 -74.57 -2.77 -9.17
C LYS D 180 -73.54 -3.03 -10.29
N GLY D 181 -73.74 -4.16 -10.99
CA GLY D 181 -73.07 -4.45 -12.24
C GLY D 181 -73.61 -3.63 -13.41
N GLN D 182 -73.15 -3.99 -14.64
CA GLN D 182 -73.63 -3.43 -15.89
C GLN D 182 -72.96 -4.17 -17.06
N VAL D 183 -73.32 -3.72 -18.26
CA VAL D 183 -72.87 -4.29 -19.53
C VAL D 183 -71.72 -3.45 -20.07
N VAL D 184 -70.62 -4.16 -20.33
CA VAL D 184 -69.45 -3.62 -21.03
C VAL D 184 -69.51 -4.04 -22.50
N ASP D 185 -69.64 -3.05 -23.41
CA ASP D 185 -69.70 -3.27 -24.86
C ASP D 185 -68.33 -2.90 -25.47
N ALA D 186 -67.46 -3.91 -25.60
CA ALA D 186 -66.14 -3.76 -26.21
C ALA D 186 -66.15 -4.29 -27.65
N ALA D 187 -66.03 -3.35 -28.58
CA ALA D 187 -65.92 -3.61 -30.01
C ALA D 187 -64.51 -3.26 -30.50
N MET D 188 -63.88 -4.21 -31.21
CA MET D 188 -62.53 -4.07 -31.71
C MET D 188 -62.42 -2.86 -32.63
N VAL D 189 -63.49 -2.50 -33.34
CA VAL D 189 -63.43 -1.35 -34.23
C VAL D 189 -63.27 -0.05 -33.44
N ASP D 190 -63.86 0.00 -32.23
CA ASP D 190 -63.80 1.16 -31.35
C ASP D 190 -62.45 1.19 -30.62
N GLY D 191 -62.14 0.08 -29.97
CA GLY D 191 -60.98 -0.08 -29.13
C GLY D 191 -59.69 0.17 -29.90
N SER D 192 -59.61 -0.39 -31.11
CA SER D 192 -58.46 -0.15 -31.96
C SER D 192 -58.42 1.31 -32.41
N SER D 193 -59.56 2.00 -32.56
CA SER D 193 -59.54 3.42 -32.93
C SER D 193 -59.00 4.30 -31.79
N VAL D 194 -59.31 3.93 -30.54
CA VAL D 194 -58.72 4.64 -29.40
C VAL D 194 -57.22 4.33 -29.25
N LEU D 195 -56.84 3.10 -29.59
CA LEU D 195 -55.46 2.67 -29.54
C LEU D 195 -54.61 3.52 -30.46
N ILE D 196 -55.18 3.93 -31.60
CA ILE D 196 -54.49 4.73 -32.58
C ILE D 196 -54.86 6.20 -32.46
N GLN D 197 -55.32 6.68 -31.29
CA GLN D 197 -55.77 8.07 -31.17
C GLN D 197 -54.64 9.07 -31.52
N MET D 198 -53.38 8.71 -31.26
CA MET D 198 -52.25 9.58 -31.56
C MET D 198 -52.24 9.97 -33.03
N MET D 199 -52.50 9.02 -33.93
CA MET D 199 -52.53 9.33 -35.36
C MET D 199 -53.70 10.26 -35.73
N TRP D 200 -54.87 10.06 -35.13
CA TRP D 200 -56.00 10.95 -35.40
C TRP D 200 -55.69 12.38 -34.92
N ALA D 201 -54.96 12.50 -33.81
CA ALA D 201 -54.47 13.78 -33.29
C ALA D 201 -53.50 14.43 -34.27
N MET D 202 -52.47 13.67 -34.67
CA MET D 202 -51.43 14.20 -35.52
C MET D 202 -52.00 14.59 -36.89
N ARG D 203 -52.97 13.80 -37.35
CA ARG D 203 -53.59 14.02 -38.63
C ARG D 203 -54.29 15.38 -38.64
N ALA D 204 -54.91 15.74 -37.51
CA ALA D 204 -55.66 16.99 -37.38
C ALA D 204 -54.74 18.21 -37.34
N THR D 205 -53.48 18.02 -36.94
CA THR D 205 -52.50 19.08 -36.90
C THR D 205 -51.60 19.05 -38.14
N GLY D 206 -51.88 18.19 -39.13
CA GLY D 206 -51.03 18.09 -40.32
C GLY D 206 -49.67 17.42 -40.11
N MET D 207 -49.45 16.72 -38.99
CA MET D 207 -48.25 15.93 -38.71
C MET D 207 -48.40 14.44 -39.09
N TRP D 208 -49.54 14.01 -39.63
CA TRP D 208 -49.67 12.65 -40.14
C TRP D 208 -50.46 12.70 -41.43
N THR D 209 -50.04 11.93 -42.44
CA THR D 209 -50.81 11.87 -43.67
C THR D 209 -51.22 10.45 -43.98
N ASP D 210 -52.17 10.35 -44.90
CA ASP D 210 -52.79 9.10 -45.27
C ASP D 210 -51.93 8.30 -46.23
N THR D 211 -50.84 8.87 -46.73
CA THR D 211 -49.92 8.11 -47.57
C THR D 211 -49.17 7.09 -46.73
N ARG D 212 -49.25 5.83 -47.10
CA ARG D 212 -48.57 4.77 -46.38
C ARG D 212 -47.06 4.87 -46.57
N GLY D 213 -46.30 4.61 -45.49
CA GLY D 213 -44.86 4.60 -45.56
C GLY D 213 -44.22 5.97 -45.76
N ALA D 214 -44.91 7.05 -45.38
CA ALA D 214 -44.42 8.41 -45.58
C ALA D 214 -44.55 9.23 -44.29
N ASN D 215 -44.52 8.58 -43.13
CA ASN D 215 -44.69 9.32 -41.89
C ASN D 215 -43.54 8.97 -40.93
N MET D 216 -43.50 9.62 -39.77
CA MET D 216 -42.36 9.47 -38.86
C MET D 216 -42.30 8.08 -38.23
N LEU D 217 -43.48 7.45 -38.04
CA LEU D 217 -43.54 6.23 -37.28
C LEU D 217 -44.02 5.02 -38.10
N ASP D 218 -44.12 5.13 -39.43
CA ASP D 218 -44.64 4.01 -40.23
C ASP D 218 -43.55 3.36 -41.07
N GLY D 219 -42.28 3.75 -40.85
CA GLY D 219 -41.15 3.31 -41.65
C GLY D 219 -40.63 4.34 -42.64
N GLY D 220 -41.41 5.41 -42.89
CA GLY D 220 -40.99 6.48 -43.79
C GLY D 220 -39.76 7.26 -43.30
N ALA D 221 -39.49 7.36 -41.98
CA ALA D 221 -38.36 8.15 -41.50
C ALA D 221 -37.12 7.28 -41.43
N PRO D 222 -35.98 7.69 -42.01
CA PRO D 222 -34.78 6.86 -41.94
C PRO D 222 -34.26 6.55 -40.53
N TYR D 223 -34.67 7.40 -39.57
CA TYR D 223 -34.26 7.22 -38.19
C TYR D 223 -35.28 6.45 -37.38
N TYR D 224 -36.34 5.94 -38.03
CA TYR D 224 -37.34 5.11 -37.33
C TYR D 224 -37.72 3.96 -38.27
N ASP D 225 -36.91 2.92 -38.26
CA ASP D 225 -37.04 1.84 -39.25
C ASP D 225 -36.09 0.72 -38.92
N THR D 226 -36.22 -0.39 -39.66
CA THR D 226 -35.26 -1.47 -39.57
C THR D 226 -34.22 -1.30 -40.68
N TYR D 227 -33.05 -1.89 -40.46
CA TYR D 227 -31.98 -1.91 -41.43
C TYR D 227 -31.35 -3.29 -41.46
N GLU D 228 -31.02 -3.71 -42.68
CA GLU D 228 -30.34 -4.98 -42.88
C GLU D 228 -28.84 -4.80 -42.63
N CYS D 229 -28.26 -5.78 -41.94
CA CYS D 229 -26.86 -5.79 -41.54
C CYS D 229 -26.07 -6.74 -42.43
N ALA D 230 -24.74 -6.85 -42.23
CA ALA D 230 -23.89 -7.54 -43.18
C ALA D 230 -24.26 -9.02 -43.22
N ASP D 231 -24.80 -9.54 -42.12
CA ASP D 231 -25.14 -10.95 -42.03
C ASP D 231 -26.59 -11.23 -42.49
N GLY D 232 -27.33 -10.24 -42.95
CA GLY D 232 -28.69 -10.53 -43.41
C GLY D 232 -29.73 -10.47 -42.29
N ARG D 233 -29.31 -10.12 -41.06
CA ARG D 233 -30.22 -9.89 -39.95
C ARG D 233 -30.45 -8.39 -39.76
N TYR D 234 -31.27 -8.00 -38.79
CA TYR D 234 -31.77 -6.64 -38.74
C TYR D 234 -31.48 -6.01 -37.40
N VAL D 235 -31.34 -4.69 -37.44
CA VAL D 235 -31.46 -3.84 -36.27
C VAL D 235 -32.64 -2.90 -36.50
N ALA D 236 -33.12 -2.41 -35.38
CA ALA D 236 -34.16 -1.39 -35.33
C ALA D 236 -33.53 -0.10 -34.84
N VAL D 237 -33.86 1.00 -35.53
CA VAL D 237 -33.46 2.35 -35.18
C VAL D 237 -34.71 3.13 -34.83
N GLY D 238 -34.68 3.78 -33.67
CA GLY D 238 -35.77 4.60 -33.23
C GLY D 238 -35.33 5.92 -32.62
N ALA D 239 -34.30 6.53 -33.25
CA ALA D 239 -33.64 7.73 -32.75
C ALA D 239 -34.37 8.98 -33.22
N ILE D 240 -35.51 9.21 -32.59
CA ILE D 240 -36.34 10.36 -32.91
C ILE D 240 -35.70 11.64 -32.35
N GLU D 241 -35.30 11.61 -31.08
CA GLU D 241 -34.82 12.84 -30.45
C GLU D 241 -33.43 13.17 -31.02
N PRO D 242 -33.20 14.45 -31.33
CA PRO D 242 -31.94 14.87 -31.95
C PRO D 242 -30.68 14.36 -31.25
N GLN D 243 -30.68 14.32 -29.91
CA GLN D 243 -29.51 13.93 -29.14
C GLN D 243 -29.27 12.43 -29.31
N PHE D 244 -30.35 11.63 -29.38
CA PHE D 244 -30.18 10.20 -29.54
C PHE D 244 -29.71 9.89 -30.97
N TYR D 245 -30.31 10.61 -31.93
CA TYR D 245 -29.92 10.55 -33.32
C TYR D 245 -28.42 10.86 -33.46
N ALA D 246 -27.93 11.89 -32.75
CA ALA D 246 -26.51 12.24 -32.90
C ALA D 246 -25.62 11.13 -32.36
N ALA D 247 -26.05 10.48 -31.25
CA ALA D 247 -25.27 9.38 -30.68
C ALA D 247 -25.20 8.25 -31.66
N MET D 248 -26.33 8.03 -32.35
CA MET D 248 -26.38 6.95 -33.32
C MET D 248 -25.37 7.21 -34.45
N LEU D 249 -25.37 8.43 -35.01
CA LEU D 249 -24.46 8.73 -36.11
C LEU D 249 -23.01 8.50 -35.71
N ALA D 250 -22.67 8.91 -34.47
CA ALA D 250 -21.28 8.81 -34.00
C ALA D 250 -20.86 7.36 -33.99
N GLY D 251 -21.76 6.48 -33.48
CA GLY D 251 -21.53 5.06 -33.41
C GLY D 251 -21.43 4.38 -34.77
N LEU D 252 -22.11 4.92 -35.77
CA LEU D 252 -22.05 4.40 -37.13
C LEU D 252 -20.77 4.86 -37.82
N GLY D 253 -20.14 5.91 -37.32
CA GLY D 253 -18.93 6.40 -37.98
C GLY D 253 -19.23 7.47 -39.03
N LEU D 254 -20.42 8.08 -39.02
CA LEU D 254 -20.82 9.11 -39.97
C LEU D 254 -20.72 10.49 -39.33
N ASP D 255 -20.07 11.45 -40.00
CA ASP D 255 -20.04 12.82 -39.48
C ASP D 255 -21.34 13.46 -39.91
N ALA D 256 -21.99 14.14 -38.96
CA ALA D 256 -23.19 14.89 -39.23
C ALA D 256 -22.95 15.85 -40.40
N ALA D 257 -21.71 16.32 -40.55
CA ALA D 257 -21.38 17.31 -41.57
C ALA D 257 -21.64 16.80 -42.99
N GLU D 258 -21.55 15.48 -43.20
CA GLU D 258 -21.63 14.94 -44.55
C GLU D 258 -23.06 14.46 -44.84
N LEU D 259 -24.00 14.69 -43.93
CA LEU D 259 -25.33 14.10 -44.03
C LEU D 259 -26.37 15.19 -44.22
N PRO D 260 -27.53 14.92 -44.86
CA PRO D 260 -28.62 15.87 -44.85
C PRO D 260 -29.19 16.04 -43.44
N PRO D 261 -29.88 17.14 -43.12
CA PRO D 261 -30.54 17.27 -41.81
C PRO D 261 -31.49 16.09 -41.52
N GLN D 262 -31.51 15.66 -40.26
CA GLN D 262 -32.32 14.52 -39.83
C GLN D 262 -33.78 14.63 -40.26
N ASN D 263 -34.32 15.84 -40.26
CA ASN D 263 -35.73 16.04 -40.56
C ASN D 263 -35.93 16.87 -41.81
N ASP D 264 -34.98 16.84 -42.74
CA ASP D 264 -35.24 17.35 -44.08
C ASP D 264 -35.80 16.23 -44.97
N ARG D 265 -37.13 16.17 -45.05
CA ARG D 265 -37.85 15.05 -45.63
C ARG D 265 -37.55 14.91 -47.12
N ALA D 266 -37.26 16.03 -47.76
CA ALA D 266 -36.96 16.04 -49.18
C ALA D 266 -35.66 15.28 -49.42
N ARG D 267 -34.83 15.18 -48.38
CA ARG D 267 -33.55 14.53 -48.59
C ARG D 267 -33.48 13.20 -47.85
N TRP D 268 -34.62 12.67 -47.40
CA TRP D 268 -34.62 11.37 -46.74
C TRP D 268 -34.08 10.26 -47.64
N PRO D 269 -34.32 10.26 -48.96
CA PRO D 269 -33.73 9.25 -49.82
C PRO D 269 -32.21 9.14 -49.70
N GLU D 270 -31.53 10.27 -49.70
CA GLU D 270 -30.08 10.29 -49.55
C GLU D 270 -29.73 9.83 -48.14
N LEU D 271 -30.44 10.34 -47.15
CA LEU D 271 -30.12 9.98 -45.78
C LEU D 271 -30.29 8.48 -45.61
N ARG D 272 -31.37 7.89 -46.17
CA ARG D 272 -31.58 6.46 -46.01
C ARG D 272 -30.45 5.66 -46.67
N ALA D 273 -30.02 6.11 -47.84
CA ALA D 273 -28.93 5.44 -48.55
C ALA D 273 -27.65 5.46 -47.71
N LEU D 274 -27.31 6.58 -47.07
CA LEU D 274 -26.11 6.63 -46.22
C LEU D 274 -26.24 5.74 -44.99
N LEU D 275 -27.38 5.80 -44.27
CA LEU D 275 -27.58 4.89 -43.13
C LEU D 275 -27.58 3.41 -43.57
N THR D 276 -28.15 3.11 -44.74
CA THR D 276 -28.26 1.74 -45.23
C THR D 276 -26.89 1.15 -45.45
N GLU D 277 -26.00 1.93 -46.08
CA GLU D 277 -24.65 1.49 -46.36
C GLU D 277 -23.87 1.33 -45.06
N ALA D 278 -24.06 2.23 -44.09
CA ALA D 278 -23.36 2.07 -42.82
C ALA D 278 -23.80 0.81 -42.09
N PHE D 279 -25.12 0.55 -41.92
CA PHE D 279 -25.53 -0.61 -41.13
C PHE D 279 -25.12 -1.90 -41.82
N ALA D 280 -25.09 -1.87 -43.17
CA ALA D 280 -24.77 -3.06 -43.92
C ALA D 280 -23.31 -3.47 -43.76
N SER D 281 -22.45 -2.59 -43.22
CA SER D 281 -21.02 -2.87 -43.19
C SER D 281 -20.63 -3.77 -42.02
N HIS D 282 -21.54 -4.05 -41.09
CA HIS D 282 -21.24 -4.89 -39.95
C HIS D 282 -22.47 -5.73 -39.63
N ASP D 283 -22.27 -6.81 -38.90
CA ASP D 283 -23.34 -7.74 -38.61
C ASP D 283 -24.16 -7.23 -37.42
N ARG D 284 -25.32 -7.86 -37.22
CA ARG D 284 -26.30 -7.41 -36.23
C ARG D 284 -25.67 -7.44 -34.82
N ASP D 285 -25.02 -8.53 -34.44
CA ASP D 285 -24.53 -8.64 -33.06
C ASP D 285 -23.46 -7.57 -32.80
N HIS D 286 -22.75 -7.13 -33.86
CA HIS D 286 -21.80 -6.05 -33.73
C HIS D 286 -22.47 -4.77 -33.28
N TRP D 287 -23.56 -4.38 -33.98
CA TRP D 287 -24.25 -3.16 -33.65
C TRP D 287 -24.84 -3.26 -32.24
N GLY D 288 -25.27 -4.46 -31.85
CA GLY D 288 -25.87 -4.64 -30.54
C GLY D 288 -24.85 -4.37 -29.42
N ALA D 289 -23.61 -4.81 -29.65
CA ALA D 289 -22.52 -4.56 -28.71
C ALA D 289 -22.21 -3.06 -28.67
N VAL D 290 -21.88 -2.52 -29.84
CA VAL D 290 -21.51 -1.12 -30.01
C VAL D 290 -22.51 -0.24 -29.31
N PHE D 291 -23.82 -0.56 -29.40
CA PHE D 291 -24.80 0.40 -28.92
C PHE D 291 -25.32 0.01 -27.53
N ALA D 292 -24.89 -1.15 -27.00
CA ALA D 292 -25.20 -1.49 -25.61
C ALA D 292 -24.90 -0.29 -24.68
N ASN D 293 -25.88 0.06 -23.85
CA ASN D 293 -25.77 1.08 -22.81
C ASN D 293 -25.77 2.49 -23.39
N SER D 294 -26.19 2.64 -24.65
CA SER D 294 -26.22 3.93 -25.29
C SER D 294 -27.65 4.41 -25.45
N ASP D 295 -27.82 5.70 -25.70
CA ASP D 295 -29.11 6.27 -25.95
C ASP D 295 -29.38 6.41 -27.45
N ALA D 296 -28.64 5.68 -28.28
CA ALA D 296 -28.71 5.76 -29.73
C ALA D 296 -30.01 5.14 -30.30
N CYS D 297 -30.68 4.32 -29.48
CA CYS D 297 -31.98 3.74 -29.85
C CYS D 297 -31.83 2.79 -31.04
N VAL D 298 -30.80 1.94 -30.97
CA VAL D 298 -30.47 0.92 -31.93
C VAL D 298 -30.44 -0.40 -31.17
N THR D 299 -31.27 -1.35 -31.59
CA THR D 299 -31.44 -2.62 -30.90
C THR D 299 -31.46 -3.73 -31.93
N PRO D 300 -30.99 -4.92 -31.57
CA PRO D 300 -31.08 -6.01 -32.51
C PRO D 300 -32.54 -6.50 -32.61
N VAL D 301 -32.92 -6.92 -33.83
CA VAL D 301 -34.23 -7.47 -34.10
C VAL D 301 -34.13 -8.98 -33.97
N LEU D 302 -34.57 -9.49 -32.81
CA LEU D 302 -34.44 -10.90 -32.50
C LEU D 302 -35.68 -11.66 -32.99
N ALA D 303 -35.41 -12.83 -33.57
CA ALA D 303 -36.43 -13.83 -33.86
C ALA D 303 -36.91 -14.48 -32.55
N PHE D 304 -38.15 -14.98 -32.54
CA PHE D 304 -38.72 -15.61 -31.36
C PHE D 304 -37.74 -16.56 -30.67
N GLY D 305 -37.13 -17.43 -31.47
CA GLY D 305 -36.26 -18.49 -30.98
C GLY D 305 -34.92 -18.00 -30.42
N GLU D 306 -34.54 -16.73 -30.60
CA GLU D 306 -33.33 -16.17 -30.01
C GLU D 306 -33.65 -15.41 -28.75
N VAL D 307 -34.92 -15.13 -28.50
CA VAL D 307 -35.28 -14.19 -27.44
C VAL D 307 -34.74 -14.70 -26.09
N HIS D 308 -34.71 -16.03 -25.91
CA HIS D 308 -34.41 -16.64 -24.61
C HIS D 308 -32.95 -16.36 -24.19
N ASN D 309 -32.09 -15.96 -25.14
CA ASN D 309 -30.67 -15.73 -24.89
C ASN D 309 -30.37 -14.25 -24.68
N GLU D 310 -31.34 -13.38 -24.84
CA GLU D 310 -31.10 -11.98 -24.56
C GLU D 310 -31.01 -11.75 -23.05
N PRO D 311 -29.91 -11.15 -22.55
CA PRO D 311 -29.76 -10.88 -21.12
C PRO D 311 -30.84 -10.09 -20.40
N HIS D 312 -31.34 -9.02 -21.02
CA HIS D 312 -32.32 -8.22 -20.36
C HIS D 312 -33.60 -9.03 -20.18
N ILE D 313 -33.82 -9.99 -21.08
CA ILE D 313 -34.98 -10.86 -21.05
C ILE D 313 -34.80 -11.90 -19.93
N ILE D 314 -33.66 -12.62 -19.94
CA ILE D 314 -33.32 -13.61 -18.92
C ILE D 314 -33.39 -12.95 -17.53
N GLU D 315 -32.74 -11.81 -17.34
CA GLU D 315 -32.61 -11.27 -16.01
C GLU D 315 -33.95 -10.86 -15.42
N ARG D 316 -34.89 -10.34 -16.23
CA ARG D 316 -36.12 -9.80 -15.69
C ARG D 316 -37.22 -10.86 -15.58
N ASN D 317 -36.95 -12.08 -16.02
CA ASN D 317 -37.93 -13.15 -16.04
C ASN D 317 -39.19 -12.70 -16.77
N THR D 318 -38.99 -12.24 -18.01
CA THR D 318 -40.09 -11.89 -18.88
C THR D 318 -40.83 -13.19 -19.30
N PHE D 319 -40.09 -14.29 -19.46
CA PHE D 319 -40.61 -15.56 -19.91
C PHE D 319 -40.37 -16.62 -18.83
N TYR D 320 -41.14 -17.73 -18.91
CA TYR D 320 -40.95 -18.92 -18.09
C TYR D 320 -41.04 -20.08 -19.05
N GLU D 321 -40.34 -21.18 -18.76
CA GLU D 321 -40.42 -22.36 -19.59
C GLU D 321 -41.65 -23.18 -19.18
N ALA D 322 -42.39 -23.68 -20.17
CA ALA D 322 -43.50 -24.59 -19.94
C ALA D 322 -43.42 -25.68 -20.99
N ASN D 323 -44.25 -26.72 -20.83
CA ASN D 323 -44.96 -27.25 -21.97
C ASN D 323 -43.94 -27.57 -23.07
N GLY D 324 -44.10 -26.98 -24.26
CA GLY D 324 -43.17 -27.16 -25.37
C GLY D 324 -41.98 -26.20 -25.28
N GLY D 325 -42.25 -24.89 -25.27
CA GLY D 325 -41.23 -23.87 -25.10
C GLY D 325 -41.67 -22.75 -24.16
N TRP D 326 -41.16 -21.54 -24.37
CA TRP D 326 -41.35 -20.42 -23.48
C TRP D 326 -42.67 -19.73 -23.75
N GLN D 327 -43.15 -19.07 -22.68
CA GLN D 327 -44.40 -18.35 -22.63
C GLN D 327 -44.16 -17.11 -21.79
N PRO D 328 -44.84 -15.98 -22.06
CA PRO D 328 -44.62 -14.77 -21.27
C PRO D 328 -45.26 -14.84 -19.89
N MET D 329 -44.60 -14.17 -18.95
CA MET D 329 -45.03 -14.15 -17.57
C MET D 329 -46.08 -13.08 -17.52
N PRO D 330 -46.97 -13.12 -16.51
CA PRO D 330 -47.99 -12.11 -16.37
C PRO D 330 -47.42 -10.71 -16.47
N ALA D 331 -48.25 -9.80 -16.99
CA ALA D 331 -47.89 -8.41 -17.05
C ALA D 331 -49.16 -7.66 -16.74
N PRO D 332 -49.11 -6.46 -16.13
CA PRO D 332 -47.85 -5.86 -15.66
C PRO D 332 -47.45 -6.50 -14.33
N ARG D 333 -46.60 -5.81 -13.54
CA ARG D 333 -46.02 -6.38 -12.34
C ARG D 333 -46.45 -5.55 -11.13
N PHE D 334 -46.61 -6.23 -9.98
CA PHE D 334 -47.16 -5.63 -8.77
C PHE D 334 -46.16 -5.77 -7.60
N SER D 335 -45.96 -4.69 -6.82
CA SER D 335 -44.94 -4.69 -5.75
C SER D 335 -45.26 -5.67 -4.60
N ARG D 336 -46.49 -5.61 -4.06
CA ARG D 336 -46.91 -6.39 -2.89
C ARG D 336 -47.63 -7.71 -3.29
N THR D 337 -48.71 -7.59 -4.07
CA THR D 337 -49.48 -8.74 -4.50
C THR D 337 -49.10 -9.20 -5.89
N ALA D 338 -48.11 -10.08 -5.94
CA ALA D 338 -47.34 -10.38 -7.13
C ALA D 338 -47.86 -11.64 -7.81
N SER D 339 -48.16 -11.56 -9.11
CA SER D 339 -48.66 -12.71 -9.83
C SER D 339 -47.70 -13.86 -9.63
N SER D 340 -48.21 -15.07 -9.72
CA SER D 340 -47.37 -16.24 -9.71
C SER D 340 -47.26 -16.79 -11.12
N GLN D 341 -46.32 -17.70 -11.31
CA GLN D 341 -46.25 -18.40 -12.57
C GLN D 341 -47.64 -18.93 -12.92
N PRO D 342 -48.02 -18.97 -14.21
CA PRO D 342 -49.27 -19.60 -14.63
C PRO D 342 -49.33 -21.10 -14.45
N ARG D 343 -50.53 -21.60 -14.15
CA ARG D 343 -50.80 -23.04 -14.06
C ARG D 343 -51.13 -23.51 -15.47
N PRO D 344 -50.58 -24.65 -15.91
CA PRO D 344 -50.89 -25.17 -17.24
C PRO D 344 -52.40 -25.39 -17.40
N PRO D 345 -52.88 -25.60 -18.64
CA PRO D 345 -54.23 -26.13 -18.84
C PRO D 345 -54.38 -27.45 -18.08
N ALA D 346 -55.39 -27.54 -17.20
CA ALA D 346 -55.72 -28.77 -16.49
C ALA D 346 -56.83 -29.54 -17.22
N ALA D 347 -57.12 -30.77 -16.76
CA ALA D 347 -58.20 -31.57 -17.32
C ALA D 347 -59.58 -30.95 -17.04
N THR D 348 -60.57 -31.36 -17.84
CA THR D 348 -61.96 -31.00 -17.60
C THR D 348 -62.32 -31.36 -16.17
N ILE D 349 -63.07 -30.50 -15.52
CA ILE D 349 -63.63 -30.86 -14.23
C ILE D 349 -65.15 -30.70 -14.28
N ASP D 350 -65.77 -31.28 -13.25
CA ASP D 350 -67.21 -31.36 -13.13
C ASP D 350 -67.77 -30.00 -12.74
N ILE D 351 -68.86 -29.60 -13.37
CA ILE D 351 -69.39 -28.27 -13.14
C ILE D 351 -70.07 -28.18 -11.76
N GLU D 352 -70.45 -29.34 -11.18
CA GLU D 352 -71.01 -29.42 -9.83
C GLU D 352 -69.91 -29.19 -8.79
N ALA D 353 -68.73 -29.80 -9.01
CA ALA D 353 -67.54 -29.55 -8.17
C ALA D 353 -67.25 -28.05 -8.09
N VAL D 354 -67.36 -27.33 -9.20
CA VAL D 354 -67.07 -25.91 -9.14
C VAL D 354 -68.16 -25.20 -8.32
N LEU D 355 -69.42 -25.64 -8.50
CA LEU D 355 -70.52 -25.01 -7.78
C LEU D 355 -70.38 -25.29 -6.27
N THR D 356 -69.81 -26.46 -5.95
CA THR D 356 -69.63 -26.87 -4.55
C THR D 356 -68.61 -25.95 -3.89
N ASP D 357 -67.48 -25.73 -4.58
CA ASP D 357 -66.36 -24.92 -4.10
C ASP D 357 -66.77 -23.45 -3.94
N TRP D 358 -67.62 -22.92 -4.84
CA TRP D 358 -68.06 -21.54 -4.71
C TRP D 358 -69.24 -21.41 -3.73
N ASP D 359 -69.59 -22.52 -3.04
CA ASP D 359 -70.66 -22.61 -2.03
C ASP D 359 -72.03 -22.79 -2.69
N GLY D 360 -73.11 -22.33 -2.01
CA GLY D 360 -74.47 -22.76 -2.29
C GLY D 360 -75.39 -21.59 -2.61
N MET E 1 -3.71 -51.32 20.34
CA MET E 1 -3.62 -49.86 20.03
C MET E 1 -2.15 -49.46 19.84
N ALA E 2 -1.80 -48.96 18.64
CA ALA E 2 -0.42 -48.67 18.27
C ALA E 2 0.07 -47.30 18.76
N GLY E 3 1.26 -47.30 19.36
CA GLY E 3 2.07 -46.10 19.48
C GLY E 3 2.69 -46.04 20.86
N PRO E 4 3.54 -45.02 21.15
CA PRO E 4 4.18 -44.95 22.45
C PRO E 4 3.25 -44.68 23.65
N LEU E 5 2.02 -44.22 23.38
CA LEU E 5 1.09 -43.85 24.44
C LEU E 5 0.07 -44.96 24.66
N SER E 6 0.28 -46.15 24.09
CA SER E 6 -0.62 -47.27 24.30
C SER E 6 -0.77 -47.45 25.81
N GLY E 7 -2.02 -47.63 26.27
CA GLY E 7 -2.27 -47.85 27.68
C GLY E 7 -2.65 -46.58 28.43
N LEU E 8 -2.24 -45.40 27.91
CA LEU E 8 -2.67 -44.13 28.51
C LEU E 8 -4.16 -43.87 28.26
N ARG E 9 -4.83 -43.44 29.37
CA ARG E 9 -6.26 -43.28 29.37
C ARG E 9 -6.62 -41.82 29.61
N VAL E 10 -7.44 -41.29 28.72
CA VAL E 10 -7.68 -39.85 28.67
C VAL E 10 -9.18 -39.59 28.57
N VAL E 11 -9.68 -38.72 29.46
CA VAL E 11 -11.02 -38.17 29.40
C VAL E 11 -10.95 -36.71 28.92
N GLU E 12 -11.66 -36.49 27.81
CA GLU E 12 -11.78 -35.22 27.10
C GLU E 12 -13.19 -34.65 27.25
N LEU E 13 -13.28 -33.52 27.94
CA LEU E 13 -14.55 -32.81 27.97
C LEU E 13 -14.66 -31.90 26.74
N ALA E 14 -15.59 -32.24 25.86
CA ALA E 14 -15.64 -31.66 24.52
C ALA E 14 -15.67 -30.14 24.58
N GLY E 15 -14.75 -29.53 23.83
CA GLY E 15 -14.69 -28.09 23.60
C GLY E 15 -14.29 -27.79 22.15
N ILE E 16 -13.71 -26.60 21.90
CA ILE E 16 -13.30 -26.20 20.56
C ILE E 16 -11.84 -25.77 20.54
N GLY E 17 -11.18 -26.00 19.40
CA GLY E 17 -9.80 -25.53 19.22
C GLY E 17 -8.75 -26.40 19.91
N PRO E 18 -7.96 -25.85 20.85
CA PRO E 18 -6.78 -26.54 21.33
C PRO E 18 -7.09 -27.80 22.11
N GLY E 19 -8.22 -27.84 22.84
CA GLY E 19 -8.55 -29.01 23.63
C GLY E 19 -8.63 -30.25 22.76
N PRO E 20 -9.51 -30.25 21.77
CA PRO E 20 -9.64 -31.40 20.90
C PRO E 20 -8.42 -31.70 20.04
N HIS E 21 -7.49 -30.74 19.93
CA HIS E 21 -6.32 -30.97 19.09
C HIS E 21 -5.31 -31.72 19.94
N ALA E 22 -5.18 -31.32 21.20
CA ALA E 22 -4.33 -32.05 22.13
C ALA E 22 -4.86 -33.48 22.26
N ALA E 23 -6.18 -33.63 22.40
CA ALA E 23 -6.74 -34.95 22.56
C ALA E 23 -6.50 -35.79 21.30
N MET E 24 -6.57 -35.13 20.13
CA MET E 24 -6.35 -35.82 18.86
C MET E 24 -4.96 -36.43 18.82
N ILE E 25 -3.95 -35.64 19.18
CA ILE E 25 -2.57 -36.11 19.11
C ILE E 25 -2.34 -37.22 20.14
N LEU E 26 -2.95 -37.12 21.33
CA LEU E 26 -2.80 -38.19 22.31
C LEU E 26 -3.32 -39.50 21.69
N GLY E 27 -4.48 -39.44 21.07
CA GLY E 27 -5.06 -40.59 20.40
C GLY E 27 -4.22 -41.10 19.23
N ASP E 28 -3.69 -40.15 18.45
CA ASP E 28 -2.82 -40.48 17.33
C ASP E 28 -1.66 -41.34 17.85
N LEU E 29 -1.08 -40.98 19.00
CA LEU E 29 0.13 -41.67 19.46
C LEU E 29 -0.22 -42.89 20.35
N GLY E 30 -1.45 -43.39 20.24
CA GLY E 30 -1.83 -44.66 20.84
C GLY E 30 -2.72 -44.55 22.08
N ALA E 31 -2.95 -43.33 22.61
CA ALA E 31 -3.71 -43.17 23.85
C ALA E 31 -5.18 -43.56 23.65
N ASP E 32 -5.80 -43.96 24.78
CA ASP E 32 -7.20 -44.39 24.80
C ASP E 32 -8.04 -43.20 25.25
N VAL E 33 -8.74 -42.59 24.28
CA VAL E 33 -9.27 -41.25 24.47
C VAL E 33 -10.79 -41.32 24.41
N VAL E 34 -11.41 -40.87 25.51
CA VAL E 34 -12.86 -40.94 25.57
C VAL E 34 -13.37 -39.54 25.80
N ARG E 35 -14.20 -39.11 24.85
CA ARG E 35 -14.63 -37.73 24.72
C ARG E 35 -16.11 -37.64 25.08
N ILE E 36 -16.41 -36.78 26.06
CA ILE E 36 -17.76 -36.63 26.55
C ILE E 36 -18.37 -35.39 25.92
N ASP E 37 -19.40 -35.59 25.10
CA ASP E 37 -20.13 -34.49 24.49
C ASP E 37 -21.54 -34.41 25.08
N ARG E 38 -22.18 -33.24 24.89
CA ARG E 38 -23.60 -33.07 25.13
C ARG E 38 -24.40 -34.05 24.28
N PRO E 39 -25.56 -34.55 24.77
CA PRO E 39 -26.49 -35.28 23.91
C PRO E 39 -27.01 -34.37 22.78
N SER E 40 -27.23 -33.08 23.11
CA SER E 40 -27.68 -32.05 22.18
C SER E 40 -26.80 -31.98 20.93
N SER E 41 -25.47 -32.02 21.12
CA SER E 41 -24.51 -31.75 20.06
C SER E 41 -24.25 -32.98 19.17
N VAL E 42 -24.74 -34.17 19.57
CA VAL E 42 -24.63 -35.36 18.74
C VAL E 42 -26.06 -35.79 18.34
N GLY E 44 -24.85 -38.45 14.68
CA GLY E 44 -24.38 -39.85 14.60
C GLY E 44 -22.85 -39.94 14.55
N ILE E 45 -22.28 -39.72 13.36
CA ILE E 45 -20.85 -39.89 13.10
C ILE E 45 -20.29 -38.54 12.63
N SER E 46 -19.24 -38.05 13.31
CA SER E 46 -18.66 -36.74 13.06
C SER E 46 -17.99 -36.67 11.69
N ARG E 47 -18.21 -35.56 10.98
CA ARG E 47 -17.48 -35.25 9.76
C ARG E 47 -16.12 -34.59 10.06
N ASP E 48 -15.87 -34.26 11.35
CA ASP E 48 -14.66 -33.55 11.73
C ASP E 48 -13.51 -34.53 11.96
N ALA E 49 -12.56 -34.56 11.01
CA ALA E 49 -11.41 -35.45 11.09
C ALA E 49 -10.56 -35.17 12.33
N MET E 50 -10.78 -34.03 13.02
CA MET E 50 -10.06 -33.76 14.25
C MET E 50 -10.50 -34.72 15.37
N LEU E 51 -11.66 -35.38 15.21
CA LEU E 51 -12.18 -36.30 16.22
C LEU E 51 -11.82 -37.77 15.91
N ARG E 52 -10.78 -37.97 15.11
CA ARG E 52 -10.22 -39.29 14.87
C ARG E 52 -9.57 -39.79 16.16
N ASN E 53 -9.32 -41.12 16.20
CA ASN E 53 -8.73 -41.79 17.34
C ASN E 53 -9.47 -41.49 18.65
N ARG E 54 -10.80 -41.62 18.61
CA ARG E 54 -11.68 -41.31 19.72
C ARG E 54 -12.66 -42.45 20.00
N ARG E 55 -13.14 -42.55 21.25
CA ARG E 55 -14.50 -43.02 21.51
C ARG E 55 -15.33 -41.83 22.02
N ILE E 56 -16.46 -41.56 21.36
CA ILE E 56 -17.36 -40.48 21.72
C ILE E 56 -18.47 -41.04 22.63
N VAL E 57 -18.72 -40.38 23.76
CA VAL E 57 -19.88 -40.69 24.59
C VAL E 57 -20.64 -39.41 24.87
N THR E 58 -21.95 -39.57 25.12
CA THR E 58 -22.88 -38.49 25.38
C THR E 58 -23.28 -38.54 26.86
N ALA E 59 -23.35 -37.37 27.49
CA ALA E 59 -23.90 -37.28 28.83
C ALA E 59 -24.16 -35.82 29.19
N ASP E 60 -25.38 -35.54 29.66
CA ASP E 60 -25.73 -34.24 30.21
C ASP E 60 -25.04 -34.10 31.57
N LEU E 61 -23.91 -33.37 31.59
CA LEU E 61 -23.10 -33.25 32.80
C LEU E 61 -23.78 -32.39 33.86
N LYS E 62 -24.93 -31.77 33.53
CA LYS E 62 -25.65 -30.97 34.50
C LYS E 62 -26.63 -31.84 35.30
N SER E 63 -26.98 -33.00 34.77
CA SER E 63 -27.81 -33.96 35.50
C SER E 63 -26.97 -34.72 36.53
N ASP E 64 -27.65 -35.34 37.50
CA ASP E 64 -26.98 -36.10 38.55
C ASP E 64 -26.40 -37.42 38.01
N GLN E 65 -27.10 -38.05 37.07
CA GLN E 65 -26.64 -39.31 36.50
C GLN E 65 -25.42 -39.06 35.61
N GLY E 66 -25.48 -38.00 34.78
CA GLY E 66 -24.38 -37.57 33.94
C GLY E 66 -23.10 -37.35 34.74
N LEU E 67 -23.17 -36.52 35.80
CA LEU E 67 -22.02 -36.24 36.63
C LEU E 67 -21.44 -37.52 37.27
N GLU E 68 -22.29 -38.48 37.61
CA GLU E 68 -21.78 -39.61 38.35
C GLU E 68 -21.01 -40.52 37.39
N LEU E 69 -21.59 -40.78 36.21
CA LEU E 69 -20.94 -41.57 35.18
C LEU E 69 -19.58 -40.98 34.79
N ALA E 70 -19.53 -39.65 34.68
CA ALA E 70 -18.33 -38.94 34.27
C ALA E 70 -17.27 -39.07 35.36
N LEU E 71 -17.69 -39.03 36.62
CA LEU E 71 -16.73 -39.21 37.71
C LEU E 71 -16.18 -40.65 37.74
N LYS E 72 -16.95 -41.62 37.25
CA LYS E 72 -16.48 -42.99 37.21
C LYS E 72 -15.40 -43.10 36.13
N LEU E 73 -15.71 -42.67 34.89
CA LEU E 73 -14.73 -42.58 33.81
C LEU E 73 -13.43 -41.96 34.33
N ILE E 74 -13.54 -40.78 34.94
CA ILE E 74 -12.38 -40.05 35.40
C ILE E 74 -11.59 -40.83 36.46
N ALA E 75 -12.27 -41.68 37.26
CA ALA E 75 -11.58 -42.45 38.28
C ALA E 75 -10.69 -43.52 37.63
N LYS E 76 -11.09 -44.01 36.46
CA LYS E 76 -10.35 -45.06 35.75
C LYS E 76 -9.26 -44.48 34.84
N ALA E 77 -9.12 -43.14 34.76
CA ALA E 77 -8.33 -42.49 33.72
C ALA E 77 -7.03 -41.93 34.26
N ASP E 78 -6.08 -41.65 33.36
CA ASP E 78 -4.82 -41.01 33.71
C ASP E 78 -4.91 -39.48 33.58
N VAL E 79 -5.69 -39.05 32.58
CA VAL E 79 -5.67 -37.64 32.22
C VAL E 79 -7.09 -37.16 31.92
N LEU E 80 -7.35 -35.95 32.41
CA LEU E 80 -8.54 -35.22 31.98
C LEU E 80 -8.15 -33.88 31.35
N ILE E 81 -8.84 -33.60 30.24
CA ILE E 81 -8.66 -32.38 29.46
C ILE E 81 -9.99 -31.65 29.46
N GLU E 82 -9.92 -30.39 29.85
CA GLU E 82 -11.07 -29.51 29.73
C GLU E 82 -10.58 -28.16 29.22
N GLY E 83 -11.39 -27.50 28.39
CA GLY E 83 -11.08 -26.18 27.85
C GLY E 83 -12.27 -25.20 27.91
N TYR E 84 -13.03 -25.27 29.02
CA TYR E 84 -14.04 -24.28 29.34
C TYR E 84 -13.40 -23.10 30.05
N ARG E 85 -14.20 -22.03 30.26
CA ARG E 85 -13.74 -20.94 31.10
C ARG E 85 -13.49 -21.48 32.49
N PRO E 86 -12.58 -20.85 33.26
CA PRO E 86 -12.32 -21.27 34.63
C PRO E 86 -13.64 -21.22 35.40
N GLY E 87 -13.82 -22.16 36.33
CA GLY E 87 -15.01 -22.20 37.15
C GLY E 87 -16.07 -23.12 36.59
N VAL E 88 -16.04 -23.41 35.28
CA VAL E 88 -17.08 -24.20 34.67
C VAL E 88 -17.05 -25.64 35.17
N THR E 89 -15.86 -26.24 35.27
CA THR E 89 -15.83 -27.63 35.74
C THR E 89 -16.13 -27.60 37.24
N GLU E 90 -15.58 -26.60 37.97
CA GLU E 90 -15.83 -26.50 39.39
C GLU E 90 -17.35 -26.62 39.61
N ARG E 91 -18.14 -25.82 38.87
CA ARG E 91 -19.59 -25.78 39.06
C ARG E 91 -20.25 -27.06 38.62
N LEU E 92 -19.74 -27.76 37.61
CA LEU E 92 -20.36 -29.04 37.27
C LEU E 92 -20.13 -30.07 38.38
N GLY E 93 -19.16 -29.81 39.29
CA GLY E 93 -18.64 -30.80 40.24
C GLY E 93 -17.60 -31.73 39.61
N LEU E 94 -16.85 -31.20 38.63
CA LEU E 94 -15.81 -31.92 37.89
C LEU E 94 -14.51 -31.16 38.05
N GLY E 95 -14.48 -30.27 39.03
CA GLY E 95 -13.30 -29.51 39.38
C GLY E 95 -12.14 -30.41 39.79
N PRO E 96 -10.90 -29.87 39.86
CA PRO E 96 -9.75 -30.71 40.19
C PRO E 96 -9.97 -31.37 41.56
N GLU E 97 -10.50 -30.61 42.52
CA GLU E 97 -10.64 -31.08 43.91
C GLU E 97 -11.59 -32.26 44.01
N GLU E 98 -12.76 -32.15 43.40
CA GLU E 98 -13.71 -33.25 43.28
C GLU E 98 -13.14 -34.44 42.52
N CYS E 99 -12.32 -34.18 41.51
CA CYS E 99 -11.72 -35.25 40.72
C CYS E 99 -10.66 -35.94 41.58
N ALA E 100 -9.91 -35.16 42.38
CA ALA E 100 -8.84 -35.70 43.20
C ALA E 100 -9.40 -36.62 44.29
N LYS E 101 -10.66 -36.40 44.66
CA LYS E 101 -11.34 -37.23 45.64
C LYS E 101 -11.43 -38.65 45.11
N VAL E 102 -11.73 -38.84 43.80
CA VAL E 102 -11.95 -40.17 43.25
C VAL E 102 -10.75 -40.69 42.47
N ASN E 103 -9.62 -39.95 42.45
CA ASN E 103 -8.46 -40.31 41.66
C ASN E 103 -7.30 -39.36 41.93
N ASP E 104 -6.49 -39.67 42.96
CA ASP E 104 -5.39 -38.79 43.39
C ASP E 104 -4.18 -38.84 42.43
N ARG E 105 -4.28 -39.62 41.35
CA ARG E 105 -3.16 -39.75 40.43
C ARG E 105 -3.43 -39.02 39.12
N LEU E 106 -4.54 -38.25 39.07
CA LEU E 106 -5.06 -37.71 37.83
C LEU E 106 -4.25 -36.48 37.43
N ILE E 107 -3.88 -36.46 36.15
CA ILE E 107 -3.37 -35.24 35.54
C ILE E 107 -4.57 -34.45 35.02
N TYR E 108 -4.75 -33.27 35.61
CA TYR E 108 -5.90 -32.43 35.32
C TYR E 108 -5.48 -31.28 34.39
N ALA E 109 -5.83 -31.37 33.11
CA ALA E 109 -5.24 -30.41 32.17
C ALA E 109 -6.29 -29.40 31.71
N ARG E 110 -5.98 -28.14 32.02
CA ARG E 110 -6.85 -27.00 31.84
C ARG E 110 -6.33 -26.09 30.71
N MET E 111 -7.09 -26.04 29.62
CA MET E 111 -6.71 -25.38 28.38
C MET E 111 -7.53 -24.10 28.25
N THR E 112 -6.86 -22.96 28.41
CA THR E 112 -7.52 -21.68 28.26
C THR E 112 -6.65 -20.76 27.39
N GLY E 113 -7.21 -19.57 27.06
CA GLY E 113 -6.49 -18.52 26.38
C GLY E 113 -5.78 -17.63 27.37
N TRP E 114 -6.56 -17.14 28.36
CA TRP E 114 -6.07 -16.14 29.28
C TRP E 114 -5.48 -16.73 30.57
N GLY E 115 -5.71 -18.01 30.87
CA GLY E 115 -5.23 -18.53 32.15
C GLY E 115 -6.35 -18.66 33.18
N GLN E 116 -5.99 -19.15 34.37
CA GLN E 116 -6.95 -19.57 35.37
C GLN E 116 -7.34 -18.37 36.22
N THR E 117 -6.48 -17.35 36.30
CA THR E 117 -6.77 -16.18 37.08
C THR E 117 -6.38 -14.91 36.32
N GLY E 118 -6.71 -13.75 36.91
CA GLY E 118 -6.34 -12.44 36.39
C GLY E 118 -7.55 -11.78 35.71
N PRO E 119 -7.41 -10.48 35.40
CA PRO E 119 -8.54 -9.66 34.93
C PRO E 119 -9.26 -10.17 33.68
N ARG E 120 -8.53 -10.91 32.81
CA ARG E 120 -9.14 -11.38 31.57
C ARG E 120 -9.55 -12.84 31.68
N SER E 121 -9.39 -13.44 32.86
CA SER E 121 -9.63 -14.87 32.99
C SER E 121 -11.02 -15.27 32.57
N GLN E 122 -12.00 -14.35 32.64
CA GLN E 122 -13.36 -14.70 32.25
C GLN E 122 -13.78 -14.11 30.90
N GLN E 123 -12.95 -13.30 30.27
CA GLN E 123 -13.26 -12.73 28.96
C GLN E 123 -13.28 -13.80 27.89
N ALA E 124 -14.28 -13.78 27.02
CA ALA E 124 -14.25 -14.65 25.85
C ALA E 124 -13.10 -14.23 24.91
N GLY E 125 -12.71 -15.15 24.05
CA GLY E 125 -11.63 -14.86 23.12
C GLY E 125 -11.39 -15.98 22.11
N HIS E 126 -10.55 -15.62 21.15
CA HIS E 126 -10.05 -16.56 20.17
C HIS E 126 -8.58 -16.24 19.94
N ASP E 127 -7.96 -17.06 19.09
CA ASP E 127 -6.51 -17.05 18.89
C ASP E 127 -6.02 -15.63 18.69
N ILE E 128 -6.70 -14.89 17.81
CA ILE E 128 -6.20 -13.59 17.40
C ILE E 128 -6.09 -12.63 18.58
N ASN E 129 -6.93 -12.83 19.60
CA ASN E 129 -6.96 -12.00 20.80
C ASN E 129 -5.76 -12.34 21.69
N TYR E 130 -5.48 -13.63 21.84
CA TYR E 130 -4.43 -14.11 22.75
C TYR E 130 -3.09 -13.61 22.24
N ILE E 131 -2.90 -13.69 20.91
CA ILE E 131 -1.65 -13.25 20.31
C ILE E 131 -1.58 -11.74 20.09
N SER E 132 -2.69 -11.00 20.23
CA SER E 132 -2.60 -9.54 20.11
C SER E 132 -1.95 -8.92 21.36
N LEU E 133 -2.17 -9.57 22.50
CA LEU E 133 -1.86 -8.97 23.77
C LEU E 133 -0.40 -9.20 24.16
N ASN E 134 0.28 -10.13 23.48
CA ASN E 134 1.62 -10.48 23.92
C ASN E 134 2.68 -10.12 22.88
N GLY E 135 2.33 -9.33 21.85
CA GLY E 135 3.33 -8.80 20.93
C GLY E 135 3.45 -9.57 19.60
N ILE E 136 2.90 -10.80 19.56
CA ILE E 136 3.04 -11.69 18.42
C ILE E 136 2.33 -11.10 17.18
N LEU E 137 1.05 -10.82 17.28
CA LEU E 137 0.29 -10.44 16.11
C LEU E 137 0.87 -9.18 15.48
N HIS E 138 1.39 -8.28 16.31
CA HIS E 138 1.91 -7.01 15.84
C HIS E 138 3.09 -7.25 14.89
N ALA E 139 3.78 -8.38 15.08
CA ALA E 139 5.02 -8.62 14.37
C ALA E 139 4.80 -9.31 13.01
N ILE E 140 3.57 -9.73 12.71
CA ILE E 140 3.29 -10.55 11.55
C ILE E 140 2.65 -9.74 10.43
N GLY E 141 3.30 -9.73 9.25
CA GLY E 141 2.76 -9.08 8.06
C GLY E 141 3.71 -8.07 7.45
N ARG E 142 3.27 -7.44 6.36
CA ARG E 142 4.04 -6.42 5.69
C ARG E 142 4.04 -5.12 6.51
N GLY E 143 5.13 -4.38 6.38
CA GLY E 143 5.34 -3.13 7.09
C GLY E 143 4.32 -2.05 6.69
N ASP E 144 3.82 -2.10 5.47
CA ASP E 144 2.96 -1.01 5.00
C ASP E 144 1.49 -1.31 5.28
N GLU E 145 1.19 -2.34 6.07
CA GLU E 145 -0.16 -2.86 6.18
C GLU E 145 -0.48 -3.27 7.61
N ARG E 146 -1.77 -3.45 7.86
CA ARG E 146 -2.15 -3.88 9.18
C ARG E 146 -1.78 -5.35 9.40
N PRO E 147 -1.49 -5.73 10.67
CA PRO E 147 -1.06 -7.10 10.93
C PRO E 147 -2.03 -8.13 10.38
N VAL E 148 -1.46 -9.27 10.01
CA VAL E 148 -2.27 -10.33 9.45
C VAL E 148 -2.24 -11.53 10.41
N PRO E 149 -3.38 -12.18 10.65
CA PRO E 149 -3.41 -13.34 11.52
C PRO E 149 -2.82 -14.56 10.81
N PRO E 150 -1.89 -15.26 11.47
CA PRO E 150 -1.30 -16.47 10.92
C PRO E 150 -2.22 -17.65 11.19
N LEU E 151 -3.36 -17.64 10.51
CA LEU E 151 -4.52 -18.43 10.85
C LEU E 151 -4.68 -18.46 12.37
N ASN E 152 -5.08 -19.62 12.92
CA ASN E 152 -5.12 -19.84 14.35
C ASN E 152 -4.00 -20.81 14.74
N LEU E 153 -2.82 -20.70 14.11
CA LEU E 153 -1.77 -21.69 14.28
C LEU E 153 -0.96 -21.42 15.53
N VAL E 154 -0.79 -20.15 15.87
CA VAL E 154 0.18 -19.75 16.87
C VAL E 154 -0.44 -19.76 18.28
N GLY E 155 -1.67 -19.30 18.44
CA GLY E 155 -2.26 -19.33 19.77
C GLY E 155 -2.95 -20.66 20.10
N ASP E 156 -3.90 -21.08 19.25
CA ASP E 156 -4.59 -22.34 19.49
C ASP E 156 -3.62 -23.53 19.52
N PHE E 157 -2.74 -23.66 18.52
CA PHE E 157 -2.08 -24.95 18.35
C PHE E 157 -0.65 -24.83 18.84
N GLY E 158 0.18 -24.03 18.15
CA GLY E 158 1.57 -23.86 18.52
C GLY E 158 1.74 -23.54 20.00
N GLY E 159 0.99 -22.55 20.49
CA GLY E 159 1.23 -22.02 21.82
C GLY E 159 0.14 -22.46 22.79
N GLY E 160 -0.70 -23.37 22.31
CA GLY E 160 -1.95 -23.77 22.93
C GLY E 160 -1.93 -25.26 23.28
N SER E 161 -2.56 -26.07 22.43
CA SER E 161 -2.57 -27.52 22.55
C SER E 161 -1.18 -28.12 22.76
N MET E 162 -0.18 -27.63 22.02
CA MET E 162 1.12 -28.30 22.05
C MET E 162 1.72 -28.14 23.45
N PHE E 163 1.47 -27.00 24.10
CA PHE E 163 1.93 -26.78 25.47
C PHE E 163 1.10 -27.57 26.48
N LEU E 164 -0.19 -27.78 26.20
CA LEU E 164 -1.02 -28.66 27.01
C LEU E 164 -0.39 -30.07 26.94
N LEU E 165 -0.01 -30.51 25.74
CA LEU E 165 0.60 -31.82 25.57
C LEU E 165 1.88 -31.91 26.38
N VAL E 166 2.75 -30.91 26.28
CA VAL E 166 4.00 -30.93 27.01
C VAL E 166 3.77 -30.96 28.52
N GLY E 167 2.72 -30.29 28.98
CA GLY E 167 2.37 -30.28 30.40
C GLY E 167 1.87 -31.64 30.87
N ILE E 168 0.92 -32.21 30.14
CA ILE E 168 0.39 -33.52 30.42
C ILE E 168 1.52 -34.56 30.51
N LEU E 169 2.44 -34.56 29.53
CA LEU E 169 3.44 -35.62 29.47
C LEU E 169 4.58 -35.35 30.44
N ALA E 170 4.92 -34.08 30.74
CA ALA E 170 5.86 -33.83 31.80
C ALA E 170 5.29 -34.23 33.15
N ALA E 171 3.96 -34.12 33.31
CA ALA E 171 3.35 -34.40 34.60
C ALA E 171 3.27 -35.92 34.82
N LEU E 172 2.99 -36.68 33.76
CA LEU E 172 3.02 -38.14 33.80
C LEU E 172 4.41 -38.64 34.16
N TRP E 173 5.44 -37.99 33.63
CA TRP E 173 6.81 -38.32 34.03
C TRP E 173 7.03 -38.07 35.52
N GLU E 174 6.67 -36.88 36.01
CA GLU E 174 6.81 -36.53 37.41
C GLU E 174 6.10 -37.53 38.32
N ARG E 175 4.97 -38.05 37.86
CA ARG E 175 4.12 -38.94 38.62
C ARG E 175 4.76 -40.32 38.81
N GLN E 176 5.67 -40.71 37.92
CA GLN E 176 6.34 -42.01 38.05
C GLN E 176 7.17 -41.95 39.32
N SER E 177 7.63 -40.75 39.68
CA SER E 177 8.46 -40.49 40.84
C SER E 177 7.64 -40.18 42.11
N SER E 178 6.49 -39.50 41.98
CA SER E 178 5.81 -38.95 43.15
C SER E 178 4.60 -39.79 43.59
N GLY E 179 4.03 -40.58 42.67
CA GLY E 179 2.76 -41.26 42.85
C GLY E 179 1.53 -40.35 42.69
N LYS E 180 1.72 -39.02 42.61
CA LYS E 180 0.62 -38.06 42.59
C LYS E 180 0.47 -37.34 41.23
N GLY E 181 -0.79 -37.01 40.90
CA GLY E 181 -1.13 -36.10 39.82
C GLY E 181 -0.97 -34.63 40.23
N GLN E 182 -1.53 -33.73 39.40
CA GLN E 182 -1.46 -32.30 39.69
C GLN E 182 -2.23 -31.60 38.57
N VAL E 183 -2.32 -30.28 38.67
CA VAL E 183 -3.07 -29.51 37.69
C VAL E 183 -2.11 -28.86 36.70
N VAL E 184 -2.43 -29.01 35.42
CA VAL E 184 -1.71 -28.31 34.36
C VAL E 184 -2.60 -27.18 33.82
N ASP E 185 -2.10 -25.95 34.01
CA ASP E 185 -2.66 -24.68 33.58
C ASP E 185 -1.88 -24.23 32.33
N ALA E 186 -2.46 -24.53 31.16
CA ALA E 186 -1.93 -24.14 29.85
C ALA E 186 -2.76 -23.00 29.26
N ALA E 187 -2.20 -21.80 29.36
CA ALA E 187 -2.81 -20.60 28.82
C ALA E 187 -2.15 -20.22 27.49
N MET E 188 -2.94 -20.08 26.40
CA MET E 188 -2.42 -19.75 25.07
C MET E 188 -1.55 -18.50 25.11
N VAL E 189 -1.89 -17.52 25.96
CA VAL E 189 -1.10 -16.30 26.02
C VAL E 189 0.31 -16.59 26.55
N ASP E 190 0.46 -17.64 27.37
CA ASP E 190 1.76 -18.01 27.94
C ASP E 190 2.59 -18.82 26.94
N GLY E 191 1.97 -19.90 26.48
CA GLY E 191 2.60 -20.84 25.57
C GLY E 191 3.11 -20.13 24.31
N SER E 192 2.26 -19.26 23.72
CA SER E 192 2.63 -18.56 22.51
C SER E 192 3.80 -17.64 22.82
N SER E 193 3.94 -17.14 24.05
CA SER E 193 5.07 -16.30 24.41
C SER E 193 6.38 -17.12 24.46
N VAL E 194 6.33 -18.37 24.93
CA VAL E 194 7.52 -19.20 24.94
C VAL E 194 7.81 -19.62 23.50
N LEU E 195 6.75 -19.89 22.75
CA LEU E 195 6.88 -20.22 21.33
C LEU E 195 7.73 -19.17 20.62
N ILE E 196 7.59 -17.89 21.00
CA ILE E 196 8.29 -16.78 20.33
C ILE E 196 9.50 -16.28 21.14
N GLN E 197 10.02 -17.12 22.03
CA GLN E 197 11.11 -16.73 22.92
C GLN E 197 12.32 -16.18 22.16
N MET E 198 12.60 -16.74 20.98
CA MET E 198 13.72 -16.31 20.15
C MET E 198 13.60 -14.82 19.83
N MET E 199 12.39 -14.37 19.45
CA MET E 199 12.24 -12.96 19.19
C MET E 199 12.55 -12.17 20.46
N TRP E 200 12.12 -12.65 21.64
CA TRP E 200 12.38 -11.91 22.87
C TRP E 200 13.87 -11.87 23.18
N ALA E 201 14.59 -12.94 22.83
CA ALA E 201 16.04 -13.00 23.01
C ALA E 201 16.73 -12.01 22.07
N MET E 202 16.44 -12.13 20.77
CA MET E 202 17.03 -11.26 19.77
C MET E 202 16.72 -9.79 20.08
N ARG E 203 15.54 -9.52 20.66
CA ARG E 203 15.14 -8.16 20.94
C ARG E 203 16.10 -7.54 21.95
N ALA E 204 16.46 -8.33 22.97
CA ALA E 204 17.35 -7.89 24.03
C ALA E 204 18.77 -7.61 23.51
N THR E 205 19.19 -8.27 22.43
CA THR E 205 20.51 -8.06 21.87
C THR E 205 20.47 -7.11 20.67
N GLY E 206 19.36 -6.38 20.48
CA GLY E 206 19.22 -5.43 19.39
C GLY E 206 19.23 -6.07 18.01
N MET E 207 18.91 -7.36 17.91
CA MET E 207 18.88 -8.02 16.63
C MET E 207 17.45 -8.31 16.18
N TRP E 208 16.47 -7.73 16.85
CA TRP E 208 15.09 -7.77 16.42
C TRP E 208 14.46 -6.46 16.87
N THR E 209 13.74 -5.77 15.96
CA THR E 209 12.97 -4.57 16.31
C THR E 209 11.46 -4.80 16.18
N ASP E 210 10.72 -3.88 16.82
CA ASP E 210 9.27 -3.90 16.88
C ASP E 210 8.68 -3.35 15.58
N THR E 211 9.52 -2.82 14.68
CA THR E 211 9.05 -2.44 13.37
C THR E 211 8.65 -3.69 12.58
N ARG E 212 7.38 -3.77 12.17
CA ARG E 212 6.88 -4.89 11.42
C ARG E 212 7.48 -4.86 10.02
N GLY E 213 7.90 -6.02 9.51
CA GLY E 213 8.43 -6.16 8.15
C GLY E 213 9.85 -5.61 7.94
N ALA E 214 10.63 -5.50 9.02
CA ALA E 214 11.98 -4.97 8.94
C ALA E 214 12.98 -5.86 9.67
N ASN E 215 12.74 -7.17 9.75
CA ASN E 215 13.66 -8.05 10.46
C ASN E 215 14.05 -9.24 9.57
N MET E 216 14.94 -10.10 10.07
CA MET E 216 15.49 -11.17 9.26
C MET E 216 14.40 -12.20 8.91
N LEU E 217 13.43 -12.39 9.79
CA LEU E 217 12.54 -13.53 9.66
C LEU E 217 11.06 -13.15 9.49
N ASP E 218 10.75 -11.86 9.27
CA ASP E 218 9.35 -11.46 9.14
C ASP E 218 8.95 -11.16 7.70
N GLY E 219 9.87 -11.40 6.76
CA GLY E 219 9.66 -11.04 5.37
C GLY E 219 10.43 -9.79 4.98
N GLY E 220 11.11 -9.15 5.94
CA GLY E 220 11.90 -7.95 5.67
C GLY E 220 13.19 -8.21 4.89
N ALA E 221 13.79 -9.39 5.08
CA ALA E 221 15.02 -9.76 4.38
C ALA E 221 14.70 -10.29 2.98
N PRO E 222 15.37 -9.77 1.94
CA PRO E 222 15.16 -10.28 0.59
C PRO E 222 15.52 -11.75 0.38
N TYR E 223 16.38 -12.26 1.24
CA TYR E 223 16.75 -13.68 1.17
C TYR E 223 15.86 -14.55 2.05
N TYR E 224 14.86 -13.96 2.72
CA TYR E 224 13.91 -14.75 3.54
C TYR E 224 12.47 -14.24 3.33
N ASP E 225 11.86 -14.70 2.24
CA ASP E 225 10.59 -14.14 1.78
C ASP E 225 10.09 -14.99 0.62
N THR E 226 8.87 -14.69 0.17
CA THR E 226 8.33 -15.28 -1.04
C THR E 226 8.58 -14.34 -2.22
N TYR E 227 8.58 -14.96 -3.41
CA TYR E 227 8.67 -14.23 -4.66
C TYR E 227 7.66 -14.78 -5.66
N GLU E 228 7.05 -13.85 -6.38
CA GLU E 228 6.12 -14.21 -7.42
C GLU E 228 6.88 -14.56 -8.70
N CYS E 229 6.44 -15.64 -9.37
CA CYS E 229 7.11 -16.20 -10.53
C CYS E 229 6.33 -15.80 -11.80
N ALA E 230 6.83 -16.21 -12.98
CA ALA E 230 6.29 -15.74 -14.24
C ALA E 230 4.85 -16.20 -14.40
N ASP E 231 4.48 -17.30 -13.76
CA ASP E 231 3.15 -17.85 -13.92
C ASP E 231 2.20 -17.32 -12.85
N GLY E 232 2.64 -16.39 -11.97
CA GLY E 232 1.77 -15.88 -10.93
C GLY E 232 1.73 -16.76 -9.67
N ARG E 233 2.49 -17.87 -9.64
CA ARG E 233 2.64 -18.69 -8.45
C ARG E 233 3.93 -18.26 -7.75
N TYR E 234 4.21 -18.86 -6.59
CA TYR E 234 5.25 -18.34 -5.71
C TYR E 234 6.31 -19.39 -5.37
N VAL E 235 7.50 -18.86 -5.01
CA VAL E 235 8.54 -19.64 -4.37
C VAL E 235 8.89 -18.98 -3.05
N ALA E 236 9.43 -19.80 -2.14
CA ALA E 236 9.97 -19.32 -0.89
C ALA E 236 11.48 -19.40 -0.96
N VAL E 237 12.10 -18.35 -0.46
CA VAL E 237 13.54 -18.25 -0.33
C VAL E 237 13.88 -18.13 1.15
N GLY E 238 14.79 -19.00 1.64
CA GLY E 238 15.19 -18.97 3.03
C GLY E 238 16.69 -19.08 3.21
N ALA E 239 17.42 -18.44 2.29
CA ALA E 239 18.86 -18.61 2.20
C ALA E 239 19.57 -17.61 3.12
N ILE E 240 19.55 -17.96 4.39
CA ILE E 240 20.12 -17.13 5.43
C ILE E 240 21.65 -17.23 5.41
N GLU E 241 22.17 -18.48 5.41
CA GLU E 241 23.60 -18.73 5.50
C GLU E 241 24.27 -18.29 4.19
N PRO E 242 25.43 -17.61 4.28
CA PRO E 242 26.05 -17.04 3.07
C PRO E 242 26.29 -18.03 1.93
N GLN E 243 26.61 -19.30 2.25
CA GLN E 243 26.94 -20.30 1.23
C GLN E 243 25.68 -20.62 0.46
N PHE E 244 24.59 -20.77 1.22
CA PHE E 244 23.33 -21.13 0.60
C PHE E 244 22.85 -19.97 -0.26
N TYR E 245 23.00 -18.74 0.27
CA TYR E 245 22.64 -17.53 -0.47
C TYR E 245 23.45 -17.47 -1.79
N ALA E 246 24.75 -17.77 -1.73
CA ALA E 246 25.57 -17.71 -2.95
C ALA E 246 25.04 -18.70 -4.00
N ALA E 247 24.60 -19.87 -3.53
CA ALA E 247 24.12 -20.91 -4.41
C ALA E 247 22.84 -20.49 -5.12
N MET E 248 22.01 -19.81 -4.35
CA MET E 248 20.77 -19.26 -4.87
C MET E 248 21.07 -18.22 -5.98
N LEU E 249 21.99 -17.30 -5.72
CA LEU E 249 22.27 -16.26 -6.72
C LEU E 249 22.73 -16.91 -8.03
N ALA E 250 23.64 -17.91 -7.91
CA ALA E 250 24.21 -18.57 -9.08
C ALA E 250 23.10 -19.24 -9.88
N GLY E 251 22.14 -19.83 -9.17
CA GLY E 251 21.04 -20.51 -9.83
C GLY E 251 20.13 -19.53 -10.55
N LEU E 252 20.08 -18.28 -10.06
CA LEU E 252 19.24 -17.25 -10.68
C LEU E 252 20.01 -16.57 -11.83
N GLY E 253 21.27 -16.92 -12.02
CA GLY E 253 22.06 -16.32 -13.07
C GLY E 253 22.55 -14.92 -12.69
N LEU E 254 22.63 -14.62 -11.38
CA LEU E 254 23.06 -13.30 -10.95
C LEU E 254 24.47 -13.39 -10.41
N ASP E 255 25.25 -12.39 -10.75
CA ASP E 255 26.64 -12.39 -10.40
C ASP E 255 26.77 -11.58 -9.12
N ALA E 256 27.27 -12.21 -8.05
CA ALA E 256 27.31 -11.60 -6.72
C ALA E 256 28.06 -10.28 -6.75
N ALA E 257 28.99 -10.17 -7.69
CA ALA E 257 29.87 -9.01 -7.82
C ALA E 257 29.08 -7.74 -8.15
N GLU E 258 27.91 -7.93 -8.77
CA GLU E 258 27.06 -6.85 -9.24
C GLU E 258 25.99 -6.43 -8.22
N LEU E 259 25.83 -7.20 -7.13
CA LEU E 259 24.71 -7.02 -6.21
C LEU E 259 25.21 -6.36 -4.93
N PRO E 260 24.32 -5.71 -4.17
CA PRO E 260 24.68 -5.19 -2.86
C PRO E 260 24.97 -6.36 -1.94
N PRO E 261 25.71 -6.17 -0.83
CA PRO E 261 25.96 -7.27 0.11
C PRO E 261 24.66 -7.82 0.72
N GLN E 262 24.68 -9.09 1.07
CA GLN E 262 23.48 -9.81 1.52
C GLN E 262 22.80 -9.09 2.69
N ASN E 263 23.61 -8.55 3.62
CA ASN E 263 23.12 -8.04 4.88
C ASN E 263 23.42 -6.55 5.01
N ASP E 264 23.58 -5.83 3.89
CA ASP E 264 23.50 -4.37 3.91
C ASP E 264 22.03 -3.98 3.84
N ARG E 265 21.43 -3.77 5.01
CA ARG E 265 19.99 -3.55 5.10
C ARG E 265 19.60 -2.27 4.38
N ALA E 266 20.49 -1.29 4.32
CA ALA E 266 20.18 -0.03 3.67
C ALA E 266 19.86 -0.29 2.20
N ARG E 267 20.42 -1.36 1.64
CA ARG E 267 20.33 -1.65 0.22
C ARG E 267 19.41 -2.83 -0.08
N TRP E 268 18.64 -3.24 0.93
CA TRP E 268 17.73 -4.36 0.77
C TRP E 268 16.68 -4.06 -0.30
N PRO E 269 16.10 -2.84 -0.41
CA PRO E 269 15.13 -2.60 -1.49
C PRO E 269 15.76 -2.83 -2.87
N GLU E 270 17.01 -2.40 -3.04
CA GLU E 270 17.72 -2.58 -4.29
C GLU E 270 17.95 -4.08 -4.56
N LEU E 271 18.48 -4.80 -3.56
CA LEU E 271 18.62 -6.23 -3.64
C LEU E 271 17.29 -6.92 -3.94
N ARG E 272 16.20 -6.50 -3.28
CA ARG E 272 14.93 -7.15 -3.49
C ARG E 272 14.45 -6.95 -4.93
N ALA E 273 14.65 -5.73 -5.49
CA ALA E 273 14.24 -5.50 -6.87
C ALA E 273 14.97 -6.46 -7.82
N LEU E 274 16.27 -6.70 -7.61
CA LEU E 274 17.03 -7.54 -8.54
C LEU E 274 16.59 -9.00 -8.44
N LEU E 275 16.32 -9.52 -7.23
CA LEU E 275 15.77 -10.85 -7.03
C LEU E 275 14.35 -10.97 -7.60
N THR E 276 13.52 -9.95 -7.38
CA THR E 276 12.16 -9.96 -7.91
C THR E 276 12.16 -10.15 -9.43
N GLU E 277 12.98 -9.37 -10.15
CA GLU E 277 13.05 -9.46 -11.61
C GLU E 277 13.52 -10.86 -12.02
N ALA E 278 14.51 -11.40 -11.31
CA ALA E 278 15.04 -12.73 -11.62
C ALA E 278 13.98 -13.81 -11.42
N PHE E 279 13.26 -13.81 -10.29
CA PHE E 279 12.30 -14.88 -10.07
C PHE E 279 11.12 -14.73 -11.03
N ALA E 280 10.79 -13.49 -11.41
CA ALA E 280 9.63 -13.28 -12.27
C ALA E 280 9.87 -13.78 -13.70
N SER E 281 11.12 -14.10 -14.08
CA SER E 281 11.40 -14.46 -15.47
C SER E 281 11.15 -15.93 -15.74
N HIS E 282 10.92 -16.78 -14.71
CA HIS E 282 10.55 -18.17 -14.97
C HIS E 282 9.40 -18.56 -14.04
N ASP E 283 8.73 -19.65 -14.36
CA ASP E 283 7.58 -20.11 -13.61
C ASP E 283 8.03 -20.92 -12.40
N ARG E 284 7.08 -21.22 -11.50
CA ARG E 284 7.40 -21.75 -10.19
C ARG E 284 8.08 -23.11 -10.36
N ASP E 285 7.54 -23.92 -11.25
CA ASP E 285 8.00 -25.30 -11.38
C ASP E 285 9.39 -25.33 -11.98
N HIS E 286 9.67 -24.44 -12.95
CA HIS E 286 11.04 -24.23 -13.38
C HIS E 286 12.00 -24.06 -12.20
N TRP E 287 11.67 -23.15 -11.28
CA TRP E 287 12.59 -22.88 -10.19
C TRP E 287 12.75 -24.10 -9.30
N GLY E 288 11.67 -24.85 -9.12
CA GLY E 288 11.67 -26.03 -8.25
C GLY E 288 12.61 -27.13 -8.73
N ALA E 289 12.66 -27.30 -10.07
CA ALA E 289 13.54 -28.25 -10.75
C ALA E 289 14.99 -27.78 -10.67
N VAL E 290 15.23 -26.58 -11.18
CA VAL E 290 16.53 -25.94 -11.13
C VAL E 290 17.16 -26.09 -9.74
N PHE E 291 16.38 -25.95 -8.67
CA PHE E 291 16.98 -25.93 -7.33
C PHE E 291 16.76 -27.26 -6.60
N ALA E 292 16.20 -28.24 -7.31
CA ALA E 292 15.75 -29.51 -6.76
C ALA E 292 16.72 -30.05 -5.71
N ASN E 293 17.99 -30.29 -6.03
CA ASN E 293 18.80 -30.96 -5.01
C ASN E 293 19.85 -30.04 -4.40
N SER E 294 19.57 -28.72 -4.31
CA SER E 294 20.56 -27.74 -3.90
C SER E 294 20.33 -27.27 -2.47
N ASP E 295 21.34 -26.61 -1.93
CA ASP E 295 21.23 -25.93 -0.67
C ASP E 295 20.83 -24.45 -0.83
N ALA E 296 20.26 -24.08 -1.97
CA ALA E 296 19.88 -22.69 -2.23
C ALA E 296 18.75 -22.24 -1.29
N CYS E 297 18.05 -23.19 -0.67
CA CYS E 297 16.90 -22.91 0.20
C CYS E 297 15.80 -22.22 -0.61
N VAL E 298 15.46 -22.79 -1.76
CA VAL E 298 14.41 -22.27 -2.61
C VAL E 298 13.46 -23.43 -2.82
N THR E 299 12.18 -23.21 -2.51
CA THR E 299 11.16 -24.23 -2.63
C THR E 299 9.90 -23.65 -3.24
N PRO E 300 9.11 -24.47 -3.96
CA PRO E 300 7.85 -24.03 -4.50
C PRO E 300 6.81 -23.88 -3.38
N VAL E 301 6.02 -22.79 -3.45
CA VAL E 301 4.95 -22.59 -2.48
C VAL E 301 3.70 -23.29 -3.00
N LEU E 302 3.37 -24.43 -2.41
CA LEU E 302 2.26 -25.25 -2.87
C LEU E 302 0.98 -24.91 -2.10
N ALA E 303 -0.14 -24.88 -2.84
CA ALA E 303 -1.48 -24.80 -2.25
C ALA E 303 -1.87 -26.19 -1.76
N PHE E 304 -2.79 -26.24 -0.78
CA PHE E 304 -3.22 -27.48 -0.17
C PHE E 304 -3.51 -28.54 -1.26
N GLY E 305 -4.29 -28.19 -2.28
CA GLY E 305 -4.73 -29.14 -3.29
C GLY E 305 -3.57 -29.80 -4.07
N GLU E 306 -2.35 -29.21 -4.03
CA GLU E 306 -1.23 -29.66 -4.84
C GLU E 306 -0.26 -30.50 -4.01
N VAL E 307 -0.40 -30.44 -2.68
CA VAL E 307 0.54 -31.07 -1.77
C VAL E 307 0.64 -32.58 -2.06
N HIS E 308 -0.51 -33.20 -2.34
CA HIS E 308 -0.59 -34.64 -2.52
C HIS E 308 0.27 -35.08 -3.72
N ASN E 309 0.59 -34.17 -4.65
CA ASN E 309 1.38 -34.49 -5.84
C ASN E 309 2.87 -34.27 -5.66
N GLU E 310 3.35 -33.88 -4.48
CA GLU E 310 4.75 -33.55 -4.31
C GLU E 310 5.52 -34.80 -3.88
N PRO E 311 6.49 -35.27 -4.69
CA PRO E 311 7.24 -36.50 -4.38
C PRO E 311 7.76 -36.62 -2.96
N HIS E 312 8.31 -35.56 -2.35
CA HIS E 312 8.83 -35.74 -1.01
C HIS E 312 7.71 -36.00 0.01
N ILE E 313 6.52 -35.44 -0.26
CA ILE E 313 5.36 -35.62 0.59
C ILE E 313 4.85 -37.05 0.43
N ILE E 314 4.74 -37.51 -0.81
CA ILE E 314 4.21 -38.83 -1.12
C ILE E 314 5.03 -39.92 -0.45
N GLU E 315 6.36 -39.81 -0.55
CA GLU E 315 7.22 -40.94 -0.24
C GLU E 315 7.49 -41.06 1.26
N ARG E 316 7.25 -39.99 2.03
CA ARG E 316 7.38 -40.10 3.48
C ARG E 316 6.02 -40.43 4.13
N ASN E 317 4.94 -40.51 3.35
CA ASN E 317 3.60 -40.80 3.84
C ASN E 317 3.22 -39.77 4.90
N THR E 318 3.41 -38.48 4.58
CA THR E 318 3.15 -37.42 5.53
C THR E 318 1.63 -37.33 5.66
N PHE E 319 0.90 -37.66 4.57
CA PHE E 319 -0.55 -37.69 4.56
C PHE E 319 -1.07 -39.11 4.27
N TYR E 320 -2.33 -39.34 4.64
CA TYR E 320 -3.11 -40.51 4.28
C TYR E 320 -4.46 -39.99 3.81
N GLU E 321 -5.17 -40.80 3.01
CA GLU E 321 -6.45 -40.39 2.45
C GLU E 321 -7.59 -40.82 3.37
N ALA E 322 -8.67 -40.04 3.41
CA ALA E 322 -9.82 -40.35 4.23
C ALA E 322 -11.00 -39.51 3.77
N ASN E 323 -12.18 -40.13 3.70
CA ASN E 323 -13.44 -39.43 3.44
C ASN E 323 -13.24 -38.09 2.75
N GLY E 324 -13.10 -38.15 1.41
CA GLY E 324 -13.09 -36.97 0.56
C GLY E 324 -12.05 -35.92 0.99
N GLY E 325 -10.85 -36.38 1.36
CA GLY E 325 -9.70 -35.50 1.48
C GLY E 325 -8.53 -36.11 2.24
N TRP E 326 -7.33 -35.60 1.95
CA TRP E 326 -6.12 -35.97 2.63
C TRP E 326 -6.08 -35.38 4.05
N GLN E 327 -5.42 -36.12 4.94
CA GLN E 327 -5.29 -35.77 6.33
C GLN E 327 -3.85 -36.07 6.68
N PRO E 328 -3.24 -35.31 7.60
CA PRO E 328 -1.87 -35.55 7.98
C PRO E 328 -1.80 -36.76 8.90
N MET E 329 -0.77 -37.60 8.70
CA MET E 329 -0.50 -38.72 9.57
C MET E 329 0.11 -38.24 10.87
N PRO E 330 0.09 -39.07 11.92
CA PRO E 330 0.64 -38.70 13.22
C PRO E 330 2.04 -38.16 13.13
N ALA E 331 2.36 -37.27 14.08
CA ALA E 331 3.72 -36.77 14.22
C ALA E 331 3.99 -36.68 15.70
N PRO E 332 5.25 -36.83 16.18
CA PRO E 332 6.38 -37.21 15.34
C PRO E 332 6.30 -38.72 15.12
N ARG E 333 7.45 -39.34 14.82
CA ARG E 333 7.50 -40.74 14.45
C ARG E 333 8.46 -41.49 15.38
N PHE E 334 8.18 -42.79 15.58
CA PHE E 334 8.83 -43.59 16.63
C PHE E 334 9.40 -44.87 16.02
N SER E 335 10.68 -45.17 16.29
CA SER E 335 11.37 -46.31 15.66
C SER E 335 10.75 -47.63 16.10
N ARG E 336 10.64 -47.86 17.42
CA ARG E 336 10.18 -49.14 17.97
C ARG E 336 8.65 -49.19 18.04
N THR E 337 8.01 -48.29 18.82
CA THR E 337 6.56 -48.31 18.95
C THR E 337 5.90 -47.30 18.03
N ALA E 338 5.72 -47.69 16.77
CA ALA E 338 5.30 -46.78 15.72
C ALA E 338 3.81 -46.55 15.85
N SER E 339 3.39 -45.29 15.64
CA SER E 339 1.97 -44.98 15.47
C SER E 339 1.39 -45.80 14.33
N SER E 340 0.06 -45.83 14.28
CA SER E 340 -0.64 -46.43 13.16
C SER E 340 -1.56 -45.39 12.57
N GLN E 341 -2.19 -45.77 11.46
CA GLN E 341 -3.05 -44.87 10.75
C GLN E 341 -4.22 -44.50 11.65
N PRO E 342 -4.61 -43.21 11.76
CA PRO E 342 -5.79 -42.83 12.53
C PRO E 342 -7.09 -43.56 12.19
N ARG E 343 -7.81 -43.93 13.26
CA ARG E 343 -9.17 -44.44 13.16
C ARG E 343 -10.10 -43.25 12.98
N PRO E 344 -10.98 -43.28 11.97
CA PRO E 344 -11.95 -42.22 11.74
C PRO E 344 -13.00 -42.17 12.86
N PRO E 345 -13.64 -41.02 13.11
CA PRO E 345 -14.59 -40.92 14.22
C PRO E 345 -15.71 -41.94 14.00
N ALA E 346 -16.11 -42.58 15.10
CA ALA E 346 -17.11 -43.64 15.07
C ALA E 346 -18.45 -43.08 15.49
N ALA E 347 -19.46 -43.96 15.51
CA ALA E 347 -20.75 -43.66 16.15
C ALA E 347 -20.55 -43.70 17.66
N THR E 348 -21.51 -43.12 18.39
CA THR E 348 -21.44 -42.95 19.83
C THR E 348 -21.58 -44.29 20.54
N ILE E 349 -20.45 -44.90 20.93
CA ILE E 349 -20.40 -45.79 22.07
C ILE E 349 -21.07 -45.07 23.26
N ASP E 350 -21.92 -45.79 24.02
CA ASP E 350 -22.51 -45.22 25.23
C ASP E 350 -21.74 -45.71 26.45
N ILE E 351 -21.90 -44.96 27.55
CA ILE E 351 -20.82 -44.73 28.49
C ILE E 351 -20.63 -45.88 29.47
N GLU E 352 -21.58 -46.83 29.49
CA GLU E 352 -21.46 -48.01 30.33
C GLU E 352 -20.46 -48.99 29.71
N ALA E 353 -20.52 -49.09 28.38
CA ALA E 353 -19.66 -49.97 27.58
C ALA E 353 -18.19 -49.69 27.86
N VAL E 354 -17.86 -48.40 27.97
CA VAL E 354 -16.49 -47.96 28.23
C VAL E 354 -16.08 -48.36 29.65
N LEU E 355 -16.96 -48.07 30.62
CA LEU E 355 -16.71 -48.43 32.02
C LEU E 355 -16.47 -49.93 32.15
N THR E 356 -17.21 -50.74 31.38
CA THR E 356 -16.93 -52.17 31.29
C THR E 356 -15.46 -52.37 30.91
N ASP E 357 -15.10 -51.87 29.71
CA ASP E 357 -13.77 -52.04 29.12
C ASP E 357 -12.70 -51.69 30.16
N TRP E 358 -12.84 -50.54 30.84
CA TRP E 358 -11.81 -50.10 31.77
C TRP E 358 -11.91 -50.84 33.11
N ASP E 359 -12.60 -52.01 33.10
CA ASP E 359 -12.75 -52.94 34.21
C ASP E 359 -13.94 -52.57 35.11
N GLY E 360 -13.89 -51.37 35.69
CA GLY E 360 -14.96 -50.89 36.56
C GLY E 360 -15.79 -49.79 35.91
N MET F 1 16.53 -28.96 41.49
CA MET F 1 16.01 -28.27 40.27
C MET F 1 14.49 -28.27 40.27
N ALA F 2 13.87 -27.06 40.26
CA ALA F 2 12.42 -26.94 40.34
C ALA F 2 11.75 -27.39 39.05
N GLY F 3 10.59 -28.04 39.18
CA GLY F 3 9.75 -28.34 38.03
C GLY F 3 9.49 -29.82 37.83
N PRO F 4 8.53 -30.18 36.97
CA PRO F 4 8.08 -31.55 36.82
C PRO F 4 9.07 -32.51 36.17
N LEU F 5 9.99 -31.97 35.37
CA LEU F 5 11.00 -32.81 34.73
C LEU F 5 12.28 -32.89 35.56
N SER F 6 12.25 -32.44 36.83
CA SER F 6 13.38 -32.59 37.74
C SER F 6 13.93 -34.02 37.66
N GLY F 7 15.24 -34.12 37.49
CA GLY F 7 15.94 -35.39 37.48
C GLY F 7 16.04 -36.03 36.09
N LEU F 8 15.40 -35.44 35.08
CA LEU F 8 15.64 -35.87 33.71
C LEU F 8 16.94 -35.24 33.21
N ARG F 9 17.75 -36.05 32.51
CA ARG F 9 19.06 -35.61 32.05
C ARG F 9 19.07 -35.52 30.53
N VAL F 10 19.58 -34.39 30.02
CA VAL F 10 19.48 -34.16 28.58
C VAL F 10 20.84 -33.76 28.01
N VAL F 11 21.15 -34.44 26.90
CA VAL F 11 22.31 -34.10 26.08
C VAL F 11 21.86 -33.54 24.72
N GLU F 12 22.28 -32.30 24.50
CA GLU F 12 21.90 -31.51 23.35
C GLU F 12 23.17 -31.21 22.55
N LEU F 13 23.22 -31.79 21.36
CA LEU F 13 24.25 -31.44 20.38
C LEU F 13 23.88 -30.15 19.65
N ALA F 14 24.62 -29.08 19.97
CA ALA F 14 24.34 -27.70 19.65
C ALA F 14 24.00 -27.54 18.18
N GLY F 15 22.81 -26.95 17.94
CA GLY F 15 22.28 -26.72 16.60
C GLY F 15 21.57 -25.38 16.54
N ILE F 16 20.63 -25.25 15.60
CA ILE F 16 19.91 -23.98 15.47
C ILE F 16 18.42 -24.29 15.34
N GLY F 17 17.60 -23.33 15.81
CA GLY F 17 16.16 -23.38 15.61
C GLY F 17 15.46 -24.29 16.61
N PRO F 18 14.81 -25.36 16.13
CA PRO F 18 13.95 -26.19 16.99
C PRO F 18 14.67 -26.94 18.11
N GLY F 19 15.87 -27.47 17.81
CA GLY F 19 16.66 -28.22 18.77
C GLY F 19 16.91 -27.43 20.04
N PRO F 20 17.53 -26.26 19.98
CA PRO F 20 17.72 -25.47 21.18
C PRO F 20 16.41 -25.03 21.85
N HIS F 21 15.32 -24.95 21.08
CA HIS F 21 14.08 -24.47 21.68
C HIS F 21 13.51 -25.58 22.56
N ALA F 22 13.46 -26.79 22.00
CA ALA F 22 13.00 -27.98 22.72
C ALA F 22 13.84 -28.25 23.97
N ALA F 23 15.13 -28.01 23.86
CA ALA F 23 16.02 -28.17 25.00
C ALA F 23 15.75 -27.09 26.03
N MET F 24 15.51 -25.86 25.57
CA MET F 24 15.23 -24.79 26.50
C MET F 24 14.03 -25.20 27.36
N ILE F 25 13.00 -25.73 26.70
CA ILE F 25 11.76 -26.00 27.40
C ILE F 25 11.97 -27.15 28.41
N LEU F 26 12.69 -28.22 28.00
CA LEU F 26 13.09 -29.26 28.95
C LEU F 26 13.76 -28.65 30.18
N GLY F 27 14.75 -27.78 29.99
CA GLY F 27 15.39 -27.08 31.11
C GLY F 27 14.46 -26.14 31.90
N ASP F 28 13.65 -25.35 31.19
CA ASP F 28 12.59 -24.57 31.81
C ASP F 28 11.81 -25.39 32.85
N LEU F 29 11.39 -26.61 32.49
CA LEU F 29 10.54 -27.48 33.31
C LEU F 29 11.34 -28.36 34.30
N GLY F 30 12.66 -28.17 34.40
CA GLY F 30 13.41 -28.75 35.50
C GLY F 30 14.46 -29.78 35.09
N ALA F 31 14.43 -30.23 33.83
CA ALA F 31 15.48 -31.07 33.30
C ALA F 31 16.87 -30.43 33.42
N ASP F 32 17.86 -31.35 33.50
CA ASP F 32 19.29 -31.09 33.56
C ASP F 32 19.85 -31.25 32.14
N VAL F 33 20.17 -30.11 31.53
CA VAL F 33 20.44 -30.08 30.10
C VAL F 33 21.89 -29.66 29.93
N VAL F 34 22.64 -30.51 29.23
CA VAL F 34 24.04 -30.22 28.99
C VAL F 34 24.19 -30.13 27.48
N ARG F 35 24.69 -28.97 27.07
CA ARG F 35 24.76 -28.63 25.65
C ARG F 35 26.21 -28.71 25.18
N ILE F 36 26.49 -29.65 24.26
CA ILE F 36 27.81 -29.81 23.66
C ILE F 36 27.91 -29.01 22.34
N ASP F 37 28.69 -27.93 22.40
CA ASP F 37 29.05 -27.12 21.24
C ASP F 37 30.48 -27.41 20.77
N ARG F 38 30.79 -26.99 19.53
CA ARG F 38 32.15 -26.81 19.03
C ARG F 38 32.93 -25.78 19.84
N PRO F 39 34.23 -26.00 20.16
CA PRO F 39 35.04 -24.98 20.82
C PRO F 39 35.30 -23.79 19.90
N SER F 40 35.28 -24.07 18.59
CA SER F 40 35.38 -23.06 17.53
C SER F 40 34.10 -22.22 17.47
N SER F 41 33.84 -21.46 18.53
CA SER F 41 32.60 -20.72 18.74
C SER F 41 32.12 -20.91 20.18
N VAL F 42 32.67 -20.10 21.10
CA VAL F 42 32.13 -20.00 22.46
C VAL F 42 32.37 -18.57 22.98
N ASP F 43 33.63 -18.18 23.21
CA ASP F 43 33.96 -16.85 23.73
C ASP F 43 33.16 -16.51 25.00
N GLY F 44 33.26 -17.33 26.05
CA GLY F 44 32.72 -16.97 27.35
C GLY F 44 31.24 -17.33 27.51
N ILE F 45 30.40 -16.32 27.85
CA ILE F 45 29.02 -16.52 28.27
C ILE F 45 28.07 -16.05 27.16
N SER F 46 27.14 -16.92 26.72
CA SER F 46 26.27 -16.63 25.58
C SER F 46 25.26 -15.52 25.90
N ARG F 47 25.00 -14.67 24.90
CA ARG F 47 24.03 -13.59 25.02
C ARG F 47 22.73 -13.98 24.32
N ASP F 48 22.62 -15.26 23.89
CA ASP F 48 21.38 -15.85 23.42
C ASP F 48 20.58 -16.37 24.61
N ALA F 49 19.50 -15.67 24.98
CA ALA F 49 18.68 -16.03 26.13
C ALA F 49 17.92 -17.36 25.92
N MET F 50 17.89 -17.93 24.70
CA MET F 50 17.33 -19.26 24.46
C MET F 50 18.23 -20.38 25.01
N LEU F 51 19.48 -20.05 25.38
CA LEU F 51 20.39 -20.98 26.04
C LEU F 51 20.34 -20.83 27.57
N ARG F 52 19.19 -20.40 28.09
CA ARG F 52 18.93 -20.43 29.52
C ARG F 52 18.78 -21.88 29.97
N ASN F 53 18.87 -22.11 31.31
CA ASN F 53 18.68 -23.43 31.91
C ASN F 53 19.55 -24.49 31.23
N ARG F 54 20.84 -24.14 31.05
CA ARG F 54 21.83 -24.93 30.32
C ARG F 54 23.14 -25.00 31.10
N ARG F 55 23.83 -26.14 30.98
CA ARG F 55 25.28 -26.16 31.13
C ARG F 55 25.89 -26.35 29.74
N ILE F 56 26.82 -25.45 29.38
CA ILE F 56 27.50 -25.48 28.09
C ILE F 56 28.88 -26.13 28.27
N VAL F 57 29.10 -27.25 27.58
CA VAL F 57 30.44 -27.80 27.40
C VAL F 57 30.84 -27.76 25.92
N THR F 58 32.16 -27.65 25.66
CA THR F 58 32.73 -27.69 24.32
C THR F 58 33.41 -29.04 24.10
N ALA F 59 33.57 -29.46 22.85
CA ALA F 59 34.14 -30.77 22.57
C ALA F 59 34.11 -31.10 21.08
N ASP F 60 35.27 -31.02 20.41
CA ASP F 60 35.41 -31.45 19.04
C ASP F 60 35.11 -32.94 18.92
N LEU F 61 34.06 -33.26 18.14
CA LEU F 61 33.47 -34.59 18.07
C LEU F 61 34.01 -35.39 16.88
N LYS F 62 34.89 -34.76 16.11
CA LYS F 62 35.57 -35.47 15.06
C LYS F 62 36.77 -36.19 15.65
N SER F 63 37.40 -35.57 16.68
CA SER F 63 38.55 -36.13 17.37
C SER F 63 38.16 -37.34 18.21
N ASP F 64 39.16 -38.01 18.79
CA ASP F 64 38.95 -39.28 19.46
C ASP F 64 38.50 -39.00 20.89
N GLN F 65 39.13 -38.02 21.53
CA GLN F 65 38.77 -37.66 22.87
C GLN F 65 37.32 -37.17 22.91
N GLY F 66 36.96 -36.27 21.98
CA GLY F 66 35.61 -35.76 21.86
C GLY F 66 34.56 -36.86 21.75
N LEU F 67 34.69 -37.77 20.78
CA LEU F 67 33.67 -38.80 20.61
C LEU F 67 33.50 -39.59 21.91
N GLU F 68 34.62 -39.88 22.58
CA GLU F 68 34.60 -40.71 23.77
C GLU F 68 33.92 -39.97 24.94
N LEU F 69 34.34 -38.74 25.24
CA LEU F 69 33.81 -37.94 26.34
C LEU F 69 32.32 -37.62 26.19
N ALA F 70 31.80 -37.67 24.96
CA ALA F 70 30.40 -37.41 24.70
C ALA F 70 29.58 -38.70 24.79
N LEU F 71 30.16 -39.82 24.35
CA LEU F 71 29.47 -41.10 24.38
C LEU F 71 29.23 -41.56 25.82
N LYS F 72 30.01 -40.98 26.76
CA LYS F 72 29.91 -41.27 28.18
C LYS F 72 28.93 -40.33 28.89
N LEU F 73 28.70 -39.12 28.34
CA LEU F 73 27.60 -38.30 28.81
C LEU F 73 26.30 -38.98 28.37
N ILE F 74 26.27 -39.44 27.13
CA ILE F 74 25.09 -40.07 26.58
C ILE F 74 24.78 -41.33 27.36
N ALA F 75 25.82 -41.91 27.95
CA ALA F 75 25.71 -43.16 28.70
C ALA F 75 24.89 -42.94 29.98
N LYS F 76 25.13 -41.80 30.66
CA LYS F 76 24.55 -41.46 31.95
C LYS F 76 23.33 -40.56 31.80
N ALA F 77 22.67 -40.56 30.64
CA ALA F 77 21.66 -39.55 30.33
C ALA F 77 20.42 -40.20 29.77
N ASP F 78 19.29 -39.47 29.89
CA ASP F 78 17.98 -39.94 29.47
C ASP F 78 17.66 -39.59 28.02
N VAL F 79 18.11 -38.39 27.62
CA VAL F 79 17.71 -37.83 26.34
C VAL F 79 18.92 -37.26 25.59
N LEU F 80 18.94 -37.62 24.30
CA LEU F 80 19.83 -36.94 23.37
C LEU F 80 19.02 -36.20 22.29
N ILE F 81 19.40 -34.93 22.10
CA ILE F 81 18.85 -34.13 21.00
C ILE F 81 19.96 -33.74 20.02
N GLU F 82 19.66 -34.03 18.76
CA GLU F 82 20.47 -33.60 17.63
C GLU F 82 19.57 -33.03 16.52
N GLY F 83 20.03 -31.95 15.87
CA GLY F 83 19.30 -31.37 14.75
C GLY F 83 20.16 -31.11 13.51
N TYR F 84 21.00 -32.08 13.15
CA TYR F 84 21.87 -31.94 11.99
C TYR F 84 21.19 -32.72 10.87
N ARG F 85 21.73 -32.56 9.66
CA ARG F 85 21.23 -33.31 8.53
C ARG F 85 21.32 -34.79 8.88
N PRO F 86 20.46 -35.62 8.30
CA PRO F 86 20.58 -37.06 8.47
C PRO F 86 21.99 -37.50 8.07
N GLY F 87 22.65 -38.31 8.93
CA GLY F 87 23.92 -38.92 8.56
C GLY F 87 25.03 -38.30 9.38
N VAL F 88 24.81 -37.09 9.88
CA VAL F 88 25.89 -36.39 10.53
C VAL F 88 26.31 -37.09 11.82
N THR F 89 25.32 -37.68 12.53
CA THR F 89 25.62 -38.27 13.83
C THR F 89 26.26 -39.65 13.64
N GLU F 90 25.69 -40.46 12.75
CA GLU F 90 26.34 -41.67 12.29
C GLU F 90 27.85 -41.41 12.13
N ARG F 91 28.22 -40.42 11.30
CA ARG F 91 29.58 -40.30 10.79
C ARG F 91 30.48 -39.78 11.89
N LEU F 92 29.88 -39.11 12.87
CA LEU F 92 30.59 -38.77 14.09
C LEU F 92 30.75 -40.02 14.99
N GLY F 93 30.02 -41.11 14.66
CA GLY F 93 29.88 -42.28 15.51
C GLY F 93 28.99 -42.09 16.74
N LEU F 94 28.14 -41.04 16.73
CA LEU F 94 27.18 -40.75 17.79
C LEU F 94 25.78 -41.03 17.26
N GLY F 95 25.69 -41.91 16.26
CA GLY F 95 24.41 -42.33 15.72
C GLY F 95 23.52 -43.00 16.78
N PRO F 96 22.29 -43.43 16.40
CA PRO F 96 21.40 -44.14 17.31
C PRO F 96 22.00 -45.48 17.78
N GLU F 97 22.55 -46.25 16.82
CA GLU F 97 23.08 -47.57 17.11
C GLU F 97 24.32 -47.51 17.99
N GLU F 98 25.24 -46.60 17.69
CA GLU F 98 26.40 -46.41 18.52
C GLU F 98 26.02 -45.91 19.91
N CYS F 99 24.87 -45.22 20.02
CA CYS F 99 24.40 -44.73 21.31
C CYS F 99 23.67 -45.87 22.03
N ALA F 100 22.90 -46.67 21.28
CA ALA F 100 22.14 -47.80 21.80
C ALA F 100 23.05 -48.90 22.37
N LYS F 101 24.34 -48.84 22.05
CA LYS F 101 25.29 -49.80 22.55
C LYS F 101 25.71 -49.41 23.96
N VAL F 102 25.72 -48.12 24.29
CA VAL F 102 26.25 -47.72 25.59
C VAL F 102 25.12 -47.27 26.52
N ASN F 103 23.86 -47.48 26.11
CA ASN F 103 22.70 -46.94 26.84
C ASN F 103 21.46 -47.19 26.01
N ASP F 104 20.86 -48.38 26.15
CA ASP F 104 19.63 -48.69 25.44
C ASP F 104 18.41 -48.07 26.13
N ARG F 105 18.60 -47.18 27.12
CA ARG F 105 17.47 -46.48 27.74
C ARG F 105 17.29 -45.10 27.12
N LEU F 106 18.06 -44.81 26.06
CA LEU F 106 18.19 -43.45 25.57
C LEU F 106 16.96 -43.08 24.75
N ILE F 107 16.48 -41.84 24.96
CA ILE F 107 15.59 -41.26 23.96
C ILE F 107 16.43 -40.41 22.99
N TYR F 108 16.45 -40.89 21.75
CA TYR F 108 17.37 -40.42 20.72
C TYR F 108 16.57 -39.49 19.84
N ALA F 109 16.66 -38.17 20.08
CA ALA F 109 15.64 -37.32 19.46
C ALA F 109 16.23 -36.57 18.25
N ARG F 110 15.65 -36.85 17.07
CA ARG F 110 16.13 -36.31 15.79
C ARG F 110 15.19 -35.22 15.20
N MET F 111 15.72 -33.98 15.19
CA MET F 111 15.02 -32.77 14.77
C MET F 111 15.50 -32.36 13.37
N THR F 112 14.67 -32.59 12.37
CA THR F 112 14.94 -32.11 11.03
C THR F 112 13.73 -31.36 10.44
N GLY F 113 13.89 -30.81 9.23
CA GLY F 113 12.78 -30.23 8.49
C GLY F 113 12.10 -31.20 7.55
N TRP F 114 12.89 -31.91 6.73
CA TRP F 114 12.34 -32.77 5.68
C TRP F 114 12.25 -34.23 6.15
N GLY F 115 12.82 -34.57 7.32
CA GLY F 115 12.79 -35.96 7.78
C GLY F 115 14.12 -36.70 7.54
N GLN F 116 14.09 -38.02 7.77
CA GLN F 116 15.32 -38.80 7.78
C GLN F 116 15.58 -39.38 6.39
N THR F 117 14.54 -39.56 5.58
CA THR F 117 14.68 -40.08 4.24
C THR F 117 13.84 -39.29 3.23
N GLY F 118 14.03 -39.62 1.95
CA GLY F 118 13.27 -39.08 0.84
C GLY F 118 14.09 -38.06 0.06
N PRO F 119 13.59 -37.57 -1.08
CA PRO F 119 14.41 -36.73 -1.99
C PRO F 119 14.95 -35.38 -1.47
N ARG F 120 14.25 -34.76 -0.48
CA ARG F 120 14.68 -33.46 0.02
C ARG F 120 15.51 -33.60 1.28
N SER F 121 15.76 -34.84 1.69
CA SER F 121 16.23 -35.08 3.05
C SER F 121 17.64 -34.56 3.26
N GLN F 122 18.37 -34.26 2.17
CA GLN F 122 19.68 -33.64 2.31
C GLN F 122 19.73 -32.15 1.92
N GLN F 123 18.63 -31.59 1.39
CA GLN F 123 18.56 -30.15 1.12
C GLN F 123 18.62 -29.31 2.40
N ALA F 124 19.50 -28.31 2.43
CA ALA F 124 19.39 -27.24 3.41
C ALA F 124 18.01 -26.56 3.35
N GLY F 125 17.64 -25.94 4.47
CA GLY F 125 16.31 -25.38 4.60
C GLY F 125 16.15 -24.58 5.88
N HIS F 126 15.12 -23.70 5.85
CA HIS F 126 14.65 -23.03 7.06
C HIS F 126 13.13 -23.15 7.14
N ASP F 127 12.57 -22.67 8.26
CA ASP F 127 11.14 -22.69 8.47
C ASP F 127 10.36 -22.40 7.19
N ILE F 128 10.65 -21.25 6.54
CA ILE F 128 9.87 -20.82 5.39
C ILE F 128 9.82 -21.92 4.32
N ASN F 129 10.92 -22.70 4.19
CA ASN F 129 10.94 -23.77 3.19
C ASN F 129 10.01 -24.94 3.57
N TYR F 130 10.06 -25.34 4.84
CA TYR F 130 9.30 -26.51 5.30
C TYR F 130 7.79 -26.23 5.20
N ILE F 131 7.33 -25.02 5.55
CA ILE F 131 5.90 -24.70 5.44
C ILE F 131 5.46 -24.35 4.02
N SER F 132 6.40 -24.16 3.08
CA SER F 132 6.02 -23.88 1.70
C SER F 132 5.49 -25.13 1.01
N LEU F 133 6.04 -26.30 1.35
CA LEU F 133 5.76 -27.55 0.66
C LEU F 133 4.44 -28.22 1.08
N ASN F 134 3.93 -27.88 2.27
CA ASN F 134 2.75 -28.58 2.78
C ASN F 134 1.50 -27.69 2.81
N GLY F 135 1.50 -26.56 2.08
CA GLY F 135 0.31 -25.76 1.93
C GLY F 135 0.13 -24.63 2.95
N ILE F 136 0.95 -24.59 4.00
CA ILE F 136 0.75 -23.64 5.09
C ILE F 136 1.08 -22.22 4.65
N LEU F 137 2.27 -22.01 4.06
CA LEU F 137 2.68 -20.68 3.70
C LEU F 137 1.71 -20.05 2.69
N HIS F 138 1.27 -20.83 1.72
CA HIS F 138 0.36 -20.36 0.70
C HIS F 138 -0.91 -19.75 1.32
N ALA F 139 -1.30 -20.23 2.50
CA ALA F 139 -2.57 -19.85 3.11
C ALA F 139 -2.47 -18.62 4.01
N ILE F 140 -1.28 -18.04 4.14
CA ILE F 140 -1.03 -16.94 5.06
C ILE F 140 -0.75 -15.63 4.33
N GLY F 141 -1.58 -14.62 4.65
CA GLY F 141 -1.37 -13.31 4.08
C GLY F 141 -2.63 -12.78 3.39
N ARG F 142 -2.58 -11.54 2.91
CA ARG F 142 -3.72 -10.98 2.19
C ARG F 142 -3.81 -11.58 0.80
N GLY F 143 -5.05 -11.61 0.28
CA GLY F 143 -5.42 -12.26 -0.98
C GLY F 143 -4.78 -11.60 -2.19
N ASP F 144 -4.48 -10.32 -2.10
CA ASP F 144 -4.00 -9.59 -3.25
C ASP F 144 -2.49 -9.41 -3.19
N GLU F 145 -1.79 -10.22 -2.36
CA GLU F 145 -0.37 -10.06 -2.16
C GLU F 145 0.25 -11.46 -2.08
N ARG F 146 1.57 -11.52 -2.20
CA ARG F 146 2.26 -12.76 -2.05
C ARG F 146 2.24 -13.22 -0.60
N PRO F 147 2.39 -14.54 -0.36
CA PRO F 147 2.32 -15.09 0.98
C PRO F 147 3.34 -14.43 1.87
N VAL F 148 3.00 -14.32 3.16
CA VAL F 148 3.90 -13.68 4.09
C VAL F 148 4.25 -14.70 5.15
N PRO F 149 5.54 -14.80 5.50
CA PRO F 149 5.98 -15.77 6.49
C PRO F 149 5.48 -15.38 7.89
N PRO F 150 4.87 -16.32 8.64
CA PRO F 150 4.49 -16.06 10.03
C PRO F 150 5.65 -16.18 11.00
N LEU F 151 6.61 -15.27 10.86
CA LEU F 151 7.96 -15.44 11.35
C LEU F 151 8.36 -16.89 11.17
N ASN F 152 9.13 -17.46 12.13
CA ASN F 152 9.48 -18.86 12.11
C ASN F 152 8.71 -19.62 13.17
N LEU F 153 7.41 -19.32 13.33
CA LEU F 153 6.67 -19.81 14.48
C LEU F 153 6.04 -21.18 14.19
N VAL F 154 5.71 -21.42 12.92
CA VAL F 154 4.90 -22.55 12.58
C VAL F 154 5.74 -23.77 12.29
N GLY F 155 6.87 -23.58 11.59
CA GLY F 155 7.69 -24.73 11.21
C GLY F 155 8.74 -25.06 12.27
N ASP F 156 9.54 -24.07 12.70
CA ASP F 156 10.55 -24.29 13.71
C ASP F 156 9.95 -24.68 15.06
N PHE F 157 8.97 -23.92 15.55
CA PHE F 157 8.57 -23.98 16.95
C PHE F 157 7.29 -24.78 17.06
N GLY F 158 6.16 -24.25 16.59
CA GLY F 158 4.90 -24.94 16.69
C GLY F 158 4.94 -26.35 16.11
N GLY F 159 5.46 -26.47 14.88
CA GLY F 159 5.47 -27.73 14.14
C GLY F 159 6.80 -28.49 14.23
N GLY F 160 7.71 -27.99 15.05
CA GLY F 160 9.09 -28.43 15.07
C GLY F 160 9.47 -28.88 16.47
N SER F 161 9.95 -27.95 17.28
CA SER F 161 10.37 -28.19 18.64
C SER F 161 9.26 -28.83 19.46
N MET F 162 8.02 -28.37 19.28
CA MET F 162 6.97 -28.80 20.19
C MET F 162 6.65 -30.26 19.94
N PHE F 163 6.73 -30.70 18.68
CA PHE F 163 6.50 -32.10 18.34
C PHE F 163 7.69 -32.96 18.75
N LEU F 164 8.91 -32.43 18.72
CA LEU F 164 10.06 -33.15 19.27
C LEU F 164 9.80 -33.40 20.77
N LEU F 165 9.36 -32.36 21.48
CA LEU F 165 9.10 -32.45 22.91
C LEU F 165 8.04 -33.50 23.24
N VAL F 166 6.92 -33.46 22.53
CA VAL F 166 5.90 -34.48 22.64
C VAL F 166 6.49 -35.86 22.40
N GLY F 167 7.37 -36.01 21.40
CA GLY F 167 7.96 -37.32 21.11
C GLY F 167 8.86 -37.82 22.25
N ILE F 168 9.76 -36.94 22.68
CA ILE F 168 10.64 -37.21 23.80
C ILE F 168 9.79 -37.66 24.98
N LEU F 169 8.74 -36.88 25.31
CA LEU F 169 8.06 -37.09 26.58
C LEU F 169 7.16 -38.31 26.46
N ALA F 170 6.57 -38.58 25.30
CA ALA F 170 5.76 -39.75 25.08
C ALA F 170 6.59 -41.03 25.12
N ALA F 171 7.86 -40.89 24.74
CA ALA F 171 8.76 -42.04 24.67
C ALA F 171 9.27 -42.34 26.07
N LEU F 172 9.42 -41.31 26.91
CA LEU F 172 9.70 -41.52 28.32
C LEU F 172 8.53 -42.26 29.00
N TRP F 173 7.28 -42.02 28.57
CA TRP F 173 6.14 -42.76 29.12
C TRP F 173 6.23 -44.22 28.70
N GLU F 174 6.54 -44.44 27.41
CA GLU F 174 6.68 -45.80 26.91
C GLU F 174 7.84 -46.52 27.63
N ARG F 175 8.96 -45.83 27.87
CA ARG F 175 10.13 -46.40 28.51
C ARG F 175 9.82 -46.90 29.92
N GLN F 176 8.78 -46.38 30.58
CA GLN F 176 8.55 -46.72 31.98
C GLN F 176 7.99 -48.14 32.08
N SER F 177 7.40 -48.67 31.00
CA SER F 177 6.87 -50.01 30.94
C SER F 177 7.59 -50.92 29.92
N SER F 178 8.74 -50.50 29.38
CA SER F 178 9.46 -51.33 28.41
C SER F 178 10.93 -51.46 28.80
N GLY F 179 11.44 -50.52 29.61
CA GLY F 179 12.83 -50.48 30.01
C GLY F 179 13.79 -49.94 28.93
N LYS F 180 13.26 -49.70 27.72
CA LYS F 180 14.02 -49.36 26.53
C LYS F 180 13.79 -47.91 26.10
N GLY F 181 14.85 -47.27 25.58
CA GLY F 181 14.73 -46.08 24.75
C GLY F 181 14.22 -46.39 23.34
N GLN F 182 14.38 -45.41 22.43
CA GLN F 182 14.06 -45.53 21.01
C GLN F 182 14.33 -44.17 20.33
N VAL F 183 14.08 -44.16 19.01
CA VAL F 183 14.38 -43.00 18.17
C VAL F 183 13.08 -42.27 17.81
N VAL F 184 13.12 -40.96 18.08
CA VAL F 184 12.05 -40.03 17.72
C VAL F 184 12.48 -39.25 16.48
N ASP F 185 11.77 -39.45 15.39
CA ASP F 185 11.96 -38.76 14.13
C ASP F 185 10.88 -37.66 13.98
N ALA F 186 11.26 -36.43 14.36
CA ALA F 186 10.45 -35.23 14.26
C ALA F 186 10.89 -34.37 13.06
N ALA F 187 10.06 -34.37 12.02
CA ALA F 187 10.27 -33.52 10.86
C ALA F 187 9.28 -32.35 10.88
N MET F 188 9.80 -31.12 10.72
CA MET F 188 8.98 -29.92 10.71
C MET F 188 7.90 -30.01 9.64
N VAL F 189 8.12 -30.67 8.51
CA VAL F 189 7.09 -30.77 7.49
C VAL F 189 5.92 -31.65 7.95
N ASP F 190 6.19 -32.58 8.87
CA ASP F 190 5.14 -33.44 9.41
C ASP F 190 4.40 -32.74 10.57
N GLY F 191 5.17 -32.28 11.55
CA GLY F 191 4.62 -31.63 12.74
C GLY F 191 3.76 -30.42 12.38
N SER F 192 4.16 -29.63 11.36
CA SER F 192 3.45 -28.43 11.00
C SER F 192 2.16 -28.82 10.27
N SER F 193 2.17 -29.96 9.57
CA SER F 193 0.96 -30.45 8.92
C SER F 193 -0.07 -30.92 9.97
N VAL F 194 0.42 -31.52 11.06
CA VAL F 194 -0.50 -31.93 12.11
C VAL F 194 -1.01 -30.69 12.84
N LEU F 195 -0.13 -29.70 13.03
CA LEU F 195 -0.48 -28.43 13.62
C LEU F 195 -1.64 -27.77 12.88
N ILE F 196 -1.72 -27.93 11.57
CA ILE F 196 -2.77 -27.31 10.76
C ILE F 196 -3.83 -28.33 10.39
N GLN F 197 -4.02 -29.37 11.21
CA GLN F 197 -4.97 -30.43 10.87
C GLN F 197 -6.39 -29.87 10.75
N MET F 198 -6.69 -28.81 11.52
CA MET F 198 -8.02 -28.24 11.46
C MET F 198 -8.35 -27.83 10.03
N MET F 199 -7.37 -27.23 9.33
CA MET F 199 -7.65 -26.69 8.00
C MET F 199 -7.85 -27.86 7.04
N TRP F 200 -7.08 -28.94 7.24
CA TRP F 200 -7.29 -30.10 6.38
C TRP F 200 -8.68 -30.69 6.60
N ALA F 201 -9.13 -30.74 7.87
CA ALA F 201 -10.47 -31.20 8.22
C ALA F 201 -11.54 -30.28 7.64
N MET F 202 -11.35 -28.96 7.75
CA MET F 202 -12.36 -28.04 7.25
C MET F 202 -12.41 -28.08 5.73
N ARG F 203 -11.26 -28.32 5.06
CA ARG F 203 -11.21 -28.35 3.61
C ARG F 203 -12.00 -29.56 3.10
N ALA F 204 -11.92 -30.67 3.82
CA ALA F 204 -12.63 -31.89 3.44
C ALA F 204 -14.15 -31.69 3.52
N THR F 205 -14.62 -30.83 4.42
CA THR F 205 -16.06 -30.60 4.54
C THR F 205 -16.49 -29.36 3.77
N GLY F 206 -15.57 -28.74 3.02
CA GLY F 206 -15.92 -27.53 2.28
C GLY F 206 -16.02 -26.25 3.14
N MET F 207 -15.47 -26.25 4.35
CA MET F 207 -15.49 -25.05 5.16
C MET F 207 -14.16 -24.28 5.04
N TRP F 208 -13.29 -24.65 4.10
CA TRP F 208 -12.03 -23.95 3.88
C TRP F 208 -11.61 -24.07 2.43
N THR F 209 -11.27 -22.94 1.78
CA THR F 209 -10.76 -23.00 0.41
C THR F 209 -9.29 -22.61 0.35
N ASP F 210 -8.66 -23.00 -0.77
CA ASP F 210 -7.25 -22.73 -1.01
C ASP F 210 -7.01 -21.28 -1.39
N THR F 211 -8.05 -20.48 -1.65
CA THR F 211 -7.86 -19.06 -1.95
C THR F 211 -7.39 -18.36 -0.69
N ARG F 212 -6.30 -17.60 -0.80
CA ARG F 212 -5.72 -16.90 0.32
C ARG F 212 -6.59 -15.69 0.64
N GLY F 213 -6.80 -15.44 1.92
CA GLY F 213 -7.48 -14.22 2.36
C GLY F 213 -8.99 -14.27 2.16
N ALA F 214 -9.54 -15.48 2.03
CA ALA F 214 -10.96 -15.67 1.77
C ALA F 214 -11.60 -16.70 2.73
N ASN F 215 -11.10 -16.89 3.94
CA ASN F 215 -11.66 -17.91 4.82
C ASN F 215 -11.97 -17.28 6.16
N MET F 216 -12.50 -18.06 7.12
CA MET F 216 -12.97 -17.48 8.37
C MET F 216 -11.82 -17.03 9.24
N LEU F 217 -10.66 -17.71 9.17
CA LEU F 217 -9.61 -17.48 10.15
C LEU F 217 -8.31 -16.93 9.53
N ASP F 218 -8.35 -16.56 8.25
CA ASP F 218 -7.15 -16.10 7.56
C ASP F 218 -7.14 -14.59 7.37
N GLY F 219 -8.17 -13.88 7.85
CA GLY F 219 -8.30 -12.45 7.62
C GLY F 219 -9.40 -12.08 6.63
N GLY F 220 -9.98 -13.06 5.93
CA GLY F 220 -11.07 -12.80 5.00
C GLY F 220 -12.40 -12.44 5.68
N ALA F 221 -12.64 -12.89 6.94
CA ALA F 221 -13.89 -12.52 7.63
C ALA F 221 -13.73 -11.18 8.35
N PRO F 222 -14.62 -10.20 8.11
CA PRO F 222 -14.55 -8.91 8.77
C PRO F 222 -14.57 -8.92 10.30
N TYR F 223 -15.12 -10.01 10.85
CA TYR F 223 -15.17 -10.16 12.30
C TYR F 223 -14.00 -10.99 12.82
N TYR F 224 -13.02 -11.39 11.98
CA TYR F 224 -11.79 -12.03 12.44
C TYR F 224 -10.58 -11.42 11.71
N ASP F 225 -10.11 -10.27 12.19
CA ASP F 225 -9.08 -9.51 11.51
C ASP F 225 -8.60 -8.41 12.43
N THR F 226 -7.56 -7.70 11.98
CA THR F 226 -7.13 -6.47 12.62
C THR F 226 -7.76 -5.25 11.94
N TYR F 227 -7.90 -4.16 12.70
CA TYR F 227 -8.43 -2.91 12.19
C TYR F 227 -7.51 -1.78 12.64
N GLU F 228 -7.24 -0.87 11.71
CA GLU F 228 -6.45 0.31 12.01
C GLU F 228 -7.34 1.34 12.68
N CYS F 229 -6.81 1.96 13.74
CA CYS F 229 -7.51 2.93 14.54
C CYS F 229 -7.14 4.37 14.12
N ALA F 230 -7.77 5.37 14.73
CA ALA F 230 -7.53 6.77 14.38
C ALA F 230 -6.07 7.14 14.60
N ASP F 231 -5.39 6.51 15.55
CA ASP F 231 -3.99 6.86 15.81
C ASP F 231 -2.98 6.03 15.02
N GLY F 232 -3.39 5.20 14.06
CA GLY F 232 -2.47 4.38 13.30
C GLY F 232 -2.07 3.06 14.00
N ARG F 233 -2.58 2.81 15.22
CA ARG F 233 -2.34 1.56 15.94
C ARG F 233 -3.53 0.66 15.62
N TYR F 234 -3.55 -0.55 16.18
CA TYR F 234 -4.48 -1.57 15.70
C TYR F 234 -5.17 -2.28 16.85
N VAL F 235 -6.40 -2.71 16.57
CA VAL F 235 -7.08 -3.68 17.41
C VAL F 235 -7.29 -4.95 16.60
N ALA F 236 -7.48 -6.01 17.35
CA ALA F 236 -7.81 -7.31 16.80
C ALA F 236 -9.23 -7.65 17.18
N VAL F 237 -9.97 -8.14 16.22
CA VAL F 237 -11.35 -8.53 16.39
C VAL F 237 -11.43 -10.01 16.10
N GLY F 238 -12.00 -10.77 17.05
CA GLY F 238 -12.18 -12.19 16.88
C GLY F 238 -13.58 -12.66 17.25
N ALA F 239 -14.60 -11.91 16.84
CA ALA F 239 -15.93 -12.09 17.38
C ALA F 239 -16.68 -13.07 16.50
N ILE F 240 -16.32 -14.35 16.61
CA ILE F 240 -16.88 -15.35 15.72
C ILE F 240 -18.33 -15.67 16.13
N GLU F 241 -18.52 -15.89 17.44
CA GLU F 241 -19.82 -16.30 17.93
C GLU F 241 -20.80 -15.13 17.82
N PRO F 242 -22.02 -15.35 17.31
CA PRO F 242 -22.95 -14.24 17.07
C PRO F 242 -23.18 -13.32 18.27
N GLN F 243 -23.21 -13.89 19.47
CA GLN F 243 -23.46 -13.09 20.67
C GLN F 243 -22.29 -12.17 20.95
N PHE F 244 -21.06 -12.65 20.70
CA PHE F 244 -19.90 -11.81 20.89
C PHE F 244 -19.89 -10.73 19.82
N TYR F 245 -20.15 -11.13 18.57
CA TYR F 245 -20.27 -10.22 17.45
C TYR F 245 -21.26 -9.09 17.77
N ALA F 246 -22.40 -9.46 18.39
CA ALA F 246 -23.40 -8.43 18.71
C ALA F 246 -22.84 -7.46 19.72
N ALA F 247 -22.06 -7.97 20.68
CA ALA F 247 -21.49 -7.13 21.71
C ALA F 247 -20.51 -6.14 21.08
N MET F 248 -19.78 -6.62 20.07
CA MET F 248 -18.80 -5.80 19.38
C MET F 248 -19.51 -4.66 18.66
N LEU F 249 -20.59 -4.97 17.93
CA LEU F 249 -21.34 -3.94 17.21
C LEU F 249 -21.83 -2.89 18.22
N ALA F 250 -22.35 -3.35 19.37
CA ALA F 250 -22.86 -2.42 20.37
C ALA F 250 -21.79 -1.45 20.79
N GLY F 251 -20.58 -1.94 21.07
CA GLY F 251 -19.54 -1.02 21.54
C GLY F 251 -19.04 -0.09 20.41
N LEU F 252 -19.13 -0.52 19.15
CA LEU F 252 -18.72 0.34 18.03
C LEU F 252 -19.74 1.44 17.80
N GLY F 253 -20.98 1.21 18.26
CA GLY F 253 -22.02 2.19 18.03
C GLY F 253 -22.73 1.95 16.71
N LEU F 254 -22.58 0.76 16.10
CA LEU F 254 -23.34 0.41 14.91
C LEU F 254 -24.59 -0.39 15.28
N ASP F 255 -25.69 0.02 14.67
CA ASP F 255 -26.96 -0.65 14.85
C ASP F 255 -26.97 -1.82 13.87
N ALA F 256 -27.12 -3.04 14.40
CA ALA F 256 -27.13 -4.26 13.60
C ALA F 256 -28.10 -4.17 12.42
N ALA F 257 -29.23 -3.46 12.58
CA ALA F 257 -30.24 -3.40 11.53
C ALA F 257 -29.70 -2.66 10.29
N GLU F 258 -28.67 -1.81 10.44
CA GLU F 258 -28.09 -1.09 9.31
C GLU F 258 -27.08 -1.94 8.51
N LEU F 259 -26.73 -3.13 9.00
CA LEU F 259 -25.55 -3.85 8.51
C LEU F 259 -25.97 -5.11 7.76
N PRO F 260 -25.19 -5.60 6.79
CA PRO F 260 -25.42 -6.95 6.27
C PRO F 260 -25.30 -7.98 7.39
N PRO F 261 -25.87 -9.17 7.21
CA PRO F 261 -25.65 -10.26 8.16
C PRO F 261 -24.18 -10.63 8.28
N GLN F 262 -23.81 -11.06 9.49
CA GLN F 262 -22.44 -11.34 9.87
C GLN F 262 -21.79 -12.31 8.90
N ASN F 263 -22.56 -13.33 8.52
CA ASN F 263 -22.06 -14.41 7.75
C ASN F 263 -22.64 -14.43 6.35
N ASP F 264 -23.18 -13.31 5.85
CA ASP F 264 -23.43 -13.22 4.41
C ASP F 264 -22.12 -12.84 3.71
N ARG F 265 -21.38 -13.84 3.22
CA ARG F 265 -20.05 -13.64 2.68
C ARG F 265 -20.11 -12.78 1.43
N ALA F 266 -21.22 -12.85 0.68
CA ALA F 266 -21.36 -12.06 -0.53
C ALA F 266 -21.31 -10.57 -0.21
N ARG F 267 -21.63 -10.16 1.03
CA ARG F 267 -21.68 -8.74 1.37
C ARG F 267 -20.60 -8.36 2.39
N TRP F 268 -19.64 -9.26 2.59
CA TRP F 268 -18.48 -8.95 3.42
C TRP F 268 -17.75 -7.68 2.94
N PRO F 269 -17.62 -7.36 1.63
CA PRO F 269 -17.05 -6.06 1.26
C PRO F 269 -17.73 -4.88 1.95
N GLU F 270 -19.06 -4.87 2.01
CA GLU F 270 -19.78 -3.76 2.62
C GLU F 270 -19.55 -3.78 4.12
N LEU F 271 -19.66 -4.97 4.72
CA LEU F 271 -19.54 -5.09 6.15
C LEU F 271 -18.15 -4.61 6.58
N ARG F 272 -17.11 -5.01 5.83
CA ARG F 272 -15.76 -4.61 6.15
C ARG F 272 -15.61 -3.10 6.07
N ALA F 273 -16.21 -2.48 5.06
CA ALA F 273 -16.15 -1.02 4.96
C ALA F 273 -16.78 -0.36 6.17
N LEU F 274 -17.93 -0.87 6.61
CA LEU F 274 -18.60 -0.31 7.79
C LEU F 274 -17.77 -0.46 9.07
N LEU F 275 -17.18 -1.64 9.29
CA LEU F 275 -16.37 -1.80 10.51
C LEU F 275 -15.08 -1.00 10.40
N THR F 276 -14.53 -0.89 9.19
CA THR F 276 -13.29 -0.16 8.98
C THR F 276 -13.48 1.31 9.36
N GLU F 277 -14.57 1.94 8.91
CA GLU F 277 -14.84 3.36 9.24
C GLU F 277 -15.04 3.52 10.74
N ALA F 278 -15.75 2.58 11.37
CA ALA F 278 -16.06 2.69 12.76
C ALA F 278 -14.81 2.61 13.63
N PHE F 279 -13.96 1.58 13.42
CA PHE F 279 -12.76 1.47 14.24
C PHE F 279 -11.80 2.62 13.95
N ALA F 280 -11.80 3.12 12.70
CA ALA F 280 -10.87 4.20 12.36
C ALA F 280 -11.28 5.51 13.04
N SER F 281 -12.50 5.58 13.58
CA SER F 281 -13.06 6.84 14.09
C SER F 281 -12.51 7.17 15.47
N HIS F 282 -11.86 6.24 16.16
CA HIS F 282 -11.24 6.51 17.45
C HIS F 282 -9.91 5.77 17.56
N ASP F 283 -9.11 6.14 18.56
CA ASP F 283 -7.78 5.57 18.72
C ASP F 283 -7.87 4.25 19.49
N ARG F 284 -6.73 3.56 19.59
CA ARG F 284 -6.72 2.19 20.10
C ARG F 284 -7.11 2.22 21.58
N ASP F 285 -6.57 3.19 22.33
CA ASP F 285 -6.93 3.36 23.72
C ASP F 285 -8.44 3.49 23.89
N HIS F 286 -9.11 4.21 22.99
CA HIS F 286 -10.54 4.40 23.16
C HIS F 286 -11.27 3.06 23.12
N TRP F 287 -10.84 2.16 22.21
CA TRP F 287 -11.48 0.87 22.07
C TRP F 287 -11.13 -0.03 23.27
N GLY F 288 -9.92 0.10 23.80
CA GLY F 288 -9.64 -0.50 25.11
C GLY F 288 -10.64 -0.11 26.21
N ALA F 289 -10.91 1.19 26.36
CA ALA F 289 -11.87 1.64 27.34
C ALA F 289 -13.24 1.04 27.03
N VAL F 290 -13.72 1.20 25.79
CA VAL F 290 -15.03 0.71 25.43
C VAL F 290 -15.16 -0.78 25.77
N PHE F 291 -14.15 -1.59 25.44
CA PHE F 291 -14.38 -3.03 25.37
C PHE F 291 -13.84 -3.75 26.61
N ALA F 292 -12.82 -3.19 27.28
CA ALA F 292 -12.26 -3.76 28.49
C ALA F 292 -13.27 -4.61 29.25
N ASN F 293 -12.89 -5.87 29.51
CA ASN F 293 -13.63 -6.77 30.38
C ASN F 293 -14.89 -7.30 29.67
N SER F 294 -14.98 -7.19 28.34
CA SER F 294 -16.20 -7.63 27.67
C SER F 294 -15.95 -8.83 26.76
N ASP F 295 -17.02 -9.52 26.39
CA ASP F 295 -16.90 -10.67 25.51
C ASP F 295 -16.95 -10.30 24.02
N ALA F 296 -16.76 -9.03 23.66
CA ALA F 296 -16.83 -8.63 22.27
C ALA F 296 -15.62 -9.15 21.46
N CYS F 297 -14.60 -9.68 22.12
CA CYS F 297 -13.40 -10.21 21.48
C CYS F 297 -12.65 -9.13 20.69
N VAL F 298 -12.45 -7.98 21.32
CA VAL F 298 -11.63 -6.91 20.76
C VAL F 298 -10.53 -6.60 21.74
N THR F 299 -9.29 -6.64 21.27
CA THR F 299 -8.12 -6.43 22.08
C THR F 299 -7.18 -5.53 21.29
N PRO F 300 -6.39 -4.72 21.99
CA PRO F 300 -5.35 -3.93 21.34
C PRO F 300 -4.21 -4.84 20.87
N VAL F 301 -3.69 -4.52 19.68
CA VAL F 301 -2.54 -5.21 19.12
C VAL F 301 -1.29 -4.53 19.64
N LEU F 302 -0.71 -5.09 20.72
CA LEU F 302 0.42 -4.46 21.37
C LEU F 302 1.72 -4.86 20.68
N ALA F 303 2.63 -3.89 20.54
CA ALA F 303 4.02 -4.15 20.17
C ALA F 303 4.76 -4.75 21.35
N PHE F 304 5.84 -5.50 21.07
CA PHE F 304 6.61 -6.17 22.11
C PHE F 304 6.88 -5.19 23.27
N GLY F 305 7.30 -3.97 22.93
CA GLY F 305 7.77 -3.04 23.94
C GLY F 305 6.68 -2.51 24.86
N GLU F 306 5.41 -2.73 24.55
CA GLU F 306 4.29 -2.25 25.35
C GLU F 306 3.67 -3.38 26.19
N VAL F 307 4.10 -4.61 25.97
CA VAL F 307 3.49 -5.76 26.61
C VAL F 307 3.65 -5.70 28.13
N HIS F 308 4.84 -5.28 28.59
CA HIS F 308 5.16 -5.22 30.00
C HIS F 308 4.22 -4.25 30.76
N ASN F 309 3.40 -3.44 30.09
CA ASN F 309 2.52 -2.49 30.77
C ASN F 309 1.06 -2.96 30.76
N GLU F 310 0.82 -4.21 30.38
CA GLU F 310 -0.53 -4.71 30.26
C GLU F 310 -0.91 -5.49 31.53
N PRO F 311 -1.97 -5.05 32.23
CA PRO F 311 -2.32 -5.59 33.55
C PRO F 311 -2.42 -7.10 33.63
N HIS F 312 -3.12 -7.74 32.68
CA HIS F 312 -3.30 -9.19 32.69
C HIS F 312 -1.97 -9.91 32.55
N ILE F 313 -1.07 -9.33 31.73
CA ILE F 313 0.28 -9.86 31.54
C ILE F 313 1.07 -9.81 32.86
N ILE F 314 1.13 -8.59 33.43
CA ILE F 314 1.86 -8.30 34.68
C ILE F 314 1.36 -9.21 35.81
N GLU F 315 0.05 -9.34 35.99
CA GLU F 315 -0.49 -10.01 37.17
C GLU F 315 -0.27 -11.51 37.17
N ARG F 316 -0.25 -12.15 35.99
CA ARG F 316 0.04 -13.57 35.92
C ARG F 316 1.54 -13.84 35.77
N ASN F 317 2.38 -12.81 35.75
CA ASN F 317 3.83 -13.00 35.62
C ASN F 317 4.17 -13.89 34.42
N THR F 318 3.59 -13.56 33.26
CA THR F 318 3.90 -14.25 32.01
C THR F 318 5.38 -14.05 31.67
N PHE F 319 5.95 -12.87 32.04
CA PHE F 319 7.31 -12.49 31.69
C PHE F 319 8.13 -12.24 32.96
N TYR F 320 9.45 -12.46 32.88
CA TYR F 320 10.39 -12.01 33.91
C TYR F 320 11.48 -11.16 33.27
N GLU F 321 12.13 -10.32 34.06
CA GLU F 321 13.16 -9.42 33.57
C GLU F 321 14.52 -10.08 33.73
N ALA F 322 15.16 -10.42 32.61
CA ALA F 322 16.56 -10.82 32.61
C ALA F 322 17.39 -9.71 31.98
N ASN F 323 18.65 -9.59 32.39
CA ASN F 323 19.72 -9.23 31.47
C ASN F 323 19.26 -8.01 30.66
N GLY F 324 18.84 -8.18 29.40
CA GLY F 324 18.62 -7.05 28.49
C GLY F 324 17.18 -6.53 28.53
N GLY F 325 16.22 -7.45 28.59
CA GLY F 325 14.83 -7.07 28.76
C GLY F 325 13.99 -8.24 29.23
N TRP F 326 12.69 -8.19 28.94
CA TRP F 326 11.76 -9.21 29.39
C TRP F 326 11.98 -10.49 28.60
N GLN F 327 11.71 -11.61 29.26
CA GLN F 327 11.75 -12.92 28.66
C GLN F 327 10.55 -13.67 29.20
N PRO F 328 9.96 -14.61 28.42
CA PRO F 328 8.80 -15.34 28.93
C PRO F 328 9.21 -16.34 29.98
N MET F 329 8.41 -16.38 31.07
CA MET F 329 8.47 -17.44 32.05
C MET F 329 8.10 -18.78 31.40
N PRO F 330 8.52 -19.92 31.99
CA PRO F 330 8.14 -21.24 31.50
C PRO F 330 6.66 -21.46 31.33
N ALA F 331 6.31 -22.34 30.39
CA ALA F 331 4.94 -22.75 30.17
C ALA F 331 4.92 -24.24 29.82
N PRO F 332 3.83 -24.99 30.11
CA PRO F 332 2.71 -24.50 30.90
C PRO F 332 3.04 -24.46 32.40
N ARG F 333 2.02 -24.24 33.24
CA ARG F 333 2.21 -24.08 34.68
C ARG F 333 1.69 -25.33 35.39
N PHE F 334 2.33 -25.64 36.53
CA PHE F 334 2.12 -26.88 37.26
C PHE F 334 1.74 -26.55 38.70
N SER F 335 0.61 -27.10 39.21
CA SER F 335 0.12 -26.72 40.53
C SER F 335 1.03 -27.16 41.68
N ARG F 336 1.57 -28.40 41.62
CA ARG F 336 2.44 -28.92 42.68
C ARG F 336 3.93 -28.65 42.39
N THR F 337 4.46 -29.20 41.30
CA THR F 337 5.87 -29.04 40.98
C THR F 337 6.09 -27.89 39.99
N ALA F 338 6.10 -26.67 40.52
CA ALA F 338 6.09 -25.48 39.69
C ALA F 338 7.51 -25.18 39.22
N SER F 339 7.63 -24.75 37.97
CA SER F 339 8.92 -24.38 37.41
C SER F 339 9.40 -23.14 38.14
N SER F 340 10.68 -22.82 38.01
CA SER F 340 11.22 -21.60 38.59
C SER F 340 11.72 -20.67 37.50
N GLN F 341 12.10 -19.46 37.88
CA GLN F 341 12.65 -18.47 36.98
C GLN F 341 13.89 -19.06 36.32
N PRO F 342 13.99 -19.07 34.96
CA PRO F 342 15.11 -19.73 34.29
C PRO F 342 16.43 -19.18 34.78
N ARG F 343 17.47 -20.01 34.75
CA ARG F 343 18.82 -19.59 35.07
C ARG F 343 19.45 -19.03 33.82
N PRO F 344 20.18 -17.89 33.90
CA PRO F 344 20.79 -17.27 32.72
C PRO F 344 21.78 -18.19 32.03
N PRO F 345 22.20 -17.90 30.78
CA PRO F 345 23.24 -18.68 30.12
C PRO F 345 24.50 -18.78 30.97
N ALA F 346 24.94 -20.02 31.25
CA ALA F 346 26.04 -20.24 32.19
C ALA F 346 27.39 -20.10 31.46
N ALA F 347 28.44 -19.67 32.17
CA ALA F 347 29.79 -19.71 31.64
C ALA F 347 30.17 -21.15 31.31
N THR F 348 31.00 -21.33 30.25
CA THR F 348 31.32 -22.65 29.72
C THR F 348 32.00 -23.48 30.79
N ILE F 349 31.49 -24.69 31.03
CA ILE F 349 32.12 -25.52 32.04
C ILE F 349 32.75 -26.71 31.33
N ASP F 350 33.75 -27.29 31.99
CA ASP F 350 34.56 -28.35 31.42
C ASP F 350 33.79 -29.67 31.56
N ILE F 351 33.92 -30.54 30.56
CA ILE F 351 33.05 -31.70 30.39
C ILE F 351 33.33 -32.76 31.45
N GLU F 352 34.53 -32.70 32.04
CA GLU F 352 34.95 -33.63 33.08
C GLU F 352 34.11 -33.38 34.32
N ALA F 353 34.10 -32.11 34.78
CA ALA F 353 33.38 -31.66 35.95
C ALA F 353 31.90 -32.06 35.88
N VAL F 354 31.35 -32.22 34.66
CA VAL F 354 29.99 -32.69 34.45
C VAL F 354 29.93 -34.19 34.73
N LEU F 355 30.85 -34.96 34.15
CA LEU F 355 30.80 -36.40 34.31
C LEU F 355 30.93 -36.80 35.79
N THR F 356 31.60 -35.96 36.61
CA THR F 356 31.70 -36.15 38.06
C THR F 356 30.31 -36.10 38.66
N ASP F 357 29.76 -34.88 38.69
CA ASP F 357 28.39 -34.59 39.09
C ASP F 357 27.45 -35.78 38.81
N TRP F 358 27.50 -36.35 37.60
CA TRP F 358 26.67 -37.50 37.25
C TRP F 358 27.37 -38.79 37.67
N ASP F 359 27.09 -39.25 38.90
CA ASP F 359 27.37 -40.60 39.39
C ASP F 359 28.84 -40.82 39.67
N GLY F 360 29.69 -40.75 38.64
CA GLY F 360 31.11 -41.06 38.74
C GLY F 360 31.97 -39.82 38.90
N MET G 1 -52.53 13.97 16.09
CA MET G 1 -51.96 13.58 17.41
C MET G 1 -51.19 12.26 17.28
N ALA G 2 -49.90 12.29 17.66
CA ALA G 2 -48.99 11.18 17.42
C ALA G 2 -49.18 10.05 18.44
N GLY G 3 -49.13 8.80 17.94
CA GLY G 3 -48.99 7.61 18.75
C GLY G 3 -50.11 6.61 18.52
N PRO G 4 -50.03 5.38 19.04
CA PRO G 4 -51.02 4.36 18.73
C PRO G 4 -52.43 4.55 19.29
N LEU G 5 -52.58 5.49 20.24
CA LEU G 5 -53.90 5.72 20.82
C LEU G 5 -54.53 6.97 20.23
N SER G 6 -53.90 7.54 19.17
CA SER G 6 -54.47 8.64 18.43
C SER G 6 -55.93 8.35 18.09
N GLY G 7 -56.80 9.33 18.32
CA GLY G 7 -58.22 9.12 18.16
C GLY G 7 -58.96 8.81 19.47
N LEU G 8 -58.33 8.12 20.43
CA LEU G 8 -59.03 7.75 21.66
C LEU G 8 -59.32 8.99 22.53
N ARG G 9 -60.52 8.99 23.10
CA ARG G 9 -61.03 10.13 23.84
C ARG G 9 -61.30 9.72 25.27
N VAL G 10 -60.74 10.53 26.19
CA VAL G 10 -60.65 10.16 27.60
C VAL G 10 -61.18 11.31 28.45
N VAL G 11 -62.08 10.97 29.37
CA VAL G 11 -62.51 11.95 30.37
C VAL G 11 -61.92 11.57 31.72
N GLU G 12 -61.20 12.55 32.30
CA GLU G 12 -60.51 12.38 33.58
C GLU G 12 -61.08 13.33 34.65
N LEU G 13 -61.74 12.74 35.64
CA LEU G 13 -62.17 13.44 36.85
C LEU G 13 -60.97 13.61 37.80
N ALA G 14 -60.43 14.84 37.93
CA ALA G 14 -59.19 15.09 38.64
C ALA G 14 -59.18 14.44 40.02
N GLY G 15 -58.11 13.66 40.25
CA GLY G 15 -57.77 13.09 41.54
C GLY G 15 -56.27 13.22 41.76
N ILE G 16 -55.73 12.31 42.57
CA ILE G 16 -54.31 12.29 42.92
C ILE G 16 -53.77 10.87 42.77
N GLY G 17 -52.47 10.79 42.45
CA GLY G 17 -51.77 9.51 42.39
C GLY G 17 -52.04 8.74 41.11
N PRO G 18 -52.65 7.56 41.17
CA PRO G 18 -52.70 6.67 40.02
C PRO G 18 -53.58 7.13 38.87
N GLY G 19 -54.77 7.68 39.18
CA GLY G 19 -55.64 8.24 38.16
C GLY G 19 -54.91 9.20 37.22
N PRO G 20 -54.26 10.28 37.71
CA PRO G 20 -53.57 11.21 36.82
C PRO G 20 -52.40 10.62 36.06
N HIS G 21 -51.82 9.52 36.59
CA HIS G 21 -50.68 8.89 35.97
C HIS G 21 -51.17 8.02 34.81
N ALA G 22 -52.26 7.29 35.04
CA ALA G 22 -52.89 6.55 33.96
C ALA G 22 -53.29 7.48 32.83
N ALA G 23 -53.84 8.65 33.16
CA ALA G 23 -54.34 9.56 32.15
C ALA G 23 -53.17 10.16 31.38
N MET G 24 -52.08 10.47 32.10
CA MET G 24 -50.86 10.97 31.49
C MET G 24 -50.37 9.98 30.41
N ILE G 25 -50.31 8.68 30.72
CA ILE G 25 -49.73 7.72 29.79
C ILE G 25 -50.63 7.58 28.57
N LEU G 26 -51.96 7.60 28.78
CA LEU G 26 -52.91 7.58 27.68
C LEU G 26 -52.65 8.75 26.73
N GLY G 27 -52.50 9.96 27.26
CA GLY G 27 -52.20 11.12 26.46
C GLY G 27 -50.79 11.11 25.88
N ASP G 28 -49.87 10.42 26.57
CA ASP G 28 -48.50 10.26 26.10
C ASP G 28 -48.49 9.52 24.76
N LEU G 29 -49.32 8.47 24.64
CA LEU G 29 -49.40 7.56 23.51
C LEU G 29 -50.43 8.04 22.46
N GLY G 30 -50.93 9.28 22.62
CA GLY G 30 -51.71 9.98 21.60
C GLY G 30 -53.20 10.18 21.88
N ALA G 31 -53.72 9.67 23.01
CA ALA G 31 -55.12 9.84 23.34
C ALA G 31 -55.46 11.31 23.62
N ASP G 32 -56.74 11.64 23.38
CA ASP G 32 -57.31 12.96 23.61
C ASP G 32 -57.92 12.96 25.01
N VAL G 33 -57.26 13.69 25.92
CA VAL G 33 -57.54 13.55 27.35
C VAL G 33 -58.06 14.88 27.88
N VAL G 34 -59.29 14.81 28.39
CA VAL G 34 -59.94 15.98 28.95
C VAL G 34 -60.09 15.75 30.44
N ARG G 35 -59.37 16.61 31.19
CA ARG G 35 -59.33 16.56 32.64
C ARG G 35 -60.27 17.62 33.23
N ILE G 36 -61.31 17.17 33.94
CA ILE G 36 -62.24 18.06 34.61
C ILE G 36 -61.76 18.25 36.05
N ASP G 37 -61.19 19.42 36.39
CA ASP G 37 -60.90 19.80 37.77
C ASP G 37 -61.98 20.77 38.28
N ARG G 38 -62.17 20.85 39.61
CA ARG G 38 -63.08 21.80 40.24
C ARG G 38 -62.46 23.20 40.13
N PRO G 39 -63.26 24.30 40.05
CA PRO G 39 -62.70 25.62 39.75
C PRO G 39 -61.82 26.20 40.83
N SER G 40 -62.15 25.85 42.09
CA SER G 40 -61.38 26.19 43.28
C SER G 40 -59.92 25.74 43.15
N SER G 41 -59.70 24.50 42.68
CA SER G 41 -58.37 23.91 42.60
C SER G 41 -57.50 24.61 41.56
N VAL G 42 -58.03 24.85 40.35
CA VAL G 42 -57.19 25.29 39.23
C VAL G 42 -56.97 26.80 39.31
N ASP G 43 -55.79 27.24 38.87
CA ASP G 43 -55.26 28.54 39.24
C ASP G 43 -54.11 28.95 38.31
N GLY G 44 -54.37 28.98 37.01
CA GLY G 44 -53.35 29.24 36.01
C GLY G 44 -52.83 27.96 35.36
N ILE G 45 -51.62 28.02 34.81
CA ILE G 45 -50.98 26.87 34.19
C ILE G 45 -50.37 26.03 35.31
N SER G 46 -50.61 24.70 35.28
CA SER G 46 -50.03 23.78 36.26
C SER G 46 -48.55 23.57 35.95
N ARG G 47 -47.74 23.51 37.01
CA ARG G 47 -46.34 23.12 36.87
C ARG G 47 -46.13 21.72 37.44
N ASP G 48 -47.23 20.93 37.53
CA ASP G 48 -47.15 19.48 37.66
C ASP G 48 -47.02 18.85 36.28
N ALA G 49 -45.79 18.51 35.89
CA ALA G 49 -45.54 17.83 34.62
C ALA G 49 -46.28 16.49 34.52
N MET G 50 -46.84 15.96 35.62
CA MET G 50 -47.75 14.83 35.48
C MET G 50 -49.04 15.21 34.72
N LEU G 51 -49.32 16.53 34.57
CA LEU G 51 -50.50 16.98 33.83
C LEU G 51 -50.13 17.38 32.39
N ARG G 52 -49.17 16.69 31.78
CA ARG G 52 -48.81 16.94 30.40
C ARG G 52 -49.83 16.19 29.52
N ASN G 53 -49.87 16.55 28.22
CA ASN G 53 -50.71 15.88 27.23
C ASN G 53 -52.19 15.87 27.64
N ARG G 54 -52.67 17.06 28.01
CA ARG G 54 -53.92 17.21 28.72
C ARG G 54 -54.69 18.40 28.13
N ARG G 55 -56.02 18.40 28.19
CA ARG G 55 -56.72 19.68 28.29
C ARG G 55 -57.52 19.71 29.58
N ILE G 56 -57.33 20.83 30.32
CA ILE G 56 -57.92 21.04 31.64
C ILE G 56 -59.23 21.83 31.52
N VAL G 57 -60.33 21.31 32.07
CA VAL G 57 -61.53 22.13 32.16
C VAL G 57 -62.05 22.20 33.62
N THR G 58 -62.35 23.45 34.00
CA THR G 58 -63.02 23.85 35.24
C THR G 58 -64.50 23.52 35.19
N ALA G 59 -65.11 23.21 36.34
CA ALA G 59 -66.53 22.89 36.38
C ALA G 59 -66.95 22.29 37.72
N ASP G 60 -67.87 22.98 38.41
CA ASP G 60 -68.46 22.54 39.66
C ASP G 60 -69.43 21.39 39.41
N LEU G 61 -69.04 20.17 39.80
CA LEU G 61 -69.84 18.98 39.49
C LEU G 61 -71.07 18.88 40.38
N LYS G 62 -71.09 19.65 41.48
CA LYS G 62 -72.18 19.53 42.43
C LYS G 62 -73.38 20.35 41.94
N SER G 63 -73.10 21.34 41.08
CA SER G 63 -74.13 22.11 40.40
C SER G 63 -74.96 21.25 39.44
N ASP G 64 -75.89 21.93 38.75
CA ASP G 64 -76.76 21.33 37.75
C ASP G 64 -76.14 21.48 36.37
N GLN G 65 -75.53 22.66 36.13
CA GLN G 65 -74.82 22.96 34.90
C GLN G 65 -73.64 22.02 34.75
N GLY G 66 -72.76 22.00 35.76
CA GLY G 66 -71.64 21.08 35.79
C GLY G 66 -72.03 19.64 35.43
N LEU G 67 -73.01 19.06 36.15
CA LEU G 67 -73.38 17.66 35.93
C LEU G 67 -73.81 17.44 34.48
N GLU G 68 -74.29 18.49 33.80
CA GLU G 68 -74.81 18.35 32.45
C GLU G 68 -73.65 18.45 31.46
N LEU G 69 -72.87 19.53 31.53
CA LEU G 69 -71.69 19.73 30.70
C LEU G 69 -70.74 18.51 30.78
N ALA G 70 -70.67 17.85 31.93
CA ALA G 70 -69.77 16.73 32.15
C ALA G 70 -70.36 15.46 31.53
N LEU G 71 -71.69 15.35 31.54
CA LEU G 71 -72.35 14.22 30.91
C LEU G 71 -72.35 14.38 29.39
N LYS G 72 -71.98 15.58 28.90
CA LYS G 72 -71.92 15.86 27.48
C LYS G 72 -70.52 15.59 26.92
N LEU G 73 -69.51 15.63 27.80
CA LEU G 73 -68.22 15.09 27.45
C LEU G 73 -68.33 13.57 27.48
N ILE G 74 -68.80 13.04 28.60
CA ILE G 74 -68.81 11.60 28.77
C ILE G 74 -69.59 10.91 27.64
N ALA G 75 -70.51 11.67 27.01
CA ALA G 75 -71.31 11.16 25.90
C ALA G 75 -70.41 10.91 24.68
N LYS G 76 -69.51 11.86 24.38
CA LYS G 76 -68.68 11.82 23.19
C LYS G 76 -67.29 11.22 23.46
N ALA G 77 -67.18 10.28 24.41
CA ALA G 77 -65.85 9.83 24.83
C ALA G 77 -65.81 8.32 24.93
N ASP G 78 -64.59 7.76 24.88
CA ASP G 78 -64.39 6.31 24.93
C ASP G 78 -64.21 5.82 26.36
N VAL G 79 -63.58 6.68 27.17
CA VAL G 79 -63.11 6.26 28.48
C VAL G 79 -63.42 7.31 29.55
N LEU G 80 -63.87 6.83 30.71
CA LEU G 80 -63.86 7.66 31.91
C LEU G 80 -62.98 7.07 33.04
N ILE G 81 -62.23 8.01 33.63
CA ILE G 81 -61.32 7.74 34.75
C ILE G 81 -61.79 8.57 35.95
N GLU G 82 -62.13 7.86 37.01
CA GLU G 82 -62.35 8.53 38.28
C GLU G 82 -61.54 7.80 39.35
N GLY G 83 -60.93 8.57 40.27
CA GLY G 83 -60.25 7.99 41.42
C GLY G 83 -60.68 8.52 42.79
N TYR G 84 -62.01 8.54 43.06
CA TYR G 84 -62.59 9.02 44.31
C TYR G 84 -63.01 7.80 45.11
N ARG G 85 -63.40 7.99 46.39
CA ARG G 85 -63.84 6.84 47.15
C ARG G 85 -65.04 6.21 46.46
N PRO G 86 -65.31 4.91 46.66
CA PRO G 86 -66.50 4.30 46.09
C PRO G 86 -67.75 5.04 46.56
N GLY G 87 -68.77 5.02 45.71
CA GLY G 87 -70.06 5.55 46.06
C GLY G 87 -70.10 7.03 45.77
N VAL G 88 -68.95 7.63 45.39
CA VAL G 88 -68.91 9.07 45.23
C VAL G 88 -69.57 9.47 43.91
N THR G 89 -69.05 8.97 42.77
CA THR G 89 -69.49 9.42 41.46
C THR G 89 -71.01 9.28 41.34
N GLU G 90 -71.53 8.16 41.85
CA GLU G 90 -72.96 7.94 41.98
C GLU G 90 -73.61 9.22 42.51
N ARG G 91 -73.41 9.50 43.81
CA ARG G 91 -73.95 10.72 44.43
C ARG G 91 -73.82 11.94 43.54
N LEU G 92 -72.76 12.05 42.75
CA LEU G 92 -72.66 13.19 41.83
C LEU G 92 -73.58 12.99 40.61
N GLY G 93 -74.15 11.77 40.48
CA GLY G 93 -74.86 11.35 39.27
C GLY G 93 -73.98 11.10 38.03
N LEU G 94 -72.69 10.75 38.23
CA LEU G 94 -71.78 10.35 37.17
C LEU G 94 -71.38 8.89 37.35
N GLY G 95 -72.16 8.12 38.10
CA GLY G 95 -71.87 6.71 38.33
C GLY G 95 -71.98 5.89 37.05
N PRO G 96 -71.57 4.61 37.05
CA PRO G 96 -71.64 3.80 35.84
C PRO G 96 -73.07 3.85 35.28
N GLU G 97 -74.05 3.59 36.17
CA GLU G 97 -75.50 3.59 35.91
C GLU G 97 -75.90 4.72 34.96
N GLU G 98 -75.69 5.95 35.42
CA GLU G 98 -76.05 7.16 34.70
C GLU G 98 -75.22 7.34 33.44
N CYS G 99 -73.94 6.94 33.51
CA CYS G 99 -73.04 7.20 32.39
C CYS G 99 -73.46 6.26 31.24
N ALA G 100 -73.87 5.03 31.60
CA ALA G 100 -74.28 4.01 30.64
C ALA G 100 -75.62 4.35 29.96
N LYS G 101 -76.06 5.62 30.05
CA LYS G 101 -77.31 6.06 29.47
C LYS G 101 -77.09 7.27 28.57
N VAL G 102 -75.94 7.93 28.65
CA VAL G 102 -75.57 8.84 27.59
C VAL G 102 -74.53 8.19 26.66
N ASN G 103 -74.25 6.89 26.85
CA ASN G 103 -73.11 6.24 26.21
C ASN G 103 -72.90 4.83 26.74
N ASP G 104 -73.53 3.82 26.12
CA ASP G 104 -73.33 2.45 26.60
C ASP G 104 -72.06 1.85 25.98
N ARG G 105 -71.25 2.68 25.32
CA ARG G 105 -69.98 2.19 24.78
C ARG G 105 -68.83 2.40 25.77
N LEU G 106 -69.11 3.13 26.85
CA LEU G 106 -68.08 3.77 27.67
C LEU G 106 -67.32 2.73 28.50
N ILE G 107 -66.00 2.93 28.54
CA ILE G 107 -65.17 2.22 29.50
C ILE G 107 -65.10 3.06 30.78
N TYR G 108 -65.68 2.50 31.86
CA TYR G 108 -65.85 3.26 33.08
C TYR G 108 -64.79 2.82 34.07
N ALA G 109 -63.73 3.62 34.20
CA ALA G 109 -62.53 3.10 34.86
C ALA G 109 -62.42 3.67 36.28
N ARG G 110 -62.49 2.78 37.29
CA ARG G 110 -62.51 3.16 38.69
C ARG G 110 -61.18 2.79 39.39
N MET G 111 -60.46 3.84 39.81
CA MET G 111 -59.14 3.73 40.42
C MET G 111 -59.24 3.98 41.92
N THR G 112 -59.08 2.93 42.70
CA THR G 112 -59.03 3.05 44.16
C THR G 112 -57.88 2.20 44.72
N GLY G 113 -57.78 2.20 46.06
CA GLY G 113 -56.76 1.43 46.77
C GLY G 113 -57.34 0.13 47.31
N TRP G 114 -58.51 0.27 47.95
CA TRP G 114 -59.11 -0.83 48.67
C TRP G 114 -60.17 -1.53 47.80
N GLY G 115 -60.57 -0.91 46.70
CA GLY G 115 -61.61 -1.49 45.86
C GLY G 115 -62.99 -0.87 46.12
N GLN G 116 -64.02 -1.53 45.59
CA GLN G 116 -65.35 -0.90 45.52
C GLN G 116 -66.19 -1.32 46.72
N THR G 117 -65.83 -2.40 47.41
CA THR G 117 -66.59 -2.89 48.55
C THR G 117 -65.63 -3.44 49.61
N GLY G 118 -66.19 -3.81 50.75
CA GLY G 118 -65.45 -4.50 51.81
C GLY G 118 -65.13 -3.54 52.94
N PRO G 119 -64.63 -4.04 54.08
CA PRO G 119 -64.51 -3.23 55.30
C PRO G 119 -63.67 -1.93 55.19
N ARG G 120 -62.66 -1.93 54.31
CA ARG G 120 -61.72 -0.81 54.25
C ARG G 120 -62.09 0.13 53.14
N SER G 121 -63.22 -0.13 52.44
CA SER G 121 -63.56 0.56 51.20
C SER G 121 -63.74 2.07 51.36
N GLN G 122 -64.04 2.57 52.58
CA GLN G 122 -64.23 4.00 52.75
C GLN G 122 -63.08 4.63 53.56
N GLN G 123 -62.08 3.82 53.94
CA GLN G 123 -60.87 4.35 54.57
C GLN G 123 -60.03 5.16 53.61
N ALA G 124 -59.70 6.40 53.98
CA ALA G 124 -58.63 7.14 53.34
C ALA G 124 -57.32 6.33 53.40
N GLY G 125 -56.45 6.55 52.42
CA GLY G 125 -55.17 5.84 52.42
C GLY G 125 -54.24 6.39 51.34
N HIS G 126 -52.97 5.99 51.43
CA HIS G 126 -51.99 6.24 50.39
C HIS G 126 -51.27 4.93 50.04
N ASP G 127 -50.33 5.02 49.07
CA ASP G 127 -49.53 3.89 48.62
C ASP G 127 -49.12 3.00 49.80
N ILE G 128 -48.49 3.59 50.83
CA ILE G 128 -47.90 2.83 51.92
C ILE G 128 -48.94 1.94 52.63
N ASN G 129 -50.18 2.44 52.72
CA ASN G 129 -51.26 1.69 53.34
C ASN G 129 -51.65 0.45 52.50
N TYR G 130 -51.83 0.64 51.19
CA TYR G 130 -52.29 -0.44 50.36
C TYR G 130 -51.27 -1.57 50.30
N ILE G 131 -49.98 -1.26 50.23
CA ILE G 131 -48.97 -2.31 50.21
C ILE G 131 -48.66 -2.87 51.60
N SER G 132 -49.13 -2.24 52.69
CA SER G 132 -48.87 -2.84 53.99
C SER G 132 -49.72 -4.09 54.19
N LEU G 133 -50.90 -4.10 53.59
CA LEU G 133 -51.89 -5.10 53.92
C LEU G 133 -51.69 -6.40 53.14
N ASN G 134 -50.94 -6.41 52.02
CA ASN G 134 -50.86 -7.60 51.20
C ASN G 134 -49.48 -8.23 51.23
N GLY G 135 -48.67 -7.90 52.25
CA GLY G 135 -47.36 -8.52 52.41
C GLY G 135 -46.23 -7.74 51.74
N ILE G 136 -46.52 -6.83 50.84
CA ILE G 136 -45.44 -6.24 50.05
C ILE G 136 -44.50 -5.41 50.92
N LEU G 137 -45.05 -4.50 51.75
CA LEU G 137 -44.21 -3.54 52.49
C LEU G 137 -43.32 -4.26 53.48
N HIS G 138 -43.86 -5.31 54.08
CA HIS G 138 -43.12 -6.13 55.02
C HIS G 138 -41.85 -6.72 54.41
N ALA G 139 -41.82 -6.92 53.08
CA ALA G 139 -40.72 -7.63 52.45
C ALA G 139 -39.61 -6.68 52.01
N ILE G 140 -39.76 -5.39 52.22
CA ILE G 140 -38.86 -4.39 51.65
C ILE G 140 -38.02 -3.76 52.74
N GLY G 141 -36.69 -3.78 52.57
CA GLY G 141 -35.79 -3.14 53.50
C GLY G 141 -34.80 -4.13 54.08
N ARG G 142 -33.90 -3.64 54.92
CA ARG G 142 -32.93 -4.48 55.59
C ARG G 142 -33.59 -5.26 56.72
N GLY G 143 -33.05 -6.44 57.05
CA GLY G 143 -33.68 -7.31 58.02
C GLY G 143 -33.59 -6.76 59.44
N ASP G 144 -32.59 -5.91 59.68
CA ASP G 144 -32.29 -5.44 61.01
C ASP G 144 -33.03 -4.12 61.26
N GLU G 145 -33.97 -3.76 60.37
CA GLU G 145 -34.62 -2.46 60.43
C GLU G 145 -36.09 -2.60 60.09
N ARG G 146 -36.85 -1.56 60.36
CA ARG G 146 -38.26 -1.56 60.01
C ARG G 146 -38.40 -1.39 58.50
N PRO G 147 -39.52 -1.86 57.93
CA PRO G 147 -39.75 -1.80 56.50
C PRO G 147 -39.66 -0.38 55.98
N VAL G 148 -39.14 -0.25 54.75
CA VAL G 148 -38.97 1.06 54.16
C VAL G 148 -39.85 1.15 52.92
N PRO G 149 -40.57 2.26 52.74
CA PRO G 149 -41.39 2.41 51.56
C PRO G 149 -40.54 2.53 50.30
N PRO G 150 -40.89 1.77 49.25
CA PRO G 150 -40.26 1.93 47.93
C PRO G 150 -40.90 3.11 47.17
N LEU G 151 -40.71 4.31 47.71
CA LEU G 151 -41.46 5.50 47.34
C LEU G 151 -42.93 5.11 47.24
N ASN G 152 -43.64 5.65 46.26
CA ASN G 152 -45.00 5.21 45.96
C ASN G 152 -45.07 4.52 44.57
N LEU G 153 -44.07 3.68 44.27
CA LEU G 153 -43.91 3.12 42.94
C LEU G 153 -44.75 1.86 42.76
N VAL G 154 -44.97 1.13 43.85
CA VAL G 154 -45.45 -0.22 43.79
C VAL G 154 -46.98 -0.21 43.90
N GLY G 155 -47.52 0.63 44.80
CA GLY G 155 -48.97 0.70 45.03
C GLY G 155 -49.67 1.65 44.05
N ASP G 156 -49.25 2.93 44.00
CA ASP G 156 -49.87 3.90 43.14
C ASP G 156 -49.66 3.58 41.66
N PHE G 157 -48.41 3.27 41.26
CA PHE G 157 -48.10 3.23 39.83
C PHE G 157 -48.04 1.80 39.34
N GLY G 158 -47.01 1.05 39.75
CA GLY G 158 -46.86 -0.32 39.33
C GLY G 158 -48.14 -1.15 39.49
N GLY G 159 -48.77 -1.04 40.65
CA GLY G 159 -49.91 -1.89 40.98
C GLY G 159 -51.25 -1.14 40.91
N GLY G 160 -51.19 0.11 40.44
CA GLY G 160 -52.30 1.04 40.43
C GLY G 160 -52.64 1.52 39.03
N SER G 161 -52.02 2.62 38.62
CA SER G 161 -52.24 3.19 37.32
C SER G 161 -51.99 2.15 36.22
N MET G 162 -50.94 1.33 36.34
CA MET G 162 -50.61 0.42 35.25
C MET G 162 -51.71 -0.63 35.07
N PHE G 163 -52.30 -1.11 36.18
CA PHE G 163 -53.41 -2.04 36.08
C PHE G 163 -54.70 -1.34 35.62
N LEU G 164 -54.91 -0.05 35.93
CA LEU G 164 -56.03 0.68 35.35
C LEU G 164 -55.87 0.69 33.82
N LEU G 165 -54.67 1.07 33.36
CA LEU G 165 -54.34 1.11 31.95
C LEU G 165 -54.61 -0.24 31.28
N VAL G 166 -54.09 -1.34 31.83
CA VAL G 166 -54.32 -2.65 31.25
C VAL G 166 -55.83 -2.92 31.12
N GLY G 167 -56.57 -2.59 32.17
CA GLY G 167 -57.98 -2.94 32.20
C GLY G 167 -58.73 -2.10 31.18
N ILE G 168 -58.37 -0.82 31.10
CA ILE G 168 -58.99 0.06 30.13
C ILE G 168 -58.71 -0.49 28.73
N LEU G 169 -57.44 -0.76 28.46
CA LEU G 169 -57.04 -1.12 27.11
C LEU G 169 -57.59 -2.50 26.75
N ALA G 170 -57.67 -3.42 27.72
CA ALA G 170 -58.27 -4.74 27.51
C ALA G 170 -59.77 -4.65 27.25
N ALA G 171 -60.44 -3.67 27.87
CA ALA G 171 -61.88 -3.52 27.74
C ALA G 171 -62.22 -2.92 26.38
N LEU G 172 -61.37 -1.99 25.91
CA LEU G 172 -61.50 -1.44 24.56
C LEU G 172 -61.37 -2.55 23.52
N TRP G 173 -60.56 -3.58 23.80
CA TRP G 173 -60.39 -4.68 22.86
C TRP G 173 -61.65 -5.54 22.85
N GLU G 174 -62.26 -5.69 24.02
CA GLU G 174 -63.46 -6.50 24.18
C GLU G 174 -64.62 -5.82 23.46
N ARG G 175 -64.65 -4.48 23.57
CA ARG G 175 -65.65 -3.62 22.95
C ARG G 175 -65.67 -3.77 21.43
N GLN G 176 -64.53 -4.17 20.82
CA GLN G 176 -64.45 -4.31 19.37
C GLN G 176 -65.33 -5.46 18.91
N SER G 177 -65.39 -6.57 19.68
CA SER G 177 -66.37 -7.62 19.48
C SER G 177 -67.78 -7.16 19.88
N SER G 178 -67.97 -6.91 21.18
CA SER G 178 -69.30 -6.91 21.79
C SER G 178 -70.08 -5.63 21.50
N GLY G 179 -69.41 -4.51 21.19
CA GLY G 179 -70.08 -3.25 20.92
C GLY G 179 -70.37 -2.42 22.18
N LYS G 180 -70.10 -3.03 23.35
CA LYS G 180 -70.53 -2.58 24.67
C LYS G 180 -69.34 -2.24 25.57
N GLY G 181 -69.44 -1.08 26.25
CA GLY G 181 -68.53 -0.67 27.31
C GLY G 181 -68.64 -1.57 28.54
N GLN G 182 -68.03 -1.13 29.64
CA GLN G 182 -68.15 -1.80 30.93
C GLN G 182 -67.31 -1.07 31.99
N VAL G 183 -67.28 -1.65 33.21
CA VAL G 183 -66.66 -1.02 34.36
C VAL G 183 -65.38 -1.78 34.70
N VAL G 184 -64.30 -1.00 34.84
CA VAL G 184 -63.02 -1.53 35.26
C VAL G 184 -62.81 -1.17 36.72
N ASP G 185 -62.73 -2.19 37.58
CA ASP G 185 -62.43 -1.99 38.98
C ASP G 185 -60.95 -2.31 39.24
N ALA G 186 -60.13 -1.24 39.28
CA ALA G 186 -58.70 -1.32 39.57
C ALA G 186 -58.40 -0.86 41.00
N ALA G 187 -58.12 -1.85 41.85
CA ALA G 187 -57.71 -1.61 43.22
C ALA G 187 -56.21 -1.90 43.41
N MET G 188 -55.51 -0.92 44.01
CA MET G 188 -54.08 -1.01 44.24
C MET G 188 -53.75 -2.24 45.06
N VAL G 189 -54.60 -2.65 45.99
CA VAL G 189 -54.27 -3.82 46.79
C VAL G 189 -54.29 -5.10 45.93
N ASP G 190 -55.06 -5.07 44.84
CA ASP G 190 -55.17 -6.20 43.91
C ASP G 190 -54.01 -6.14 42.89
N GLY G 191 -53.91 -5.00 42.22
CA GLY G 191 -52.89 -4.82 41.19
C GLY G 191 -51.49 -5.08 41.75
N SER G 192 -51.22 -4.53 42.94
CA SER G 192 -49.92 -4.69 43.56
C SER G 192 -49.69 -6.16 43.94
N SER G 193 -50.74 -6.94 44.27
CA SER G 193 -50.55 -8.35 44.58
C SER G 193 -50.17 -9.16 43.33
N VAL G 194 -50.73 -8.81 42.17
CA VAL G 194 -50.41 -9.45 40.90
C VAL G 194 -49.01 -9.02 40.48
N LEU G 195 -48.63 -7.78 40.84
CA LEU G 195 -47.31 -7.29 40.52
C LEU G 195 -46.24 -8.13 41.21
N ILE G 196 -46.52 -8.63 42.42
CA ILE G 196 -45.57 -9.43 43.17
C ILE G 196 -45.89 -10.92 43.10
N GLN G 197 -46.59 -11.37 42.04
CA GLN G 197 -46.98 -12.77 41.91
C GLN G 197 -45.78 -13.72 41.97
N MET G 198 -44.62 -13.28 41.46
CA MET G 198 -43.46 -14.13 41.52
C MET G 198 -43.15 -14.53 42.96
N MET G 199 -43.28 -13.58 43.91
CA MET G 199 -42.90 -13.91 45.28
C MET G 199 -43.89 -14.94 45.85
N TRP G 200 -45.18 -14.76 45.50
CA TRP G 200 -46.20 -15.69 45.92
C TRP G 200 -45.89 -17.08 45.33
N ALA G 201 -45.45 -17.13 44.06
CA ALA G 201 -45.06 -18.38 43.39
C ALA G 201 -43.88 -19.05 44.09
N MET G 202 -42.83 -18.27 44.37
CA MET G 202 -41.63 -18.81 44.98
C MET G 202 -41.88 -19.21 46.42
N ARG G 203 -42.79 -18.51 47.09
CA ARG G 203 -43.15 -18.86 48.45
C ARG G 203 -43.75 -20.27 48.49
N ALA G 204 -44.57 -20.61 47.48
CA ALA G 204 -45.28 -21.89 47.42
C ALA G 204 -44.29 -23.04 47.30
N THR G 205 -43.14 -22.80 46.69
CA THR G 205 -42.17 -23.84 46.41
C THR G 205 -40.97 -23.72 47.36
N GLY G 206 -41.07 -22.88 48.39
CA GLY G 206 -40.02 -22.74 49.37
C GLY G 206 -38.80 -21.94 48.90
N MET G 207 -38.89 -21.18 47.81
CA MET G 207 -37.75 -20.42 47.35
C MET G 207 -37.85 -18.96 47.82
N TRP G 208 -38.79 -18.67 48.73
CA TRP G 208 -38.87 -17.35 49.33
C TRP G 208 -39.49 -17.46 50.71
N THR G 209 -38.91 -16.76 51.70
CA THR G 209 -39.39 -16.75 53.07
C THR G 209 -39.85 -15.34 53.49
N ASP G 210 -40.70 -15.30 54.52
CA ASP G 210 -41.30 -14.08 55.04
C ASP G 210 -40.26 -13.24 55.79
N THR G 211 -39.06 -13.75 56.04
CA THR G 211 -38.01 -12.98 56.70
C THR G 211 -37.43 -11.93 55.76
N ARG G 212 -37.52 -10.68 56.20
CA ARG G 212 -37.07 -9.55 55.43
C ARG G 212 -35.54 -9.62 55.32
N GLY G 213 -35.03 -9.29 54.14
CA GLY G 213 -33.58 -9.19 53.96
C GLY G 213 -32.87 -10.55 53.88
N ALA G 214 -33.60 -11.64 53.62
CA ALA G 214 -32.97 -12.96 53.60
C ALA G 214 -33.32 -13.75 52.34
N ASN G 215 -33.58 -13.10 51.21
CA ASN G 215 -34.01 -13.78 50.00
C ASN G 215 -33.08 -13.42 48.86
N MET G 216 -33.27 -14.04 47.69
CA MET G 216 -32.35 -13.80 46.58
C MET G 216 -32.47 -12.38 46.06
N LEU G 217 -33.67 -11.79 46.13
CA LEU G 217 -33.95 -10.53 45.43
C LEU G 217 -34.28 -9.32 46.34
N ASP G 218 -34.11 -9.42 47.66
CA ASP G 218 -34.46 -8.36 48.61
C ASP G 218 -33.23 -7.71 49.23
N GLY G 219 -32.05 -8.11 48.75
CA GLY G 219 -30.78 -7.66 49.31
C GLY G 219 -30.13 -8.67 50.25
N GLY G 220 -30.78 -9.79 50.50
CA GLY G 220 -30.14 -10.85 51.27
C GLY G 220 -28.93 -11.48 50.56
N ALA G 221 -28.95 -11.51 49.23
CA ALA G 221 -27.93 -12.22 48.47
C ALA G 221 -26.78 -11.28 48.20
N PRO G 222 -25.53 -11.67 48.49
CA PRO G 222 -24.41 -10.77 48.23
C PRO G 222 -24.20 -10.40 46.79
N TYR G 223 -24.67 -11.25 45.88
CA TYR G 223 -24.49 -11.00 44.46
C TYR G 223 -25.70 -10.22 43.92
N TYR G 224 -26.65 -9.83 44.79
CA TYR G 224 -27.79 -9.04 44.32
C TYR G 224 -28.10 -7.96 45.36
N ASP G 225 -27.34 -6.87 45.29
CA ASP G 225 -27.38 -5.83 46.31
C ASP G 225 -26.54 -4.66 45.85
N THR G 226 -26.59 -3.56 46.61
CA THR G 226 -25.73 -2.41 46.43
C THR G 226 -24.53 -2.55 47.34
N TYR G 227 -23.44 -1.90 46.94
CA TYR G 227 -22.17 -1.88 47.66
C TYR G 227 -21.66 -0.44 47.67
N GLU G 228 -21.12 -0.07 48.83
CA GLU G 228 -20.52 1.24 49.00
C GLU G 228 -19.08 1.15 48.50
N CYS G 229 -18.70 2.17 47.73
CA CYS G 229 -17.37 2.30 47.16
C CYS G 229 -16.49 3.25 48.01
N ALA G 230 -15.22 3.44 47.64
CA ALA G 230 -14.26 4.22 48.43
C ALA G 230 -14.70 5.67 48.58
N ASP G 231 -15.42 6.20 47.58
CA ASP G 231 -15.82 7.59 47.56
C ASP G 231 -17.19 7.80 48.22
N GLY G 232 -17.74 6.77 48.87
CA GLY G 232 -19.07 6.90 49.48
C GLY G 232 -20.23 6.82 48.48
N ARG G 233 -19.96 6.60 47.17
CA ARG G 233 -21.03 6.36 46.21
C ARG G 233 -21.26 4.85 46.10
N TYR G 234 -22.22 4.42 45.26
CA TYR G 234 -22.63 3.02 45.27
C TYR G 234 -22.63 2.42 43.86
N VAL G 235 -22.46 1.10 43.83
CA VAL G 235 -22.68 0.30 42.65
C VAL G 235 -23.75 -0.69 43.01
N ALA G 236 -24.45 -1.15 41.99
CA ALA G 236 -25.36 -2.24 42.13
C ALA G 236 -24.76 -3.46 41.47
N VAL G 237 -24.88 -4.58 42.15
CA VAL G 237 -24.49 -5.88 41.66
C VAL G 237 -25.73 -6.73 41.48
N GLY G 238 -25.86 -7.33 40.29
CA GLY G 238 -27.00 -8.17 39.99
C GLY G 238 -26.65 -9.49 39.33
N ALA G 239 -25.54 -10.08 39.77
CA ALA G 239 -24.93 -11.19 39.06
C ALA G 239 -25.48 -12.51 39.54
N ILE G 240 -26.69 -12.83 39.10
CA ILE G 240 -27.39 -14.03 39.56
C ILE G 240 -26.80 -15.24 38.87
N GLU G 241 -26.68 -15.16 37.54
CA GLU G 241 -26.22 -16.31 36.76
C GLU G 241 -24.74 -16.51 37.06
N PRO G 242 -24.30 -17.78 37.23
CA PRO G 242 -22.92 -18.06 37.63
C PRO G 242 -21.87 -17.44 36.72
N GLN G 243 -22.12 -17.46 35.41
CA GLN G 243 -21.13 -16.96 34.47
C GLN G 243 -20.96 -15.44 34.64
N PHE G 244 -22.04 -14.74 34.92
CA PHE G 244 -21.97 -13.29 35.12
C PHE G 244 -21.27 -13.02 36.45
N TYR G 245 -21.61 -13.84 37.46
CA TYR G 245 -20.98 -13.72 38.77
C TYR G 245 -19.46 -13.92 38.64
N ALA G 246 -19.05 -14.94 37.88
CA ALA G 246 -17.61 -15.17 37.68
C ALA G 246 -16.94 -13.94 37.09
N ALA G 247 -17.60 -13.31 36.10
CA ALA G 247 -17.03 -12.13 35.47
C ALA G 247 -16.91 -10.98 36.48
N MET G 248 -17.87 -10.89 37.40
CA MET G 248 -17.83 -9.87 38.42
C MET G 248 -16.60 -10.08 39.31
N LEU G 249 -16.36 -11.31 39.77
CA LEU G 249 -15.19 -11.61 40.62
C LEU G 249 -13.89 -11.28 39.91
N ALA G 250 -13.79 -11.61 38.62
CA ALA G 250 -12.57 -11.37 37.86
C ALA G 250 -12.28 -9.88 37.83
N GLY G 251 -13.33 -9.08 37.60
CA GLY G 251 -13.15 -7.64 37.58
C GLY G 251 -12.76 -7.09 38.95
N LEU G 252 -13.25 -7.75 40.02
CA LEU G 252 -12.94 -7.32 41.38
C LEU G 252 -11.50 -7.69 41.74
N GLY G 253 -10.94 -8.66 41.02
CA GLY G 253 -9.61 -9.15 41.36
C GLY G 253 -9.68 -10.21 42.45
N LEU G 254 -10.83 -10.87 42.63
CA LEU G 254 -10.93 -11.93 43.62
C LEU G 254 -10.85 -13.29 42.93
N ASP G 255 -10.03 -14.15 43.50
CA ASP G 255 -9.89 -15.50 43.02
C ASP G 255 -11.03 -16.32 43.60
N ALA G 256 -11.86 -16.89 42.72
CA ALA G 256 -13.02 -17.70 43.10
C ALA G 256 -12.62 -18.82 44.06
N ALA G 257 -11.39 -19.33 43.96
CA ALA G 257 -10.96 -20.40 44.85
C ALA G 257 -10.91 -19.93 46.31
N GLU G 258 -10.66 -18.64 46.60
CA GLU G 258 -10.55 -18.20 48.00
C GLU G 258 -11.91 -17.86 48.61
N LEU G 259 -13.03 -17.98 47.86
CA LEU G 259 -14.32 -17.54 48.33
C LEU G 259 -15.21 -18.74 48.58
N PRO G 260 -16.22 -18.60 49.45
CA PRO G 260 -17.25 -19.63 49.56
C PRO G 260 -18.04 -19.69 48.24
N PRO G 261 -18.82 -20.76 48.00
CA PRO G 261 -19.65 -20.86 46.81
C PRO G 261 -20.74 -19.79 46.80
N GLN G 262 -21.02 -19.28 45.60
CA GLN G 262 -21.97 -18.22 45.36
C GLN G 262 -23.28 -18.49 46.12
N ASN G 263 -23.80 -19.72 46.09
CA ASN G 263 -25.10 -20.01 46.67
C ASN G 263 -25.03 -20.94 47.89
N ASP G 264 -23.91 -20.96 48.60
CA ASP G 264 -23.91 -21.53 49.95
C ASP G 264 -24.39 -20.43 50.91
N ARG G 265 -25.68 -20.49 51.28
CA ARG G 265 -26.37 -19.41 51.96
C ARG G 265 -25.83 -19.28 53.37
N ALA G 266 -25.37 -20.42 53.92
CA ALA G 266 -24.76 -20.45 55.23
C ALA G 266 -23.47 -19.64 55.27
N ARG G 267 -22.82 -19.43 54.13
CA ARG G 267 -21.56 -18.69 54.16
C ARG G 267 -21.71 -17.33 53.49
N TRP G 268 -22.93 -16.89 53.24
CA TRP G 268 -23.16 -15.55 52.70
C TRP G 268 -22.52 -14.49 53.59
N PRO G 269 -22.46 -14.62 54.94
CA PRO G 269 -21.78 -13.60 55.76
C PRO G 269 -20.33 -13.37 55.40
N GLU G 270 -19.58 -14.47 55.19
CA GLU G 270 -18.20 -14.35 54.77
C GLU G 270 -18.14 -13.77 53.36
N LEU G 271 -18.99 -14.29 52.45
CA LEU G 271 -18.96 -13.81 51.06
C LEU G 271 -19.26 -12.32 51.03
N ARG G 272 -20.28 -11.87 51.76
CA ARG G 272 -20.60 -10.45 51.76
C ARG G 272 -19.40 -9.64 52.29
N ALA G 273 -18.75 -10.13 53.35
CA ALA G 273 -17.60 -9.42 53.88
C ALA G 273 -16.50 -9.28 52.82
N LEU G 274 -16.27 -10.32 52.01
CA LEU G 274 -15.22 -10.25 51.01
C LEU G 274 -15.56 -9.27 49.87
N LEU G 275 -16.82 -9.32 49.41
CA LEU G 275 -17.21 -8.40 48.35
C LEU G 275 -17.19 -6.97 48.86
N THR G 276 -17.67 -6.78 50.11
CA THR G 276 -17.80 -5.44 50.69
C THR G 276 -16.44 -4.73 50.64
N GLU G 277 -15.41 -5.48 51.08
CA GLU G 277 -14.04 -4.99 51.17
C GLU G 277 -13.50 -4.69 49.78
N ALA G 278 -13.71 -5.60 48.84
CA ALA G 278 -13.29 -5.36 47.48
C ALA G 278 -13.95 -4.10 46.89
N PHE G 279 -15.28 -3.99 46.96
CA PHE G 279 -15.88 -2.82 46.29
C PHE G 279 -15.50 -1.53 47.01
N ALA G 280 -15.31 -1.61 48.33
CA ALA G 280 -14.91 -0.43 49.10
C ALA G 280 -13.48 0.01 48.82
N SER G 281 -12.67 -0.79 48.11
CA SER G 281 -11.26 -0.48 47.91
C SER G 281 -11.06 0.50 46.75
N HIS G 282 -12.06 0.71 45.89
CA HIS G 282 -11.98 1.71 44.83
C HIS G 282 -13.27 2.53 44.72
N ASP G 283 -13.20 3.66 43.98
CA ASP G 283 -14.32 4.58 43.79
C ASP G 283 -15.31 4.02 42.76
N ARG G 284 -16.52 4.59 42.73
CA ARG G 284 -17.56 4.14 41.82
C ARG G 284 -17.09 4.26 40.37
N ASP G 285 -16.43 5.37 40.02
CA ASP G 285 -15.93 5.54 38.65
C ASP G 285 -14.97 4.40 38.27
N HIS G 286 -14.09 4.00 39.21
CA HIS G 286 -13.17 2.90 38.96
C HIS G 286 -13.96 1.66 38.51
N TRP G 287 -15.06 1.36 39.20
CA TRP G 287 -15.83 0.18 38.84
C TRP G 287 -16.54 0.37 37.50
N GLY G 288 -17.00 1.59 37.17
CA GLY G 288 -17.53 1.82 35.81
C GLY G 288 -16.50 1.49 34.74
N ALA G 289 -15.24 1.87 34.96
CA ALA G 289 -14.22 1.64 33.96
C ALA G 289 -13.94 0.13 33.87
N VAL G 290 -13.78 -0.52 35.03
CA VAL G 290 -13.47 -1.95 35.07
C VAL G 290 -14.57 -2.74 34.37
N PHE G 291 -15.85 -2.39 34.61
CA PHE G 291 -16.94 -3.29 34.20
C PHE G 291 -17.61 -2.85 32.90
N ALA G 292 -17.35 -1.62 32.43
CA ALA G 292 -17.49 -1.22 31.04
C ALA G 292 -18.63 -1.91 30.27
N ASN G 293 -18.28 -2.83 29.33
CA ASN G 293 -19.21 -3.35 28.33
C ASN G 293 -19.62 -4.76 28.78
N SER G 294 -19.58 -5.07 30.09
CA SER G 294 -19.48 -6.48 30.48
C SER G 294 -20.77 -7.06 31.04
N ASP G 295 -20.84 -8.40 31.03
CA ASP G 295 -21.95 -9.14 31.61
C ASP G 295 -21.81 -9.37 33.11
N ALA G 296 -20.92 -8.60 33.78
CA ALA G 296 -20.69 -8.73 35.21
C ALA G 296 -21.90 -8.23 36.04
N CYS G 297 -22.81 -7.49 35.41
CA CYS G 297 -24.02 -6.98 36.05
C CYS G 297 -23.65 -6.08 37.22
N VAL G 298 -22.68 -5.17 36.98
CA VAL G 298 -22.32 -4.15 37.94
C VAL G 298 -22.53 -2.81 37.30
N THR G 299 -23.39 -1.98 37.91
CA THR G 299 -23.75 -0.67 37.37
C THR G 299 -23.57 0.38 38.44
N PRO G 300 -23.24 1.62 38.07
CA PRO G 300 -23.21 2.73 39.01
C PRO G 300 -24.65 3.04 39.42
N VAL G 301 -24.85 3.30 40.71
CA VAL G 301 -26.12 3.78 41.24
C VAL G 301 -26.14 5.29 41.12
N LEU G 302 -26.81 5.79 40.09
CA LEU G 302 -26.80 7.22 39.77
C LEU G 302 -27.94 7.93 40.52
N ALA G 303 -27.62 9.14 41.01
CA ALA G 303 -28.62 10.04 41.55
C ALA G 303 -29.34 10.70 40.38
N PHE G 304 -30.61 11.12 40.60
CA PHE G 304 -31.37 11.77 39.55
C PHE G 304 -30.51 12.80 38.81
N GLY G 305 -29.78 13.61 39.56
CA GLY G 305 -29.07 14.74 38.98
C GLY G 305 -27.92 14.35 38.04
N GLU G 306 -27.52 13.08 38.04
CA GLU G 306 -26.44 12.59 37.20
C GLU G 306 -26.93 11.81 35.99
N VAL G 307 -28.23 11.48 35.96
CA VAL G 307 -28.73 10.60 34.93
C VAL G 307 -28.52 11.19 33.55
N HIS G 308 -28.70 12.51 33.41
CA HIS G 308 -28.54 13.20 32.14
C HIS G 308 -27.12 13.07 31.55
N ASN G 309 -26.11 12.68 32.33
CA ASN G 309 -24.77 12.53 31.76
C ASN G 309 -24.41 11.09 31.43
N GLU G 310 -25.37 10.17 31.53
CA GLU G 310 -25.09 8.76 31.29
C GLU G 310 -25.31 8.46 29.81
N PRO G 311 -24.26 7.99 29.08
CA PRO G 311 -24.36 7.75 27.63
C PRO G 311 -25.54 6.93 27.11
N HIS G 312 -25.86 5.81 27.75
CA HIS G 312 -26.96 4.98 27.29
C HIS G 312 -28.30 5.72 27.41
N ILE G 313 -28.41 6.60 28.42
CA ILE G 313 -29.62 7.36 28.67
C ILE G 313 -29.76 8.44 27.58
N ILE G 314 -28.65 9.12 27.28
CA ILE G 314 -28.61 10.21 26.30
C ILE G 314 -28.95 9.66 24.91
N GLU G 315 -28.23 8.62 24.47
CA GLU G 315 -28.40 8.18 23.09
C GLU G 315 -29.79 7.63 22.81
N ARG G 316 -30.45 7.00 23.79
CA ARG G 316 -31.78 6.46 23.52
C ARG G 316 -32.87 7.51 23.75
N ASN G 317 -32.53 8.74 24.15
CA ASN G 317 -33.54 9.77 24.36
C ASN G 317 -34.60 9.32 25.35
N THR G 318 -34.16 8.74 26.48
CA THR G 318 -35.07 8.32 27.52
C THR G 318 -35.76 9.55 28.15
N PHE G 319 -35.06 10.68 28.21
CA PHE G 319 -35.53 11.93 28.80
C PHE G 319 -35.54 13.04 27.75
N TYR G 320 -36.35 14.09 27.99
CA TYR G 320 -36.32 15.35 27.25
C TYR G 320 -36.32 16.50 28.28
N GLU G 321 -35.89 17.71 27.86
CA GLU G 321 -35.83 18.86 28.76
C GLU G 321 -37.13 19.64 28.74
N ALA G 322 -37.54 20.16 29.91
CA ALA G 322 -38.79 20.88 30.05
C ALA G 322 -38.78 21.70 31.35
N ASN G 323 -38.81 23.04 31.20
CA ASN G 323 -39.01 23.93 32.33
C ASN G 323 -37.96 23.67 33.40
N GLY G 324 -36.67 23.88 33.07
CA GLY G 324 -35.57 23.59 33.99
C GLY G 324 -35.76 22.25 34.72
N GLY G 325 -35.90 21.16 33.95
CA GLY G 325 -36.06 19.84 34.53
C GLY G 325 -36.29 18.76 33.48
N TRP G 326 -35.42 17.75 33.47
CA TRP G 326 -35.62 16.57 32.66
C TRP G 326 -36.89 15.85 33.05
N GLN G 327 -37.56 15.23 32.05
CA GLN G 327 -38.76 14.44 32.24
C GLN G 327 -38.63 13.21 31.36
N PRO G 328 -39.21 12.07 31.74
CA PRO G 328 -39.11 10.87 30.92
C PRO G 328 -39.99 10.93 29.68
N MET G 329 -39.46 10.50 28.53
CA MET G 329 -40.25 10.38 27.32
C MET G 329 -41.25 9.25 27.44
N PRO G 330 -42.32 9.27 26.63
CA PRO G 330 -43.31 8.19 26.63
C PRO G 330 -42.75 6.77 26.55
N ALA G 331 -43.43 5.84 27.21
CA ALA G 331 -42.98 4.46 27.08
C ALA G 331 -44.23 3.63 27.01
N PRO G 332 -44.22 2.45 26.35
CA PRO G 332 -43.04 1.96 25.62
C PRO G 332 -42.98 2.68 24.28
N ARG G 333 -42.22 2.11 23.33
CA ARG G 333 -41.99 2.70 22.02
C ARG G 333 -42.64 1.83 20.93
N PHE G 334 -43.03 2.51 19.84
CA PHE G 334 -43.78 1.88 18.76
C PHE G 334 -43.05 2.11 17.44
N SER G 335 -42.88 1.07 16.62
CA SER G 335 -42.11 1.20 15.36
C SER G 335 -42.81 2.08 14.31
N ARG G 336 -44.13 1.95 14.11
CA ARG G 336 -44.84 2.66 13.05
C ARG G 336 -45.46 3.97 13.57
N THR G 337 -46.26 3.88 14.64
CA THR G 337 -46.95 5.03 15.22
C THR G 337 -46.27 5.49 16.50
N ALA G 338 -45.17 6.23 16.34
CA ALA G 338 -44.33 6.65 17.44
C ALA G 338 -44.93 7.85 18.16
N SER G 339 -44.83 7.83 19.50
CA SER G 339 -45.28 8.94 20.31
C SER G 339 -44.40 10.16 20.02
N SER G 340 -44.93 11.35 20.28
CA SER G 340 -44.12 12.54 20.16
C SER G 340 -43.75 13.03 21.56
N GLN G 341 -42.89 14.05 21.61
CA GLN G 341 -42.55 14.69 22.84
C GLN G 341 -43.83 15.20 23.50
N PRO G 342 -44.05 14.93 24.79
CA PRO G 342 -45.26 15.44 25.46
C PRO G 342 -45.42 16.95 25.35
N ARG G 343 -46.68 17.40 25.25
CA ARG G 343 -47.02 18.80 25.25
C ARG G 343 -47.06 19.30 26.69
N PRO G 344 -46.48 20.48 27.01
CA PRO G 344 -46.38 20.93 28.39
C PRO G 344 -47.81 21.21 28.85
N PRO G 345 -48.09 21.13 30.17
CA PRO G 345 -49.40 21.51 30.70
C PRO G 345 -49.82 22.88 30.14
N ALA G 346 -51.05 22.96 29.65
CA ALA G 346 -51.53 24.12 28.93
C ALA G 346 -52.51 24.89 29.81
N ALA G 347 -52.69 26.18 29.51
CA ALA G 347 -53.67 27.00 30.20
C ALA G 347 -55.08 26.38 30.05
N THR G 348 -55.96 26.80 30.97
CA THR G 348 -57.30 26.25 31.08
C THR G 348 -58.10 26.56 29.83
N ILE G 349 -59.00 25.65 29.50
CA ILE G 349 -59.77 25.77 28.29
C ILE G 349 -61.24 25.70 28.73
N ASP G 350 -62.08 26.33 27.92
CA ASP G 350 -63.49 26.43 28.17
C ASP G 350 -64.16 25.10 27.81
N ILE G 351 -64.98 24.57 28.72
CA ILE G 351 -65.59 23.28 28.50
C ILE G 351 -66.45 23.27 27.23
N GLU G 352 -67.03 24.43 26.91
CA GLU G 352 -67.85 24.56 25.71
C GLU G 352 -66.98 24.34 24.48
N ALA G 353 -65.83 25.03 24.45
CA ALA G 353 -64.93 25.05 23.31
C ALA G 353 -64.46 23.64 22.97
N VAL G 354 -64.40 22.76 23.98
CA VAL G 354 -63.99 21.38 23.77
C VAL G 354 -65.14 20.62 23.11
N LEU G 355 -66.34 20.69 23.71
CA LEU G 355 -67.53 20.08 23.17
C LEU G 355 -67.76 20.43 21.69
N THR G 356 -67.30 21.61 21.25
CA THR G 356 -67.32 22.02 19.85
C THR G 356 -66.41 21.10 19.04
N ASP G 357 -65.10 21.25 19.29
CA ASP G 357 -64.04 20.52 18.61
C ASP G 357 -64.39 19.02 18.50
N TRP G 358 -65.08 18.43 19.48
CA TRP G 358 -65.46 17.02 19.41
C TRP G 358 -66.81 16.77 18.72
N ASP G 359 -67.23 17.70 17.83
CA ASP G 359 -68.56 17.77 17.23
C ASP G 359 -69.61 18.15 18.27
N GLY G 360 -70.33 17.16 18.83
CA GLY G 360 -71.49 17.43 19.68
C GLY G 360 -71.28 16.93 21.10
N MET H 1 -63.18 -19.11 26.94
CA MET H 1 -62.21 -18.58 27.94
C MET H 1 -62.75 -17.27 28.55
N ALA H 2 -62.78 -17.20 29.90
CA ALA H 2 -63.35 -16.05 30.60
C ALA H 2 -62.36 -14.88 30.68
N GLY H 3 -62.85 -13.69 30.33
CA GLY H 3 -62.15 -12.45 30.58
C GLY H 3 -62.34 -11.51 29.39
N PRO H 4 -61.94 -10.22 29.46
CA PRO H 4 -62.14 -9.32 28.31
C PRO H 4 -61.26 -9.60 27.10
N LEU H 5 -60.26 -10.47 27.26
CA LEU H 5 -59.28 -10.67 26.20
C LEU H 5 -59.58 -11.98 25.47
N SER H 6 -60.73 -12.61 25.82
CA SER H 6 -61.23 -13.79 25.13
C SER H 6 -61.02 -13.68 23.63
N GLY H 7 -60.38 -14.70 23.06
CA GLY H 7 -60.16 -14.77 21.62
C GLY H 7 -58.81 -14.21 21.17
N LEU H 8 -58.08 -13.49 22.05
CA LEU H 8 -56.74 -12.98 21.75
C LEU H 8 -55.74 -14.14 21.78
N ARG H 9 -54.93 -14.21 20.73
CA ARG H 9 -53.99 -15.30 20.57
C ARG H 9 -52.58 -14.77 20.69
N VAL H 10 -51.82 -15.43 21.56
CA VAL H 10 -50.53 -14.91 22.00
C VAL H 10 -49.51 -16.04 21.99
N VAL H 11 -48.38 -15.75 21.33
CA VAL H 11 -47.24 -16.65 21.40
C VAL H 11 -46.13 -15.99 22.21
N GLU H 12 -45.63 -16.77 23.16
CA GLU H 12 -44.60 -16.39 24.09
C GLU H 12 -43.35 -17.27 23.88
N LEU H 13 -42.25 -16.64 23.46
CA LEU H 13 -40.96 -17.30 23.53
C LEU H 13 -40.44 -17.26 24.98
N ALA H 14 -40.46 -18.42 25.63
CA ALA H 14 -40.06 -18.60 27.02
C ALA H 14 -38.80 -17.82 27.36
N GLY H 15 -38.94 -16.98 28.40
CA GLY H 15 -37.83 -16.23 29.00
C GLY H 15 -38.02 -16.16 30.51
N ILE H 16 -37.46 -15.12 31.14
CA ILE H 16 -37.52 -14.96 32.58
C ILE H 16 -37.95 -13.53 32.91
N GLY H 17 -38.70 -13.36 34.01
CA GLY H 17 -38.98 -12.02 34.53
C GLY H 17 -40.15 -11.36 33.82
N PRO H 18 -39.97 -10.18 33.18
CA PRO H 18 -41.11 -9.42 32.67
C PRO H 18 -41.93 -10.16 31.61
N GLY H 19 -41.26 -10.86 30.70
CA GLY H 19 -41.94 -11.52 29.61
C GLY H 19 -43.00 -12.48 30.11
N PRO H 20 -42.65 -13.47 30.93
CA PRO H 20 -43.65 -14.41 31.43
C PRO H 20 -44.72 -13.79 32.34
N HIS H 21 -44.40 -12.65 32.98
CA HIS H 21 -45.40 -12.00 33.82
C HIS H 21 -46.43 -11.33 32.90
N ALA H 22 -46.00 -10.60 31.88
CA ALA H 22 -46.93 -10.02 30.93
C ALA H 22 -47.78 -11.12 30.27
N ALA H 23 -47.13 -12.21 29.84
CA ALA H 23 -47.85 -13.32 29.23
C ALA H 23 -48.91 -13.81 30.21
N MET H 24 -48.54 -13.95 31.50
CA MET H 24 -49.45 -14.44 32.54
C MET H 24 -50.68 -13.53 32.65
N ILE H 25 -50.48 -12.21 32.61
CA ILE H 25 -51.59 -11.31 32.81
C ILE H 25 -52.51 -11.41 31.61
N LEU H 26 -51.96 -11.48 30.39
CA LEU H 26 -52.82 -11.55 29.21
C LEU H 26 -53.71 -12.79 29.34
N GLY H 27 -53.12 -13.91 29.74
CA GLY H 27 -53.82 -15.15 29.95
C GLY H 27 -54.79 -15.10 31.13
N ASP H 28 -54.46 -14.32 32.16
CA ASP H 28 -55.34 -14.15 33.32
C ASP H 28 -56.68 -13.57 32.85
N LEU H 29 -56.63 -12.64 31.90
CA LEU H 29 -57.75 -11.87 31.39
C LEU H 29 -58.41 -12.53 30.17
N GLY H 30 -58.07 -13.80 29.90
CA GLY H 30 -58.81 -14.63 28.97
C GLY H 30 -58.04 -15.00 27.69
N ALA H 31 -56.84 -14.43 27.52
CA ALA H 31 -56.07 -14.63 26.30
C ALA H 31 -55.66 -16.08 26.15
N ASP H 32 -55.53 -16.48 24.88
CA ASP H 32 -55.07 -17.82 24.53
C ASP H 32 -53.55 -17.75 24.33
N VAL H 33 -52.83 -18.30 25.31
CA VAL H 33 -51.41 -18.06 25.39
C VAL H 33 -50.69 -19.39 25.26
N VAL H 34 -49.81 -19.40 24.27
CA VAL H 34 -49.06 -20.59 23.92
C VAL H 34 -47.59 -20.22 24.11
N ARG H 35 -46.97 -20.94 25.05
CA ARG H 35 -45.61 -20.63 25.41
C ARG H 35 -44.69 -21.70 24.82
N ILE H 36 -43.70 -21.25 24.04
CA ILE H 36 -42.76 -22.16 23.42
C ILE H 36 -41.51 -22.22 24.29
N ASP H 37 -41.26 -23.38 24.90
CA ASP H 37 -40.05 -23.58 25.66
C ASP H 37 -39.09 -24.52 24.90
N ARG H 38 -37.79 -24.43 25.21
CA ARG H 38 -36.84 -25.39 24.68
C ARG H 38 -37.11 -26.75 25.33
N PRO H 39 -37.00 -27.88 24.59
CA PRO H 39 -37.33 -29.18 25.17
C PRO H 39 -36.41 -29.56 26.33
N SER H 40 -35.18 -29.00 26.37
CA SER H 40 -34.26 -29.18 27.48
C SER H 40 -34.90 -28.77 28.82
N SER H 41 -35.63 -27.66 28.84
CA SER H 41 -36.02 -27.02 30.09
C SER H 41 -37.41 -27.48 30.58
N VAL H 42 -37.91 -28.65 30.14
CA VAL H 42 -39.22 -29.12 30.62
C VAL H 42 -39.13 -30.61 31.01
N ASP H 43 -39.54 -30.93 32.25
CA ASP H 43 -39.42 -32.26 32.82
C ASP H 43 -40.74 -32.78 33.41
N GLY H 44 -41.81 -31.98 33.33
CA GLY H 44 -43.12 -32.40 33.82
C GLY H 44 -44.11 -31.26 33.80
N ILE H 45 -45.05 -31.27 34.74
CA ILE H 45 -45.99 -30.17 34.92
C ILE H 45 -45.29 -29.12 35.79
N SER H 46 -45.24 -27.85 35.32
CA SER H 46 -44.50 -26.81 36.02
C SER H 46 -45.18 -26.42 37.33
N ARG H 47 -44.36 -26.07 38.33
CA ARG H 47 -44.90 -25.59 39.59
C ARG H 47 -44.53 -24.11 39.79
N ASP H 48 -44.13 -23.42 38.70
CA ASP H 48 -44.10 -21.97 38.68
C ASP H 48 -45.53 -21.49 38.45
N ALA H 49 -46.17 -21.04 39.54
CA ALA H 49 -47.52 -20.53 39.47
C ALA H 49 -47.58 -19.32 38.55
N MET H 50 -46.41 -18.73 38.19
CA MET H 50 -46.39 -17.68 37.17
C MET H 50 -46.78 -18.21 35.78
N LEU H 51 -46.55 -19.51 35.51
CA LEU H 51 -46.90 -20.14 34.24
C LEU H 51 -48.35 -20.67 34.26
N ARG H 52 -49.23 -20.03 35.03
CA ARG H 52 -50.65 -20.34 34.99
C ARG H 52 -51.22 -19.81 33.69
N ASN H 53 -52.41 -20.27 33.30
CA ASN H 53 -53.14 -19.75 32.15
C ASN H 53 -52.35 -19.86 30.82
N ARG H 54 -51.63 -20.98 30.64
CA ARG H 54 -50.87 -21.24 29.41
C ARG H 54 -51.20 -22.62 28.84
N ARG H 55 -50.90 -22.81 27.54
CA ARG H 55 -50.43 -24.09 27.02
C ARG H 55 -48.93 -24.00 26.75
N ILE H 56 -48.16 -24.93 27.33
CA ILE H 56 -46.72 -25.08 27.13
C ILE H 56 -46.45 -26.09 26.01
N VAL H 57 -45.66 -25.69 25.00
CA VAL H 57 -45.15 -26.61 23.99
C VAL H 57 -43.64 -26.45 23.90
N THR H 58 -42.95 -27.49 23.41
CA THR H 58 -41.51 -27.46 23.23
C THR H 58 -41.16 -27.51 21.74
N ALA H 59 -39.93 -27.11 21.44
CA ALA H 59 -39.49 -26.95 20.06
C ALA H 59 -38.10 -26.33 20.06
N ASP H 60 -37.11 -27.08 19.54
CA ASP H 60 -35.79 -26.53 19.27
C ASP H 60 -35.92 -25.54 18.11
N LEU H 61 -35.79 -24.23 18.40
CA LEU H 61 -35.97 -23.17 17.42
C LEU H 61 -34.73 -23.01 16.55
N LYS H 62 -33.66 -23.72 16.91
CA LYS H 62 -32.49 -23.78 16.07
C LYS H 62 -32.63 -24.84 14.98
N SER H 63 -33.54 -25.84 15.15
CA SER H 63 -34.02 -26.72 14.08
C SER H 63 -34.61 -25.93 12.90
N ASP H 64 -34.81 -26.63 11.77
CA ASP H 64 -35.65 -26.11 10.69
C ASP H 64 -37.10 -26.46 10.99
N GLN H 65 -37.26 -27.68 11.51
CA GLN H 65 -38.54 -28.18 11.95
C GLN H 65 -39.11 -27.22 13.00
N GLY H 66 -38.36 -27.06 14.10
CA GLY H 66 -38.70 -26.14 15.18
C GLY H 66 -39.10 -24.74 14.69
N LEU H 67 -38.33 -24.18 13.75
CA LEU H 67 -38.55 -22.82 13.29
C LEU H 67 -39.84 -22.77 12.47
N GLU H 68 -40.11 -23.84 11.73
CA GLU H 68 -41.27 -23.85 10.85
C GLU H 68 -42.55 -23.98 11.66
N LEU H 69 -42.56 -24.85 12.68
CA LEU H 69 -43.69 -25.02 13.58
C LEU H 69 -44.02 -23.72 14.34
N ALA H 70 -42.99 -22.91 14.63
CA ALA H 70 -43.16 -21.68 15.36
C ALA H 70 -43.72 -20.60 14.43
N LEU H 71 -43.18 -20.52 13.20
CA LEU H 71 -43.71 -19.60 12.21
C LEU H 71 -45.16 -19.91 11.89
N LYS H 72 -45.57 -21.18 11.94
CA LYS H 72 -46.95 -21.53 11.69
C LYS H 72 -47.80 -20.95 12.81
N LEU H 73 -47.46 -21.32 14.07
CA LEU H 73 -48.10 -20.81 15.28
C LEU H 73 -48.23 -19.30 15.21
N ILE H 74 -47.11 -18.64 14.90
CA ILE H 74 -47.08 -17.19 14.89
C ILE H 74 -48.01 -16.65 13.80
N ALA H 75 -48.23 -17.43 12.76
CA ALA H 75 -49.00 -16.93 11.63
C ALA H 75 -50.49 -16.87 12.00
N LYS H 76 -50.95 -17.71 12.93
CA LYS H 76 -52.33 -17.70 13.40
C LYS H 76 -52.54 -16.87 14.68
N ALA H 77 -51.57 -16.01 15.07
CA ALA H 77 -51.59 -15.33 16.37
C ALA H 77 -51.73 -13.83 16.21
N ASP H 78 -52.13 -13.14 17.30
CA ASP H 78 -52.23 -11.69 17.30
C ASP H 78 -50.94 -11.08 17.83
N VAL H 79 -50.32 -11.80 18.77
CA VAL H 79 -49.23 -11.21 19.53
C VAL H 79 -48.07 -12.19 19.69
N LEU H 80 -46.87 -11.62 19.55
CA LEU H 80 -45.64 -12.32 19.92
C LEU H 80 -44.90 -11.54 21.00
N ILE H 81 -44.49 -12.30 22.03
CA ILE H 81 -43.65 -11.79 23.10
C ILE H 81 -42.31 -12.53 23.09
N GLU H 82 -41.24 -11.74 23.08
CA GLU H 82 -39.91 -12.26 23.29
C GLU H 82 -39.14 -11.34 24.24
N GLY H 83 -38.37 -11.94 25.14
CA GLY H 83 -37.53 -11.16 26.03
C GLY H 83 -36.07 -11.62 26.03
N TYR H 84 -35.52 -11.92 24.84
CA TYR H 84 -34.10 -12.23 24.70
C TYR H 84 -33.32 -10.95 24.42
N ARG H 85 -31.98 -11.08 24.42
CA ARG H 85 -31.18 -9.96 24.00
C ARG H 85 -31.56 -9.64 22.57
N PRO H 86 -31.42 -8.37 22.16
CA PRO H 86 -31.71 -7.97 20.80
C PRO H 86 -30.75 -8.69 19.84
N GLY H 87 -31.32 -9.20 18.72
CA GLY H 87 -30.60 -9.93 17.68
C GLY H 87 -30.90 -11.41 17.77
N VAL H 88 -31.48 -11.83 18.89
CA VAL H 88 -31.61 -13.25 19.07
C VAL H 88 -32.72 -13.81 18.19
N THR H 89 -33.89 -13.16 18.21
CA THR H 89 -34.99 -13.62 17.36
C THR H 89 -34.57 -13.45 15.89
N GLU H 90 -33.89 -12.35 15.54
CA GLU H 90 -33.42 -12.16 14.18
C GLU H 90 -32.60 -13.37 13.69
N ARG H 91 -31.69 -13.90 14.52
CA ARG H 91 -30.85 -15.02 14.12
C ARG H 91 -31.60 -16.33 14.12
N LEU H 92 -32.59 -16.50 14.98
CA LEU H 92 -33.39 -17.70 14.92
C LEU H 92 -34.22 -17.76 13.62
N GLY H 93 -34.31 -16.64 12.90
CA GLY H 93 -35.27 -16.49 11.79
C GLY H 93 -36.69 -16.14 12.25
N LEU H 94 -36.80 -15.58 13.49
CA LEU H 94 -38.07 -15.28 14.15
C LEU H 94 -38.18 -13.80 14.45
N GLY H 95 -37.38 -12.98 13.77
CA GLY H 95 -37.36 -11.54 13.93
C GLY H 95 -38.61 -10.87 13.36
N PRO H 96 -38.81 -9.57 13.63
CA PRO H 96 -39.96 -8.84 13.12
C PRO H 96 -40.16 -9.00 11.61
N GLU H 97 -39.08 -8.90 10.82
CA GLU H 97 -39.21 -8.92 9.36
C GLU H 97 -39.67 -10.30 8.89
N GLU H 98 -39.03 -11.35 9.39
CA GLU H 98 -39.45 -12.72 9.07
C GLU H 98 -40.88 -12.98 9.54
N CYS H 99 -41.29 -12.33 10.62
CA CYS H 99 -42.60 -12.60 11.19
C CYS H 99 -43.66 -11.89 10.33
N ALA H 100 -43.31 -10.69 9.85
CA ALA H 100 -44.20 -9.83 9.08
C ALA H 100 -44.52 -10.39 7.70
N LYS H 101 -43.74 -11.38 7.23
CA LYS H 101 -43.99 -12.04 5.97
C LYS H 101 -45.09 -13.07 6.14
N VAL H 102 -45.13 -13.74 7.28
CA VAL H 102 -46.20 -14.70 7.49
C VAL H 102 -47.39 -14.04 8.22
N ASN H 103 -47.38 -12.72 8.49
CA ASN H 103 -48.46 -12.11 9.28
C ASN H 103 -48.23 -10.62 9.48
N ASP H 104 -48.80 -9.76 8.61
CA ASP H 104 -48.53 -8.34 8.73
C ASP H 104 -49.47 -7.68 9.75
N ARG H 105 -50.23 -8.49 10.51
CA ARG H 105 -51.06 -7.93 11.58
C ARG H 105 -50.48 -8.21 12.98
N LEU H 106 -49.24 -8.73 13.05
CA LEU H 106 -48.69 -9.23 14.30
C LEU H 106 -48.28 -8.03 15.15
N ILE H 107 -48.61 -8.12 16.44
CA ILE H 107 -47.98 -7.22 17.42
C ILE H 107 -46.74 -7.92 17.95
N TYR H 108 -45.59 -7.34 17.59
CA TYR H 108 -44.29 -7.92 17.92
C TYR H 108 -43.72 -7.13 19.10
N ALA H 109 -43.75 -7.78 20.27
CA ALA H 109 -43.50 -7.14 21.56
C ALA H 109 -42.16 -7.61 22.11
N ARG H 110 -41.23 -6.69 22.16
CA ARG H 110 -39.89 -6.99 22.58
C ARG H 110 -39.62 -6.40 23.97
N MET H 111 -39.37 -7.31 24.91
CA MET H 111 -39.13 -6.98 26.30
C MET H 111 -37.65 -7.06 26.62
N THR H 112 -37.02 -5.92 26.89
CA THR H 112 -35.64 -5.87 27.35
C THR H 112 -35.48 -4.91 28.52
N GLY H 113 -34.27 -4.87 29.07
CA GLY H 113 -33.98 -3.91 30.10
C GLY H 113 -33.40 -2.65 29.53
N TRP H 114 -32.41 -2.81 28.63
CA TRP H 114 -31.67 -1.67 28.14
C TRP H 114 -32.28 -1.11 26.86
N GLY H 115 -33.13 -1.89 26.19
CA GLY H 115 -33.66 -1.44 24.92
C GLY H 115 -32.96 -2.09 23.73
N GLN H 116 -33.43 -1.71 22.52
CA GLN H 116 -33.07 -2.45 21.33
C GLN H 116 -31.76 -1.94 20.76
N THR H 117 -31.40 -0.68 21.02
CA THR H 117 -30.15 -0.13 20.54
C THR H 117 -29.41 0.56 21.67
N GLY H 118 -28.17 1.01 21.41
CA GLY H 118 -27.40 1.82 22.35
C GLY H 118 -26.27 1.00 23.00
N PRO H 119 -25.33 1.67 23.70
CA PRO H 119 -24.09 1.02 24.16
C PRO H 119 -24.28 -0.16 25.13
N ARG H 120 -25.42 -0.18 25.84
CA ARG H 120 -25.67 -1.25 26.79
C ARG H 120 -26.63 -2.27 26.23
N SER H 121 -27.03 -2.14 24.94
CA SER H 121 -28.07 -2.99 24.39
C SER H 121 -27.74 -4.48 24.48
N GLN H 122 -26.45 -4.84 24.59
CA GLN H 122 -26.12 -6.27 24.63
C GLN H 122 -25.60 -6.72 25.99
N GLN H 123 -25.59 -5.79 26.95
CA GLN H 123 -25.06 -6.07 28.27
C GLN H 123 -26.10 -6.86 29.07
N ALA H 124 -25.70 -7.96 29.70
CA ALA H 124 -26.59 -8.65 30.62
C ALA H 124 -27.01 -7.71 31.75
N GLY H 125 -28.08 -8.09 32.45
CA GLY H 125 -28.61 -7.27 33.50
C GLY H 125 -29.81 -7.91 34.20
N HIS H 126 -30.06 -7.40 35.39
CA HIS H 126 -31.28 -7.70 36.08
C HIS H 126 -31.92 -6.40 36.57
N ASP H 127 -33.04 -6.53 37.27
CA ASP H 127 -33.85 -5.39 37.70
C ASP H 127 -32.98 -4.32 38.33
N ILE H 128 -32.17 -4.74 39.33
CA ILE H 128 -31.38 -3.81 40.13
C ILE H 128 -30.46 -2.96 39.25
N ASN H 129 -29.97 -3.51 38.11
CA ASN H 129 -29.11 -2.76 37.21
C ASN H 129 -29.91 -1.69 36.46
N TYR H 130 -31.09 -2.06 35.94
CA TYR H 130 -31.88 -1.15 35.11
C TYR H 130 -32.34 0.05 35.93
N ILE H 131 -32.71 -0.17 37.20
CA ILE H 131 -33.14 0.94 38.07
C ILE H 131 -31.96 1.69 38.69
N SER H 132 -30.73 1.16 38.59
CA SER H 132 -29.60 1.90 39.14
C SER H 132 -29.21 3.06 38.23
N LEU H 133 -29.46 2.92 36.93
CA LEU H 133 -28.88 3.84 35.95
C LEU H 133 -29.78 5.08 35.74
N ASN H 134 -31.04 5.02 36.17
CA ASN H 134 -31.98 6.11 35.90
C ASN H 134 -32.44 6.82 37.16
N GLY H 135 -31.72 6.63 38.28
CA GLY H 135 -31.94 7.44 39.47
C GLY H 135 -32.82 6.77 40.54
N ILE H 136 -33.53 5.69 40.18
CA ILE H 136 -34.58 5.15 41.03
C ILE H 136 -33.97 4.51 42.27
N LEU H 137 -33.05 3.56 42.07
CA LEU H 137 -32.50 2.79 43.17
C LEU H 137 -31.83 3.72 44.18
N HIS H 138 -31.14 4.73 43.68
CA HIS H 138 -30.48 5.68 44.55
C HIS H 138 -31.46 6.34 45.54
N ALA H 139 -32.72 6.48 45.14
CA ALA H 139 -33.73 7.14 45.94
C ALA H 139 -34.39 6.26 47.01
N ILE H 140 -34.11 4.96 47.03
CA ILE H 140 -34.82 4.03 47.89
C ILE H 140 -33.95 3.58 49.07
N GLY H 141 -34.47 3.76 50.30
CA GLY H 141 -33.81 3.27 51.53
C GLY H 141 -33.59 4.41 52.52
N ARG H 142 -33.00 4.11 53.68
CA ARG H 142 -32.73 5.11 54.69
C ARG H 142 -31.51 5.94 54.28
N GLY H 143 -31.45 7.19 54.76
CA GLY H 143 -30.41 8.12 54.37
C GLY H 143 -29.04 7.68 54.87
N ASP H 144 -29.01 7.03 56.02
CA ASP H 144 -27.77 6.67 56.66
C ASP H 144 -27.24 5.33 56.16
N GLU H 145 -27.80 4.79 55.05
CA GLU H 145 -27.44 3.45 54.61
C GLU H 145 -27.42 3.38 53.09
N ARG H 146 -26.88 2.28 52.57
CA ARG H 146 -26.80 2.14 51.12
C ARG H 146 -28.17 1.78 50.57
N PRO H 147 -28.47 2.12 49.28
CA PRO H 147 -29.81 1.91 48.73
C PRO H 147 -30.24 0.47 48.85
N VAL H 148 -31.54 0.27 49.06
CA VAL H 148 -32.05 -1.09 49.13
C VAL H 148 -32.92 -1.40 47.90
N PRO H 149 -32.75 -2.59 47.28
CA PRO H 149 -33.54 -2.95 46.11
C PRO H 149 -34.98 -3.19 46.53
N PRO H 150 -35.97 -2.56 45.86
CA PRO H 150 -37.39 -2.80 46.13
C PRO H 150 -37.84 -4.08 45.44
N LEU H 151 -37.26 -5.17 45.93
CA LEU H 151 -37.28 -6.46 45.27
C LEU H 151 -37.01 -6.21 43.79
N ASN H 152 -37.72 -6.93 42.91
CA ASN H 152 -37.65 -6.66 41.47
C ASN H 152 -38.98 -6.12 40.95
N LEU H 153 -39.67 -5.30 41.78
CA LEU H 153 -41.00 -4.82 41.46
C LEU H 153 -40.98 -3.68 40.44
N VAL H 154 -39.93 -2.86 40.44
CA VAL H 154 -40.00 -1.58 39.79
C VAL H 154 -39.48 -1.73 38.35
N GLY H 155 -38.43 -2.53 38.16
CA GLY H 155 -37.85 -2.72 36.84
C GLY H 155 -38.54 -3.83 36.05
N ASP H 156 -38.58 -5.04 36.60
CA ASP H 156 -39.21 -6.16 35.92
C ASP H 156 -40.71 -5.96 35.69
N PHE H 157 -41.46 -5.55 36.73
CA PHE H 157 -42.90 -5.65 36.66
C PHE H 157 -43.47 -4.25 36.40
N GLY H 158 -43.39 -3.36 37.38
CA GLY H 158 -44.03 -2.07 37.21
C GLY H 158 -43.54 -1.29 35.99
N GLY H 159 -42.21 -1.26 35.79
CA GLY H 159 -41.61 -0.56 34.67
C GLY H 159 -41.26 -1.48 33.49
N GLY H 160 -41.71 -2.72 33.55
CA GLY H 160 -41.28 -3.74 32.60
C GLY H 160 -42.46 -4.39 31.88
N SER H 161 -42.96 -5.48 32.46
CA SER H 161 -44.10 -6.21 31.96
C SER H 161 -45.29 -5.27 31.78
N MET H 162 -45.48 -4.33 32.73
CA MET H 162 -46.72 -3.55 32.69
C MET H 162 -46.70 -2.62 31.50
N PHE H 163 -45.51 -2.10 31.17
CA PHE H 163 -45.37 -1.30 29.97
C PHE H 163 -45.38 -2.15 28.70
N LEU H 164 -44.92 -3.40 28.76
CA LEU H 164 -45.08 -4.31 27.64
C LEU H 164 -46.58 -4.45 27.34
N LEU H 165 -47.36 -4.71 28.39
CA LEU H 165 -48.79 -4.89 28.27
C LEU H 165 -49.48 -3.67 27.69
N VAL H 166 -49.15 -2.48 28.18
CA VAL H 166 -49.76 -1.26 27.68
C VAL H 166 -49.46 -1.10 26.18
N GLY H 167 -48.24 -1.49 25.79
CA GLY H 167 -47.82 -1.37 24.39
C GLY H 167 -48.55 -2.37 23.49
N ILE H 168 -48.67 -3.60 23.94
CA ILE H 168 -49.41 -4.61 23.23
C ILE H 168 -50.88 -4.18 23.03
N LEU H 169 -51.53 -3.73 24.11
CA LEU H 169 -52.97 -3.44 24.04
C LEU H 169 -53.15 -2.12 23.32
N ALA H 170 -52.21 -1.18 23.44
CA ALA H 170 -52.34 0.07 22.70
C ALA H 170 -52.21 -0.23 21.21
N ALA H 171 -51.29 -1.14 20.84
CA ALA H 171 -51.04 -1.42 19.44
C ALA H 171 -52.22 -2.20 18.84
N LEU H 172 -52.88 -3.05 19.66
CA LEU H 172 -54.07 -3.76 19.23
C LEU H 172 -55.19 -2.76 18.96
N TRP H 173 -55.27 -1.67 19.73
CA TRP H 173 -56.25 -0.62 19.47
C TRP H 173 -55.95 0.03 18.12
N GLU H 174 -54.72 0.48 17.95
CA GLU H 174 -54.32 1.15 16.73
C GLU H 174 -54.55 0.25 15.52
N ARG H 175 -54.46 -1.07 15.72
CA ARG H 175 -54.59 -2.01 14.63
C ARG H 175 -56.01 -1.97 14.08
N GLN H 176 -57.01 -1.99 14.98
CA GLN H 176 -58.41 -2.02 14.59
C GLN H 176 -58.70 -0.96 13.54
N SER H 177 -57.95 0.14 13.57
CA SER H 177 -58.09 1.23 12.61
C SER H 177 -57.22 1.05 11.37
N SER H 178 -56.00 0.49 11.52
CA SER H 178 -55.00 0.52 10.46
C SER H 178 -54.86 -0.82 9.73
N GLY H 179 -55.47 -1.90 10.26
CA GLY H 179 -55.28 -3.24 9.71
C GLY H 179 -53.88 -3.83 9.92
N LYS H 180 -52.96 -3.07 10.55
CA LYS H 180 -51.53 -3.38 10.58
C LYS H 180 -50.98 -3.54 12.01
N GLY H 181 -50.15 -4.58 12.20
CA GLY H 181 -49.32 -4.76 13.39
C GLY H 181 -48.11 -3.81 13.42
N GLN H 182 -47.26 -3.93 14.46
CA GLN H 182 -46.05 -3.14 14.53
C GLN H 182 -45.19 -3.70 15.67
N VAL H 183 -44.00 -3.13 15.84
CA VAL H 183 -43.06 -3.54 16.89
C VAL H 183 -43.21 -2.63 18.12
N VAL H 184 -43.41 -3.29 19.27
CA VAL H 184 -43.41 -2.68 20.59
C VAL H 184 -42.05 -2.90 21.25
N ASP H 185 -41.30 -1.82 21.43
CA ASP H 185 -40.01 -1.82 22.12
C ASP H 185 -40.20 -1.33 23.57
N ALA H 186 -40.32 -2.28 24.49
CA ALA H 186 -40.48 -2.03 25.92
C ALA H 186 -39.17 -2.30 26.64
N ALA H 187 -38.51 -1.23 27.08
CA ALA H 187 -37.27 -1.35 27.84
C ALA H 187 -37.48 -0.93 29.29
N MET H 188 -37.03 -1.76 30.23
CA MET H 188 -37.27 -1.52 31.64
C MET H 188 -36.71 -0.17 32.09
N VAL H 189 -35.60 0.28 31.45
CA VAL H 189 -34.99 1.53 31.85
C VAL H 189 -35.89 2.72 31.50
N ASP H 190 -36.74 2.55 30.49
CA ASP H 190 -37.67 3.58 30.04
C ASP H 190 -38.94 3.53 30.89
N GLY H 191 -39.54 2.34 30.93
CA GLY H 191 -40.80 2.15 31.60
C GLY H 191 -40.71 2.52 33.08
N SER H 192 -39.57 2.21 33.73
CA SER H 192 -39.45 2.52 35.15
C SER H 192 -39.28 4.02 35.31
N SER H 193 -38.72 4.71 34.29
CA SER H 193 -38.57 6.16 34.36
C SER H 193 -39.94 6.82 34.27
N VAL H 194 -40.85 6.27 33.44
CA VAL H 194 -42.19 6.85 33.39
C VAL H 194 -42.95 6.50 34.65
N LEU H 195 -42.69 5.33 35.23
CA LEU H 195 -43.26 4.97 36.51
C LEU H 195 -42.96 6.02 37.59
N ILE H 196 -41.78 6.65 37.53
CA ILE H 196 -41.32 7.57 38.57
C ILE H 196 -41.41 9.00 38.08
N GLN H 197 -42.22 9.22 37.05
CA GLN H 197 -42.39 10.58 36.52
C GLN H 197 -42.81 11.56 37.63
N MET H 198 -43.56 11.12 38.65
CA MET H 198 -43.95 12.02 39.73
C MET H 198 -42.70 12.65 40.42
N MET H 199 -41.66 11.85 40.63
CA MET H 199 -40.47 12.41 41.27
C MET H 199 -39.77 13.36 40.33
N TRP H 200 -39.73 13.05 39.04
CA TRP H 200 -39.08 13.97 38.12
C TRP H 200 -39.84 15.31 38.08
N ALA H 201 -41.17 15.24 38.18
CA ALA H 201 -42.00 16.44 38.27
C ALA H 201 -41.68 17.25 39.54
N MET H 202 -41.75 16.59 40.70
CA MET H 202 -41.50 17.25 41.98
C MET H 202 -40.09 17.82 42.03
N ARG H 203 -39.14 17.17 41.36
CA ARG H 203 -37.75 17.61 41.39
C ARG H 203 -37.61 18.97 40.71
N ALA H 204 -38.39 19.14 39.63
CA ALA H 204 -38.39 20.34 38.79
C ALA H 204 -38.97 21.55 39.51
N THR H 205 -39.89 21.33 40.46
CA THR H 205 -40.52 22.37 41.25
C THR H 205 -39.85 22.53 42.62
N GLY H 206 -38.71 21.86 42.88
CA GLY H 206 -38.05 21.93 44.18
C GLY H 206 -38.78 21.18 45.31
N MET H 207 -39.70 20.28 44.99
CA MET H 207 -40.42 19.52 46.01
C MET H 207 -39.88 18.08 46.15
N TRP H 208 -38.72 17.78 45.53
CA TRP H 208 -38.05 16.52 45.71
C TRP H 208 -36.55 16.71 45.60
N THR H 209 -35.78 16.14 46.52
CA THR H 209 -34.33 16.24 46.40
C THR H 209 -33.70 14.87 46.29
N ASP H 210 -32.47 14.90 45.76
CA ASP H 210 -31.66 13.72 45.51
C ASP H 210 -31.10 13.14 46.80
N THR H 211 -31.25 13.84 47.93
CA THR H 211 -30.89 13.29 49.22
C THR H 211 -31.83 12.14 49.59
N ARG H 212 -31.26 10.95 49.76
CA ARG H 212 -32.01 9.75 50.15
C ARG H 212 -32.54 9.90 51.58
N GLY H 213 -33.82 9.56 51.79
CA GLY H 213 -34.43 9.58 53.11
C GLY H 213 -34.82 10.97 53.62
N ALA H 214 -35.03 11.93 52.72
CA ALA H 214 -35.27 13.32 53.13
C ALA H 214 -36.44 13.93 52.37
N ASN H 215 -37.42 13.11 52.00
CA ASN H 215 -38.50 13.57 51.12
C ASN H 215 -39.81 13.06 51.70
N MET H 216 -40.94 13.55 51.18
CA MET H 216 -42.23 13.22 51.74
C MET H 216 -42.59 11.74 51.57
N LEU H 217 -42.10 11.07 50.52
CA LEU H 217 -42.58 9.75 50.20
C LEU H 217 -41.52 8.65 50.28
N ASP H 218 -40.34 8.93 50.84
CA ASP H 218 -39.23 7.97 50.80
C ASP H 218 -38.95 7.42 52.20
N GLY H 219 -39.75 7.84 53.21
CA GLY H 219 -39.58 7.40 54.59
C GLY H 219 -39.05 8.53 55.47
N GLY H 220 -38.64 9.63 54.85
CA GLY H 220 -38.18 10.79 55.59
C GLY H 220 -39.28 11.52 56.40
N ALA H 221 -40.51 11.56 55.89
CA ALA H 221 -41.60 12.22 56.60
C ALA H 221 -42.10 11.32 57.72
N PRO H 222 -42.21 11.82 58.97
CA PRO H 222 -42.76 11.03 60.08
C PRO H 222 -44.19 10.53 59.91
N TYR H 223 -44.97 11.26 59.13
CA TYR H 223 -46.34 10.83 58.79
C TYR H 223 -46.45 9.96 57.52
N TYR H 224 -45.32 9.53 56.93
CA TYR H 224 -45.29 8.65 55.76
C TYR H 224 -44.13 7.68 55.93
N ASP H 225 -44.34 6.70 56.80
CA ASP H 225 -43.29 5.80 57.21
C ASP H 225 -43.88 4.67 58.03
N THR H 226 -43.03 3.69 58.38
CA THR H 226 -43.44 2.64 59.29
C THR H 226 -42.94 2.94 60.69
N TYR H 227 -43.62 2.35 61.69
CA TYR H 227 -43.30 2.44 63.11
C TYR H 227 -43.35 1.05 63.72
N GLU H 228 -42.44 0.82 64.67
CA GLU H 228 -42.44 -0.43 65.40
C GLU H 228 -43.38 -0.34 66.61
N CYS H 229 -44.12 -1.41 66.88
CA CYS H 229 -45.13 -1.47 67.93
C CYS H 229 -44.61 -2.27 69.13
N ALA H 230 -45.37 -2.35 70.21
CA ALA H 230 -44.87 -2.94 71.45
C ALA H 230 -44.51 -4.40 71.24
N ASP H 231 -45.12 -5.04 70.23
CA ASP H 231 -44.90 -6.46 69.99
C ASP H 231 -43.79 -6.67 68.97
N GLY H 232 -43.14 -5.61 68.48
CA GLY H 232 -42.05 -5.78 67.53
C GLY H 232 -42.55 -5.94 66.09
N ARG H 233 -43.87 -5.85 65.90
CA ARG H 233 -44.49 -5.80 64.58
C ARG H 233 -44.70 -4.34 64.21
N TYR H 234 -45.17 -4.05 62.99
CA TYR H 234 -45.12 -2.71 62.45
C TYR H 234 -46.50 -2.24 61.96
N VAL H 235 -46.68 -0.92 62.03
CA VAL H 235 -47.74 -0.23 61.31
C VAL H 235 -47.14 0.67 60.28
N ALA H 236 -47.94 0.93 59.23
CA ALA H 236 -47.69 1.96 58.26
C ALA H 236 -48.61 3.13 58.57
N VAL H 237 -47.98 4.31 58.49
CA VAL H 237 -48.63 5.59 58.52
C VAL H 237 -48.44 6.29 57.19
N GLY H 238 -49.53 6.80 56.64
CA GLY H 238 -49.57 7.47 55.35
C GLY H 238 -50.42 8.74 55.39
N ALA H 239 -50.43 9.42 56.56
CA ALA H 239 -51.36 10.53 56.80
C ALA H 239 -50.81 11.85 56.28
N ILE H 240 -50.84 12.00 54.95
CA ILE H 240 -50.29 13.16 54.29
C ILE H 240 -51.16 14.40 54.52
N GLU H 241 -52.45 14.23 54.25
CA GLU H 241 -53.41 15.32 54.29
C GLU H 241 -53.58 15.77 55.75
N PRO H 242 -53.67 17.07 56.04
CA PRO H 242 -53.80 17.53 57.41
C PRO H 242 -54.95 16.94 58.22
N GLN H 243 -56.08 16.75 57.56
N GLN H 243 -56.17 16.80 57.64
CA GLN H 243 -57.27 16.32 58.27
CA GLN H 243 -57.27 16.24 58.43
C GLN H 243 -57.07 14.87 58.70
C GLN H 243 -56.87 14.85 58.87
N PHE H 244 -56.27 14.09 57.94
CA PHE H 244 -56.04 12.69 58.20
C PHE H 244 -54.97 12.61 59.27
N TYR H 245 -53.95 13.47 59.15
CA TYR H 245 -52.91 13.54 60.17
C TYR H 245 -53.52 13.89 61.54
N ALA H 246 -54.44 14.85 61.58
CA ALA H 246 -55.09 15.26 62.84
C ALA H 246 -55.84 14.07 63.45
N ALA H 247 -56.48 13.24 62.62
CA ALA H 247 -57.21 12.09 63.14
C ALA H 247 -56.25 11.10 63.78
N MET H 248 -55.10 10.95 63.12
CA MET H 248 -54.09 10.02 63.62
C MET H 248 -53.57 10.47 65.00
N LEU H 249 -53.27 11.77 65.14
CA LEU H 249 -52.73 12.31 66.39
C LEU H 249 -53.72 12.04 67.54
N ALA H 250 -55.00 12.35 67.30
CA ALA H 250 -56.03 12.12 68.31
C ALA H 250 -56.12 10.64 68.71
N GLY H 251 -56.02 9.70 67.75
CA GLY H 251 -56.05 8.28 68.06
C GLY H 251 -54.84 7.78 68.82
N LEU H 252 -53.69 8.46 68.67
CA LEU H 252 -52.49 8.14 69.46
C LEU H 252 -52.53 8.81 70.82
N GLY H 253 -53.47 9.73 71.05
CA GLY H 253 -53.55 10.40 72.34
C GLY H 253 -52.61 11.58 72.42
N LEU H 254 -52.24 12.13 71.26
CA LEU H 254 -51.29 13.21 71.25
C LEU H 254 -52.05 14.47 70.93
N ASP H 255 -51.72 15.46 71.71
CA ASP H 255 -52.36 16.75 71.62
C ASP H 255 -51.48 17.57 70.68
N ALA H 256 -52.08 18.12 69.61
CA ALA H 256 -51.36 18.73 68.52
C ALA H 256 -50.67 20.04 68.96
N ALA H 257 -51.22 20.77 69.93
CA ALA H 257 -50.57 21.99 70.42
C ALA H 257 -49.25 21.66 71.11
N GLU H 258 -49.04 20.40 71.52
CA GLU H 258 -47.79 19.99 72.13
C GLU H 258 -46.73 19.52 71.11
N LEU H 259 -47.01 19.54 69.80
CA LEU H 259 -46.12 18.89 68.83
C LEU H 259 -45.57 19.95 67.89
N PRO H 260 -44.44 19.68 67.21
CA PRO H 260 -44.03 20.54 66.10
C PRO H 260 -45.04 20.54 64.97
N PRO H 261 -45.06 21.55 64.06
CA PRO H 261 -45.92 21.49 62.88
C PRO H 261 -45.64 20.24 62.00
N GLN H 262 -46.69 19.74 61.35
CA GLN H 262 -46.62 18.53 60.55
C GLN H 262 -45.51 18.63 59.49
N ASN H 263 -45.36 19.81 58.88
CA ASN H 263 -44.45 20.01 57.76
C ASN H 263 -43.34 21.00 58.07
N ASP H 264 -43.01 21.19 59.34
CA ASP H 264 -41.73 21.78 59.70
C ASP H 264 -40.64 20.71 59.69
N ARG H 265 -39.90 20.66 58.58
CA ARG H 265 -38.92 19.62 58.31
C ARG H 265 -37.71 19.71 59.25
N ALA H 266 -37.38 20.92 59.72
CA ALA H 266 -36.31 21.09 60.71
C ALA H 266 -36.60 20.27 61.99
N ARG H 267 -37.89 20.10 62.34
CA ARG H 267 -38.27 19.44 63.58
C ARG H 267 -38.78 18.02 63.37
N TRP H 268 -38.65 17.49 62.16
CA TRP H 268 -39.15 16.16 61.90
C TRP H 268 -38.52 15.12 62.83
N PRO H 269 -37.20 15.21 63.17
CA PRO H 269 -36.62 14.26 64.12
C PRO H 269 -37.38 14.23 65.46
N GLU H 270 -37.73 15.41 65.94
CA GLU H 270 -38.49 15.57 67.17
C GLU H 270 -39.90 14.97 67.05
N LEU H 271 -40.64 15.33 65.99
CA LEU H 271 -41.93 14.73 65.68
C LEU H 271 -41.86 13.21 65.63
N ARG H 272 -40.87 12.69 64.91
CA ARG H 272 -40.69 11.27 64.77
C ARG H 272 -40.49 10.59 66.12
N ALA H 273 -39.65 11.19 66.97
CA ALA H 273 -39.44 10.65 68.31
C ALA H 273 -40.74 10.53 69.11
N LEU H 274 -41.61 11.55 69.05
CA LEU H 274 -42.88 11.54 69.77
C LEU H 274 -43.82 10.46 69.21
N LEU H 275 -43.95 10.36 67.87
CA LEU H 275 -44.78 9.29 67.27
C LEU H 275 -44.20 7.90 67.58
N THR H 276 -42.87 7.76 67.60
CA THR H 276 -42.23 6.48 67.90
C THR H 276 -42.63 5.99 69.29
N GLU H 277 -42.50 6.85 70.29
CA GLU H 277 -42.95 6.53 71.63
C GLU H 277 -44.43 6.14 71.64
N ALA H 278 -45.30 6.87 70.93
CA ALA H 278 -46.73 6.57 71.00
C ALA H 278 -47.03 5.19 70.43
N PHE H 279 -46.55 4.88 69.22
CA PHE H 279 -46.81 3.61 68.58
C PHE H 279 -46.18 2.43 69.32
N ALA H 280 -45.03 2.67 69.98
CA ALA H 280 -44.38 1.61 70.73
C ALA H 280 -45.15 1.22 71.99
N SER H 281 -46.18 1.99 72.39
CA SER H 281 -46.86 1.72 73.65
C SER H 281 -47.99 0.71 73.50
N HIS H 282 -48.36 0.34 72.27
CA HIS H 282 -49.29 -0.77 72.09
C HIS H 282 -48.83 -1.64 70.92
N ASP H 283 -49.44 -2.83 70.83
CA ASP H 283 -49.11 -3.76 69.77
C ASP H 283 -49.85 -3.41 68.49
N ARG H 284 -49.40 -4.02 67.38
CA ARG H 284 -49.83 -3.71 66.04
C ARG H 284 -51.33 -3.89 65.90
N ASP H 285 -51.85 -5.00 66.43
CA ASP H 285 -53.28 -5.29 66.26
C ASP H 285 -54.15 -4.29 67.04
N HIS H 286 -53.63 -3.80 68.17
CA HIS H 286 -54.33 -2.73 68.87
C HIS H 286 -54.54 -1.55 67.91
N TRP H 287 -53.48 -1.11 67.22
CA TRP H 287 -53.60 0.07 66.40
C TRP H 287 -54.51 -0.19 65.21
N GLY H 288 -54.43 -1.40 64.65
CA GLY H 288 -55.26 -1.75 63.51
C GLY H 288 -56.74 -1.58 63.86
N ALA H 289 -57.11 -2.12 65.03
CA ALA H 289 -58.45 -2.02 65.56
C ALA H 289 -58.83 -0.57 65.88
N VAL H 290 -57.98 0.12 66.62
CA VAL H 290 -58.25 1.50 66.98
C VAL H 290 -58.50 2.34 65.72
N PHE H 291 -57.78 2.08 64.62
CA PHE H 291 -57.92 2.97 63.48
C PHE H 291 -58.77 2.36 62.38
N ALA H 292 -59.40 1.19 62.63
CA ALA H 292 -60.41 0.67 61.68
C ALA H 292 -61.54 1.68 61.51
N ASN H 293 -61.90 1.95 60.24
CA ASN H 293 -62.99 2.83 59.83
C ASN H 293 -62.62 4.29 59.96
N SER H 294 -61.34 4.55 60.18
CA SER H 294 -60.84 5.90 60.32
C SER H 294 -60.12 6.30 59.06
N ASP H 295 -60.02 7.62 58.90
CA ASP H 295 -59.19 8.24 57.88
C ASP H 295 -57.79 8.59 58.39
N ALA H 296 -57.31 7.94 59.46
CA ALA H 296 -55.99 8.23 60.04
C ALA H 296 -54.84 7.70 59.15
N CYS H 297 -55.15 6.85 58.17
CA CYS H 297 -54.15 6.27 57.26
C CYS H 297 -53.08 5.51 58.05
N VAL H 298 -53.53 4.68 58.99
CA VAL H 298 -52.69 3.78 59.74
C VAL H 298 -53.16 2.36 59.48
N THR H 299 -52.26 1.48 59.02
CA THR H 299 -52.62 0.11 58.69
C THR H 299 -51.56 -0.82 59.25
N PRO H 300 -51.93 -2.06 59.63
CA PRO H 300 -50.96 -3.05 60.06
C PRO H 300 -50.13 -3.54 58.86
N VAL H 301 -48.84 -3.76 59.11
CA VAL H 301 -47.94 -4.30 58.11
C VAL H 301 -47.93 -5.81 58.28
N LEU H 302 -48.62 -6.49 57.35
CA LEU H 302 -48.79 -7.92 57.42
C LEU H 302 -47.68 -8.60 56.62
N ALA H 303 -47.10 -9.66 57.20
CA ALA H 303 -46.27 -10.57 56.45
C ALA H 303 -47.13 -11.39 55.48
N PHE H 304 -46.53 -11.86 54.39
CA PHE H 304 -47.24 -12.68 53.41
C PHE H 304 -48.08 -13.73 54.11
N GLY H 305 -47.48 -14.42 55.08
CA GLY H 305 -48.10 -15.49 55.84
C GLY H 305 -49.38 -15.10 56.58
N GLU H 306 -49.62 -13.80 56.78
CA GLU H 306 -50.74 -13.36 57.61
C GLU H 306 -51.87 -12.84 56.76
N VAL H 307 -51.59 -12.63 55.47
CA VAL H 307 -52.50 -11.89 54.63
C VAL H 307 -53.84 -12.60 54.48
N HIS H 308 -53.81 -13.96 54.49
CA HIS H 308 -55.01 -14.74 54.22
C HIS H 308 -56.02 -14.58 55.35
N ASN H 309 -55.58 -14.13 56.54
CA ASN H 309 -56.44 -13.93 57.70
C ASN H 309 -56.99 -12.51 57.84
N GLU H 310 -56.79 -11.66 56.83
CA GLU H 310 -57.19 -10.27 56.91
C GLU H 310 -58.59 -10.13 56.28
N PRO H 311 -59.60 -9.63 57.02
CA PRO H 311 -60.97 -9.60 56.53
C PRO H 311 -61.15 -8.91 55.17
N HIS H 312 -60.49 -7.76 54.97
CA HIS H 312 -60.64 -7.05 53.72
C HIS H 312 -60.09 -7.86 52.53
N ILE H 313 -59.06 -8.66 52.77
CA ILE H 313 -58.45 -9.46 51.72
C ILE H 313 -59.42 -10.59 51.39
N ILE H 314 -59.84 -11.29 52.46
CA ILE H 314 -60.76 -12.42 52.39
C ILE H 314 -62.03 -12.05 51.64
N GLU H 315 -62.67 -10.96 52.03
CA GLU H 315 -64.02 -10.70 51.57
C GLU H 315 -64.00 -10.23 50.12
N ARG H 316 -62.88 -9.74 49.62
CA ARG H 316 -62.82 -9.35 48.22
C ARG H 316 -62.20 -10.46 47.32
N ASN H 317 -61.83 -11.61 47.89
CA ASN H 317 -61.19 -12.69 47.12
C ASN H 317 -60.01 -12.17 46.29
N THR H 318 -59.17 -11.34 46.90
CA THR H 318 -57.95 -10.87 46.25
C THR H 318 -57.08 -12.07 45.91
N PHE H 319 -57.13 -13.12 46.73
CA PHE H 319 -56.34 -14.32 46.59
C PHE H 319 -57.21 -15.57 46.41
N TYR H 320 -56.61 -16.65 45.87
CA TYR H 320 -57.23 -17.97 45.78
C TYR H 320 -56.19 -18.98 46.21
N GLU H 321 -56.65 -20.17 46.62
CA GLU H 321 -55.75 -21.21 47.10
C GLU H 321 -55.59 -22.25 46.00
N ALA H 322 -54.42 -22.26 45.36
CA ALA H 322 -54.01 -23.37 44.52
C ALA H 322 -52.76 -23.95 45.18
N ASN H 323 -51.99 -24.76 44.44
CA ASN H 323 -50.62 -25.08 44.83
C ASN H 323 -50.65 -25.76 46.19
N GLY H 324 -49.55 -25.61 46.93
CA GLY H 324 -49.59 -25.52 48.38
C GLY H 324 -49.36 -24.08 48.82
N GLY H 325 -50.21 -23.16 48.37
CA GLY H 325 -50.14 -21.77 48.78
C GLY H 325 -51.10 -20.86 48.02
N TRP H 326 -51.41 -19.72 48.65
CA TRP H 326 -52.21 -18.67 48.07
C TRP H 326 -51.48 -18.03 46.90
N GLN H 327 -52.30 -17.47 46.00
CA GLN H 327 -51.89 -16.79 44.78
C GLN H 327 -52.88 -15.68 44.52
N PRO H 328 -52.43 -14.54 43.96
CA PRO H 328 -53.33 -13.45 43.62
C PRO H 328 -54.28 -13.79 42.47
N MET H 329 -55.56 -13.42 42.66
CA MET H 329 -56.53 -13.47 41.58
C MET H 329 -56.16 -12.42 40.55
N PRO H 330 -56.65 -12.55 39.30
CA PRO H 330 -56.40 -11.60 38.25
C PRO H 330 -56.77 -10.20 38.66
N ALA H 331 -56.03 -9.27 38.10
CA ALA H 331 -56.38 -7.88 38.24
C ALA H 331 -56.17 -7.24 36.88
N PRO H 332 -56.87 -6.13 36.59
CA PRO H 332 -57.96 -5.62 37.44
C PRO H 332 -59.24 -6.44 37.22
N ARG H 333 -60.39 -5.91 37.69
CA ARG H 333 -61.66 -6.62 37.68
C ARG H 333 -62.59 -5.95 36.69
N PHE H 334 -63.49 -6.77 36.10
CA PHE H 334 -64.34 -6.35 34.98
C PHE H 334 -65.82 -6.59 35.30
N SER H 335 -66.71 -5.66 34.91
CA SER H 335 -68.13 -5.78 35.28
C SER H 335 -68.84 -6.86 34.45
N ARG H 336 -68.75 -6.79 33.12
CA ARG H 336 -69.39 -7.80 32.27
C ARG H 336 -68.52 -9.05 32.09
N THR H 337 -67.28 -8.87 31.62
CA THR H 337 -66.46 -10.00 31.20
C THR H 337 -65.42 -10.38 32.25
N ALA H 338 -65.88 -11.05 33.31
CA ALA H 338 -65.07 -11.27 34.48
C ALA H 338 -64.08 -12.37 34.19
N SER H 339 -62.84 -12.15 34.63
CA SER H 339 -61.82 -13.20 34.60
C SER H 339 -62.29 -14.34 35.48
N SER H 340 -61.55 -15.44 35.46
CA SER H 340 -61.93 -16.58 36.25
C SER H 340 -60.69 -17.07 36.96
N GLN H 341 -60.90 -18.00 37.89
CA GLN H 341 -59.80 -18.58 38.61
C GLN H 341 -58.76 -18.95 37.55
N PRO H 342 -57.48 -18.60 37.74
CA PRO H 342 -56.43 -19.06 36.82
C PRO H 342 -56.35 -20.58 36.75
N ARG H 343 -56.09 -21.07 35.53
CA ARG H 343 -55.93 -22.49 35.26
C ARG H 343 -54.49 -22.84 35.63
N PRO H 344 -54.25 -23.86 36.46
CA PRO H 344 -52.88 -24.17 36.87
C PRO H 344 -52.01 -24.55 35.69
N PRO H 345 -50.67 -24.61 35.86
CA PRO H 345 -49.79 -25.02 34.79
C PRO H 345 -50.14 -26.48 34.44
N ALA H 346 -50.42 -26.73 33.15
CA ALA H 346 -50.80 -28.04 32.65
C ALA H 346 -49.57 -28.74 32.05
N ALA H 347 -49.77 -29.93 31.48
CA ALA H 347 -48.67 -30.71 30.92
C ALA H 347 -48.35 -30.27 29.50
N THR H 348 -47.12 -30.57 29.07
CA THR H 348 -46.52 -30.09 27.83
C THR H 348 -47.28 -30.61 26.62
N ILE H 349 -48.28 -29.86 26.15
CA ILE H 349 -49.13 -30.36 25.08
C ILE H 349 -48.35 -30.27 23.77
N ASP H 350 -49.02 -30.73 22.70
CA ASP H 350 -48.38 -31.08 21.45
C ASP H 350 -48.55 -29.95 20.43
N ILE H 351 -47.44 -29.49 19.88
CA ILE H 351 -47.43 -28.27 19.08
C ILE H 351 -48.40 -28.35 17.90
N GLU H 352 -48.69 -29.57 17.45
CA GLU H 352 -49.58 -29.85 16.32
C GLU H 352 -51.05 -29.74 16.71
N ALA H 353 -51.41 -30.27 17.90
CA ALA H 353 -52.75 -30.15 18.45
C ALA H 353 -53.19 -28.69 18.51
N VAL H 354 -52.23 -27.82 18.86
CA VAL H 354 -52.46 -26.41 18.99
C VAL H 354 -52.78 -25.84 17.61
N LEU H 355 -52.04 -26.29 16.59
CA LEU H 355 -52.27 -25.91 15.22
C LEU H 355 -53.61 -26.43 14.71
N THR H 356 -53.95 -27.69 15.03
CA THR H 356 -55.28 -28.23 14.74
C THR H 356 -56.32 -27.24 15.27
N ASP H 357 -56.27 -27.02 16.60
CA ASP H 357 -57.14 -26.10 17.30
C ASP H 357 -57.17 -24.73 16.59
N TRP H 358 -56.01 -24.17 16.23
CA TRP H 358 -56.01 -22.90 15.51
C TRP H 358 -56.03 -23.12 13.98
N ASP H 359 -57.05 -23.82 13.47
CA ASP H 359 -57.23 -24.07 12.03
C ASP H 359 -56.14 -24.97 11.45
N GLY H 360 -55.02 -24.38 11.00
CA GLY H 360 -53.95 -25.15 10.39
C GLY H 360 -52.81 -24.27 9.89
N MET I 1 62.46 25.94 -17.26
CA MET I 1 61.74 26.88 -16.36
C MET I 1 62.60 27.08 -15.09
N ALA I 2 62.92 28.35 -14.79
CA ALA I 2 63.76 28.68 -13.66
C ALA I 2 62.98 28.52 -12.35
N GLY I 3 63.66 28.12 -11.29
CA GLY I 3 63.09 28.18 -9.96
C GLY I 3 63.16 26.82 -9.32
N PRO I 4 62.96 26.70 -8.00
CA PRO I 4 63.14 25.41 -7.35
C PRO I 4 62.07 24.37 -7.68
N LEU I 5 60.92 24.80 -8.24
CA LEU I 5 59.85 23.87 -8.55
C LEU I 5 59.87 23.47 -10.02
N SER I 6 60.94 23.79 -10.76
CA SER I 6 61.19 23.19 -12.06
C SER I 6 60.86 21.70 -12.06
N GLY I 7 60.12 21.25 -13.06
CA GLY I 7 59.76 19.85 -13.16
C GLY I 7 58.39 19.52 -12.52
N LEU I 8 57.85 20.35 -11.60
CA LEU I 8 56.56 20.03 -11.01
C LEU I 8 55.44 20.37 -12.00
N ARG I 9 54.49 19.44 -12.13
CA ARG I 9 53.36 19.59 -13.04
C ARG I 9 52.06 19.78 -12.26
N VAL I 10 51.32 20.82 -12.65
CA VAL I 10 50.17 21.24 -11.86
C VAL I 10 48.99 21.41 -12.81
N VAL I 11 47.84 20.82 -12.44
CA VAL I 11 46.61 21.12 -13.15
C VAL I 11 45.71 21.96 -12.23
N GLU I 12 45.27 23.10 -12.77
CA GLU I 12 44.41 24.04 -12.07
C GLU I 12 43.03 24.12 -12.73
N LEU I 13 41.98 23.67 -12.04
CA LEU I 13 40.62 23.92 -12.48
C LEU I 13 40.22 25.35 -12.09
N ALA I 14 40.01 26.18 -13.12
CA ALA I 14 39.88 27.63 -12.99
C ALA I 14 38.79 27.98 -11.98
N GLY I 15 39.14 28.83 -11.04
CA GLY I 15 38.20 29.33 -10.04
C GLY I 15 38.56 30.77 -9.72
N ILE I 16 38.27 31.21 -8.50
CA ILE I 16 38.54 32.61 -8.14
C ILE I 16 39.19 32.60 -6.77
N GLY I 17 40.02 33.63 -6.52
CA GLY I 17 40.52 33.89 -5.18
C GLY I 17 41.76 33.05 -4.86
N PRO I 18 41.68 32.19 -3.85
CA PRO I 18 42.88 31.48 -3.40
C PRO I 18 43.50 30.46 -4.37
N GLY I 19 42.67 29.71 -5.10
CA GLY I 19 43.17 28.71 -6.02
C GLY I 19 44.07 29.34 -7.08
N PRO I 20 43.63 30.40 -7.79
CA PRO I 20 44.47 31.04 -8.78
C PRO I 20 45.76 31.66 -8.20
N HIS I 21 45.70 32.16 -6.96
CA HIS I 21 46.86 32.78 -6.32
C HIS I 21 47.91 31.71 -6.03
N ALA I 22 47.48 30.59 -5.45
CA ALA I 22 48.33 29.45 -5.20
C ALA I 22 48.99 28.92 -6.47
N ALA I 23 48.17 28.74 -7.49
CA ALA I 23 48.65 28.26 -8.78
C ALA I 23 49.70 29.23 -9.33
N MET I 24 49.44 30.54 -9.15
CA MET I 24 50.40 31.56 -9.57
C MET I 24 51.76 31.37 -8.86
N ILE I 25 51.76 31.19 -7.55
CA ILE I 25 53.01 31.09 -6.80
C ILE I 25 53.80 29.85 -7.23
N LEU I 26 53.11 28.71 -7.46
CA LEU I 26 53.72 27.52 -7.98
C LEU I 26 54.41 27.86 -9.29
N GLY I 27 53.70 28.53 -10.20
CA GLY I 27 54.25 28.91 -11.49
C GLY I 27 55.44 29.87 -11.37
N ASP I 28 55.31 30.82 -10.41
CA ASP I 28 56.33 31.81 -10.17
C ASP I 28 57.63 31.12 -9.83
N LEU I 29 57.57 30.03 -9.07
CA LEU I 29 58.73 29.32 -8.55
C LEU I 29 59.15 28.17 -9.50
N GLY I 30 58.59 28.12 -10.72
CA GLY I 30 59.10 27.29 -11.79
C GLY I 30 58.25 26.06 -12.11
N ALA I 31 57.10 25.88 -11.44
CA ALA I 31 56.17 24.84 -11.82
C ALA I 31 55.57 25.08 -13.21
N ASP I 32 55.22 23.94 -13.83
CA ASP I 32 54.55 23.88 -15.11
C ASP I 32 53.04 23.73 -14.84
N VAL I 33 52.32 24.86 -14.96
CA VAL I 33 50.96 24.98 -14.47
C VAL I 33 50.03 25.04 -15.65
N VAL I 34 49.09 24.08 -15.72
CA VAL I 34 48.11 24.08 -16.81
C VAL I 34 46.73 24.27 -16.21
N ARG I 35 46.07 25.31 -16.72
CA ARG I 35 44.84 25.82 -16.15
C ARG I 35 43.68 25.53 -17.09
N ILE I 36 42.73 24.73 -16.61
CA ILE I 36 41.55 24.38 -17.38
C ILE I 36 40.43 25.35 -17.01
N ASP I 37 40.07 26.21 -17.95
CA ASP I 37 38.89 27.05 -17.88
C ASP I 37 37.76 26.52 -18.79
N ARG I 38 36.54 27.08 -18.64
CA ARG I 38 35.44 26.87 -19.58
C ARG I 38 35.64 27.68 -20.86
N PRO I 39 35.23 27.20 -22.06
CA PRO I 39 35.29 28.02 -23.28
C PRO I 39 34.55 29.35 -23.17
N SER I 40 33.39 29.33 -22.51
CA SER I 40 32.52 30.50 -22.39
C SER I 40 33.27 31.70 -21.82
N SER I 41 33.95 31.49 -20.69
CA SER I 41 34.59 32.59 -20.01
C SER I 41 36.08 32.64 -20.39
N VAL I 42 36.37 32.62 -21.70
CA VAL I 42 37.73 32.79 -22.21
C VAL I 42 37.66 33.47 -23.59
N ASP I 43 38.55 34.44 -23.78
CA ASP I 43 38.25 35.62 -24.55
C ASP I 43 39.53 36.26 -25.10
N GLY I 44 40.41 35.46 -25.72
CA GLY I 44 41.76 35.92 -26.06
C GLY I 44 42.67 35.95 -24.82
N ILE I 45 43.61 36.90 -24.77
CA ILE I 45 44.64 36.92 -23.73
C ILE I 45 44.09 37.61 -22.48
N SER I 46 44.28 36.99 -21.30
CA SER I 46 43.74 37.54 -20.07
C SER I 46 44.49 38.83 -19.70
N ARG I 47 43.75 39.80 -19.14
CA ARG I 47 44.32 41.02 -18.57
C ARG I 47 44.67 40.84 -17.07
N ASP I 48 44.31 39.69 -16.47
CA ASP I 48 44.55 39.48 -15.06
C ASP I 48 46.01 39.03 -14.85
N ALA I 49 46.86 39.93 -14.31
CA ALA I 49 48.25 39.57 -14.05
C ALA I 49 48.37 38.40 -13.05
N MET I 50 47.28 38.03 -12.33
CA MET I 50 47.32 36.84 -11.48
C MET I 50 47.44 35.54 -12.30
N LEU I 51 47.12 35.61 -13.59
CA LEU I 51 47.18 34.42 -14.44
C LEU I 51 48.51 34.40 -15.17
N ARG I 52 49.56 34.96 -14.56
CA ARG I 52 50.91 34.85 -15.09
C ARG I 52 51.41 33.43 -14.84
N ASN I 53 52.47 33.03 -15.59
CA ASN I 53 53.14 31.75 -15.40
C ASN I 53 52.20 30.54 -15.58
N ARG I 54 51.40 30.61 -16.62
CA ARG I 54 50.32 29.67 -16.87
C ARG I 54 50.41 29.19 -18.33
N ARG I 55 49.93 27.97 -18.62
CA ARG I 55 49.29 27.73 -19.91
C ARG I 55 47.78 27.54 -19.71
N ILE I 56 47.00 28.22 -20.54
CA ILE I 56 45.55 28.18 -20.45
C ILE I 56 45.05 27.24 -21.53
N VAL I 57 44.20 26.30 -21.12
CA VAL I 57 43.43 25.47 -22.03
C VAL I 57 41.98 25.50 -21.57
N THR I 58 41.05 25.27 -22.51
CA THR I 58 39.62 25.20 -22.23
C THR I 58 39.05 23.81 -22.49
N ALA I 59 37.98 23.52 -21.76
CA ALA I 59 37.28 22.26 -21.91
C ALA I 59 35.94 22.39 -21.19
N ASP I 60 34.93 21.73 -21.76
CA ASP I 60 33.64 21.63 -21.13
C ASP I 60 33.64 20.32 -20.36
N LEU I 61 33.88 20.44 -19.06
CA LEU I 61 34.02 19.28 -18.19
C LEU I 61 32.70 18.53 -18.05
N LYS I 62 31.62 19.08 -18.61
CA LYS I 62 30.36 18.37 -18.59
C LYS I 62 30.25 17.42 -19.79
N SER I 63 31.02 17.67 -20.86
CA SER I 63 31.09 16.79 -22.02
C SER I 63 31.93 15.54 -21.72
N ASP I 64 31.67 14.47 -22.49
CA ASP I 64 32.42 13.23 -22.41
C ASP I 64 33.87 13.46 -22.84
N GLN I 65 34.04 14.26 -23.89
CA GLN I 65 35.35 14.52 -24.43
C GLN I 65 36.17 15.39 -23.48
N GLY I 66 35.51 16.41 -22.91
CA GLY I 66 36.15 17.30 -21.96
C GLY I 66 36.65 16.55 -20.73
N LEU I 67 35.79 15.73 -20.14
CA LEU I 67 36.16 14.96 -18.96
C LEU I 67 37.36 14.08 -19.30
N GLU I 68 37.37 13.46 -20.48
CA GLU I 68 38.40 12.47 -20.73
C GLU I 68 39.74 13.18 -20.96
N LEU I 69 39.74 14.29 -21.71
CA LEU I 69 40.95 15.07 -21.93
C LEU I 69 41.51 15.59 -20.60
N ALA I 70 40.62 15.97 -19.66
CA ALA I 70 41.05 16.42 -18.34
C ALA I 70 41.65 15.28 -17.55
N LEU I 71 41.07 14.08 -17.64
CA LEU I 71 41.62 12.96 -16.86
C LEU I 71 42.99 12.56 -17.39
N LYS I 72 43.24 12.82 -18.69
CA LYS I 72 44.54 12.53 -19.27
C LYS I 72 45.60 13.53 -18.80
N LEU I 73 45.26 14.82 -18.70
CA LEU I 73 46.21 15.76 -18.11
C LEU I 73 46.53 15.33 -16.69
N ILE I 74 45.49 15.07 -15.91
CA ILE I 74 45.65 14.76 -14.51
C ILE I 74 46.52 13.51 -14.35
N ALA I 75 46.45 12.61 -15.34
CA ALA I 75 47.19 11.35 -15.27
C ALA I 75 48.70 11.63 -15.29
N LYS I 76 49.13 12.68 -15.99
CA LYS I 76 50.53 13.00 -16.22
C LYS I 76 51.06 14.12 -15.29
N ALA I 77 50.31 14.46 -14.22
CA ALA I 77 50.64 15.61 -13.38
C ALA I 77 50.93 15.19 -11.96
N ASP I 78 51.54 16.11 -11.18
CA ASP I 78 51.84 15.91 -9.78
C ASP I 78 50.72 16.45 -8.89
N VAL I 79 50.12 17.57 -9.30
CA VAL I 79 49.20 18.30 -8.42
C VAL I 79 47.93 18.65 -9.19
N LEU I 80 46.80 18.45 -8.51
CA LEU I 80 45.54 19.04 -8.95
C LEU I 80 45.01 20.04 -7.91
N ILE I 81 44.66 21.22 -8.42
CA ILE I 81 44.02 22.26 -7.63
C ILE I 81 42.57 22.48 -8.10
N GLU I 82 41.63 22.42 -7.16
CA GLU I 82 40.25 22.86 -7.42
C GLU I 82 39.72 23.71 -6.24
N GLY I 83 38.84 24.67 -6.58
CA GLY I 83 38.24 25.55 -5.58
C GLY I 83 36.73 25.74 -5.74
N TYR I 84 36.00 24.63 -5.97
CA TYR I 84 34.56 24.65 -6.14
C TYR I 84 33.96 24.25 -4.82
N ARG I 85 32.65 24.37 -4.73
CA ARG I 85 31.95 23.80 -3.60
C ARG I 85 32.28 22.32 -3.49
N PRO I 86 32.29 21.76 -2.26
CA PRO I 86 32.33 20.32 -2.06
C PRO I 86 31.24 19.63 -2.85
N GLY I 87 31.66 18.54 -3.50
CA GLY I 87 30.77 17.68 -4.26
C GLY I 87 30.82 18.01 -5.74
N VAL I 88 31.40 19.16 -6.13
CA VAL I 88 31.36 19.54 -7.54
C VAL I 88 32.26 18.67 -8.41
N THR I 89 33.53 18.54 -8.05
CA THR I 89 34.41 17.65 -8.81
C THR I 89 33.82 16.23 -8.78
N GLU I 90 33.33 15.76 -7.64
CA GLU I 90 32.73 14.43 -7.57
C GLU I 90 31.69 14.24 -8.68
N ARG I 91 30.72 15.18 -8.83
CA ARG I 91 29.65 15.09 -9.83
C ARG I 91 30.23 15.18 -11.22
N LEU I 92 31.32 15.93 -11.42
CA LEU I 92 31.88 16.07 -12.76
C LEU I 92 32.66 14.82 -13.21
N GLY I 93 32.93 13.90 -12.28
CA GLY I 93 33.80 12.77 -12.59
C GLY I 93 35.29 13.03 -12.35
N LEU I 94 35.61 14.13 -11.65
CA LEU I 94 36.99 14.54 -11.41
C LEU I 94 37.29 14.51 -9.92
N GLY I 95 36.49 13.76 -9.15
CA GLY I 95 36.68 13.74 -7.72
C GLY I 95 37.99 13.05 -7.37
N PRO I 96 38.43 13.07 -6.09
CA PRO I 96 39.66 12.40 -5.68
C PRO I 96 39.65 10.90 -6.01
N GLU I 97 38.53 10.19 -5.76
CA GLU I 97 38.46 8.75 -6.02
C GLU I 97 38.70 8.43 -7.50
N GLU I 98 38.07 9.21 -8.40
CA GLU I 98 38.27 9.00 -9.83
C GLU I 98 39.70 9.34 -10.23
N CYS I 99 40.27 10.37 -9.59
CA CYS I 99 41.59 10.85 -10.00
C CYS I 99 42.59 9.81 -9.52
N ALA I 100 42.34 9.20 -8.36
CA ALA I 100 43.21 8.20 -7.75
C ALA I 100 43.29 6.95 -8.61
N LYS I 101 42.23 6.70 -9.43
CA LYS I 101 42.20 5.59 -10.35
C LYS I 101 43.16 5.78 -11.52
N VAL I 102 43.43 7.02 -11.98
CA VAL I 102 44.34 7.21 -13.11
C VAL I 102 45.75 7.66 -12.67
N ASN I 103 45.96 7.94 -11.37
CA ASN I 103 47.22 8.53 -10.89
C ASN I 103 47.24 8.52 -9.37
N ASP I 104 47.74 7.45 -8.76
CA ASP I 104 47.79 7.38 -7.30
C ASP I 104 48.98 8.18 -6.72
N ARG I 105 49.75 8.88 -7.58
CA ARG I 105 50.81 9.77 -7.10
C ARG I 105 50.31 11.22 -6.95
N LEU I 106 49.04 11.47 -7.29
CA LEU I 106 48.52 12.83 -7.41
C LEU I 106 48.33 13.47 -6.02
N ILE I 107 48.71 14.75 -5.93
CA ILE I 107 48.30 15.56 -4.77
C ILE I 107 47.01 16.28 -5.13
N TYR I 108 45.94 15.95 -4.41
CA TYR I 108 44.63 16.47 -4.80
C TYR I 108 44.29 17.60 -3.82
N ALA I 109 44.43 18.83 -4.31
CA ALA I 109 44.36 20.01 -3.43
C ALA I 109 43.00 20.71 -3.56
N ARG I 110 42.26 20.71 -2.46
CA ARG I 110 40.90 21.22 -2.38
C ARG I 110 40.88 22.53 -1.57
N MET I 111 40.60 23.63 -2.27
CA MET I 111 40.60 24.97 -1.72
C MET I 111 39.16 25.45 -1.52
N THR I 112 38.71 25.49 -0.26
CA THR I 112 37.42 26.04 0.09
C THR I 112 37.55 27.11 1.18
N GLY I 113 36.41 27.75 1.51
CA GLY I 113 36.37 28.60 2.69
C GLY I 113 35.88 27.89 3.93
N TRP I 114 34.80 27.09 3.77
CA TRP I 114 34.14 26.47 4.89
C TRP I 114 34.64 25.03 5.16
N GLY I 115 35.39 24.45 4.25
CA GLY I 115 35.77 23.05 4.39
C GLY I 115 34.87 22.09 3.59
N GLN I 116 35.13 20.78 3.73
CA GLN I 116 34.46 19.77 2.93
C GLN I 116 33.16 19.30 3.61
N THR I 117 32.98 19.54 4.90
CA THR I 117 31.82 19.07 5.63
C THR I 117 31.32 20.18 6.53
N GLY I 118 30.14 19.94 7.10
CA GLY I 118 29.62 20.77 8.16
C GLY I 118 28.49 21.67 7.62
N PRO I 119 27.78 22.35 8.54
CA PRO I 119 26.51 23.03 8.22
C PRO I 119 26.59 24.15 7.21
N ARG I 120 27.75 24.83 7.12
CA ARG I 120 27.89 25.93 6.17
C ARG I 120 28.61 25.52 4.92
N SER I 121 28.91 24.22 4.76
CA SER I 121 29.82 23.79 3.70
C SER I 121 29.29 24.02 2.30
N GLN I 122 27.98 24.21 2.12
CA GLN I 122 27.45 24.46 0.79
C GLN I 122 27.10 25.95 0.56
N GLN I 123 27.35 26.80 1.54
CA GLN I 123 27.04 28.22 1.37
C GLN I 123 28.10 28.93 0.55
N ALA I 124 27.68 29.74 -0.42
CA ALA I 124 28.55 30.68 -1.10
C ALA I 124 29.16 31.62 -0.06
N GLY I 125 30.32 32.15 -0.41
CA GLY I 125 31.01 33.07 0.48
C GLY I 125 32.25 33.71 -0.13
N HIS I 126 32.78 34.67 0.63
CA HIS I 126 34.00 35.39 0.29
C HIS I 126 34.80 35.61 1.55
N ASP I 127 36.01 36.11 1.37
CA ASP I 127 36.98 36.30 2.45
C ASP I 127 36.29 36.81 3.72
N ILE I 128 35.55 37.92 3.57
CA ILE I 128 34.94 38.59 4.70
C ILE I 128 34.05 37.64 5.50
N ASN I 129 33.38 36.67 4.84
CA ASN I 129 32.51 35.74 5.56
C ASN I 129 33.34 34.75 6.37
N TYR I 130 34.43 34.22 5.80
CA TYR I 130 35.18 33.17 6.46
C TYR I 130 35.90 33.69 7.69
N ILE I 131 36.40 34.93 7.59
CA ILE I 131 37.07 35.51 8.74
C ILE I 131 36.07 36.10 9.75
N SER I 132 34.77 36.17 9.43
CA SER I 132 33.83 36.72 10.39
C SER I 132 33.47 35.66 11.43
N LEU I 133 33.56 34.38 11.04
CA LEU I 133 33.09 33.29 11.87
C LEU I 133 34.13 32.86 12.93
N ASN I 134 35.41 33.19 12.74
CA ASN I 134 36.45 32.61 13.62
C ASN I 134 37.14 33.68 14.47
N GLY I 135 36.54 34.87 14.56
CA GLY I 135 36.91 35.91 15.50
C GLY I 135 37.83 36.98 14.90
N ILE I 136 38.37 36.71 13.71
CA ILE I 136 39.36 37.59 13.10
C ILE I 136 38.77 38.97 12.75
N LEU I 137 37.70 38.99 11.95
CA LEU I 137 37.19 40.26 11.47
C LEU I 137 36.80 41.14 12.66
N HIS I 138 36.22 40.53 13.69
CA HIS I 138 35.74 41.29 14.83
C HIS I 138 36.89 42.06 15.48
N ALA I 139 38.10 41.54 15.33
CA ALA I 139 39.27 42.06 16.01
C ALA I 139 39.95 43.21 15.25
N ILE I 140 39.45 43.54 14.05
CA ILE I 140 40.10 44.49 13.18
C ILE I 140 39.31 45.79 13.05
N GLY I 141 40.00 46.90 13.34
CA GLY I 141 39.43 48.24 13.18
C GLY I 141 39.54 49.07 14.45
N ARG I 142 39.01 50.29 14.39
CA ARG I 142 38.97 51.13 15.58
C ARG I 142 37.85 50.67 16.51
N GLY I 143 38.05 50.89 17.82
CA GLY I 143 37.11 50.45 18.84
C GLY I 143 35.79 51.22 18.81
N ASP I 144 35.80 52.42 18.26
CA ASP I 144 34.60 53.24 18.24
C ASP I 144 33.81 52.99 16.94
N GLU I 145 34.17 51.96 16.17
CA GLU I 145 33.60 51.77 14.83
C GLU I 145 33.37 50.28 14.55
N ARG I 146 32.64 50.03 13.46
CA ARG I 146 32.34 48.67 13.08
C ARG I 146 33.58 48.04 12.45
N PRO I 147 33.73 46.70 12.50
CA PRO I 147 34.96 46.05 12.04
C PRO I 147 35.21 46.44 10.60
N VAL I 148 36.48 46.53 10.20
CA VAL I 148 36.79 46.83 8.82
C VAL I 148 37.55 45.65 8.22
N PRO I 149 37.18 45.27 6.99
CA PRO I 149 37.83 44.18 6.30
C PRO I 149 39.25 44.56 5.92
N PRO I 150 40.24 43.73 6.29
CA PRO I 150 41.61 43.92 5.85
C PRO I 150 41.80 43.45 4.43
N LEU I 151 41.17 44.17 3.49
CA LEU I 151 40.95 43.70 2.13
C LEU I 151 40.55 42.22 2.21
N ASN I 152 40.99 41.41 1.23
CA ASN I 152 40.80 39.97 1.25
C ASN I 152 42.15 39.27 1.50
N LEU I 153 42.98 39.84 2.38
CA LEU I 153 44.35 39.40 2.52
C LEU I 153 44.48 38.24 3.48
N VAL I 154 43.55 38.12 4.43
CA VAL I 154 43.73 37.23 5.55
C VAL I 154 43.05 35.89 5.29
N GLY I 155 41.84 35.94 4.69
CA GLY I 155 41.08 34.72 4.42
C GLY I 155 41.48 34.06 3.10
N ASP I 156 41.40 34.79 1.98
CA ASP I 156 41.79 34.28 0.67
C ASP I 156 43.27 33.90 0.55
N PHE I 157 44.20 34.77 1.00
CA PHE I 157 45.60 34.58 0.67
C PHE I 157 46.34 34.05 1.89
N GLY I 158 46.52 34.90 2.92
CA GLY I 158 47.23 34.49 4.12
C GLY I 158 46.77 33.17 4.71
N GLY I 159 45.45 33.00 4.85
CA GLY I 159 44.83 31.83 5.46
C GLY I 159 44.24 30.85 4.45
N GLY I 160 44.48 31.11 3.17
CA GLY I 160 43.82 30.43 2.07
C GLY I 160 44.84 29.77 1.14
N SER I 161 45.21 30.49 0.07
CA SER I 161 46.21 30.04 -0.86
C SER I 161 47.50 29.58 -0.16
N MET I 162 47.96 30.34 0.85
CA MET I 162 49.28 30.04 1.40
C MET I 162 49.25 28.67 2.08
N PHE I 163 48.13 28.36 2.74
CA PHE I 163 47.98 27.06 3.38
C PHE I 163 47.79 25.92 2.38
N LEU I 164 47.10 26.16 1.27
CA LEU I 164 46.99 25.21 0.16
C LEU I 164 48.40 24.85 -0.34
N LEU I 165 49.23 25.88 -0.51
CA LEU I 165 50.61 25.71 -0.94
C LEU I 165 51.43 24.89 0.05
N VAL I 166 51.32 25.22 1.32
CA VAL I 166 52.04 24.49 2.34
C VAL I 166 51.58 23.03 2.30
N GLY I 167 50.28 22.78 2.12
CA GLY I 167 49.79 21.41 2.09
C GLY I 167 50.33 20.66 0.87
N ILE I 168 50.26 21.31 -0.28
CA ILE I 168 50.70 20.71 -1.52
C ILE I 168 52.18 20.32 -1.37
N LEU I 169 53.01 21.27 -0.91
CA LEU I 169 54.45 21.03 -0.91
C LEU I 169 54.82 20.04 0.18
N ALA I 170 54.08 20.05 1.27
CA ALA I 170 54.29 19.08 2.32
C ALA I 170 53.89 17.67 1.88
N ALA I 171 52.76 17.57 1.16
CA ALA I 171 52.32 16.28 0.64
C ALA I 171 53.36 15.75 -0.34
N LEU I 172 53.96 16.60 -1.19
CA LEU I 172 55.02 16.18 -2.08
C LEU I 172 56.24 15.67 -1.32
N TRP I 173 56.57 16.27 -0.17
CA TRP I 173 57.65 15.74 0.67
C TRP I 173 57.33 14.30 1.09
N GLU I 174 56.11 14.10 1.59
CA GLU I 174 55.66 12.81 2.09
C GLU I 174 55.71 11.77 0.96
N ARG I 175 55.35 12.18 -0.25
CA ARG I 175 55.30 11.30 -1.41
C ARG I 175 56.69 10.74 -1.72
N GLN I 176 57.76 11.47 -1.39
CA GLN I 176 59.11 10.98 -1.64
C GLN I 176 59.31 9.67 -0.90
N SER I 177 58.76 9.52 0.31
CA SER I 177 58.83 8.31 1.12
C SER I 177 57.77 7.26 0.77
N SER I 178 56.53 7.65 0.47
CA SER I 178 55.41 6.71 0.46
C SER I 178 55.18 6.17 -0.94
N GLY I 179 55.59 6.95 -1.95
CA GLY I 179 55.26 6.74 -3.35
C GLY I 179 53.79 7.09 -3.71
N LYS I 180 53.05 7.72 -2.77
CA LYS I 180 51.61 7.92 -2.90
C LYS I 180 51.23 9.38 -2.69
N GLY I 181 50.23 9.83 -3.46
CA GLY I 181 49.59 11.11 -3.24
C GLY I 181 48.58 11.04 -2.10
N GLN I 182 47.81 12.13 -1.96
CA GLN I 182 46.72 12.18 -1.00
C GLN I 182 45.89 13.45 -1.26
N VAL I 183 44.86 13.63 -0.43
CA VAL I 183 44.03 14.82 -0.57
C VAL I 183 44.45 15.84 0.49
N VAL I 184 44.56 17.08 0.03
CA VAL I 184 44.81 18.25 0.87
C VAL I 184 43.55 19.11 0.93
N ASP I 185 42.98 19.21 2.14
CA ASP I 185 41.75 19.95 2.41
C ASP I 185 42.16 21.27 3.09
N ALA I 186 42.28 22.33 2.29
CA ALA I 186 42.53 23.68 2.79
C ALA I 186 41.26 24.54 2.84
N ALA I 187 40.83 24.78 4.08
CA ALA I 187 39.70 25.64 4.33
C ALA I 187 40.18 26.98 4.87
N MET I 188 39.70 28.09 4.29
CA MET I 188 40.09 29.43 4.73
C MET I 188 39.77 29.64 6.20
N VAL I 189 38.70 29.03 6.69
CA VAL I 189 38.32 29.25 8.08
C VAL I 189 39.34 28.60 9.02
N ASP I 190 40.05 27.55 8.56
CA ASP I 190 41.05 26.84 9.36
C ASP I 190 42.41 27.56 9.27
N GLY I 191 42.80 27.79 8.03
CA GLY I 191 44.07 28.40 7.71
C GLY I 191 44.17 29.78 8.36
N SER I 192 43.11 30.60 8.25
CA SER I 192 43.12 31.92 8.85
C SER I 192 43.20 31.80 10.37
N SER I 193 42.63 30.73 10.96
CA SER I 193 42.75 30.55 12.40
C SER I 193 44.19 30.24 12.86
N VAL I 194 44.94 29.46 12.08
CA VAL I 194 46.33 29.16 12.41
C VAL I 194 47.16 30.42 12.16
N LEU I 195 46.80 31.18 11.13
CA LEU I 195 47.49 32.42 10.84
C LEU I 195 47.46 33.36 12.05
N ILE I 196 46.37 33.32 12.82
CA ILE I 196 46.18 34.18 13.99
C ILE I 196 46.37 33.39 15.28
N GLN I 197 47.17 32.31 15.25
CA GLN I 197 47.38 31.53 16.46
C GLN I 197 47.95 32.41 17.60
N MET I 198 48.76 33.41 17.28
CA MET I 198 49.38 34.26 18.32
C MET I 198 48.31 34.90 19.20
N MET I 199 47.22 35.41 18.59
CA MET I 199 46.16 36.03 19.38
C MET I 199 45.48 34.98 20.27
N TRP I 200 45.28 33.76 19.76
CA TRP I 200 44.63 32.72 20.56
C TRP I 200 45.52 32.33 21.74
N ALA I 201 46.83 32.46 21.55
CA ALA I 201 47.77 32.13 22.63
C ALA I 201 47.80 33.27 23.66
N MET I 202 47.91 34.50 23.16
CA MET I 202 47.89 35.67 24.03
C MET I 202 46.57 35.72 24.81
N ARG I 203 45.48 35.27 24.18
CA ARG I 203 44.18 35.36 24.83
C ARG I 203 44.17 34.49 26.07
N ALA I 204 44.81 33.32 25.98
CA ALA I 204 44.80 32.35 27.07
C ALA I 204 45.64 32.83 28.26
N THR I 205 46.64 33.68 28.01
CA THR I 205 47.50 34.18 29.06
C THR I 205 47.08 35.58 29.53
N GLY I 206 45.91 36.08 29.12
CA GLY I 206 45.44 37.39 29.57
C GLY I 206 46.09 38.56 28.84
N MET I 207 46.82 38.32 27.76
CA MET I 207 47.55 39.38 27.11
C MET I 207 46.82 39.84 25.84
N TRP I 208 45.58 39.41 25.66
CA TRP I 208 44.78 39.89 24.52
C TRP I 208 43.31 39.81 24.88
N THR I 209 42.55 40.88 24.63
CA THR I 209 41.12 40.79 24.91
C THR I 209 40.29 41.01 23.65
N ASP I 210 39.03 40.62 23.77
CA ASP I 210 38.08 40.64 22.68
C ASP I 210 37.62 42.06 22.38
N THR I 211 38.03 43.04 23.20
CA THR I 211 37.72 44.43 22.94
C THR I 211 38.53 44.98 21.77
N ARG I 212 37.79 45.47 20.78
CA ARG I 212 38.40 45.87 19.53
C ARG I 212 39.13 47.20 19.77
N GLY I 213 40.32 47.33 19.17
CA GLY I 213 41.11 48.54 19.29
C GLY I 213 41.71 48.80 20.68
N ALA I 214 41.89 47.78 21.53
CA ALA I 214 42.39 47.96 22.88
C ALA I 214 43.54 47.00 23.20
N ASN I 215 44.39 46.67 22.23
CA ASN I 215 45.40 45.64 22.42
C ASN I 215 46.72 46.16 21.86
N MET I 216 47.83 45.43 22.08
CA MET I 216 49.12 45.95 21.68
C MET I 216 49.27 46.08 20.16
N LEU I 217 48.57 45.25 19.38
CA LEU I 217 48.88 45.19 17.95
C LEU I 217 47.68 45.56 17.07
N ASP I 218 46.57 46.03 17.66
CA ASP I 218 45.38 46.30 16.86
C ASP I 218 45.19 47.80 16.67
N GLY I 219 46.15 48.61 17.10
CA GLY I 219 46.05 50.05 16.98
C GLY I 219 45.71 50.70 18.33
N GLY I 220 45.40 49.90 19.34
CA GLY I 220 45.13 50.39 20.69
C GLY I 220 46.36 50.96 21.40
N ALA I 221 47.56 50.45 21.06
CA ALA I 221 48.80 50.91 21.68
C ALA I 221 49.34 52.11 20.95
N PRO I 222 49.65 53.24 21.66
CA PRO I 222 50.18 54.43 20.99
C PRO I 222 51.50 54.27 20.27
N TYR I 223 52.27 53.25 20.64
CA TYR I 223 53.54 53.03 19.96
C TYR I 223 53.41 51.97 18.86
N TYR I 224 52.17 51.53 18.55
CA TYR I 224 51.94 50.60 17.45
C TYR I 224 50.68 51.02 16.72
N ASP I 225 50.83 51.97 15.79
CA ASP I 225 49.70 52.62 15.14
C ASP I 225 50.23 53.53 14.06
N THR I 226 49.30 54.08 13.26
CA THR I 226 49.61 55.15 12.31
C THR I 226 49.31 56.52 12.93
N TYR I 227 49.92 57.57 12.37
CA TYR I 227 49.76 58.93 12.88
C TYR I 227 49.74 59.85 11.69
N GLU I 228 48.81 60.81 11.72
CA GLU I 228 48.72 61.82 10.70
C GLU I 228 49.79 62.89 10.92
N CYS I 229 50.41 63.32 9.80
CA CYS I 229 51.48 64.30 9.76
C CYS I 229 50.94 65.65 9.28
N ALA I 230 51.78 66.69 9.26
CA ALA I 230 51.32 68.05 9.00
C ALA I 230 50.74 68.19 7.60
N ASP I 231 51.11 67.29 6.68
CA ASP I 231 50.68 67.35 5.29
C ASP I 231 49.45 66.46 5.06
N GLY I 232 48.90 65.86 6.11
CA GLY I 232 47.75 64.97 5.93
C GLY I 232 48.16 63.56 5.47
N ARG I 233 49.47 63.30 5.31
CA ARG I 233 49.95 61.94 5.06
C ARG I 233 50.31 61.24 6.37
N TYR I 234 50.69 59.94 6.30
CA TYR I 234 50.80 59.15 7.52
C TYR I 234 52.17 58.49 7.63
N VAL I 235 52.57 58.28 8.89
CA VAL I 235 53.69 57.42 9.23
C VAL I 235 53.14 56.28 10.05
N ALA I 236 53.89 55.18 10.07
CA ALA I 236 53.60 54.04 10.93
C ALA I 236 54.65 54.00 12.03
N VAL I 237 54.18 53.74 13.26
CA VAL I 237 55.02 53.56 14.42
C VAL I 237 54.84 52.13 14.86
N GLY I 238 55.97 51.41 15.04
CA GLY I 238 55.98 50.02 15.46
C GLY I 238 56.95 49.76 16.63
N ALA I 239 57.15 50.73 17.51
CA ALA I 239 58.26 50.67 18.46
C ALA I 239 57.84 49.90 19.69
N ILE I 240 57.75 48.57 19.60
CA ILE I 240 57.35 47.76 20.75
C ILE I 240 58.44 47.76 21.83
N GLU I 241 59.67 47.47 21.42
CA GLU I 241 60.79 47.29 22.33
C GLU I 241 61.19 48.64 22.91
N PRO I 242 61.39 48.71 24.25
CA PRO I 242 61.72 49.98 24.89
C PRO I 242 62.87 50.78 24.28
N GLN I 243 63.94 50.10 23.82
CA GLN I 243 65.07 50.85 23.27
C GLN I 243 64.64 51.56 22.00
N PHE I 244 63.81 50.87 21.20
CA PHE I 244 63.37 51.46 19.94
C PHE I 244 62.40 52.62 20.22
N TYR I 245 61.47 52.37 21.14
CA TYR I 245 60.53 53.40 21.63
C TYR I 245 61.31 54.64 22.12
N ALA I 246 62.39 54.42 22.88
CA ALA I 246 63.17 55.55 23.41
C ALA I 246 63.79 56.34 22.27
N ALA I 247 64.19 55.66 21.20
CA ALA I 247 64.81 56.35 20.08
C ALA I 247 63.77 57.19 19.37
N MET I 248 62.55 56.65 19.35
CA MET I 248 61.51 57.35 18.62
C MET I 248 61.20 58.67 19.36
N LEU I 249 61.07 58.60 20.68
CA LEU I 249 60.77 59.80 21.47
C LEU I 249 61.77 60.93 21.24
N ALA I 250 63.06 60.57 21.29
CA ALA I 250 64.13 61.53 21.09
C ALA I 250 64.05 62.14 19.71
N GLY I 251 63.75 61.34 18.69
CA GLY I 251 63.57 61.91 17.36
C GLY I 251 62.38 62.84 17.25
N LEU I 252 61.32 62.59 18.05
CA LEU I 252 60.15 63.45 18.05
C LEU I 252 60.42 64.74 18.84
N GLY I 253 61.47 64.77 19.67
CA GLY I 253 61.74 65.96 20.45
C GLY I 253 61.01 65.89 21.79
N LEU I 254 60.54 64.69 22.19
CA LEU I 254 59.85 64.53 23.44
C LEU I 254 60.78 63.98 24.49
N ASP I 255 60.73 64.61 25.66
CA ASP I 255 61.53 64.24 26.78
C ASP I 255 60.76 63.15 27.53
N ALA I 256 61.31 61.94 27.55
CA ALA I 256 60.73 60.81 28.24
C ALA I 256 60.25 61.20 29.64
N ALA I 257 60.90 62.18 30.29
CA ALA I 257 60.58 62.53 31.66
C ALA I 257 59.19 63.16 31.77
N GLU I 258 58.72 63.77 30.69
CA GLU I 258 57.42 64.44 30.67
C GLU I 258 56.27 63.51 30.24
N LEU I 259 56.53 62.24 29.89
CA LEU I 259 55.48 61.39 29.37
C LEU I 259 55.14 60.31 30.37
N PRO I 260 53.94 59.70 30.29
CA PRO I 260 53.67 58.51 31.08
C PRO I 260 54.53 57.34 30.59
N PRO I 261 54.62 56.25 31.38
CA PRO I 261 55.27 55.01 30.94
C PRO I 261 54.65 54.42 29.67
N GLN I 262 55.51 53.84 28.84
CA GLN I 262 55.15 53.30 27.55
C GLN I 262 54.01 52.31 27.67
N ASN I 263 54.07 51.46 28.70
CA ASN I 263 53.09 50.40 28.90
C ASN I 263 52.16 50.64 30.09
N ASP I 264 51.96 51.90 30.50
CA ASP I 264 50.92 52.18 31.47
C ASP I 264 49.63 52.46 30.71
N ARG I 265 48.82 51.41 30.50
CA ARG I 265 47.69 51.45 29.60
C ARG I 265 46.64 52.45 30.11
N ALA I 266 46.55 52.63 31.44
CA ALA I 266 45.62 53.61 31.99
C ALA I 266 45.93 55.02 31.49
N ARG I 267 47.16 55.25 31.03
CA ARG I 267 47.50 56.60 30.58
C ARG I 267 47.78 56.64 29.08
N TRP I 268 47.45 55.57 28.36
CA TRP I 268 47.61 55.61 26.91
C TRP I 268 46.90 56.81 26.27
N PRO I 269 45.71 57.23 26.74
CA PRO I 269 45.07 58.42 26.18
C PRO I 269 45.95 59.67 26.21
N GLU I 270 46.59 59.95 27.36
CA GLU I 270 47.53 61.05 27.44
C GLU I 270 48.70 60.85 26.45
N LEU I 271 49.28 59.65 26.48
CA LEU I 271 50.48 59.36 25.68
C LEU I 271 50.17 59.51 24.21
N ARG I 272 48.98 59.03 23.81
CA ARG I 272 48.57 59.14 22.41
C ARG I 272 48.40 60.61 22.05
N ALA I 273 47.87 61.43 22.95
CA ALA I 273 47.70 62.84 22.63
C ALA I 273 49.07 63.51 22.44
N LEU I 274 50.06 63.14 23.26
CA LEU I 274 51.39 63.72 23.11
C LEU I 274 52.05 63.33 21.79
N LEU I 275 51.99 62.03 21.42
CA LEU I 275 52.59 61.58 20.16
C LEU I 275 51.86 62.16 18.97
N THR I 276 50.52 62.29 19.10
CA THR I 276 49.72 62.87 18.02
C THR I 276 50.21 64.26 17.67
N GLU I 277 50.33 65.11 18.71
CA GLU I 277 50.69 66.49 18.49
C GLU I 277 52.09 66.56 17.89
N ALA I 278 52.99 65.69 18.37
CA ALA I 278 54.36 65.71 17.84
C ALA I 278 54.45 65.28 16.36
N PHE I 279 53.86 64.13 16.00
CA PHE I 279 53.88 63.73 14.60
C PHE I 279 53.19 64.74 13.70
N ALA I 280 52.10 65.39 14.17
CA ALA I 280 51.39 66.35 13.33
C ALA I 280 52.24 67.60 13.05
N SER I 281 53.33 67.85 13.78
CA SER I 281 54.07 69.11 13.64
C SER I 281 54.96 69.14 12.40
N HIS I 282 55.26 67.97 11.80
CA HIS I 282 56.00 67.95 10.55
C HIS I 282 55.33 66.95 9.59
N ASP I 283 55.80 67.02 8.35
CA ASP I 283 55.22 66.29 7.25
C ASP I 283 55.88 64.90 7.21
N ARG I 284 55.26 64.02 6.44
CA ARG I 284 55.64 62.62 6.44
C ARG I 284 57.08 62.49 5.95
N ASP I 285 57.43 63.18 4.86
CA ASP I 285 58.76 63.04 4.31
C ASP I 285 59.82 63.54 5.31
N HIS I 286 59.47 64.49 6.18
CA HIS I 286 60.37 64.93 7.24
C HIS I 286 60.68 63.78 8.20
N TRP I 287 59.65 63.03 8.63
CA TRP I 287 59.88 61.96 9.60
C TRP I 287 60.66 60.81 8.96
N GLY I 288 60.48 60.65 7.65
CA GLY I 288 61.21 59.61 6.92
C GLY I 288 62.70 59.89 6.91
N ALA I 289 63.08 61.17 6.74
CA ALA I 289 64.48 61.62 6.80
C ALA I 289 65.05 61.47 8.21
N VAL I 290 64.39 62.09 9.19
CA VAL I 290 64.78 62.00 10.57
C VAL I 290 65.05 60.55 10.99
N PHE I 291 64.18 59.62 10.57
CA PHE I 291 64.33 58.27 11.13
C PHE I 291 65.03 57.32 10.14
N ALA I 292 65.58 57.88 9.07
CA ALA I 292 66.19 57.11 7.99
C ALA I 292 67.07 55.97 8.49
N ASN I 293 68.07 56.12 9.34
CA ASN I 293 68.78 54.86 9.59
C ASN I 293 68.58 54.41 11.04
N SER I 294 67.41 54.68 11.64
CA SER I 294 67.21 54.42 13.06
C SER I 294 66.48 53.12 13.33
N ASP I 295 66.53 52.72 14.59
CA ASP I 295 65.76 51.62 15.11
C ASP I 295 64.46 52.11 15.77
N ALA I 296 64.03 53.33 15.45
CA ALA I 296 62.84 53.95 16.00
C ALA I 296 61.55 53.24 15.54
N CYS I 297 61.61 52.54 14.41
CA CYS I 297 60.46 51.81 13.89
C CYS I 297 59.42 52.84 13.50
N VAL I 298 59.84 53.86 12.77
CA VAL I 298 58.93 54.80 12.15
C VAL I 298 59.18 54.71 10.67
N THR I 299 58.11 54.54 9.88
CA THR I 299 58.23 54.45 8.43
C THR I 299 57.12 55.26 7.79
N PRO I 300 57.32 55.83 6.60
CA PRO I 300 56.24 56.52 5.92
C PRO I 300 55.26 55.49 5.38
N VAL I 301 53.98 55.87 5.38
CA VAL I 301 52.94 55.01 4.86
C VAL I 301 52.75 55.40 3.40
N LEU I 302 53.32 54.61 2.49
CA LEU I 302 53.28 54.92 1.08
C LEU I 302 52.02 54.33 0.47
N ALA I 303 51.44 55.08 -0.45
CA ALA I 303 50.36 54.56 -1.28
C ALA I 303 50.94 53.82 -2.49
N PHE I 304 50.16 52.87 -3.04
CA PHE I 304 50.61 52.02 -4.14
C PHE I 304 51.38 52.83 -5.18
N GLY I 305 50.84 53.97 -5.61
CA GLY I 305 51.45 54.75 -6.68
C GLY I 305 52.83 55.34 -6.34
N GLU I 306 53.20 55.46 -5.06
CA GLU I 306 54.48 56.02 -4.64
C GLU I 306 55.54 54.92 -4.39
N VAL I 307 55.11 53.66 -4.32
CA VAL I 307 56.01 52.59 -3.91
C VAL I 307 57.22 52.52 -4.85
N HIS I 308 57.00 52.75 -6.15
CA HIS I 308 58.05 52.63 -7.15
C HIS I 308 59.19 53.64 -6.90
N ASN I 309 58.96 54.72 -6.15
CA ASN I 309 59.98 55.73 -5.88
C ASN I 309 60.75 55.48 -4.59
N GLU I 310 60.47 54.40 -3.85
CA GLU I 310 61.15 54.18 -2.58
C GLU I 310 62.45 53.39 -2.80
N PRO I 311 63.62 53.96 -2.43
CA PRO I 311 64.91 53.32 -2.71
C PRO I 311 65.01 51.87 -2.28
N HIS I 312 64.51 51.50 -1.11
CA HIS I 312 64.67 50.11 -0.68
C HIS I 312 63.87 49.13 -1.55
N ILE I 313 62.73 49.60 -2.10
CA ILE I 313 61.93 48.82 -3.05
C ILE I 313 62.68 48.71 -4.39
N ILE I 314 63.10 49.84 -4.94
CA ILE I 314 63.82 49.88 -6.21
C ILE I 314 65.04 48.97 -6.14
N GLU I 315 65.80 49.05 -5.06
CA GLU I 315 67.14 48.48 -5.08
C GLU I 315 67.10 46.96 -4.87
N ARG I 316 66.02 46.42 -4.29
CA ARG I 316 65.96 44.98 -4.09
C ARG I 316 65.14 44.31 -5.20
N ASN I 317 64.56 45.09 -6.11
CA ASN I 317 63.76 44.57 -7.20
C ASN I 317 62.56 43.77 -6.67
N THR I 318 61.90 44.33 -5.66
CA THR I 318 60.67 43.71 -5.16
C THR I 318 59.64 43.63 -6.29
N PHE I 319 59.66 44.57 -7.24
CA PHE I 319 58.68 44.70 -8.30
C PHE I 319 59.35 44.67 -9.68
N TYR I 320 58.53 44.40 -10.72
CA TYR I 320 58.94 44.48 -12.11
C TYR I 320 57.82 45.21 -12.84
N GLU I 321 58.10 45.73 -14.03
CA GLU I 321 57.14 46.40 -14.91
C GLU I 321 56.53 45.42 -15.89
N ALA I 322 55.21 45.20 -15.81
CA ALA I 322 54.47 44.56 -16.88
C ALA I 322 53.56 45.58 -17.57
N ASN I 323 52.83 45.11 -18.58
CA ASN I 323 51.61 45.75 -19.09
C ASN I 323 51.04 46.83 -18.18
N GLY I 324 51.34 48.10 -18.49
CA GLY I 324 50.67 49.21 -17.80
C GLY I 324 51.26 49.50 -16.43
N GLY I 325 51.31 48.48 -15.53
CA GLY I 325 51.70 48.70 -14.15
C GLY I 325 52.76 47.74 -13.60
N TRP I 326 53.25 48.10 -12.41
CA TRP I 326 54.17 47.29 -11.62
C TRP I 326 53.46 46.08 -11.05
N GLN I 327 54.22 44.98 -10.92
CA GLN I 327 53.74 43.77 -10.30
C GLN I 327 54.84 43.25 -9.38
N PRO I 328 54.50 42.55 -8.29
CA PRO I 328 55.53 41.98 -7.41
C PRO I 328 56.26 40.81 -8.05
N MET I 329 57.59 40.83 -7.92
CA MET I 329 58.43 39.73 -8.30
C MET I 329 58.12 38.56 -7.38
N PRO I 330 58.46 37.32 -7.81
CA PRO I 330 58.27 36.15 -7.00
C PRO I 330 58.92 36.20 -5.62
N ALA I 331 58.24 35.57 -4.71
CA ALA I 331 58.74 35.44 -3.37
C ALA I 331 58.48 34.02 -2.90
N PRO I 332 59.29 33.50 -1.95
CA PRO I 332 60.50 34.17 -1.51
C PRO I 332 61.59 33.94 -2.55
N ARG I 333 62.86 34.17 -2.14
CA ARG I 333 64.02 34.16 -3.02
C ARG I 333 64.91 32.98 -2.66
N PHE I 334 65.62 32.50 -3.71
CA PHE I 334 66.43 31.28 -3.67
C PHE I 334 67.84 31.57 -4.22
N SER I 335 68.85 31.21 -3.45
CA SER I 335 70.25 31.55 -3.76
C SER I 335 70.78 30.73 -4.95
N ARG I 336 70.47 29.42 -5.02
CA ARG I 336 70.96 28.61 -6.14
C ARG I 336 69.98 28.50 -7.30
N THR I 337 68.74 28.07 -7.07
CA THR I 337 67.77 28.00 -8.18
C THR I 337 66.78 29.16 -8.12
N ALA I 338 67.14 30.27 -8.73
CA ALA I 338 66.41 31.51 -8.53
C ALA I 338 65.27 31.60 -9.53
N SER I 339 64.15 32.18 -9.09
CA SER I 339 63.03 32.37 -9.97
C SER I 339 63.44 33.34 -11.06
N SER I 340 62.74 33.30 -12.19
CA SER I 340 62.85 34.32 -13.22
C SER I 340 61.63 35.24 -13.18
N GLN I 341 61.74 36.33 -13.94
CA GLN I 341 60.64 37.25 -14.10
C GLN I 341 59.45 36.48 -14.66
N PRO I 342 58.24 36.63 -14.07
CA PRO I 342 57.04 35.95 -14.56
C PRO I 342 56.78 36.12 -16.04
N ARG I 343 56.21 35.09 -16.65
CA ARG I 343 55.76 35.18 -18.05
C ARG I 343 54.33 35.71 -18.05
N PRO I 344 54.01 36.67 -18.96
CA PRO I 344 52.67 37.21 -19.03
C PRO I 344 51.64 36.12 -19.32
N PRO I 345 50.36 36.41 -19.04
CA PRO I 345 49.25 35.66 -19.64
C PRO I 345 49.48 35.57 -21.16
N ALA I 346 49.41 34.35 -21.71
CA ALA I 346 49.56 34.11 -23.14
C ALA I 346 48.24 33.62 -23.72
N ALA I 347 48.19 33.43 -25.05
CA ALA I 347 46.98 32.99 -25.73
C ALA I 347 46.62 31.56 -25.29
N THR I 348 45.34 31.21 -25.46
CA THR I 348 44.88 29.86 -25.23
C THR I 348 45.71 28.90 -26.07
N ILE I 349 45.88 27.68 -25.57
CA ILE I 349 46.65 26.62 -26.19
C ILE I 349 45.71 25.43 -26.29
N ASP I 350 46.03 24.52 -27.22
CA ASP I 350 45.24 23.32 -27.43
C ASP I 350 45.58 22.29 -26.36
N ILE I 351 44.57 21.68 -25.74
CA ILE I 351 44.84 20.67 -24.71
C ILE I 351 45.60 19.45 -25.24
N GLU I 352 45.43 19.12 -26.54
CA GLU I 352 46.19 18.04 -27.18
C GLU I 352 47.67 18.38 -27.27
N ALA I 353 48.00 19.64 -27.58
CA ALA I 353 49.39 20.06 -27.69
C ALA I 353 50.09 19.98 -26.33
N VAL I 354 49.35 20.15 -25.23
CA VAL I 354 49.93 20.01 -23.91
C VAL I 354 50.26 18.55 -23.67
N LEU I 355 49.29 17.68 -24.00
CA LEU I 355 49.39 16.25 -23.71
C LEU I 355 50.61 15.65 -24.45
N THR I 356 50.83 16.15 -25.67
CA THR I 356 52.03 15.83 -26.44
C THR I 356 53.27 16.18 -25.62
N ASP I 357 53.35 17.45 -25.23
CA ASP I 357 54.51 18.00 -24.55
C ASP I 357 54.84 17.14 -23.33
N TRP I 358 53.82 16.67 -22.61
CA TRP I 358 54.05 16.00 -21.33
C TRP I 358 54.37 14.51 -21.49
N ASP I 359 54.99 14.13 -22.62
CA ASP I 359 55.46 12.79 -22.96
C ASP I 359 54.88 12.35 -24.29
N GLY I 360 53.54 12.23 -24.32
CA GLY I 360 52.82 11.57 -25.39
C GLY I 360 53.12 12.18 -26.76
N MET J 1 55.81 10.45 15.03
CA MET J 1 55.16 11.78 14.85
C MET J 1 54.23 11.72 13.65
N ALA J 2 52.97 12.10 13.88
CA ALA J 2 51.94 12.10 12.84
C ALA J 2 52.11 13.30 11.91
N GLY J 3 51.83 13.10 10.62
CA GLY J 3 51.64 14.19 9.67
C GLY J 3 52.55 14.02 8.46
N PRO J 4 52.30 14.75 7.35
CA PRO J 4 53.09 14.61 6.14
C PRO J 4 54.57 14.93 6.27
N LEU J 5 54.94 15.70 7.31
CA LEU J 5 56.33 16.14 7.44
C LEU J 5 57.11 15.27 8.43
N SER J 6 56.52 14.14 8.87
CA SER J 6 57.21 13.17 9.71
C SER J 6 58.56 12.88 9.09
N GLY J 7 59.63 12.92 9.90
CA GLY J 7 60.97 12.66 9.41
C GLY J 7 61.75 13.92 9.01
N LEU J 8 61.10 15.09 8.98
CA LEU J 8 61.83 16.32 8.66
C LEU J 8 62.43 16.86 9.96
N ARG J 9 63.67 17.31 9.88
CA ARG J 9 64.39 17.78 11.06
C ARG J 9 64.68 19.26 10.89
N VAL J 10 64.24 20.05 11.88
CA VAL J 10 64.35 21.49 11.77
C VAL J 10 65.05 22.02 13.00
N VAL J 11 65.97 22.95 12.76
CA VAL J 11 66.58 23.67 13.87
C VAL J 11 66.16 25.13 13.76
N GLU J 12 65.58 25.62 14.86
CA GLU J 12 65.02 26.96 14.93
C GLU J 12 65.86 27.78 15.93
N LEU J 13 66.54 28.83 15.42
CA LEU J 13 67.18 29.81 16.28
C LEU J 13 66.16 30.86 16.74
N ALA J 14 65.83 30.74 18.01
CA ALA J 14 64.73 31.44 18.66
C ALA J 14 64.78 32.94 18.35
N GLY J 15 63.63 33.43 17.87
CA GLY J 15 63.34 34.82 17.62
C GLY J 15 61.88 35.10 17.89
N ILE J 16 61.31 36.07 17.16
CA ILE J 16 59.97 36.56 17.43
C ILE J 16 59.20 36.69 16.12
N GLY J 17 57.88 36.49 16.18
CA GLY J 17 57.03 36.76 15.01
C GLY J 17 57.05 35.64 13.99
N PRO J 18 57.49 35.89 12.74
CA PRO J 18 57.34 34.88 11.68
C PRO J 18 58.16 33.59 11.84
N GLY J 19 59.44 33.73 12.22
CA GLY J 19 60.30 32.56 12.44
C GLY J 19 59.60 31.53 13.30
N PRO J 20 59.16 31.86 14.54
CA PRO J 20 58.48 30.89 15.37
C PRO J 20 57.15 30.37 14.83
N HIS J 21 56.48 31.14 13.97
CA HIS J 21 55.21 30.69 13.43
C HIS J 21 55.44 29.62 12.35
N ALA J 22 56.40 29.84 11.45
CA ALA J 22 56.80 28.83 10.49
C ALA J 22 57.25 27.55 11.20
N ALA J 23 58.05 27.70 12.25
CA ALA J 23 58.55 26.53 12.95
C ALA J 23 57.38 25.77 13.57
N MET J 24 56.38 26.51 14.08
CA MET J 24 55.19 25.91 14.68
C MET J 24 54.44 25.08 13.63
N ILE J 25 54.28 25.65 12.44
CA ILE J 25 53.50 24.96 11.41
C ILE J 25 54.27 23.71 10.96
N LEU J 26 55.59 23.81 10.76
CA LEU J 26 56.37 22.63 10.39
C LEU J 26 56.17 21.57 11.46
N GLY J 27 56.26 21.94 12.75
CA GLY J 27 56.01 21.03 13.85
C GLY J 27 54.60 20.47 13.88
N ASP J 28 53.62 21.33 13.57
CA ASP J 28 52.23 20.92 13.54
C ASP J 28 52.03 19.75 12.57
N LEU J 29 52.71 19.81 11.42
CA LEU J 29 52.54 18.86 10.34
C LEU J 29 53.48 17.64 10.50
N GLY J 30 54.13 17.54 11.66
CA GLY J 30 54.87 16.34 12.07
C GLY J 30 56.40 16.46 12.00
N ALA J 31 56.94 17.62 11.66
CA ALA J 31 58.40 17.77 11.67
C ALA J 31 58.93 17.73 13.09
N ASP J 32 60.23 17.41 13.14
CA ASP J 32 60.96 17.29 14.40
C ASP J 32 61.71 18.60 14.59
N VAL J 33 61.16 19.44 15.47
CA VAL J 33 61.62 20.83 15.49
C VAL J 33 62.36 21.06 16.80
N VAL J 34 63.60 21.51 16.67
CA VAL J 34 64.39 21.76 17.84
C VAL J 34 64.71 23.24 17.89
N ARG J 35 64.32 23.86 19.00
CA ARG J 35 64.48 25.29 19.17
C ARG J 35 65.61 25.59 20.15
N ILE J 36 66.62 26.31 19.65
CA ILE J 36 67.73 26.81 20.46
C ILE J 36 67.44 28.23 20.98
N ASP J 37 67.19 28.35 22.29
CA ASP J 37 67.03 29.64 22.94
C ASP J 37 68.31 29.99 23.68
N ARG J 38 68.40 31.23 24.18
CA ARG J 38 69.54 31.62 24.99
C ARG J 38 69.21 31.30 26.44
N PRO J 39 70.20 30.93 27.28
CA PRO J 39 69.91 30.42 28.62
C PRO J 39 69.18 31.42 29.52
N SER J 40 69.42 32.73 29.28
CA SER J 40 68.80 33.78 30.07
C SER J 40 67.29 33.82 29.87
N SER J 41 66.81 33.41 28.68
CA SER J 41 65.40 33.54 28.34
C SER J 41 64.51 32.54 29.08
N VAL J 42 65.04 31.38 29.49
CA VAL J 42 64.18 30.27 29.89
C VAL J 42 64.30 30.03 31.40
N ASP J 43 63.16 29.78 32.06
CA ASP J 43 63.15 29.17 33.40
C ASP J 43 62.21 27.97 33.41
N GLY J 44 60.88 28.18 33.33
CA GLY J 44 59.90 27.10 33.39
C GLY J 44 59.44 26.62 32.01
N ILE J 45 58.35 25.84 31.99
CA ILE J 45 57.61 25.50 30.77
C ILE J 45 57.04 26.82 30.23
N SER J 46 57.15 27.08 28.91
CA SER J 46 56.58 28.29 28.33
C SER J 46 55.04 28.23 28.37
N ARG J 47 54.41 29.38 28.59
CA ARG J 47 52.96 29.50 28.46
C ARG J 47 52.58 30.13 27.12
N ASP J 48 53.55 30.18 26.18
CA ASP J 48 53.33 30.66 24.81
C ASP J 48 52.98 29.47 23.92
N ALA J 49 51.67 29.29 23.68
CA ALA J 49 51.17 28.23 22.82
C ALA J 49 51.77 28.28 21.40
N MET J 50 52.36 29.42 20.95
CA MET J 50 53.06 29.40 19.66
C MET J 50 54.28 28.46 19.71
N LEU J 51 54.73 28.06 20.93
CA LEU J 51 55.90 27.19 21.07
C LEU J 51 55.50 25.72 21.21
N ARG J 52 54.31 25.36 20.71
CA ARG J 52 53.88 23.98 20.62
C ARG J 52 54.75 23.24 19.60
N ASN J 53 54.71 21.91 19.76
CA ASN J 53 55.29 20.95 18.83
C ASN J 53 56.78 21.22 18.63
N ARG J 54 57.50 21.33 19.76
CA ARG J 54 58.90 21.72 19.81
C ARG J 54 59.65 20.91 20.88
N ARG J 55 60.97 20.80 20.68
CA ARG J 55 61.88 20.62 21.80
C ARG J 55 62.74 21.87 21.94
N ILE J 56 62.76 22.39 23.18
CA ILE J 56 63.49 23.61 23.53
C ILE J 56 64.83 23.21 24.15
N VAL J 57 65.92 23.71 23.57
CA VAL J 57 67.23 23.60 24.21
C VAL J 57 67.82 25.00 24.33
N THR J 58 68.67 25.19 25.34
CA THR J 58 69.29 26.47 25.61
C THR J 58 70.79 26.33 25.38
N ALA J 59 71.39 27.36 24.80
CA ALA J 59 72.80 27.33 24.51
C ALA J 59 73.24 28.75 24.27
N ASP J 60 74.35 29.16 24.91
CA ASP J 60 74.97 30.44 24.59
C ASP J 60 75.81 30.25 23.34
N LEU J 61 75.43 30.98 22.27
CA LEU J 61 75.93 30.79 20.92
C LEU J 61 77.20 31.60 20.68
N LYS J 62 77.56 32.48 21.63
CA LYS J 62 78.81 33.19 21.49
C LYS J 62 79.92 32.40 22.17
N SER J 63 79.57 31.54 23.13
CA SER J 63 80.52 30.60 23.72
C SER J 63 80.99 29.61 22.65
N ASP J 64 82.20 29.05 22.85
CA ASP J 64 82.80 28.13 21.89
C ASP J 64 82.00 26.84 21.87
N GLN J 65 81.55 26.45 23.07
CA GLN J 65 80.86 25.20 23.31
C GLN J 65 79.47 25.28 22.65
N GLY J 66 78.75 26.38 22.93
CA GLY J 66 77.47 26.67 22.31
C GLY J 66 77.51 26.55 20.79
N LEU J 67 78.45 27.25 20.15
CA LEU J 67 78.54 27.25 18.70
C LEU J 67 78.77 25.84 18.15
N GLU J 68 79.54 25.04 18.90
CA GLU J 68 79.92 23.73 18.40
C GLU J 68 78.73 22.78 18.54
N LEU J 69 78.02 22.85 19.68
CA LEU J 69 76.82 22.04 19.90
C LEU J 69 75.74 22.37 18.85
N ALA J 70 75.64 23.65 18.44
CA ALA J 70 74.69 24.10 17.44
C ALA J 70 75.10 23.63 16.04
N LEU J 71 76.40 23.66 15.74
CA LEU J 71 76.84 23.22 14.43
C LEU J 71 76.67 21.70 14.31
N LYS J 72 76.62 21.03 15.46
CA LYS J 72 76.41 19.60 15.45
C LYS J 72 74.97 19.31 15.05
N LEU J 73 74.00 19.90 15.78
CA LEU J 73 72.58 19.79 15.44
C LEU J 73 72.36 20.13 13.97
N ILE J 74 72.92 21.23 13.51
CA ILE J 74 72.66 21.66 12.15
C ILE J 74 73.19 20.67 11.11
N ALA J 75 74.20 19.88 11.47
CA ALA J 75 74.81 18.92 10.56
C ALA J 75 73.87 17.74 10.35
N LYS J 76 73.04 17.43 11.38
CA LYS J 76 72.09 16.35 11.36
C LYS J 76 70.69 16.79 10.88
N ALA J 77 70.50 18.03 10.44
CA ALA J 77 69.14 18.54 10.22
C ALA J 77 68.90 18.83 8.76
N ASP J 78 67.59 19.00 8.41
CA ASP J 78 67.19 19.31 7.05
C ASP J 78 67.09 20.81 6.84
N VAL J 79 66.71 21.50 7.90
CA VAL J 79 66.31 22.90 7.80
C VAL J 79 66.84 23.70 9.00
N LEU J 80 67.37 24.88 8.65
CA LEU J 80 67.68 25.92 9.63
C LEU J 80 66.82 27.18 9.35
N ILE J 81 66.18 27.64 10.43
CA ILE J 81 65.40 28.86 10.47
C ILE J 81 66.09 29.86 11.42
N GLU J 82 66.39 31.04 10.89
CA GLU J 82 66.89 32.15 11.68
C GLU J 82 66.12 33.41 11.27
N GLY J 83 65.75 34.24 12.26
CA GLY J 83 65.16 35.53 11.90
C GLY J 83 65.77 36.72 12.66
N TYR J 84 67.11 36.76 12.66
CA TYR J 84 67.90 37.86 13.20
C TYR J 84 68.16 38.83 12.05
N ARG J 85 68.63 40.03 12.35
CA ARG J 85 69.06 40.92 11.29
C ARG J 85 70.15 40.24 10.47
N PRO J 86 70.33 40.65 9.20
CA PRO J 86 71.44 40.13 8.41
C PRO J 86 72.76 40.38 9.14
N GLY J 87 73.69 39.41 9.06
CA GLY J 87 75.03 39.53 9.64
C GLY J 87 75.12 38.83 10.97
N VAL J 88 73.99 38.63 11.60
CA VAL J 88 74.02 38.09 12.94
C VAL J 88 74.45 36.63 12.99
N THR J 89 73.95 35.80 12.06
CA THR J 89 74.40 34.40 12.07
C THR J 89 75.84 34.34 11.55
N GLU J 90 76.15 35.08 10.48
CA GLU J 90 77.53 35.15 10.03
C GLU J 90 78.46 35.32 11.24
N ARG J 91 78.21 36.34 12.09
CA ARG J 91 79.09 36.70 13.19
C ARG J 91 79.10 35.66 14.30
N LEU J 92 78.03 34.92 14.51
CA LEU J 92 78.10 33.82 15.46
C LEU J 92 78.93 32.66 14.91
N GLY J 93 79.29 32.71 13.62
CA GLY J 93 79.87 31.55 12.93
C GLY J 93 78.83 30.53 12.46
N LEU J 94 77.55 30.95 12.35
CA LEU J 94 76.44 30.08 11.93
C LEU J 94 75.87 30.59 10.61
N GLY J 95 76.66 31.33 9.85
CA GLY J 95 76.21 31.78 8.55
C GLY J 95 75.88 30.61 7.62
N PRO J 96 75.35 30.89 6.40
CA PRO J 96 75.12 29.87 5.38
C PRO J 96 76.42 29.21 4.86
N GLU J 97 77.46 30.02 4.55
CA GLU J 97 78.76 29.49 4.15
C GLU J 97 79.29 28.49 5.19
N GLU J 98 79.17 28.81 6.48
CA GLU J 98 79.73 27.95 7.52
C GLU J 98 78.86 26.72 7.68
N CYS J 99 77.53 26.89 7.64
CA CYS J 99 76.63 25.75 7.78
C CYS J 99 76.81 24.79 6.58
N ALA J 100 77.04 25.33 5.39
CA ALA J 100 77.28 24.54 4.19
C ALA J 100 78.47 23.58 4.34
N LYS J 101 79.49 24.01 5.09
CA LYS J 101 80.68 23.21 5.29
C LYS J 101 80.35 21.95 6.06
N VAL J 102 79.37 21.96 6.96
CA VAL J 102 79.08 20.75 7.71
C VAL J 102 77.86 20.02 7.15
N ASN J 103 77.22 20.54 6.07
CA ASN J 103 75.96 19.99 5.59
C ASN J 103 75.51 20.73 4.34
N ASP J 104 75.90 20.24 3.16
CA ASP J 104 75.47 20.95 1.96
C ASP J 104 74.05 20.57 1.51
N ARG J 105 73.36 19.76 2.31
CA ARG J 105 71.95 19.42 2.07
C ARG J 105 71.00 20.34 2.87
N LEU J 106 71.54 21.22 3.72
CA LEU J 106 70.73 22.02 4.64
C LEU J 106 69.91 23.04 3.86
N ILE J 107 68.63 23.20 4.26
CA ILE J 107 67.88 24.34 3.73
C ILE J 107 68.03 25.50 4.69
N TYR J 108 68.66 26.59 4.21
CA TYR J 108 69.03 27.68 5.10
C TYR J 108 67.99 28.80 4.97
N ALA J 109 67.10 28.89 5.98
CA ALA J 109 65.93 29.76 5.84
C ALA J 109 66.04 31.06 6.67
N ARG J 110 66.12 32.19 5.94
CA ARG J 110 66.39 33.49 6.55
C ARG J 110 65.12 34.39 6.48
N MET J 111 64.56 34.67 7.65
CA MET J 111 63.28 35.35 7.84
C MET J 111 63.52 36.77 8.35
N THR J 112 63.45 37.74 7.45
CA THR J 112 63.56 39.15 7.80
C THR J 112 62.34 39.95 7.35
N GLY J 113 62.28 41.23 7.73
CA GLY J 113 61.27 42.12 7.18
C GLY J 113 61.76 42.78 5.92
N TRP J 114 62.97 43.33 5.98
CA TRP J 114 63.45 44.18 4.91
C TRP J 114 64.28 43.40 3.88
N GLY J 115 64.69 42.19 4.19
CA GLY J 115 65.57 41.49 3.24
C GLY J 115 67.04 41.54 3.67
N GLN J 116 67.91 40.97 2.83
CA GLN J 116 69.29 40.70 3.24
C GLN J 116 70.18 41.86 2.85
N THR J 117 69.74 42.71 1.92
CA THR J 117 70.56 43.82 1.46
C THR J 117 69.68 45.06 1.33
N GLY J 118 70.34 46.20 1.12
CA GLY J 118 69.64 47.42 0.77
C GLY J 118 69.55 48.38 1.95
N PRO J 119 69.09 49.62 1.68
CA PRO J 119 69.18 50.72 2.65
C PRO J 119 68.53 50.48 4.01
N ARG J 120 67.41 49.72 4.06
CA ARG J 120 66.73 49.49 5.32
C ARG J 120 67.12 48.19 5.99
N SER J 121 68.12 47.45 5.45
CA SER J 121 68.33 46.07 5.85
C SER J 121 68.78 45.91 7.29
N GLN J 122 69.29 46.98 7.94
CA GLN J 122 69.74 46.91 9.33
C GLN J 122 68.81 47.63 10.30
N GLN J 123 67.73 48.20 9.77
CA GLN J 123 66.77 48.97 10.53
C GLN J 123 65.79 48.01 11.24
N ALA J 124 65.66 48.16 12.56
CA ALA J 124 64.67 47.41 13.32
C ALA J 124 63.28 47.68 12.75
N GLY J 125 62.34 46.77 12.96
CA GLY J 125 61.00 46.96 12.41
C GLY J 125 60.03 45.92 12.95
N HIS J 126 58.73 46.23 12.78
CA HIS J 126 57.68 45.27 13.05
C HIS J 126 56.74 45.23 11.84
N ASP J 127 55.76 44.34 11.90
CA ASP J 127 54.81 44.12 10.81
C ASP J 127 54.35 45.44 10.23
N ILE J 128 53.88 46.35 11.09
CA ILE J 128 53.30 47.61 10.64
C ILE J 128 54.26 48.41 9.76
N ASN J 129 55.57 48.34 10.03
CA ASN J 129 56.58 49.03 9.22
C ASN J 129 56.74 48.39 7.84
N TYR J 130 56.82 47.05 7.79
CA TYR J 130 57.08 46.34 6.54
C TYR J 130 55.94 46.59 5.56
N ILE J 131 54.72 46.58 6.08
CA ILE J 131 53.56 46.80 5.20
C ILE J 131 53.27 48.27 4.93
N SER J 132 53.91 49.18 5.68
CA SER J 132 53.74 50.60 5.39
C SER J 132 54.44 50.96 4.08
N LEU J 133 55.55 50.26 3.78
CA LEU J 133 56.43 50.65 2.67
C LEU J 133 55.95 50.19 1.30
N ASN J 134 55.08 49.18 1.25
CA ASN J 134 54.76 48.54 -0.04
C ASN J 134 53.32 48.81 -0.49
N GLY J 135 52.63 49.74 0.21
CA GLY J 135 51.31 50.19 -0.25
C GLY J 135 50.15 49.57 0.50
N ILE J 136 50.41 48.50 1.24
CA ILE J 136 49.39 47.67 1.86
C ILE J 136 48.68 48.44 2.98
N LEU J 137 49.44 48.96 3.96
CA LEU J 137 48.85 49.62 5.12
C LEU J 137 47.98 50.81 4.68
N HIS J 138 48.43 51.56 3.66
CA HIS J 138 47.68 52.71 3.24
C HIS J 138 46.29 52.32 2.76
N ALA J 139 46.17 51.09 2.26
CA ALA J 139 44.93 50.67 1.63
C ALA J 139 43.91 50.20 2.67
N ILE J 140 44.29 50.14 3.94
CA ILE J 140 43.46 49.50 4.94
C ILE J 140 42.79 50.52 5.87
N GLY J 141 41.45 50.39 5.98
CA GLY J 141 40.66 51.19 6.90
C GLY J 141 39.66 52.13 6.21
N ARG J 142 38.88 52.86 7.01
CA ARG J 142 37.90 53.79 6.46
C ARG J 142 38.60 54.97 5.79
N GLY J 143 37.97 55.51 4.75
CA GLY J 143 38.49 56.64 3.97
C GLY J 143 38.61 57.96 4.75
N ASP J 144 37.87 58.11 5.85
CA ASP J 144 37.87 59.37 6.57
C ASP J 144 38.80 59.30 7.78
N GLU J 145 39.70 58.30 7.85
CA GLU J 145 40.46 58.11 9.06
C GLU J 145 41.84 57.62 8.69
N ARG J 146 42.72 57.56 9.68
CA ARG J 146 44.07 57.12 9.40
C ARG J 146 44.08 55.59 9.24
N PRO J 147 45.07 55.05 8.51
CA PRO J 147 45.10 53.62 8.21
C PRO J 147 45.12 52.83 9.52
N VAL J 148 44.47 51.67 9.51
CA VAL J 148 44.44 50.86 10.70
C VAL J 148 45.24 49.59 10.42
N PRO J 149 46.06 49.13 11.40
CA PRO J 149 46.83 47.92 11.22
C PRO J 149 45.90 46.69 11.27
N PRO J 150 46.04 45.77 10.31
CA PRO J 150 45.28 44.53 10.32
C PRO J 150 45.97 43.50 11.19
N LEU J 151 45.99 43.82 12.48
CA LEU J 151 46.84 43.15 13.44
C LEU J 151 48.22 43.02 12.81
N ASN J 152 48.92 41.94 13.11
CA ASN J 152 50.20 41.61 12.48
C ASN J 152 50.03 40.41 11.54
N LEU J 153 48.88 40.34 10.87
CA LEU J 153 48.48 39.14 10.14
C LEU J 153 49.11 39.15 8.75
N VAL J 154 49.41 40.34 8.21
CA VAL J 154 49.70 40.47 6.80
C VAL J 154 51.21 40.45 6.56
N GLY J 155 51.97 41.08 7.46
CA GLY J 155 53.42 41.14 7.29
C GLY J 155 54.14 39.95 7.90
N ASP J 156 53.88 39.71 9.19
CA ASP J 156 54.47 38.64 9.97
C ASP J 156 54.06 37.26 9.47
N PHE J 157 52.76 37.03 9.27
CA PHE J 157 52.31 35.66 9.03
C PHE J 157 52.02 35.48 7.55
N GLY J 158 50.95 36.11 7.06
CA GLY J 158 50.56 35.95 5.68
C GLY J 158 51.70 36.15 4.70
N GLY J 159 52.45 37.24 4.82
CA GLY J 159 53.50 37.56 3.86
C GLY J 159 54.92 37.30 4.42
N GLY J 160 54.98 36.64 5.55
CA GLY J 160 56.20 36.40 6.29
C GLY J 160 56.43 34.90 6.46
N SER J 161 55.91 34.33 7.55
CA SER J 161 56.08 32.92 7.86
C SER J 161 55.58 32.04 6.72
N MET J 162 54.48 32.43 6.04
CA MET J 162 53.89 31.55 5.05
C MET J 162 54.80 31.43 3.83
N PHE J 163 55.46 32.53 3.47
CA PHE J 163 56.38 32.51 2.35
C PHE J 163 57.69 31.78 2.72
N LEU J 164 58.14 31.90 3.98
CA LEU J 164 59.27 31.11 4.47
C LEU J 164 58.94 29.63 4.32
N LEU J 165 57.73 29.22 4.75
CA LEU J 165 57.29 27.82 4.62
C LEU J 165 57.29 27.36 3.16
N VAL J 166 56.71 28.13 2.25
CA VAL J 166 56.66 27.76 0.85
C VAL J 166 58.07 27.61 0.28
N GLY J 167 58.93 28.54 0.69
CA GLY J 167 60.33 28.53 0.32
C GLY J 167 61.05 27.28 0.80
N ILE J 168 60.92 26.97 2.07
CA ILE J 168 61.54 25.81 2.65
C ILE J 168 61.10 24.55 1.87
N LEU J 169 59.78 24.39 1.65
CA LEU J 169 59.26 23.13 1.16
C LEU J 169 59.56 22.99 -0.33
N ALA J 170 59.59 24.12 -1.03
CA ALA J 170 59.97 24.17 -2.40
C ALA J 170 61.44 23.81 -2.59
N ALA J 171 62.28 24.22 -1.63
CA ALA J 171 63.71 23.97 -1.69
C ALA J 171 63.97 22.49 -1.44
N LEU J 172 63.21 21.90 -0.52
CA LEU J 172 63.24 20.47 -0.26
C LEU J 172 62.80 19.64 -1.48
N TRP J 173 61.81 20.12 -2.22
CA TRP J 173 61.47 19.47 -3.48
C TRP J 173 62.69 19.51 -4.39
N GLU J 174 63.30 20.70 -4.58
CA GLU J 174 64.41 20.88 -5.51
C GLU J 174 65.58 19.99 -5.10
N ARG J 175 65.74 19.80 -3.79
CA ARG J 175 66.86 19.04 -3.26
C ARG J 175 66.73 17.58 -3.67
N GLN J 176 65.49 17.13 -3.90
CA GLN J 176 65.26 15.74 -4.21
C GLN J 176 65.96 15.41 -5.53
N SER J 177 66.10 16.36 -6.44
CA SER J 177 66.77 16.04 -7.68
C SER J 177 68.24 16.53 -7.74
N SER J 178 68.64 17.56 -6.95
CA SER J 178 69.98 18.16 -6.97
C SER J 178 70.92 17.52 -5.94
N GLY J 179 70.35 16.88 -4.93
CA GLY J 179 71.06 16.44 -3.74
C GLY J 179 71.64 17.58 -2.90
N LYS J 180 71.24 18.84 -3.18
CA LYS J 180 71.85 20.05 -2.60
C LYS J 180 70.78 20.97 -1.95
N GLY J 181 71.15 21.50 -0.78
CA GLY J 181 70.43 22.59 -0.12
C GLY J 181 70.66 23.91 -0.84
N GLN J 182 70.16 25.00 -0.22
CA GLN J 182 70.34 26.36 -0.68
C GLN J 182 69.76 27.33 0.37
N VAL J 183 69.93 28.64 0.10
CA VAL J 183 69.47 29.66 1.03
C VAL J 183 68.13 30.19 0.53
N VAL J 184 67.16 30.21 1.47
CA VAL J 184 65.85 30.79 1.27
C VAL J 184 65.78 32.18 1.93
N ASP J 185 65.62 33.23 1.11
CA ASP J 185 65.55 34.61 1.62
C ASP J 185 64.10 35.12 1.55
N ALA J 186 63.42 35.04 2.70
CA ALA J 186 62.04 35.46 2.86
C ALA J 186 61.99 36.79 3.59
N ALA J 187 61.67 37.83 2.82
CA ALA J 187 61.46 39.16 3.36
C ALA J 187 59.97 39.53 3.36
N MET J 188 59.50 40.03 4.49
CA MET J 188 58.09 40.35 4.69
C MET J 188 57.62 41.42 3.70
N VAL J 189 58.51 42.34 3.29
CA VAL J 189 58.17 43.33 2.30
C VAL J 189 57.90 42.73 0.93
N ASP J 190 58.56 41.58 0.65
CA ASP J 190 58.35 40.87 -0.60
C ASP J 190 57.10 39.99 -0.52
N GLY J 191 57.08 39.12 0.47
CA GLY J 191 55.98 38.16 0.59
C GLY J 191 54.63 38.87 0.64
N SER J 192 54.51 39.93 1.46
CA SER J 192 53.26 40.64 1.58
C SER J 192 52.94 41.30 0.24
N SER J 193 53.97 41.66 -0.54
CA SER J 193 53.65 42.20 -1.85
C SER J 193 53.00 41.14 -2.77
N VAL J 194 53.45 39.90 -2.70
CA VAL J 194 52.88 38.88 -3.56
C VAL J 194 51.50 38.49 -3.00
N LEU J 195 51.36 38.50 -1.68
CA LEU J 195 50.10 38.24 -1.01
C LEU J 195 49.02 39.18 -1.57
N ILE J 196 49.39 40.42 -1.90
CA ILE J 196 48.45 41.44 -2.37
C ILE J 196 48.54 41.61 -3.88
N GLN J 197 49.03 40.60 -4.60
CA GLN J 197 49.21 40.76 -6.04
C GLN J 197 47.87 41.12 -6.72
N MET J 198 46.76 40.59 -6.18
CA MET J 198 45.45 40.84 -6.80
C MET J 198 45.20 42.35 -6.89
N MET J 199 45.53 43.11 -5.84
CA MET J 199 45.33 44.56 -5.91
C MET J 199 46.24 45.16 -6.98
N TRP J 200 47.47 44.67 -7.11
CA TRP J 200 48.34 45.23 -8.13
C TRP J 200 47.79 44.90 -9.52
N ALA J 201 47.18 43.72 -9.67
CA ALA J 201 46.53 43.33 -10.92
C ALA J 201 45.31 44.22 -11.23
N MET J 202 44.44 44.40 -10.25
CA MET J 202 43.29 45.26 -10.46
C MET J 202 43.75 46.69 -10.74
N ARG J 203 44.82 47.13 -10.08
CA ARG J 203 45.26 48.51 -10.22
C ARG J 203 45.63 48.75 -11.67
N ALA J 204 46.26 47.77 -12.29
CA ALA J 204 46.76 47.91 -13.65
C ALA J 204 45.62 47.95 -14.66
N THR J 205 44.47 47.35 -14.30
CA THR J 205 43.32 47.32 -15.18
C THR J 205 42.30 48.40 -14.82
N GLY J 206 42.64 49.37 -13.96
CA GLY J 206 41.71 50.44 -13.62
C GLY J 206 40.61 50.02 -12.66
N MET J 207 40.75 48.87 -12.01
CA MET J 207 39.66 48.44 -11.15
C MET J 207 40.05 48.52 -9.67
N TRP J 208 41.13 49.23 -9.34
CA TRP J 208 41.53 49.47 -7.98
C TRP J 208 42.15 50.85 -7.93
N THR J 209 41.74 51.69 -6.96
CA THR J 209 42.40 52.99 -6.81
C THR J 209 43.04 53.12 -5.43
N ASP J 210 43.99 54.06 -5.38
CA ASP J 210 44.78 54.33 -4.20
C ASP J 210 43.96 55.06 -3.14
N THR J 211 42.74 55.50 -3.48
CA THR J 211 41.87 56.10 -2.47
C THR J 211 41.34 55.06 -1.50
N ARG J 212 41.64 55.26 -0.22
CA ARG J 212 41.25 54.31 0.80
C ARG J 212 39.73 54.34 0.99
N GLY J 213 39.11 53.17 1.20
CA GLY J 213 37.68 53.09 1.43
C GLY J 213 36.81 53.33 0.18
N ALA J 214 37.35 53.18 -1.03
CA ALA J 214 36.62 53.48 -2.25
C ALA J 214 36.77 52.35 -3.28
N ASN J 215 36.96 51.11 -2.81
CA ASN J 215 37.21 50.00 -3.73
C ASN J 215 36.23 48.87 -3.41
N MET J 216 36.25 47.79 -4.22
CA MET J 216 35.29 46.69 -4.04
C MET J 216 35.57 45.88 -2.78
N LEU J 217 36.83 45.83 -2.33
CA LEU J 217 37.18 44.89 -1.27
C LEU J 217 37.74 45.54 0.00
N ASP J 218 37.70 46.88 0.13
CA ASP J 218 38.31 47.57 1.25
C ASP J 218 37.25 48.05 2.22
N GLY J 219 35.99 47.73 1.93
CA GLY J 219 34.90 48.24 2.73
C GLY J 219 34.15 49.38 2.06
N GLY J 220 34.65 49.90 0.94
CA GLY J 220 33.96 50.90 0.13
C GLY J 220 32.62 50.41 -0.48
N ALA J 221 32.54 49.13 -0.85
CA ALA J 221 31.35 48.56 -1.48
C ALA J 221 30.30 48.26 -0.42
N PRO J 222 29.04 48.74 -0.55
CA PRO J 222 27.99 48.41 0.40
C PRO J 222 27.66 46.93 0.55
N TYR J 223 27.99 46.16 -0.50
CA TYR J 223 27.79 44.72 -0.54
C TYR J 223 29.02 43.94 -0.07
N TYR J 224 30.08 44.62 0.40
CA TYR J 224 31.28 43.95 0.92
C TYR J 224 31.79 44.77 2.10
N ASP J 225 31.18 44.54 3.25
CA ASP J 225 31.36 45.35 4.43
C ASP J 225 30.63 44.73 5.61
N THR J 226 30.87 45.27 6.82
CA THR J 226 30.11 44.95 7.99
C THR J 226 28.99 45.98 8.20
N TYR J 227 27.99 45.54 8.95
CA TYR J 227 26.84 46.35 9.31
C TYR J 227 26.52 46.05 10.77
N GLU J 228 26.13 47.12 11.47
CA GLU J 228 25.67 47.01 12.83
C GLU J 228 24.21 46.62 12.87
N CYS J 229 23.89 45.73 13.82
CA CYS J 229 22.55 45.18 13.97
C CYS J 229 21.85 45.85 15.17
N ALA J 230 20.58 45.50 15.42
CA ALA J 230 19.79 46.19 16.45
C ALA J 230 20.42 45.99 17.84
N ASP J 231 21.19 44.91 18.03
CA ASP J 231 21.74 44.56 19.33
C ASP J 231 23.16 45.15 19.49
N GLY J 232 23.64 45.94 18.54
CA GLY J 232 24.98 46.48 18.64
C GLY J 232 26.06 45.48 18.20
N ARG J 233 25.67 44.27 17.78
CA ARG J 233 26.60 43.32 17.17
C ARG J 233 26.59 43.46 15.65
N TYR J 234 27.49 42.74 14.96
CA TYR J 234 27.65 42.93 13.53
C TYR J 234 27.39 41.67 12.70
N VAL J 235 27.07 41.92 11.42
CA VAL J 235 27.12 40.96 10.35
C VAL J 235 28.10 41.45 9.30
N ALA J 236 28.63 40.47 8.57
CA ALA J 236 29.45 40.70 7.39
C ALA J 236 28.65 40.33 6.16
N VAL J 237 28.76 41.19 5.16
CA VAL J 237 28.15 40.99 3.88
C VAL J 237 29.26 40.91 2.85
N GLY J 238 29.21 39.87 2.01
CA GLY J 238 30.24 39.60 1.04
C GLY J 238 29.68 39.20 -0.33
N ALA J 239 28.51 39.77 -0.66
CA ALA J 239 27.74 39.40 -1.84
C ALA J 239 28.22 40.13 -3.09
N ILE J 240 29.37 39.68 -3.62
CA ILE J 240 29.94 40.26 -4.81
C ILE J 240 29.12 39.89 -6.05
N GLU J 241 28.84 38.59 -6.22
CA GLU J 241 28.17 38.08 -7.42
C GLU J 241 26.74 38.59 -7.46
N PRO J 242 26.23 39.05 -8.61
CA PRO J 242 24.90 39.64 -8.63
C PRO J 242 23.79 38.73 -8.09
N GLN J 243 23.88 37.40 -8.33
CA GLN J 243 22.81 36.53 -7.89
C GLN J 243 22.77 36.50 -6.37
N PHE J 244 23.96 36.49 -5.74
CA PHE J 244 24.05 36.41 -4.29
C PHE J 244 23.59 37.72 -3.66
N TYR J 245 23.99 38.83 -4.30
CA TYR J 245 23.52 40.15 -3.89
C TYR J 245 21.98 40.23 -3.95
N ALA J 246 21.38 39.75 -5.05
CA ALA J 246 19.91 39.78 -5.18
C ALA J 246 19.26 39.00 -4.04
N ALA J 247 19.87 37.86 -3.65
CA ALA J 247 19.31 37.04 -2.59
C ALA J 247 19.38 37.79 -1.28
N MET J 248 20.51 38.50 -1.08
CA MET J 248 20.71 39.23 0.16
C MET J 248 19.65 40.34 0.26
N LEU J 249 19.41 41.06 -0.84
CA LEU J 249 18.40 42.13 -0.87
C LEU J 249 17.02 41.60 -0.47
N ALA J 250 16.60 40.49 -1.09
CA ALA J 250 15.27 39.94 -0.84
C ALA J 250 15.15 39.49 0.62
N GLY J 251 16.21 38.92 1.19
CA GLY J 251 16.17 38.55 2.59
C GLY J 251 16.04 39.75 3.55
N LEU J 252 16.55 40.92 3.15
CA LEU J 252 16.38 42.12 3.96
C LEU J 252 15.00 42.75 3.74
N GLY J 253 14.21 42.19 2.81
CA GLY J 253 12.90 42.74 2.52
C GLY J 253 12.98 43.93 1.55
N LEU J 254 14.07 44.04 0.80
CA LEU J 254 14.25 45.19 -0.06
C LEU J 254 13.97 44.76 -1.49
N ASP J 255 13.24 45.61 -2.21
CA ASP J 255 12.88 45.36 -3.58
C ASP J 255 13.92 46.02 -4.46
N ALA J 256 14.67 45.21 -5.23
CA ALA J 256 15.77 45.67 -6.06
C ALA J 256 15.32 46.75 -7.04
N ALA J 257 14.08 46.64 -7.50
CA ALA J 257 13.58 47.62 -8.44
C ALA J 257 13.53 49.02 -7.82
N GLU J 258 13.52 49.16 -6.48
CA GLU J 258 13.50 50.50 -5.87
C GLU J 258 14.90 50.97 -5.45
N LEU J 259 15.97 50.23 -5.72
CA LEU J 259 17.32 50.55 -5.23
C LEU J 259 18.19 50.94 -6.44
N PRO J 260 19.30 51.70 -6.24
CA PRO J 260 20.24 51.94 -7.33
C PRO J 260 20.96 50.67 -7.72
N PRO J 261 21.60 50.63 -8.91
CA PRO J 261 22.38 49.46 -9.33
C PRO J 261 23.50 49.12 -8.35
N GLN J 262 23.71 47.80 -8.18
CA GLN J 262 24.69 47.27 -7.26
C GLN J 262 26.04 47.98 -7.43
N ASN J 263 26.46 48.25 -8.67
CA ASN J 263 27.80 48.75 -8.94
C ASN J 263 27.75 50.16 -9.53
N ASP J 264 26.72 50.94 -9.18
CA ASP J 264 26.76 52.35 -9.45
C ASP J 264 27.41 53.07 -8.26
N ARG J 265 28.72 53.29 -8.36
CA ARG J 265 29.54 53.79 -7.27
C ARG J 265 29.07 55.19 -6.83
N ALA J 266 28.64 56.03 -7.76
CA ALA J 266 28.13 57.35 -7.38
C ALA J 266 26.96 57.23 -6.41
N ARG J 267 26.22 56.11 -6.42
CA ARG J 267 25.07 55.98 -5.53
C ARG J 267 25.28 54.97 -4.41
N TRP J 268 26.53 54.56 -4.19
CA TRP J 268 26.83 53.69 -3.07
C TRP J 268 26.44 54.27 -1.72
N PRO J 269 26.65 55.58 -1.43
CA PRO J 269 26.17 56.12 -0.16
C PRO J 269 24.68 55.86 0.08
N GLU J 270 23.88 56.03 -0.97
CA GLU J 270 22.44 55.87 -0.93
C GLU J 270 22.09 54.41 -0.66
N LEU J 271 22.80 53.51 -1.35
CA LEU J 271 22.59 52.10 -1.16
C LEU J 271 22.99 51.66 0.23
N ARG J 272 24.13 52.16 0.69
CA ARG J 272 24.59 51.85 2.04
C ARG J 272 23.57 52.32 3.06
N ALA J 273 22.98 53.51 2.87
CA ALA J 273 22.01 53.97 3.86
C ALA J 273 20.84 52.96 3.98
N LEU J 274 20.35 52.48 2.84
CA LEU J 274 19.20 51.58 2.81
C LEU J 274 19.55 50.25 3.47
N LEU J 275 20.74 49.69 3.15
CA LEU J 275 21.15 48.46 3.80
C LEU J 275 21.41 48.68 5.28
N THR J 276 21.94 49.87 5.66
CA THR J 276 22.20 50.13 7.07
C THR J 276 20.91 50.07 7.87
N GLU J 277 19.89 50.74 7.36
CA GLU J 277 18.57 50.76 8.00
C GLU J 277 17.98 49.35 8.09
N ALA J 278 18.13 48.54 7.04
CA ALA J 278 17.57 47.20 7.07
C ALA J 278 18.28 46.34 8.11
N PHE J 279 19.63 46.29 8.11
CA PHE J 279 20.27 45.41 9.09
C PHE J 279 20.07 45.89 10.51
N ALA J 280 19.90 47.22 10.71
CA ALA J 280 19.73 47.73 12.06
C ALA J 280 18.36 47.36 12.63
N SER J 281 17.44 46.84 11.81
CA SER J 281 16.10 46.56 12.29
C SER J 281 16.00 45.24 13.06
N HIS J 282 17.02 44.38 13.04
CA HIS J 282 16.97 43.14 13.80
C HIS J 282 18.37 42.80 14.29
N ASP J 283 18.43 41.88 15.25
CA ASP J 283 19.67 41.54 15.91
C ASP J 283 20.52 40.58 15.06
N ARG J 284 21.80 40.41 15.46
CA ARG J 284 22.73 39.63 14.65
C ARG J 284 22.18 38.21 14.48
N ASP J 285 21.71 37.58 15.56
CA ASP J 285 21.28 36.19 15.49
C ASP J 285 20.04 36.02 14.60
N HIS J 286 19.18 37.03 14.51
CA HIS J 286 18.11 37.01 13.52
C HIS J 286 18.66 36.85 12.11
N TRP J 287 19.64 37.67 11.73
CA TRP J 287 20.13 37.59 10.38
C TRP J 287 20.83 36.25 10.12
N GLY J 288 21.46 35.68 11.16
CA GLY J 288 22.09 34.35 11.06
C GLY J 288 21.08 33.26 10.70
N ALA J 289 19.90 33.31 11.33
CA ALA J 289 18.79 32.42 11.04
C ALA J 289 18.21 32.61 9.63
N VAL J 290 17.93 33.87 9.30
CA VAL J 290 17.32 34.27 8.03
C VAL J 290 18.21 33.83 6.88
N PHE J 291 19.55 33.90 7.04
CA PHE J 291 20.41 33.61 5.90
C PHE J 291 21.11 32.26 6.01
N ALA J 292 20.79 31.45 7.02
CA ALA J 292 21.25 30.06 7.04
C ALA J 292 20.81 29.35 5.76
N ASN J 293 21.77 28.67 5.14
CA ASN J 293 21.59 27.81 3.98
C ASN J 293 21.40 28.63 2.72
N SER J 294 21.66 29.96 2.76
CA SER J 294 21.53 30.80 1.59
C SER J 294 22.89 31.18 1.03
N ASP J 295 22.88 31.60 -0.25
CA ASP J 295 24.02 32.15 -0.96
C ASP J 295 24.11 33.68 -0.84
N ALA J 296 23.40 34.29 0.12
CA ALA J 296 23.36 35.73 0.31
C ALA J 296 24.71 36.28 0.84
N CYS J 297 25.61 35.42 1.30
CA CYS J 297 26.93 35.79 1.82
C CYS J 297 26.79 36.76 2.99
N VAL J 298 25.91 36.43 3.93
CA VAL J 298 25.77 37.19 5.15
C VAL J 298 26.13 36.27 6.30
N THR J 299 27.03 36.70 7.17
CA THR J 299 27.49 35.89 8.28
C THR J 299 27.61 36.75 9.52
N PRO J 300 27.37 36.14 10.69
CA PRO J 300 27.58 36.79 11.97
C PRO J 300 29.07 37.02 12.22
N VAL J 301 29.42 38.22 12.71
CA VAL J 301 30.78 38.56 13.02
C VAL J 301 30.99 38.17 14.46
N LEU J 302 31.65 37.03 14.66
CA LEU J 302 31.79 36.51 16.01
C LEU J 302 33.04 37.07 16.67
N ALA J 303 32.96 37.39 17.98
CA ALA J 303 34.14 37.67 18.76
C ALA J 303 34.83 36.37 19.16
N PHE J 304 36.15 36.42 19.39
CA PHE J 304 36.91 35.23 19.75
C PHE J 304 36.14 34.38 20.76
N GLY J 305 35.63 34.99 21.82
CA GLY J 305 35.04 34.23 22.93
C GLY J 305 33.72 33.53 22.56
N GLU J 306 33.14 33.87 21.41
CA GLU J 306 31.89 33.25 20.99
C GLU J 306 32.13 32.12 20.02
N VAL J 307 33.35 32.01 19.48
CA VAL J 307 33.65 31.13 18.35
C VAL J 307 33.40 29.67 18.76
N HIS J 308 33.70 29.31 20.00
CA HIS J 308 33.53 27.93 20.46
C HIS J 308 32.06 27.48 20.49
N ASN J 309 31.07 28.36 20.31
CA ASN J 309 29.67 27.97 20.31
C ASN J 309 29.03 27.95 18.92
N GLU J 310 29.79 28.25 17.86
CA GLU J 310 29.31 28.21 16.50
C GLU J 310 29.32 26.76 16.03
N PRO J 311 28.18 26.19 15.57
CA PRO J 311 28.12 24.80 15.12
C PRO J 311 29.15 24.41 14.06
N HIS J 312 29.36 25.25 13.05
CA HIS J 312 30.28 24.90 11.98
C HIS J 312 31.74 24.77 12.43
N ILE J 313 32.11 25.58 13.44
CA ILE J 313 33.43 25.54 14.07
C ILE J 313 33.57 24.26 14.90
N ILE J 314 32.55 23.95 15.72
CA ILE J 314 32.53 22.79 16.60
C ILE J 314 32.65 21.52 15.78
N GLU J 315 31.82 21.42 14.74
CA GLU J 315 31.59 20.14 14.09
C GLU J 315 32.75 19.82 13.16
N ARG J 316 33.58 20.79 12.79
CA ARG J 316 34.80 20.50 12.03
C ARG J 316 36.08 20.45 12.88
N ASN J 317 35.97 20.59 14.20
CA ASN J 317 37.12 20.54 15.08
C ASN J 317 38.25 21.43 14.58
N THR J 318 37.91 22.67 14.21
CA THR J 318 38.88 23.70 13.87
C THR J 318 39.74 24.05 15.10
N PHE J 319 39.20 23.92 16.30
CA PHE J 319 39.89 24.27 17.52
C PHE J 319 39.96 23.02 18.42
N TYR J 320 40.93 23.04 19.34
CA TYR J 320 41.00 22.11 20.45
C TYR J 320 41.24 22.94 21.72
N GLU J 321 40.97 22.32 22.87
CA GLU J 321 41.12 22.98 24.14
C GLU J 321 42.46 22.59 24.75
N ALA J 322 43.27 23.59 25.11
CA ALA J 322 44.57 23.41 25.72
C ALA J 322 44.62 24.21 27.02
N ASN J 323 45.54 23.84 27.91
CA ASN J 323 46.02 24.74 28.95
C ASN J 323 44.96 25.78 29.29
N GLY J 324 45.11 26.99 28.74
CA GLY J 324 44.33 28.14 29.21
C GLY J 324 43.21 28.56 28.25
N GLY J 325 42.83 27.69 27.29
CA GLY J 325 41.72 27.94 26.39
C GLY J 325 41.97 27.40 24.98
N TRP J 326 41.09 27.79 24.06
CA TRP J 326 41.02 27.19 22.74
C TRP J 326 42.23 27.60 21.91
N GLN J 327 42.68 26.66 21.06
CA GLN J 327 43.76 26.87 20.13
C GLN J 327 43.39 26.27 18.80
N PRO J 328 43.84 26.83 17.66
CA PRO J 328 43.51 26.25 16.36
C PRO J 328 44.29 24.96 16.08
N MET J 329 43.58 23.98 15.55
CA MET J 329 44.19 22.73 15.12
C MET J 329 45.02 23.03 13.90
N PRO J 330 45.97 22.14 13.57
CA PRO J 330 46.82 22.33 12.41
C PRO J 330 46.02 22.46 11.14
N ALA J 331 46.60 23.18 10.18
CA ALA J 331 45.98 23.40 8.90
C ALA J 331 47.10 23.33 7.88
N PRO J 332 46.85 22.94 6.62
CA PRO J 332 45.57 22.37 6.20
C PRO J 332 45.48 20.92 6.68
N ARG J 333 44.49 20.18 6.14
CA ARG J 333 44.23 18.80 6.54
C ARG J 333 44.65 17.83 5.42
N PHE J 334 45.10 16.62 5.84
CA PHE J 334 45.66 15.61 4.95
C PHE J 334 44.82 14.33 5.09
N SER J 335 44.39 13.70 3.99
CA SER J 335 43.54 12.51 4.06
C SER J 335 44.26 11.27 4.61
N ARG J 336 45.53 11.05 4.25
CA ARG J 336 46.19 9.80 4.63
C ARG J 336 47.12 9.98 5.83
N THR J 337 47.99 10.99 5.77
CA THR J 337 48.89 11.30 6.86
C THR J 337 48.40 12.53 7.62
N ALA J 338 47.40 12.33 8.48
CA ALA J 338 46.77 13.42 9.22
C ALA J 338 47.68 13.90 10.33
N SER J 339 47.66 15.20 10.55
CA SER J 339 48.29 15.78 11.73
C SER J 339 47.56 15.29 12.96
N SER J 340 48.27 15.29 14.09
CA SER J 340 47.60 15.07 15.36
C SER J 340 47.51 16.38 16.14
N GLN J 341 46.86 16.30 17.28
CA GLN J 341 46.71 17.40 18.21
C GLN J 341 48.10 17.85 18.65
N PRO J 342 48.39 19.16 18.63
CA PRO J 342 49.70 19.64 19.02
C PRO J 342 50.09 19.23 20.43
N ARG J 343 51.39 19.04 20.61
CA ARG J 343 51.97 18.75 21.91
C ARG J 343 52.26 20.08 22.60
N PRO J 344 51.83 20.27 23.86
CA PRO J 344 51.96 21.53 24.55
C PRO J 344 53.43 21.90 24.70
N PRO J 345 53.74 23.18 24.99
CA PRO J 345 55.14 23.58 25.17
C PRO J 345 55.79 22.70 26.24
N ALA J 346 56.98 22.17 25.90
CA ALA J 346 57.65 21.14 26.69
C ALA J 346 58.66 21.78 27.63
N ALA J 347 58.99 21.11 28.74
CA ALA J 347 60.11 21.53 29.58
C ALA J 347 61.43 21.44 28.81
N THR J 348 62.35 22.38 29.10
CA THR J 348 63.64 22.47 28.44
C THR J 348 64.33 21.11 28.51
N ILE J 349 65.00 20.74 27.44
CA ILE J 349 65.79 19.53 27.49
C ILE J 349 67.25 19.88 27.24
N ASP J 350 68.08 18.86 27.47
CA ASP J 350 69.52 18.97 27.32
C ASP J 350 69.88 18.75 25.86
N ILE J 351 70.76 19.58 25.32
CA ILE J 351 71.06 19.54 23.89
C ILE J 351 71.81 18.27 23.49
N GLU J 352 72.53 17.65 24.44
CA GLU J 352 73.27 16.42 24.15
C GLU J 352 72.28 15.27 23.98
N ALA J 353 71.24 15.28 24.83
CA ALA J 353 70.18 14.29 24.77
C ALA J 353 69.60 14.20 23.35
N VAL J 354 69.60 15.34 22.63
CA VAL J 354 68.97 15.43 21.32
C VAL J 354 69.92 14.87 20.27
N LEU J 355 71.21 15.19 20.40
CA LEU J 355 72.22 14.67 19.50
C LEU J 355 72.26 13.15 19.56
N THR J 356 72.13 12.59 20.77
CA THR J 356 71.95 11.17 20.97
C THR J 356 70.79 10.67 20.10
N ASP J 357 69.58 11.18 20.40
CA ASP J 357 68.31 10.79 19.77
C ASP J 357 68.42 10.84 18.25
N TRP J 358 69.19 11.79 17.70
CA TRP J 358 69.31 11.92 16.25
C TRP J 358 70.46 11.09 15.67
N ASP J 359 70.87 10.01 16.36
CA ASP J 359 72.01 9.16 16.00
C ASP J 359 73.33 9.79 16.44
N GLY J 360 73.83 10.78 15.68
CA GLY J 360 75.19 11.28 15.81
C GLY J 360 75.26 12.55 16.64
N MET K 1 -13.94 50.04 -17.78
CA MET K 1 -13.61 48.66 -17.31
C MET K 1 -12.11 48.39 -17.42
N ALA K 2 -11.48 48.13 -16.26
CA ALA K 2 -10.04 47.96 -16.13
C ALA K 2 -9.52 46.69 -16.81
N GLY K 3 -8.34 46.78 -17.41
CA GLY K 3 -7.56 45.62 -17.81
C GLY K 3 -7.33 45.64 -19.31
N PRO K 4 -6.47 44.76 -19.85
CA PRO K 4 -6.11 44.83 -21.26
C PRO K 4 -7.20 44.45 -22.27
N LEU K 5 -8.27 43.80 -21.80
CA LEU K 5 -9.32 43.35 -22.72
C LEU K 5 -10.51 44.30 -22.67
N SER K 6 -10.34 45.45 -22.00
CA SER K 6 -11.33 46.53 -22.01
C SER K 6 -11.86 46.70 -23.43
N GLY K 7 -13.18 46.57 -23.57
CA GLY K 7 -13.81 46.82 -24.85
C GLY K 7 -14.19 45.55 -25.60
N LEU K 8 -13.63 44.40 -25.22
CA LEU K 8 -13.98 43.17 -25.90
C LEU K 8 -15.34 42.71 -25.38
N ARG K 9 -16.22 42.30 -26.30
CA ARG K 9 -17.58 41.91 -25.93
C ARG K 9 -17.73 40.39 -26.02
N VAL K 10 -18.21 39.78 -24.93
CA VAL K 10 -18.32 38.32 -24.92
C VAL K 10 -19.74 37.90 -24.53
N VAL K 11 -20.22 36.94 -25.33
CA VAL K 11 -21.45 36.21 -25.04
C VAL K 11 -21.11 34.76 -24.70
N GLU K 12 -21.50 34.38 -23.49
CA GLU K 12 -21.30 33.05 -22.94
C GLU K 12 -22.66 32.35 -22.82
N LEU K 13 -22.79 31.23 -23.52
CA LEU K 13 -23.89 30.29 -23.34
C LEU K 13 -23.58 29.39 -22.16
N ALA K 14 -24.25 29.67 -21.03
CA ALA K 14 -24.05 29.03 -19.74
C ALA K 14 -23.86 27.54 -19.91
N GLY K 15 -22.75 27.06 -19.31
CA GLY K 15 -22.39 25.66 -19.28
C GLY K 15 -21.72 25.34 -17.95
N ILE K 16 -20.84 24.33 -17.97
CA ILE K 16 -20.11 23.96 -16.76
C ILE K 16 -18.64 23.70 -17.08
N GLY K 17 -17.82 23.90 -16.05
CA GLY K 17 -16.38 23.62 -16.12
C GLY K 17 -15.65 24.66 -16.96
N PRO K 18 -15.08 24.27 -18.11
CA PRO K 18 -14.11 25.13 -18.78
C PRO K 18 -14.68 26.42 -19.35
N GLY K 19 -15.83 26.31 -20.04
CA GLY K 19 -16.46 27.46 -20.64
C GLY K 19 -16.55 28.62 -19.66
N PRO K 20 -17.22 28.43 -18.50
CA PRO K 20 -17.31 29.50 -17.53
C PRO K 20 -15.97 29.97 -16.93
N HIS K 21 -14.97 29.08 -16.94
CA HIS K 21 -13.67 29.46 -16.42
C HIS K 21 -13.01 30.41 -17.41
N ALA K 22 -13.06 30.07 -18.69
CA ALA K 22 -12.59 30.93 -19.75
C ALA K 22 -13.30 32.28 -19.72
N ALA K 23 -14.63 32.24 -19.73
CA ALA K 23 -15.42 33.47 -19.66
C ALA K 23 -15.00 34.28 -18.44
N MET K 24 -14.79 33.62 -17.30
CA MET K 24 -14.36 34.30 -16.10
C MET K 24 -13.05 35.09 -16.36
N ILE K 25 -12.09 34.45 -17.02
CA ILE K 25 -10.78 35.06 -17.16
C ILE K 25 -10.85 36.25 -18.12
N LEU K 26 -11.69 36.15 -19.18
CA LEU K 26 -11.90 37.29 -20.07
C LEU K 26 -12.42 38.46 -19.26
N GLY K 27 -13.42 38.20 -18.42
CA GLY K 27 -14.00 39.23 -17.59
C GLY K 27 -13.01 39.83 -16.61
N ASP K 28 -12.18 38.94 -16.03
CA ASP K 28 -11.15 39.34 -15.09
C ASP K 28 -10.25 40.40 -15.75
N LEU K 29 -9.89 40.19 -17.00
CA LEU K 29 -8.96 41.04 -17.72
C LEU K 29 -9.67 42.20 -18.45
N GLY K 30 -10.99 42.35 -18.25
CA GLY K 30 -11.68 43.59 -18.60
C GLY K 30 -12.75 43.45 -19.68
N ALA K 31 -12.85 42.27 -20.30
CA ALA K 31 -13.89 42.02 -21.28
C ALA K 31 -15.26 42.21 -20.63
N ASP K 32 -16.23 42.61 -21.47
CA ASP K 32 -17.63 42.75 -21.08
C ASP K 32 -18.29 41.41 -21.40
N VAL K 33 -18.61 40.63 -20.35
CA VAL K 33 -19.08 39.27 -20.56
C VAL K 33 -20.56 39.22 -20.19
N VAL K 34 -21.35 38.75 -21.15
CA VAL K 34 -22.78 38.64 -20.96
C VAL K 34 -23.07 37.16 -21.09
N ARG K 35 -23.59 36.63 -19.98
CA ARG K 35 -23.83 35.20 -19.89
C ARG K 35 -25.33 34.94 -19.98
N ILE K 36 -25.71 34.12 -20.96
CA ILE K 36 -27.09 33.73 -21.19
C ILE K 36 -27.37 32.36 -20.57
N ASP K 37 -28.15 32.32 -19.48
CA ASP K 37 -28.59 31.10 -18.81
C ASP K 37 -30.10 30.88 -19.03
N ARG K 38 -30.64 29.67 -18.70
CA ARG K 38 -32.08 29.47 -18.78
C ARG K 38 -32.79 30.06 -17.56
N PRO K 39 -34.05 30.53 -17.70
CA PRO K 39 -34.79 31.05 -16.54
C PRO K 39 -34.93 30.03 -15.41
N SER K 40 -35.02 28.73 -15.76
CA SER K 40 -35.02 27.61 -14.80
C SER K 40 -33.88 27.77 -13.79
N SER K 41 -32.65 27.89 -14.33
CA SER K 41 -31.44 28.08 -13.54
C SER K 41 -31.25 29.57 -13.28
N VAL K 42 -31.85 30.08 -12.19
CA VAL K 42 -31.58 31.43 -11.66
C VAL K 42 -32.48 31.66 -10.46
N ASP K 43 -31.87 32.19 -9.39
CA ASP K 43 -32.47 32.21 -8.07
C ASP K 43 -31.68 33.18 -7.18
N GLY K 44 -32.02 34.48 -7.27
CA GLY K 44 -31.26 35.53 -6.59
C GLY K 44 -29.86 35.67 -7.17
N ILE K 45 -28.97 36.39 -6.47
CA ILE K 45 -27.58 36.53 -6.89
C ILE K 45 -26.90 35.17 -6.71
N SER K 46 -26.11 34.74 -7.72
CA SER K 46 -25.33 33.50 -7.65
C SER K 46 -24.25 33.59 -6.57
N ARG K 47 -24.06 32.51 -5.80
CA ARG K 47 -23.03 32.47 -4.79
C ARG K 47 -21.84 31.65 -5.30
N ASP K 48 -21.75 31.46 -6.64
CA ASP K 48 -20.60 30.84 -7.28
C ASP K 48 -19.61 31.91 -7.73
N ALA K 49 -18.49 32.07 -7.01
CA ALA K 49 -17.52 33.13 -7.30
C ALA K 49 -16.91 32.95 -8.69
N MET K 50 -17.15 31.79 -9.38
CA MET K 50 -16.70 31.65 -10.76
C MET K 50 -17.54 32.49 -11.75
N LEU K 51 -18.69 33.00 -11.32
CA LEU K 51 -19.51 33.86 -12.16
C LEU K 51 -19.26 35.34 -11.84
N ARG K 52 -18.04 35.65 -11.38
CA ARG K 52 -17.65 37.03 -11.11
C ARG K 52 -17.46 37.71 -12.46
N ASN K 53 -17.46 39.06 -12.46
CA ASN K 53 -17.23 39.83 -13.68
C ASN K 53 -18.16 39.41 -14.84
N ARG K 54 -19.45 39.27 -14.53
CA ARG K 54 -20.46 38.91 -15.53
C ARG K 54 -21.65 39.87 -15.43
N ARG K 55 -22.38 40.00 -16.54
CA ARG K 55 -23.81 40.28 -16.47
C ARG K 55 -24.57 39.00 -16.82
N ILE K 56 -25.51 38.58 -15.95
CA ILE K 56 -26.30 37.38 -16.25
C ILE K 56 -27.62 37.82 -16.89
N VAL K 57 -28.01 37.19 -18.01
CA VAL K 57 -29.38 37.31 -18.47
C VAL K 57 -29.95 35.92 -18.74
N THR K 58 -31.24 35.77 -18.41
CA THR K 58 -31.96 34.55 -18.76
C THR K 58 -32.73 34.79 -20.05
N ALA K 59 -32.82 33.72 -20.81
CA ALA K 59 -33.54 33.66 -22.06
C ALA K 59 -33.72 32.19 -22.36
N ASP K 60 -34.94 31.80 -22.76
CA ASP K 60 -35.22 30.45 -23.21
C ASP K 60 -34.85 30.38 -24.68
N LEU K 61 -33.72 29.73 -24.98
CA LEU K 61 -33.20 29.65 -26.34
C LEU K 61 -34.02 28.72 -27.22
N LYS K 62 -34.97 28.01 -26.61
CA LYS K 62 -35.83 27.14 -27.40
C LYS K 62 -36.93 28.00 -28.06
N SER K 63 -37.30 29.12 -27.42
CA SER K 63 -38.35 30.00 -27.94
C SER K 63 -37.85 30.77 -29.15
N ASP K 64 -38.73 31.60 -29.72
CA ASP K 64 -38.39 32.41 -30.88
C ASP K 64 -37.92 33.78 -30.40
N GLN K 65 -38.54 34.28 -29.32
CA GLN K 65 -38.17 35.53 -28.70
C GLN K 65 -36.84 35.39 -27.95
N GLY K 66 -36.70 34.30 -27.19
CA GLY K 66 -35.42 33.91 -26.63
C GLY K 66 -34.33 33.85 -27.70
N LEU K 67 -34.56 33.14 -28.82
CA LEU K 67 -33.51 33.00 -29.82
C LEU K 67 -33.21 34.34 -30.49
N GLU K 68 -34.23 35.19 -30.66
CA GLU K 68 -34.03 36.45 -31.36
C GLU K 68 -33.18 37.39 -30.50
N LEU K 69 -33.55 37.52 -29.23
CA LEU K 69 -32.76 38.28 -28.28
C LEU K 69 -31.29 37.82 -28.35
N ALA K 70 -31.05 36.51 -28.46
CA ALA K 70 -29.71 35.97 -28.43
C ALA K 70 -28.94 36.42 -29.67
N LEU K 71 -29.50 36.16 -30.85
CA LEU K 71 -28.86 36.46 -32.13
C LEU K 71 -28.50 37.95 -32.26
N LYS K 72 -29.15 38.80 -31.44
CA LYS K 72 -28.95 40.24 -31.45
C LYS K 72 -27.88 40.68 -30.45
N LEU K 73 -27.73 39.98 -29.31
CA LEU K 73 -26.54 40.13 -28.48
C LEU K 73 -25.30 39.78 -29.30
N ILE K 74 -25.40 38.69 -30.05
CA ILE K 74 -24.27 38.09 -30.72
C ILE K 74 -23.78 38.99 -31.84
N ALA K 75 -24.74 39.66 -32.49
CA ALA K 75 -24.46 40.51 -33.64
C ALA K 75 -23.50 41.65 -33.26
N LYS K 76 -23.65 42.17 -32.04
CA LYS K 76 -22.90 43.26 -31.45
C LYS K 76 -21.72 42.79 -30.58
N ALA K 77 -21.15 41.60 -30.83
CA ALA K 77 -20.13 41.05 -29.94
C ALA K 77 -18.95 40.50 -30.73
N ASP K 78 -17.82 40.30 -30.03
CA ASP K 78 -16.59 39.83 -30.68
C ASP K 78 -16.46 38.31 -30.59
N VAL K 79 -16.93 37.78 -29.45
CA VAL K 79 -16.69 36.39 -29.09
C VAL K 79 -17.98 35.73 -28.57
N LEU K 80 -18.17 34.49 -29.01
CA LEU K 80 -19.16 33.61 -28.38
C LEU K 80 -18.47 32.31 -27.92
N ILE K 81 -18.85 31.95 -26.69
CA ILE K 81 -18.41 30.75 -26.00
C ILE K 81 -19.64 29.83 -25.82
N GLU K 82 -19.51 28.63 -26.36
CA GLU K 82 -20.45 27.56 -26.10
C GLU K 82 -19.65 26.31 -25.71
N GLY K 83 -20.16 25.59 -24.69
CA GLY K 83 -19.55 24.34 -24.26
C GLY K 83 -20.58 23.22 -24.13
N TYR K 84 -21.41 23.06 -25.18
CA TYR K 84 -22.41 22.01 -25.24
C TYR K 84 -21.85 20.89 -26.10
N ARG K 85 -22.54 19.74 -26.13
CA ARG K 85 -22.14 18.72 -27.08
C ARG K 85 -22.26 19.32 -28.48
N PRO K 86 -21.51 18.77 -29.47
CA PRO K 86 -21.62 19.19 -30.86
C PRO K 86 -23.06 19.01 -31.32
N GLY K 87 -23.58 19.95 -32.13
CA GLY K 87 -24.96 19.89 -32.58
C GLY K 87 -25.88 20.81 -31.78
N VAL K 88 -25.56 21.06 -30.52
CA VAL K 88 -26.57 21.68 -29.68
C VAL K 88 -26.85 23.11 -30.16
N THR K 89 -25.80 23.82 -30.62
CA THR K 89 -26.02 25.21 -30.98
C THR K 89 -26.65 25.25 -32.36
N GLU K 90 -26.20 24.37 -33.26
CA GLU K 90 -26.79 24.29 -34.58
C GLU K 90 -28.31 24.22 -34.46
N ARG K 91 -28.79 23.29 -33.63
CA ARG K 91 -30.20 22.96 -33.56
C ARG K 91 -30.92 24.08 -32.83
N LEU K 92 -30.22 24.85 -32.00
CA LEU K 92 -30.87 26.03 -31.43
C LEU K 92 -31.14 27.14 -32.48
N GLY K 93 -30.46 27.08 -33.65
CA GLY K 93 -30.35 28.21 -34.56
C GLY K 93 -29.24 29.19 -34.16
N LEU K 94 -28.27 28.74 -33.32
CA LEU K 94 -27.20 29.56 -32.80
C LEU K 94 -25.85 29.02 -33.23
N GLY K 95 -25.82 28.20 -34.28
CA GLY K 95 -24.61 27.55 -34.73
C GLY K 95 -23.64 28.54 -35.38
N PRO K 96 -22.45 28.07 -35.83
CA PRO K 96 -21.45 28.95 -36.46
C PRO K 96 -22.11 29.78 -37.56
N GLU K 97 -22.70 29.09 -38.55
CA GLU K 97 -23.15 29.71 -39.79
C GLU K 97 -24.30 30.70 -39.61
N GLU K 98 -25.26 30.31 -38.77
CA GLU K 98 -26.32 31.22 -38.36
C GLU K 98 -25.73 32.47 -37.72
N CYS K 99 -24.67 32.29 -36.92
CA CYS K 99 -23.97 33.41 -36.32
C CYS K 99 -23.18 34.16 -37.41
N ALA K 100 -22.56 33.45 -38.36
CA ALA K 100 -21.79 34.07 -39.43
C ALA K 100 -22.66 34.91 -40.38
N LYS K 101 -23.98 34.86 -40.22
CA LYS K 101 -24.85 35.71 -41.02
C LYS K 101 -25.12 37.01 -40.28
N VAL K 102 -25.23 37.00 -38.96
CA VAL K 102 -25.43 38.27 -38.29
C VAL K 102 -24.09 38.97 -38.02
N ASN K 103 -22.95 38.36 -38.35
CA ASN K 103 -21.70 38.84 -37.77
C ASN K 103 -20.50 38.03 -38.26
N ASP K 104 -19.91 38.39 -39.40
CA ASP K 104 -18.79 37.62 -39.94
C ASP K 104 -17.50 37.98 -39.19
N ARG K 105 -17.60 38.81 -38.13
CA ARG K 105 -16.42 39.15 -37.33
C ARG K 105 -16.33 38.31 -36.02
N LEU K 106 -17.26 37.38 -35.81
CA LEU K 106 -17.37 36.68 -34.54
C LEU K 106 -16.27 35.61 -34.43
N ILE K 107 -15.61 35.60 -33.28
CA ILE K 107 -14.85 34.41 -32.94
C ILE K 107 -15.81 33.46 -32.22
N TYR K 108 -16.01 32.29 -32.85
CA TYR K 108 -16.98 31.30 -32.41
C TYR K 108 -16.23 30.19 -31.66
N ALA K 109 -16.34 30.20 -30.32
CA ALA K 109 -15.46 29.32 -29.54
C ALA K 109 -16.23 28.11 -28.97
N ARG K 110 -15.82 26.94 -29.44
CA ARG K 110 -16.44 25.68 -29.07
C ARG K 110 -15.53 24.87 -28.12
N MET K 111 -15.97 24.81 -26.86
CA MET K 111 -15.29 24.13 -25.75
C MET K 111 -15.90 22.75 -25.51
N THR K 112 -15.21 21.70 -25.96
CA THR K 112 -15.63 20.34 -25.67
C THR K 112 -14.51 19.54 -25.01
N GLY K 113 -14.82 18.28 -24.68
CA GLY K 113 -13.84 17.33 -24.20
C GLY K 113 -13.28 16.47 -25.30
N TRP K 114 -14.18 15.89 -26.11
CA TRP K 114 -13.75 14.95 -27.13
C TRP K 114 -13.57 15.61 -28.50
N GLY K 115 -14.03 16.85 -28.66
CA GLY K 115 -13.98 17.52 -29.96
C GLY K 115 -15.32 17.44 -30.71
N GLN K 116 -15.30 17.94 -31.96
CA GLN K 116 -16.52 18.22 -32.69
C GLN K 116 -16.95 16.99 -33.49
N THR K 117 -16.02 16.10 -33.76
CA THR K 117 -16.33 14.90 -34.53
C THR K 117 -15.61 13.69 -33.92
N GLY K 118 -15.92 12.51 -34.50
CA GLY K 118 -15.25 11.26 -34.15
C GLY K 118 -16.11 10.41 -33.19
N PRO K 119 -15.69 9.16 -32.91
CA PRO K 119 -16.55 8.18 -32.23
C PRO K 119 -17.06 8.54 -30.83
N ARG K 120 -16.37 9.46 -30.13
CA ARG K 120 -16.64 9.71 -28.73
C ARG K 120 -17.32 11.08 -28.60
N SER K 121 -17.60 11.71 -29.75
CA SER K 121 -17.97 13.11 -29.75
C SER K 121 -19.33 13.37 -29.14
N GLN K 122 -20.17 12.33 -28.98
CA GLN K 122 -21.45 12.56 -28.31
C GLN K 122 -21.49 11.95 -26.89
N GLN K 123 -20.37 11.35 -26.46
CA GLN K 123 -20.25 10.81 -25.11
C GLN K 123 -20.14 11.94 -24.09
N ALA K 124 -21.01 11.89 -23.09
CA ALA K 124 -20.81 12.66 -21.88
C ALA K 124 -19.47 12.26 -21.26
N GLY K 125 -18.98 13.17 -20.44
CA GLY K 125 -17.63 13.06 -19.92
C GLY K 125 -17.35 14.21 -18.96
N HIS K 126 -16.36 13.94 -18.12
CA HIS K 126 -15.78 14.94 -17.24
C HIS K 126 -14.24 14.87 -17.37
N ASP K 127 -13.57 15.80 -16.71
CA ASP K 127 -12.11 15.89 -16.72
C ASP K 127 -11.47 14.52 -16.68
N ILE K 128 -11.83 13.70 -15.67
CA ILE K 128 -11.15 12.45 -15.40
C ILE K 128 -11.22 11.54 -16.63
N ASN K 129 -12.33 11.62 -17.40
CA ASN K 129 -12.46 10.81 -18.60
C ASN K 129 -11.52 11.30 -19.74
N TYR K 130 -11.53 12.59 -20.00
CA TYR K 130 -10.72 13.16 -21.09
C TYR K 130 -9.24 12.88 -20.87
N ILE K 131 -8.77 12.96 -19.61
CA ILE K 131 -7.34 12.69 -19.34
C ILE K 131 -7.03 11.21 -19.22
N SER K 132 -8.05 10.34 -19.18
CA SER K 132 -7.74 8.94 -19.06
C SER K 132 -7.36 8.40 -20.44
N LEU K 133 -7.84 9.04 -21.51
CA LEU K 133 -7.70 8.45 -22.83
C LEU K 133 -6.37 8.80 -23.47
N ASN K 134 -5.68 9.83 -22.94
CA ASN K 134 -4.46 10.30 -23.60
C ASN K 134 -3.20 10.06 -22.78
N GLY K 135 -3.24 9.18 -21.75
CA GLY K 135 -2.05 8.74 -21.04
C GLY K 135 -1.73 9.54 -19.77
N ILE K 136 -2.44 10.64 -19.56
CA ILE K 136 -2.16 11.56 -18.49
C ILE K 136 -2.50 10.94 -17.15
N LEU K 137 -3.74 10.46 -16.98
CA LEU K 137 -4.19 10.01 -15.67
C LEU K 137 -3.34 8.83 -15.22
N HIS K 138 -3.02 7.96 -16.17
CA HIS K 138 -2.24 6.76 -15.90
C HIS K 138 -0.89 7.12 -15.25
N ALA K 139 -0.35 8.29 -15.58
CA ALA K 139 0.96 8.73 -15.11
C ALA K 139 0.92 9.33 -13.70
N ILE K 140 -0.27 9.57 -13.14
CA ILE K 140 -0.36 10.32 -11.91
C ILE K 140 -0.68 9.42 -10.72
N GLY K 141 0.12 9.57 -9.64
CA GLY K 141 -0.07 8.80 -8.42
C GLY K 141 1.14 7.94 -8.10
N ARG K 142 1.07 7.24 -6.96
CA ARG K 142 2.09 6.30 -6.52
C ARG K 142 2.00 5.03 -7.36
N GLY K 143 3.16 4.40 -7.55
CA GLY K 143 3.30 3.20 -8.37
C GLY K 143 2.49 2.03 -7.81
N ASP K 144 2.40 1.96 -6.49
CA ASP K 144 1.80 0.79 -5.85
C ASP K 144 0.26 0.93 -5.80
N GLU K 145 -0.32 2.01 -6.33
CA GLU K 145 -1.73 2.28 -6.15
C GLU K 145 -2.42 2.71 -7.45
N ARG K 146 -3.74 2.82 -7.42
CA ARG K 146 -4.44 3.16 -8.63
C ARG K 146 -4.26 4.65 -8.90
N PRO K 147 -4.31 5.08 -10.16
CA PRO K 147 -4.03 6.47 -10.48
C PRO K 147 -4.96 7.42 -9.77
N VAL K 148 -4.47 8.62 -9.46
CA VAL K 148 -5.25 9.55 -8.68
C VAL K 148 -5.57 10.78 -9.52
N PRO K 149 -6.82 11.25 -9.49
CA PRO K 149 -7.19 12.39 -10.31
C PRO K 149 -6.58 13.67 -9.76
N PRO K 150 -5.92 14.49 -10.59
CA PRO K 150 -5.36 15.76 -10.13
C PRO K 150 -6.41 16.85 -10.10
N LEU K 151 -7.38 16.61 -9.24
CA LEU K 151 -8.63 17.34 -9.23
C LEU K 151 -9.08 17.41 -10.70
N ASN K 152 -9.72 18.52 -11.09
CA ASN K 152 -10.10 18.71 -12.47
C ASN K 152 -9.22 19.80 -13.08
N LEU K 153 -7.93 19.83 -12.72
CA LEU K 153 -7.09 20.95 -13.10
C LEU K 153 -6.49 20.76 -14.48
N VAL K 154 -6.29 19.50 -14.90
CA VAL K 154 -5.53 19.27 -16.11
C VAL K 154 -6.41 19.23 -17.37
N GLY K 155 -7.61 18.64 -17.28
CA GLY K 155 -8.48 18.52 -18.45
C GLY K 155 -9.38 19.74 -18.63
N ASP K 156 -10.11 20.09 -17.56
CA ASP K 156 -11.00 21.23 -17.55
C ASP K 156 -10.27 22.55 -17.74
N PHE K 157 -9.27 22.84 -16.89
CA PHE K 157 -8.75 24.18 -16.79
C PHE K 157 -7.49 24.28 -17.63
N GLY K 158 -6.39 23.64 -17.18
CA GLY K 158 -5.13 23.66 -17.90
C GLY K 158 -5.22 23.29 -19.38
N GLY K 159 -5.87 22.18 -19.67
CA GLY K 159 -5.93 21.73 -21.04
C GLY K 159 -7.26 22.10 -21.71
N GLY K 160 -8.10 22.85 -21.01
CA GLY K 160 -9.45 23.10 -21.48
C GLY K 160 -9.70 24.59 -21.69
N SER K 161 -10.12 25.26 -20.63
CA SER K 161 -10.35 26.69 -20.69
C SER K 161 -9.12 27.46 -21.20
N MET K 162 -7.88 27.06 -20.81
CA MET K 162 -6.73 27.89 -21.14
C MET K 162 -6.44 27.78 -22.62
N PHE K 163 -6.73 26.63 -23.21
CA PHE K 163 -6.62 26.50 -24.64
C PHE K 163 -7.74 27.21 -25.40
N LEU K 164 -8.94 27.27 -24.83
CA LEU K 164 -10.01 28.04 -25.46
C LEU K 164 -9.55 29.51 -25.49
N LEU K 165 -9.03 30.01 -24.36
CA LEU K 165 -8.60 31.38 -24.23
C LEU K 165 -7.51 31.72 -25.26
N VAL K 166 -6.56 30.80 -25.45
CA VAL K 166 -5.43 31.02 -26.34
C VAL K 166 -5.97 31.09 -27.78
N GLY K 167 -6.90 30.19 -28.10
CA GLY K 167 -7.56 30.17 -29.39
C GLY K 167 -8.34 31.45 -29.67
N ILE K 168 -9.13 31.90 -28.71
CA ILE K 168 -9.92 33.11 -28.85
C ILE K 168 -9.02 34.34 -29.10
N LEU K 169 -7.89 34.40 -28.40
CA LEU K 169 -7.10 35.60 -28.41
C LEU K 169 -6.22 35.54 -29.65
N ALA K 170 -5.80 34.33 -30.04
CA ALA K 170 -5.07 34.14 -31.26
C ALA K 170 -5.92 34.50 -32.49
N ALA K 171 -7.22 34.21 -32.43
CA ALA K 171 -8.10 34.46 -33.56
C ALA K 171 -8.42 35.94 -33.62
N LEU K 172 -8.51 36.62 -32.46
CA LEU K 172 -8.64 38.07 -32.44
C LEU K 172 -7.43 38.77 -33.08
N TRP K 173 -6.26 38.13 -33.05
CA TRP K 173 -5.07 38.69 -33.67
C TRP K 173 -5.17 38.52 -35.18
N GLU K 174 -5.56 37.31 -35.60
CA GLU K 174 -5.63 36.97 -37.01
C GLU K 174 -6.63 37.89 -37.71
N ARG K 175 -7.67 38.26 -36.94
CA ARG K 175 -8.77 39.10 -37.35
C ARG K 175 -8.32 40.53 -37.72
N GLN K 176 -7.35 41.11 -37.00
CA GLN K 176 -6.92 42.47 -37.27
C GLN K 176 -6.38 42.54 -38.70
N SER K 177 -5.79 41.44 -39.19
CA SER K 177 -5.25 41.32 -40.53
C SER K 177 -6.29 40.92 -41.59
N SER K 178 -7.33 40.14 -41.22
CA SER K 178 -8.20 39.49 -42.20
C SER K 178 -9.57 40.16 -42.31
N GLY K 179 -9.95 40.92 -41.27
CA GLY K 179 -11.28 41.48 -41.14
C GLY K 179 -12.36 40.47 -40.73
N LYS K 180 -12.03 39.16 -40.59
CA LYS K 180 -13.02 38.10 -40.44
C LYS K 180 -12.76 37.24 -39.20
N GLY K 181 -13.86 36.87 -38.50
CA GLY K 181 -13.85 35.85 -37.45
C GLY K 181 -13.64 34.43 -37.99
N GLN K 182 -13.93 33.44 -37.11
CA GLN K 182 -13.74 32.02 -37.41
C GLN K 182 -14.04 31.17 -36.15
N VAL K 183 -13.91 29.85 -36.31
CA VAL K 183 -14.38 28.91 -35.28
C VAL K 183 -13.16 28.37 -34.54
N VAL K 184 -13.19 28.50 -33.21
CA VAL K 184 -12.18 27.85 -32.40
C VAL K 184 -12.74 26.54 -31.81
N ASP K 185 -12.06 25.44 -32.14
CA ASP K 185 -12.36 24.10 -31.68
C ASP K 185 -11.32 23.65 -30.63
N ALA K 186 -11.66 23.92 -29.36
CA ALA K 186 -10.89 23.52 -28.18
C ALA K 186 -11.44 22.22 -27.56
N ALA K 187 -10.71 21.13 -27.76
CA ALA K 187 -11.01 19.84 -27.16
C ALA K 187 -10.01 19.51 -26.05
N MET K 188 -10.55 19.22 -24.85
CA MET K 188 -9.77 18.97 -23.64
C MET K 188 -8.79 17.83 -23.89
N VAL K 189 -9.16 16.87 -24.73
CA VAL K 189 -8.26 15.77 -25.02
C VAL K 189 -7.05 16.24 -25.85
N ASP K 190 -7.22 17.33 -26.61
CA ASP K 190 -6.12 17.92 -27.37
C ASP K 190 -5.29 18.86 -26.47
N GLY K 191 -5.94 19.83 -25.86
CA GLY K 191 -5.30 20.82 -25.00
C GLY K 191 -4.41 20.12 -23.98
N SER K 192 -4.96 19.08 -23.33
CA SER K 192 -4.25 18.44 -22.23
C SER K 192 -3.04 17.69 -22.78
N SER K 193 -3.17 17.15 -23.98
CA SER K 193 -2.03 16.50 -24.63
C SER K 193 -0.89 17.50 -24.91
N VAL K 194 -1.22 18.73 -25.34
CA VAL K 194 -0.18 19.74 -25.56
C VAL K 194 0.40 20.17 -24.21
N LEU K 195 -0.45 20.23 -23.19
CA LEU K 195 -0.06 20.62 -21.84
C LEU K 195 1.04 19.69 -21.36
N ILE K 196 1.02 18.41 -21.77
CA ILE K 196 1.95 17.38 -21.30
C ILE K 196 2.97 17.08 -22.38
N GLN K 197 3.22 18.05 -23.28
CA GLN K 197 4.15 17.80 -24.37
C GLN K 197 5.54 17.41 -23.84
N MET K 198 5.95 17.94 -22.69
CA MET K 198 7.29 17.64 -22.14
C MET K 198 7.43 16.13 -21.92
N MET K 199 6.35 15.48 -21.47
CA MET K 199 6.45 14.05 -21.20
C MET K 199 6.59 13.28 -22.50
N TRP K 200 5.86 13.71 -23.54
CA TRP K 200 6.01 13.06 -24.85
C TRP K 200 7.41 13.31 -25.41
N ALA K 201 8.00 14.47 -25.12
CA ALA K 201 9.38 14.76 -25.51
C ALA K 201 10.35 13.81 -24.81
N MET K 202 10.17 13.67 -23.49
CA MET K 202 11.06 12.84 -22.71
C MET K 202 10.88 11.35 -23.03
N ARG K 203 9.64 10.89 -23.29
CA ARG K 203 9.44 9.51 -23.73
C ARG K 203 10.31 9.19 -24.93
N ALA K 204 10.38 10.14 -25.88
CA ALA K 204 11.05 9.93 -27.16
C ALA K 204 12.55 9.68 -26.97
N THR K 205 13.14 10.30 -25.95
CA THR K 205 14.58 10.25 -25.71
C THR K 205 14.91 9.31 -24.56
N GLY K 206 14.00 8.41 -24.19
CA GLY K 206 14.26 7.44 -23.13
C GLY K 206 14.29 8.04 -21.72
N MET K 207 13.81 9.28 -21.54
CA MET K 207 13.94 9.98 -20.28
C MET K 207 12.60 10.01 -19.52
N TRP K 208 11.64 9.22 -19.99
CA TRP K 208 10.38 9.08 -19.29
C TRP K 208 9.78 7.73 -19.63
N THR K 209 9.30 6.99 -18.63
CA THR K 209 8.74 5.68 -18.88
C THR K 209 7.30 5.61 -18.37
N ASP K 210 6.59 4.59 -18.86
CA ASP K 210 5.16 4.45 -18.64
C ASP K 210 4.88 3.93 -17.23
N THR K 211 5.91 3.50 -16.51
CA THR K 211 5.74 3.01 -15.14
C THR K 211 5.43 4.16 -14.19
N ARG K 212 4.27 4.11 -13.54
CA ARG K 212 3.83 5.16 -12.66
C ARG K 212 4.72 5.21 -11.43
N GLY K 213 5.09 6.41 -10.99
CA GLY K 213 5.86 6.57 -9.76
C GLY K 213 7.34 6.24 -9.91
N ALA K 214 7.87 6.30 -11.12
CA ALA K 214 9.26 5.94 -11.34
C ALA K 214 9.94 6.97 -12.23
N ASN K 215 9.55 8.24 -12.17
CA ASN K 215 10.17 9.22 -13.03
C ASN K 215 10.65 10.39 -12.20
N MET K 216 11.30 11.33 -12.86
CA MET K 216 11.91 12.45 -12.18
C MET K 216 10.85 13.38 -11.58
N LEU K 217 9.67 13.48 -12.24
CA LEU K 217 8.67 14.48 -11.90
C LEU K 217 7.32 13.93 -11.42
N ASP K 218 7.18 12.61 -11.22
CA ASP K 218 5.92 12.00 -10.80
C ASP K 218 5.90 11.62 -9.32
N GLY K 219 6.98 11.97 -8.60
CA GLY K 219 7.16 11.53 -7.22
C GLY K 219 8.16 10.39 -7.02
N GLY K 220 8.58 9.74 -8.10
CA GLY K 220 9.58 8.70 -8.01
C GLY K 220 10.96 9.19 -7.51
N ALA K 221 11.34 10.43 -7.87
CA ALA K 221 12.63 10.95 -7.46
C ALA K 221 12.57 11.45 -6.02
N PRO K 222 13.51 11.04 -5.15
CA PRO K 222 13.51 11.47 -3.77
C PRO K 222 13.72 12.96 -3.58
N TYR K 223 14.32 13.60 -4.60
CA TYR K 223 14.50 15.05 -4.56
C TYR K 223 13.36 15.83 -5.24
N TYR K 224 12.30 15.15 -5.69
CA TYR K 224 11.13 15.81 -6.25
C TYR K 224 9.87 15.10 -5.75
N ASP K 225 9.44 15.48 -4.56
CA ASP K 225 8.43 14.73 -3.82
C ASP K 225 8.14 15.47 -2.52
N THR K 226 7.08 15.05 -1.82
CA THR K 226 6.75 15.60 -0.54
C THR K 226 7.26 14.66 0.55
N TYR K 227 7.44 15.23 1.73
CA TYR K 227 7.94 14.51 2.89
C TYR K 227 7.14 14.92 4.11
N GLU K 228 6.85 13.96 4.97
CA GLU K 228 6.12 14.24 6.19
C GLU K 228 7.12 14.72 7.26
N CYS K 229 6.71 15.72 8.03
CA CYS K 229 7.54 16.29 9.09
C CYS K 229 7.09 15.74 10.44
N ALA K 230 7.80 16.18 11.50
CA ALA K 230 7.56 15.70 12.87
C ALA K 230 6.12 15.97 13.31
N ASP K 231 5.50 17.02 12.77
CA ASP K 231 4.18 17.45 13.19
C ASP K 231 3.07 16.80 12.34
N GLY K 232 3.39 15.85 11.46
CA GLY K 232 2.40 15.30 10.55
C GLY K 232 2.01 16.27 9.42
N ARG K 233 2.66 17.44 9.30
CA ARG K 233 2.51 18.29 8.11
C ARG K 233 3.63 17.99 7.10
N TYR K 234 3.62 18.68 5.95
CA TYR K 234 4.45 18.25 4.83
C TYR K 234 5.28 19.41 4.30
N VAL K 235 6.44 19.04 3.77
CA VAL K 235 7.19 19.91 2.88
C VAL K 235 7.27 19.27 1.50
N ALA K 236 7.58 20.12 0.54
CA ALA K 236 7.86 19.75 -0.83
C ALA K 236 9.31 20.09 -1.13
N VAL K 237 9.95 19.13 -1.81
CA VAL K 237 11.31 19.19 -2.22
C VAL K 237 11.30 19.11 -3.73
N GLY K 238 11.92 20.12 -4.37
CA GLY K 238 12.00 20.19 -5.82
C GLY K 238 13.40 20.44 -6.33
N ALA K 239 14.41 19.83 -5.67
CA ALA K 239 15.80 20.21 -5.91
C ALA K 239 16.40 19.38 -7.03
N ILE K 240 16.08 19.76 -8.26
CA ILE K 240 16.48 18.99 -9.43
C ILE K 240 17.96 19.26 -9.75
N GLU K 241 18.32 20.54 -9.83
CA GLU K 241 19.67 20.93 -10.21
C GLU K 241 20.66 20.46 -9.13
N PRO K 242 21.84 19.97 -9.52
CA PRO K 242 22.80 19.48 -8.51
C PRO K 242 23.13 20.45 -7.37
N GLN K 243 23.28 21.77 -7.66
CA GLN K 243 23.72 22.69 -6.63
C GLN K 243 22.63 22.86 -5.58
N PHE K 244 21.40 22.91 -6.06
CA PHE K 244 20.24 23.10 -5.19
C PHE K 244 20.09 21.86 -4.32
N TYR K 245 20.29 20.71 -4.94
CA TYR K 245 20.18 19.43 -4.22
C TYR K 245 21.23 19.39 -3.12
N ALA K 246 22.46 19.83 -3.44
CA ALA K 246 23.54 19.88 -2.46
C ALA K 246 23.22 20.79 -1.28
N ALA K 247 22.65 21.97 -1.58
CA ALA K 247 22.23 22.90 -0.53
C ALA K 247 21.19 22.26 0.37
N MET K 248 20.29 21.47 -0.22
CA MET K 248 19.21 20.85 0.56
C MET K 248 19.81 19.82 1.54
N LEU K 249 20.68 18.93 1.05
CA LEU K 249 21.33 17.95 1.91
C LEU K 249 22.02 18.63 3.10
N ALA K 250 22.80 19.69 2.88
CA ALA K 250 23.54 20.30 3.98
C ALA K 250 22.57 20.89 4.98
N GLY K 251 21.44 21.43 4.49
CA GLY K 251 20.47 21.99 5.39
C GLY K 251 19.80 20.94 6.27
N LEU K 252 19.74 19.69 5.80
CA LEU K 252 19.24 18.58 6.58
C LEU K 252 20.34 18.01 7.49
N GLY K 253 21.56 18.50 7.36
CA GLY K 253 22.62 17.97 8.21
C GLY K 253 23.20 16.66 7.65
N LEU K 254 23.03 16.41 6.34
CA LEU K 254 23.46 15.17 5.73
C LEU K 254 24.71 15.46 4.91
N ASP K 255 25.69 14.56 5.04
CA ASP K 255 26.95 14.69 4.33
C ASP K 255 26.81 13.92 3.02
N ALA K 256 26.82 14.66 1.92
CA ALA K 256 26.68 14.05 0.62
C ALA K 256 27.68 12.92 0.41
N ALA K 257 28.84 12.97 1.09
CA ALA K 257 29.87 11.95 0.91
C ALA K 257 29.36 10.58 1.36
N GLU K 258 28.38 10.55 2.27
CA GLU K 258 27.87 9.32 2.85
C GLU K 258 26.58 8.84 2.17
N LEU K 259 26.17 9.48 1.06
CA LEU K 259 24.90 9.17 0.42
C LEU K 259 25.20 8.63 -0.96
N PRO K 260 24.25 7.84 -1.50
CA PRO K 260 24.33 7.46 -2.90
C PRO K 260 24.21 8.69 -3.79
N PRO K 261 24.65 8.60 -5.06
CA PRO K 261 24.45 9.67 -6.04
C PRO K 261 22.98 10.04 -6.22
N GLN K 262 22.75 11.34 -6.46
CA GLN K 262 21.42 11.93 -6.63
C GLN K 262 20.58 11.16 -7.62
N ASN K 263 21.18 10.77 -8.77
CA ASN K 263 20.44 10.18 -9.88
C ASN K 263 20.86 8.74 -10.14
N ASP K 264 21.38 8.04 -9.13
CA ASP K 264 21.49 6.60 -9.19
C ASP K 264 20.15 5.98 -8.78
N ARG K 265 19.33 5.66 -9.77
CA ARG K 265 17.95 5.28 -9.53
C ARG K 265 17.88 3.95 -8.78
N ALA K 266 18.83 3.05 -8.99
CA ALA K 266 18.85 1.80 -8.23
C ALA K 266 18.86 2.09 -6.73
N ARG K 267 19.43 3.22 -6.30
CA ARG K 267 19.58 3.43 -4.88
C ARG K 267 18.67 4.53 -4.38
N TRP K 268 17.64 4.83 -5.19
CA TRP K 268 16.66 5.82 -4.78
C TRP K 268 15.94 5.44 -3.50
N PRO K 269 15.44 4.19 -3.32
CA PRO K 269 14.80 3.82 -2.06
C PRO K 269 15.68 4.15 -0.84
N GLU K 270 16.95 3.81 -0.92
CA GLU K 270 17.91 4.07 0.15
C GLU K 270 18.04 5.58 0.40
N LEU K 271 18.11 6.37 -0.66
CA LEU K 271 18.21 7.82 -0.52
C LEU K 271 16.93 8.40 0.09
N ARG K 272 15.77 7.96 -0.40
CA ARG K 272 14.50 8.43 0.12
C ARG K 272 14.41 8.14 1.63
N ALA K 273 14.91 6.97 2.05
CA ALA K 273 14.82 6.57 3.44
C ALA K 273 15.59 7.55 4.31
N LEU K 274 16.79 7.95 3.87
CA LEU K 274 17.60 8.91 4.60
C LEU K 274 16.97 10.29 4.68
N LEU K 275 16.40 10.77 3.56
CA LEU K 275 15.69 12.04 3.53
C LEU K 275 14.43 11.96 4.40
N THR K 276 13.73 10.83 4.36
CA THR K 276 12.54 10.65 5.17
C THR K 276 12.84 10.81 6.65
N GLU K 277 13.92 10.16 7.10
CA GLU K 277 14.29 10.26 8.50
C GLU K 277 14.66 11.69 8.87
N ALA K 278 15.36 12.41 8.00
CA ALA K 278 15.79 13.75 8.34
C ALA K 278 14.60 14.73 8.43
N PHE K 279 13.74 14.73 7.40
CA PHE K 279 12.57 15.60 7.42
C PHE K 279 11.66 15.30 8.60
N ALA K 280 11.55 14.01 8.97
CA ALA K 280 10.65 13.63 10.05
C ALA K 280 11.19 14.10 11.41
N SER K 281 12.43 14.58 11.50
CA SER K 281 13.00 14.92 12.80
C SER K 281 12.58 16.33 13.28
N HIS K 282 11.94 17.13 12.42
CA HIS K 282 11.53 18.47 12.81
C HIS K 282 10.21 18.78 12.11
N ASP K 283 9.55 19.83 12.57
CA ASP K 283 8.22 20.18 12.08
C ASP K 283 8.34 21.07 10.85
N ARG K 284 7.21 21.18 10.13
CA ARG K 284 7.17 21.86 8.85
C ARG K 284 7.73 23.28 9.02
N ASP K 285 7.32 23.99 10.06
CA ASP K 285 7.72 25.38 10.15
C ASP K 285 9.21 25.51 10.48
N HIS K 286 9.82 24.51 11.14
CA HIS K 286 11.26 24.48 11.28
C HIS K 286 11.91 24.48 9.90
N TRP K 287 11.47 23.59 9.01
CA TRP K 287 12.10 23.50 7.70
C TRP K 287 11.84 24.77 6.91
N GLY K 288 10.68 25.43 7.12
CA GLY K 288 10.42 26.68 6.39
C GLY K 288 11.47 27.72 6.76
N ALA K 289 11.79 27.80 8.05
CA ALA K 289 12.75 28.77 8.55
C ALA K 289 14.19 28.44 8.09
N VAL K 290 14.58 27.17 8.20
CA VAL K 290 15.90 26.71 7.81
C VAL K 290 16.18 26.99 6.33
N PHE K 291 15.16 26.88 5.48
CA PHE K 291 15.44 27.01 4.07
C PHE K 291 14.97 28.34 3.50
N ALA K 292 14.49 29.26 4.36
CA ALA K 292 14.18 30.60 3.91
C ALA K 292 15.42 31.23 3.28
N ASN K 293 15.22 31.90 2.13
CA ASN K 293 16.24 32.57 1.36
C ASN K 293 17.22 31.60 0.74
N SER K 294 16.94 30.29 0.74
CA SER K 294 17.88 29.37 0.11
C SER K 294 17.38 28.92 -1.23
N ASP K 295 18.31 28.32 -1.96
CA ASP K 295 18.03 27.67 -3.23
C ASP K 295 17.84 26.15 -3.08
N ALA K 296 17.55 25.68 -1.87
CA ALA K 296 17.35 24.25 -1.64
C ALA K 296 16.02 23.69 -2.21
N CYS K 297 15.11 24.56 -2.67
CA CYS K 297 13.84 24.14 -3.28
C CYS K 297 13.04 23.31 -2.28
N VAL K 298 12.96 23.80 -1.05
CA VAL K 298 12.13 23.20 -0.03
C VAL K 298 11.08 24.23 0.37
N THR K 299 9.78 23.86 0.37
CA THR K 299 8.70 24.77 0.72
C THR K 299 7.69 24.03 1.60
N PRO K 300 7.00 24.75 2.49
CA PRO K 300 5.93 24.16 3.26
C PRO K 300 4.73 23.94 2.37
N VAL K 301 4.10 22.80 2.57
CA VAL K 301 2.90 22.45 1.83
C VAL K 301 1.72 22.99 2.61
N LEU K 302 1.16 24.09 2.15
CA LEU K 302 0.10 24.74 2.90
C LEU K 302 -1.28 24.25 2.43
N ALA K 303 -2.15 24.00 3.39
CA ALA K 303 -3.55 23.79 3.10
C ALA K 303 -4.22 25.13 2.77
N PHE K 304 -5.30 25.09 1.98
CA PHE K 304 -6.03 26.29 1.59
C PHE K 304 -6.23 27.27 2.76
N GLY K 305 -6.72 26.77 3.90
CA GLY K 305 -7.04 27.61 5.05
C GLY K 305 -5.83 28.32 5.66
N GLU K 306 -4.61 27.87 5.34
CA GLU K 306 -3.39 28.48 5.85
C GLU K 306 -2.79 29.51 4.91
N VAL K 307 -3.19 29.48 3.62
CA VAL K 307 -2.54 30.26 2.58
C VAL K 307 -2.57 31.76 2.91
N HIS K 308 -3.65 32.22 3.57
CA HIS K 308 -3.89 33.62 3.87
C HIS K 308 -2.87 34.15 4.89
N ASN K 309 -2.18 33.26 5.62
CA ASN K 309 -1.18 33.66 6.60
C ASN K 309 0.24 33.63 6.06
N GLU K 310 0.46 33.33 4.78
CA GLU K 310 1.82 33.22 4.28
C GLU K 310 2.26 34.57 3.74
N PRO K 311 3.37 35.13 4.23
CA PRO K 311 3.84 36.44 3.78
C PRO K 311 3.95 36.64 2.29
N HIS K 312 4.58 35.68 1.59
CA HIS K 312 4.73 35.83 0.16
C HIS K 312 3.35 35.97 -0.51
N ILE K 313 2.31 35.32 0.03
CA ILE K 313 0.99 35.41 -0.57
C ILE K 313 0.37 36.78 -0.23
N ILE K 314 0.46 37.17 1.04
CA ILE K 314 -0.14 38.41 1.51
C ILE K 314 0.43 39.58 0.72
N GLU K 315 1.76 39.64 0.64
CA GLU K 315 2.43 40.84 0.19
C GLU K 315 2.36 41.02 -1.31
N ARG K 316 2.03 39.96 -2.06
CA ARG K 316 1.80 40.17 -3.49
C ARG K 316 0.31 40.28 -3.81
N ASN K 317 -0.57 40.17 -2.82
CA ASN K 317 -1.99 40.33 -3.09
C ASN K 317 -2.44 39.33 -4.16
N THR K 318 -1.98 38.08 -4.04
CA THR K 318 -2.46 37.01 -4.90
C THR K 318 -3.97 36.80 -4.66
N PHE K 319 -4.48 37.04 -3.44
CA PHE K 319 -5.90 36.88 -3.12
C PHE K 319 -6.56 38.16 -2.63
N TYR K 320 -7.90 38.23 -2.77
CA TYR K 320 -8.75 39.24 -2.12
C TYR K 320 -9.87 38.55 -1.36
N GLU K 321 -10.43 39.18 -0.34
CA GLU K 321 -11.59 38.65 0.38
C GLU K 321 -12.89 38.92 -0.38
N ALA K 322 -13.76 37.91 -0.46
CA ALA K 322 -15.06 38.00 -1.11
C ALA K 322 -16.08 37.18 -0.33
N ASN K 323 -17.00 37.86 0.37
CA ASN K 323 -18.17 37.20 0.93
C ASN K 323 -17.78 35.89 1.59
N GLY K 324 -17.26 35.96 2.82
CA GLY K 324 -16.86 34.79 3.59
C GLY K 324 -15.98 33.84 2.78
N GLY K 325 -14.84 34.34 2.29
CA GLY K 325 -13.86 33.50 1.61
C GLY K 325 -12.93 34.28 0.69
N TRP K 326 -11.65 33.90 0.73
CA TRP K 326 -10.62 34.41 -0.17
C TRP K 326 -10.82 33.84 -1.56
N GLN K 327 -10.41 34.64 -2.54
CA GLN K 327 -10.50 34.27 -3.93
C GLN K 327 -9.26 34.81 -4.63
N PRO K 328 -8.79 34.18 -5.71
CA PRO K 328 -7.59 34.64 -6.40
C PRO K 328 -7.87 35.86 -7.27
N MET K 329 -6.96 36.83 -7.19
CA MET K 329 -6.97 38.00 -8.06
C MET K 329 -6.65 37.56 -9.45
N PRO K 330 -7.04 38.33 -10.48
CA PRO K 330 -6.76 37.98 -11.85
C PRO K 330 -5.29 37.71 -12.12
N ALA K 331 -5.04 36.85 -13.10
CA ALA K 331 -3.70 36.56 -13.55
C ALA K 331 -3.77 36.46 -15.06
N PRO K 332 -2.66 36.73 -15.79
CA PRO K 332 -1.45 37.29 -15.18
C PRO K 332 -1.63 38.79 -14.90
N ARG K 333 -0.54 39.50 -14.55
CA ARG K 333 -0.59 40.93 -14.26
C ARG K 333 0.02 41.76 -15.37
N PHE K 334 -0.45 43.01 -15.45
CA PHE K 334 -0.12 43.91 -16.57
C PHE K 334 0.37 45.25 -16.00
N SER K 335 1.45 45.80 -16.57
CA SER K 335 2.07 47.00 -16.00
C SER K 335 1.22 48.25 -16.30
N ARG K 336 0.67 48.37 -17.51
CA ARG K 336 0.00 49.61 -17.90
C ARG K 336 -1.51 49.48 -17.72
N THR K 337 -2.11 48.45 -18.35
CA THR K 337 -3.55 48.24 -18.21
C THR K 337 -3.86 47.13 -17.20
N ALA K 338 -3.80 47.47 -15.92
CA ALA K 338 -3.90 46.55 -14.80
C ALA K 338 -5.37 46.18 -14.58
N SER K 339 -5.59 44.90 -14.25
CA SER K 339 -6.94 44.41 -13.99
C SER K 339 -7.40 45.02 -12.68
N SER K 340 -8.70 45.09 -12.43
CA SER K 340 -9.11 45.45 -11.07
C SER K 340 -9.64 44.23 -10.32
N GLN K 341 -9.92 44.45 -9.02
CA GLN K 341 -10.60 43.49 -8.17
C GLN K 341 -11.91 43.03 -8.82
N PRO K 342 -12.15 41.72 -9.04
CA PRO K 342 -13.37 41.26 -9.69
C PRO K 342 -14.66 41.77 -9.05
N ARG K 343 -15.68 41.92 -9.91
CA ARG K 343 -17.02 42.26 -9.43
C ARG K 343 -17.76 40.98 -9.03
N PRO K 344 -18.37 40.92 -7.82
CA PRO K 344 -19.07 39.73 -7.38
C PRO K 344 -20.21 39.48 -8.36
N PRO K 345 -20.63 38.20 -8.57
CA PRO K 345 -21.72 37.91 -9.51
C PRO K 345 -22.93 38.83 -9.32
N ALA K 346 -23.47 39.36 -10.43
CA ALA K 346 -24.49 40.39 -10.33
C ALA K 346 -25.88 39.75 -10.37
N ALA K 347 -26.87 40.43 -9.77
CA ALA K 347 -28.27 40.06 -9.93
C ALA K 347 -28.64 39.98 -11.42
N THR K 348 -29.61 39.12 -11.77
CA THR K 348 -30.03 38.95 -13.15
C THR K 348 -30.36 40.33 -13.75
N ILE K 349 -29.95 40.53 -15.01
CA ILE K 349 -30.21 41.75 -15.75
C ILE K 349 -31.22 41.40 -16.86
N ASP K 350 -31.93 42.43 -17.34
CA ASP K 350 -32.78 42.29 -18.52
C ASP K 350 -31.94 42.43 -19.79
N ILE K 351 -32.21 41.55 -20.74
CA ILE K 351 -31.41 41.48 -21.93
C ILE K 351 -31.59 42.72 -22.81
N GLU K 352 -32.79 43.32 -22.75
CA GLU K 352 -33.05 44.54 -23.48
C GLU K 352 -32.14 45.65 -22.96
N ALA K 353 -31.98 45.74 -21.64
CA ALA K 353 -31.09 46.73 -21.01
C ALA K 353 -29.67 46.62 -21.58
N VAL K 354 -29.22 45.38 -21.88
CA VAL K 354 -27.88 45.12 -22.41
C VAL K 354 -27.78 45.64 -23.83
N LEU K 355 -28.76 45.34 -24.69
CA LEU K 355 -28.75 45.74 -26.10
C LEU K 355 -28.80 47.27 -26.25
N THR K 356 -29.53 47.94 -25.35
CA THR K 356 -29.46 49.38 -25.22
C THR K 356 -27.98 49.73 -25.08
N ASP K 357 -27.43 49.38 -23.91
CA ASP K 357 -26.07 49.73 -23.50
C ASP K 357 -25.06 49.35 -24.59
N TRP K 358 -25.27 48.26 -25.34
CA TRP K 358 -24.42 47.93 -26.47
C TRP K 358 -24.92 48.63 -27.74
N ASP K 359 -24.53 49.92 -27.89
CA ASP K 359 -24.69 50.69 -29.12
C ASP K 359 -26.17 50.78 -29.53
N GLY K 360 -26.73 49.65 -29.97
CA GLY K 360 -28.14 49.55 -30.38
C GLY K 360 -28.30 49.53 -31.89
N MET L 1 3.74 31.08 -43.22
CA MET L 1 3.65 30.27 -41.96
C MET L 1 2.18 30.09 -41.58
N ALA L 2 1.75 28.81 -41.48
CA ALA L 2 0.33 28.46 -41.25
C ALA L 2 -0.08 28.74 -39.81
N GLY L 3 -1.31 29.25 -39.65
CA GLY L 3 -1.96 29.33 -38.36
C GLY L 3 -2.33 30.76 -38.07
N PRO L 4 -3.11 31.00 -37.02
CA PRO L 4 -3.66 32.34 -36.75
C PRO L 4 -2.66 33.39 -36.28
N LEU L 5 -1.51 32.94 -35.81
CA LEU L 5 -0.51 33.86 -35.31
C LEU L 5 0.51 34.20 -36.40
N SER L 6 0.29 33.71 -37.64
CA SER L 6 1.18 34.06 -38.73
C SER L 6 1.57 35.54 -38.69
N GLY L 7 2.86 35.81 -38.86
CA GLY L 7 3.36 37.18 -38.83
C GLY L 7 3.71 37.72 -37.43
N LEU L 8 3.33 37.05 -36.35
CA LEU L 8 3.74 37.50 -35.03
C LEU L 8 5.22 37.13 -34.86
N ARG L 9 6.02 38.09 -34.35
CA ARG L 9 7.44 37.89 -34.13
C ARG L 9 7.77 37.84 -32.64
N VAL L 10 8.49 36.76 -32.26
CA VAL L 10 8.75 36.47 -30.85
C VAL L 10 10.23 36.19 -30.64
N VAL L 11 10.75 36.84 -29.61
CA VAL L 11 12.10 36.57 -29.11
C VAL L 11 12.00 35.88 -27.76
N GLU L 12 12.63 34.72 -27.69
CA GLU L 12 12.56 33.88 -26.49
C GLU L 12 13.98 33.78 -25.91
N LEU L 13 14.19 34.34 -24.72
CA LEU L 13 15.43 34.12 -24.00
C LEU L 13 15.40 32.75 -23.31
N ALA L 14 16.23 31.84 -23.80
CA ALA L 14 16.17 30.43 -23.43
C ALA L 14 16.22 30.23 -21.91
N GLY L 15 15.16 29.55 -21.42
CA GLY L 15 15.04 29.12 -20.04
C GLY L 15 14.58 27.66 -19.96
N ILE L 16 13.89 27.35 -18.86
CA ILE L 16 13.37 26.00 -18.70
C ILE L 16 11.91 26.08 -18.25
N GLY L 17 11.15 25.05 -18.63
CA GLY L 17 9.82 24.87 -18.11
C GLY L 17 8.79 25.74 -18.83
N PRO L 18 8.11 26.68 -18.15
CA PRO L 18 7.00 27.39 -18.76
C PRO L 18 7.34 28.26 -19.96
N GLY L 19 8.48 28.98 -19.89
CA GLY L 19 8.88 29.87 -20.98
C GLY L 19 8.98 29.13 -22.31
N PRO L 20 9.73 28.02 -22.38
CA PRO L 20 9.81 27.26 -23.63
C PRO L 20 8.48 26.70 -24.10
N HIS L 21 7.56 26.43 -23.17
CA HIS L 21 6.29 25.81 -23.52
C HIS L 21 5.41 26.87 -24.15
N ALA L 22 5.35 28.06 -23.53
CA ALA L 22 4.69 29.21 -24.12
C ALA L 22 5.26 29.48 -25.51
N ALA L 23 6.59 29.56 -25.64
CA ALA L 23 7.15 29.83 -26.95
C ALA L 23 6.74 28.77 -27.96
N MET L 24 6.72 27.50 -27.54
CA MET L 24 6.38 26.40 -28.43
C MET L 24 4.96 26.59 -28.98
N ILE L 25 4.02 26.94 -28.11
CA ILE L 25 2.64 27.08 -28.51
C ILE L 25 2.49 28.28 -29.44
N LEU L 26 3.21 29.37 -29.18
CA LEU L 26 3.14 30.50 -30.09
C LEU L 26 3.57 30.06 -31.47
N GLY L 27 4.68 29.34 -31.57
CA GLY L 27 5.18 28.91 -32.86
C GLY L 27 4.29 27.85 -33.50
N ASP L 28 3.66 27.01 -32.66
CA ASP L 28 2.74 25.99 -33.12
C ASP L 28 1.65 26.65 -33.95
N LEU L 29 1.15 27.79 -33.48
CA LEU L 29 0.02 28.52 -34.03
C LEU L 29 0.37 29.57 -35.09
N GLY L 30 1.60 29.49 -35.64
CA GLY L 30 2.00 30.31 -36.78
C GLY L 30 3.10 31.35 -36.49
N ALA L 31 3.32 31.71 -35.23
CA ALA L 31 4.29 32.75 -34.89
C ALA L 31 5.70 32.36 -35.32
N ASP L 32 6.47 33.44 -35.60
CA ASP L 32 7.89 33.40 -35.93
C ASP L 32 8.69 33.63 -34.64
N VAL L 33 9.25 32.53 -34.12
CA VAL L 33 9.85 32.48 -32.81
C VAL L 33 11.36 32.31 -32.96
N VAL L 34 12.12 33.26 -32.40
CA VAL L 34 13.56 33.13 -32.44
C VAL L 34 14.06 32.99 -31.00
N ARG L 35 14.77 31.90 -30.76
CA ARG L 35 15.19 31.54 -29.42
C ARG L 35 16.67 31.86 -29.27
N ILE L 36 17.00 32.75 -28.34
CA ILE L 36 18.39 33.09 -28.08
C ILE L 36 18.88 32.23 -26.90
N ASP L 37 19.83 31.34 -27.20
CA ASP L 37 20.46 30.52 -26.18
C ASP L 37 21.91 31.00 -25.96
N ARG L 38 22.53 30.43 -24.94
CA ARG L 38 23.93 30.55 -24.59
C ARG L 38 24.77 29.73 -25.57
N PRO L 39 25.90 30.22 -26.12
CA PRO L 39 26.74 29.40 -27.01
C PRO L 39 27.19 28.10 -26.34
N SER L 40 27.55 28.17 -25.04
CA SER L 40 27.94 26.99 -24.27
C SER L 40 26.87 25.89 -24.30
N SER L 41 25.59 26.23 -24.06
CA SER L 41 24.62 25.21 -23.70
C SER L 41 23.95 24.56 -24.92
N VAL L 42 24.19 25.07 -26.13
CA VAL L 42 23.70 24.44 -27.35
C VAL L 42 24.72 23.39 -27.81
N ASP L 43 24.28 22.41 -28.60
CA ASP L 43 25.23 21.45 -29.17
C ASP L 43 24.63 20.78 -30.41
N GLY L 44 24.60 21.51 -31.53
CA GLY L 44 24.01 21.03 -32.78
C GLY L 44 22.49 20.96 -32.72
N ILE L 45 21.94 19.84 -33.22
CA ILE L 45 20.51 19.68 -33.47
C ILE L 45 19.84 19.10 -32.21
N SER L 46 18.98 19.88 -31.53
CA SER L 46 18.43 19.49 -30.23
C SER L 46 17.33 18.43 -30.37
N ARG L 47 17.39 17.39 -29.53
CA ARG L 47 16.38 16.33 -29.53
C ARG L 47 15.26 16.61 -28.51
N ASP L 48 15.12 17.86 -28.05
CA ASP L 48 13.98 18.25 -27.23
C ASP L 48 12.84 18.74 -28.12
N ALA L 49 11.85 17.87 -28.32
CA ALA L 49 10.72 18.17 -29.17
C ALA L 49 9.99 19.40 -28.65
N MET L 50 10.26 19.85 -27.43
CA MET L 50 9.61 21.08 -26.97
C MET L 50 10.16 22.29 -27.75
N LEU L 51 11.30 22.12 -28.44
CA LEU L 51 11.92 23.23 -29.15
C LEU L 51 11.55 23.18 -30.64
N ARG L 52 10.39 22.59 -30.95
CA ARG L 52 9.86 22.60 -32.31
C ARG L 52 9.37 24.01 -32.64
N ASN L 53 9.25 24.30 -33.95
CA ASN L 53 8.68 25.55 -34.45
C ASN L 53 9.50 26.75 -33.98
N ARG L 54 10.83 26.64 -34.09
CA ARG L 54 11.78 27.65 -33.63
C ARG L 54 12.84 27.91 -34.70
N ARG L 55 13.43 29.12 -34.63
CA ARG L 55 14.82 29.28 -35.02
C ARG L 55 15.66 29.56 -33.78
N ILE L 56 16.76 28.83 -33.67
CA ILE L 56 17.71 28.96 -32.57
C ILE L 56 18.93 29.78 -32.99
N VAL L 57 19.27 30.77 -32.17
CA VAL L 57 20.52 31.51 -32.29
C VAL L 57 21.21 31.54 -30.93
N THR L 58 22.53 31.82 -30.94
CA THR L 58 23.36 31.88 -29.74
C THR L 58 23.97 33.29 -29.61
N ALA L 59 24.06 33.76 -28.37
CA ALA L 59 24.61 35.07 -28.04
C ALA L 59 25.06 35.07 -26.59
N ASP L 60 26.27 35.59 -26.36
CA ASP L 60 26.75 35.86 -25.02
C ASP L 60 26.23 37.22 -24.60
N LEU L 61 25.14 37.23 -23.84
CA LEU L 61 24.45 38.47 -23.52
C LEU L 61 25.25 39.30 -22.52
N LYS L 62 26.34 38.75 -21.97
CA LYS L 62 27.25 39.55 -21.17
C LYS L 62 28.34 40.24 -21.99
N SER L 63 28.61 39.76 -23.21
CA SER L 63 29.46 40.48 -24.15
C SER L 63 28.73 41.73 -24.68
N ASP L 64 29.50 42.74 -25.10
CA ASP L 64 28.93 43.92 -25.73
C ASP L 64 28.22 43.56 -27.04
N GLN L 65 28.80 42.65 -27.81
CA GLN L 65 28.28 42.32 -29.12
C GLN L 65 26.97 41.53 -28.99
N GLY L 66 26.98 40.53 -28.09
CA GLY L 66 25.79 39.75 -27.78
C GLY L 66 24.60 40.65 -27.42
N LEU L 67 24.83 41.60 -26.50
CA LEU L 67 23.77 42.47 -26.05
C LEU L 67 23.20 43.30 -27.19
N GLU L 68 24.07 43.85 -28.03
CA GLU L 68 23.63 44.77 -29.08
C GLU L 68 22.83 44.00 -30.13
N LEU L 69 23.28 42.77 -30.52
CA LEU L 69 22.53 41.91 -31.44
C LEU L 69 21.14 41.55 -30.91
N ALA L 70 21.05 41.17 -29.63
CA ALA L 70 19.76 40.83 -29.02
C ALA L 70 18.85 42.06 -29.03
N LEU L 71 19.40 43.26 -28.76
CA LEU L 71 18.58 44.44 -28.71
C LEU L 71 18.08 44.78 -30.11
N LYS L 72 18.84 44.39 -31.14
CA LYS L 72 18.41 44.64 -32.50
C LYS L 72 17.24 43.72 -32.87
N LEU L 73 17.31 42.44 -32.47
CA LEU L 73 16.22 41.50 -32.66
C LEU L 73 14.96 42.00 -31.93
N ILE L 74 15.10 42.33 -30.65
CA ILE L 74 13.99 42.84 -29.85
C ILE L 74 13.32 44.09 -30.46
N ALA L 75 14.09 44.98 -31.07
CA ALA L 75 13.57 46.19 -31.72
C ALA L 75 12.58 45.86 -32.85
N LYS L 76 12.85 44.76 -33.57
CA LYS L 76 12.02 44.28 -34.67
C LYS L 76 10.97 43.23 -34.26
N ALA L 77 10.78 42.92 -32.97
CA ALA L 77 9.88 41.84 -32.55
C ALA L 77 8.59 42.38 -31.96
N ASP L 78 7.57 41.51 -31.84
CA ASP L 78 6.34 41.89 -31.16
C ASP L 78 6.39 41.54 -29.68
N VAL L 79 7.11 40.45 -29.35
CA VAL L 79 7.03 39.85 -28.03
C VAL L 79 8.43 39.40 -27.61
N LEU L 80 8.71 39.65 -26.32
CA LEU L 80 9.88 39.06 -25.68
C LEU L 80 9.42 38.14 -24.54
N ILE L 81 9.95 36.90 -24.51
CA ILE L 81 9.75 35.98 -23.38
C ILE L 81 11.07 35.80 -22.61
N GLU L 82 11.00 36.01 -21.30
CA GLU L 82 12.11 35.65 -20.43
C GLU L 82 11.59 34.98 -19.18
N GLY L 83 12.34 33.97 -18.69
CA GLY L 83 11.98 33.25 -17.49
C GLY L 83 13.14 33.10 -16.49
N TYR L 84 13.99 34.14 -16.36
CA TYR L 84 15.03 34.17 -15.34
C TYR L 84 14.48 34.74 -14.05
N ARG L 85 15.29 34.69 -13.00
CA ARG L 85 14.94 35.32 -11.75
C ARG L 85 14.70 36.81 -12.01
N PRO L 86 13.85 37.47 -11.22
CA PRO L 86 13.69 38.91 -11.35
C PRO L 86 15.06 39.55 -11.11
N GLY L 87 15.34 40.59 -11.91
CA GLY L 87 16.57 41.35 -11.81
C GLY L 87 17.56 40.91 -12.89
N VAL L 88 17.38 39.72 -13.45
CA VAL L 88 18.42 39.21 -14.31
C VAL L 88 18.48 40.01 -15.61
N THR L 89 17.34 40.16 -16.31
CA THR L 89 17.37 40.89 -17.57
C THR L 89 17.80 42.34 -17.31
N GLU L 90 17.38 42.91 -16.18
CA GLU L 90 17.79 44.26 -15.84
C GLU L 90 19.32 44.38 -15.88
N ARG L 91 20.00 43.54 -15.05
CA ARG L 91 21.45 43.47 -14.98
C ARG L 91 22.06 43.33 -16.35
N LEU L 92 21.46 42.50 -17.20
CA LEU L 92 22.04 42.22 -18.51
C LEU L 92 21.87 43.39 -19.50
N GLY L 93 21.04 44.37 -19.18
CA GLY L 93 20.77 45.46 -20.12
C GLY L 93 19.60 45.17 -21.08
N LEU L 94 18.76 44.19 -20.71
CA LEU L 94 17.65 43.72 -21.52
C LEU L 94 16.37 43.82 -20.72
N GLY L 95 16.39 44.62 -19.66
CA GLY L 95 15.25 44.86 -18.82
C GLY L 95 14.10 45.49 -19.60
N PRO L 96 12.90 45.60 -19.02
CA PRO L 96 11.76 46.20 -19.72
C PRO L 96 12.08 47.66 -20.12
N GLU L 97 12.80 48.41 -19.27
CA GLU L 97 13.05 49.82 -19.55
C GLU L 97 14.01 50.02 -20.71
N GLU L 98 15.06 49.22 -20.76
CA GLU L 98 15.98 49.25 -21.87
C GLU L 98 15.29 48.85 -23.17
N CYS L 99 14.41 47.85 -23.12
CA CYS L 99 13.73 47.39 -24.32
C CYS L 99 12.75 48.46 -24.83
N ALA L 100 12.08 49.17 -23.91
CA ALA L 100 11.11 50.18 -24.29
C ALA L 100 11.79 51.33 -25.04
N LYS L 101 13.09 51.55 -24.81
CA LYS L 101 13.79 52.57 -25.55
C LYS L 101 13.94 52.14 -27.00
N VAL L 102 14.04 50.85 -27.31
CA VAL L 102 14.23 50.49 -28.71
C VAL L 102 12.92 50.03 -29.38
N ASN L 103 11.83 49.85 -28.63
CA ASN L 103 10.60 49.31 -29.21
C ASN L 103 9.46 49.45 -28.21
N ASP L 104 8.68 50.54 -28.32
CA ASP L 104 7.64 50.78 -27.35
C ASP L 104 6.37 49.97 -27.70
N ARG L 105 6.42 49.13 -28.73
CA ARG L 105 5.31 48.26 -29.09
C ARG L 105 5.51 46.86 -28.50
N LEU L 106 6.64 46.63 -27.81
CA LEU L 106 7.00 45.30 -27.34
C LEU L 106 6.09 44.85 -26.23
N ILE L 107 5.65 43.57 -26.31
CA ILE L 107 5.07 42.90 -25.16
C ILE L 107 6.21 42.19 -24.41
N TYR L 108 6.46 42.62 -23.19
CA TYR L 108 7.60 42.13 -22.42
C TYR L 108 7.05 41.12 -21.41
N ALA L 109 7.24 39.83 -21.74
CA ALA L 109 6.58 38.72 -21.02
C ALA L 109 7.55 38.04 -20.05
N ARG L 110 7.28 38.24 -18.76
CA ARG L 110 8.07 37.78 -17.64
C ARG L 110 7.43 36.57 -16.93
N MET L 111 8.08 35.40 -17.14
CA MET L 111 7.64 34.11 -16.62
C MET L 111 8.43 33.71 -15.38
N THR L 112 7.80 33.73 -14.21
CA THR L 112 8.47 33.25 -13.02
C THR L 112 7.52 32.38 -12.22
N GLY L 113 8.01 31.92 -11.07
CA GLY L 113 7.21 31.11 -10.18
C GLY L 113 6.59 31.97 -9.10
N TRP L 114 7.46 32.80 -8.49
CA TRP L 114 7.11 33.50 -7.28
C TRP L 114 6.65 34.94 -7.57
N GLY L 115 6.96 35.42 -8.76
CA GLY L 115 6.60 36.77 -9.14
C GLY L 115 7.80 37.72 -9.05
N GLN L 116 7.53 39.01 -9.25
CA GLN L 116 8.62 39.96 -9.50
C GLN L 116 9.14 40.56 -8.19
N THR L 117 8.32 40.47 -7.14
CA THR L 117 8.60 41.06 -5.84
C THR L 117 8.17 40.03 -4.81
N GLY L 118 8.51 40.30 -3.56
CA GLY L 118 8.08 39.50 -2.42
C GLY L 118 9.23 38.71 -1.80
N PRO L 119 9.01 38.18 -0.58
CA PRO L 119 10.08 37.54 0.18
C PRO L 119 10.66 36.28 -0.47
N ARG L 120 9.90 35.57 -1.31
CA ARG L 120 10.44 34.38 -1.95
C ARG L 120 10.90 34.66 -3.38
N SER L 121 10.85 35.92 -3.83
CA SER L 121 11.08 36.24 -5.23
C SER L 121 12.45 35.85 -5.78
N GLN L 122 13.47 35.68 -4.94
CA GLN L 122 14.80 35.30 -5.45
C GLN L 122 15.15 33.83 -5.18
N GLN L 123 14.25 33.08 -4.57
CA GLN L 123 14.52 31.67 -4.24
C GLN L 123 14.27 30.80 -5.48
N ALA L 124 15.24 29.94 -5.79
CA ALA L 124 15.07 28.92 -6.82
C ALA L 124 13.86 28.07 -6.47
N GLY L 125 13.32 27.44 -7.51
CA GLY L 125 12.17 26.59 -7.31
C GLY L 125 11.77 25.86 -8.58
N HIS L 126 10.87 24.89 -8.38
CA HIS L 126 10.23 24.16 -9.47
C HIS L 126 8.73 24.09 -9.20
N ASP L 127 8.00 23.49 -10.14
CA ASP L 127 6.54 23.38 -10.08
C ASP L 127 6.06 23.02 -8.69
N ILE L 128 6.62 21.95 -8.13
CA ILE L 128 6.17 21.40 -6.85
C ILE L 128 6.22 22.47 -5.75
N ASN L 129 7.20 23.38 -5.84
CA ASN L 129 7.35 24.44 -4.85
C ASN L 129 6.24 25.48 -4.98
N TYR L 130 5.98 25.91 -6.22
CA TYR L 130 5.02 26.98 -6.44
C TYR L 130 3.60 26.55 -6.08
N ILE L 131 3.25 25.28 -6.38
CA ILE L 131 1.92 24.75 -6.02
C ILE L 131 1.82 24.30 -4.55
N SER L 132 2.96 24.25 -3.84
CA SER L 132 2.87 23.88 -2.43
C SER L 132 2.37 25.07 -1.61
N LEU L 133 2.60 26.29 -2.06
CA LEU L 133 2.38 27.43 -1.18
C LEU L 133 0.93 27.94 -1.25
N ASN L 134 0.19 27.51 -2.26
CA ASN L 134 -1.10 28.13 -2.51
C ASN L 134 -2.25 27.15 -2.35
N GLY L 135 -1.97 26.00 -1.71
CA GLY L 135 -3.03 25.09 -1.30
C GLY L 135 -3.21 23.92 -2.25
N ILE L 136 -2.66 23.99 -3.48
CA ILE L 136 -2.97 23.05 -4.56
C ILE L 136 -2.40 21.65 -4.26
N LEU L 137 -1.10 21.56 -3.93
CA LEU L 137 -0.45 20.27 -3.73
C LEU L 137 -1.04 19.53 -2.53
N HIS L 138 -1.29 20.26 -1.44
CA HIS L 138 -1.95 19.71 -0.27
C HIS L 138 -3.22 18.95 -0.68
N ALA L 139 -3.86 19.40 -1.78
CA ALA L 139 -5.18 18.92 -2.14
C ALA L 139 -5.13 17.67 -3.00
N ILE L 140 -3.94 17.29 -3.43
CA ILE L 140 -3.83 16.21 -4.39
C ILE L 140 -3.29 14.93 -3.74
N GLY L 141 -4.03 13.82 -3.93
CA GLY L 141 -3.59 12.50 -3.55
C GLY L 141 -4.60 11.82 -2.64
N ARG L 142 -4.31 10.59 -2.22
CA ARG L 142 -5.19 9.90 -1.29
C ARG L 142 -5.06 10.48 0.13
N GLY L 143 -6.14 10.38 0.90
CA GLY L 143 -6.19 10.93 2.25
C GLY L 143 -5.29 10.21 3.25
N ASP L 144 -4.92 8.97 2.99
CA ASP L 144 -4.09 8.21 3.94
C ASP L 144 -2.61 8.35 3.60
N GLU L 145 -2.24 9.18 2.61
CA GLU L 145 -0.87 9.25 2.13
C GLU L 145 -0.41 10.70 2.01
N ARG L 146 0.89 10.93 1.81
CA ARG L 146 1.35 12.29 1.67
C ARG L 146 0.99 12.80 0.27
N PRO L 147 0.92 14.11 0.07
CA PRO L 147 0.48 14.66 -1.22
C PRO L 147 1.36 14.16 -2.35
N VAL L 148 0.78 14.04 -3.55
CA VAL L 148 1.54 13.55 -4.68
C VAL L 148 1.53 14.61 -5.77
N PRO L 149 2.69 14.89 -6.38
CA PRO L 149 2.74 15.91 -7.40
C PRO L 149 2.03 15.43 -8.65
N PRO L 150 1.17 16.29 -9.22
CA PRO L 150 0.49 16.03 -10.49
C PRO L 150 1.42 16.33 -11.67
N LEU L 151 2.50 15.56 -11.73
CA LEU L 151 3.64 15.89 -12.58
C LEU L 151 3.93 17.38 -12.40
N ASN L 152 4.44 18.03 -13.45
CA ASN L 152 4.60 19.48 -13.47
C ASN L 152 3.53 20.13 -14.34
N LEU L 153 2.29 19.63 -14.27
CA LEU L 153 1.25 20.06 -15.18
C LEU L 153 0.56 21.32 -14.70
N VAL L 154 0.49 21.50 -13.39
CA VAL L 154 -0.39 22.51 -12.82
C VAL L 154 0.34 23.84 -12.61
N GLY L 155 1.62 23.79 -12.18
CA GLY L 155 2.38 25.03 -11.95
C GLY L 155 3.09 25.52 -13.20
N ASP L 156 3.92 24.66 -13.81
CA ASP L 156 4.62 25.05 -15.02
C ASP L 156 3.67 25.40 -16.17
N PHE L 157 2.68 24.54 -16.45
CA PHE L 157 2.05 24.59 -17.77
C PHE L 157 0.67 25.22 -17.60
N GLY L 158 -0.25 24.51 -16.91
CA GLY L 158 -1.57 25.03 -16.75
C GLY L 158 -1.60 26.40 -16.08
N GLY L 159 -0.84 26.55 -14.99
CA GLY L 159 -0.87 27.79 -14.22
C GLY L 159 0.29 28.73 -14.58
N GLY L 160 1.09 28.36 -15.57
CA GLY L 160 2.37 29.01 -15.85
C GLY L 160 2.42 29.53 -17.28
N SER L 161 2.89 28.67 -18.19
CA SER L 161 2.95 28.97 -19.61
C SER L 161 1.59 29.48 -20.10
N MET L 162 0.48 28.92 -19.60
CA MET L 162 -0.79 29.16 -20.27
C MET L 162 -1.27 30.57 -19.94
N PHE L 163 -0.95 30.99 -18.72
CA PHE L 163 -1.24 32.34 -18.30
C PHE L 163 -0.31 33.35 -18.99
N LEU L 164 0.96 33.02 -19.19
CA LEU L 164 1.85 33.84 -19.99
C LEU L 164 1.24 34.07 -21.37
N LEU L 165 0.74 32.98 -21.99
CA LEU L 165 0.14 33.05 -23.32
C LEU L 165 -1.07 33.97 -23.34
N VAL L 166 -1.99 33.80 -22.39
CA VAL L 166 -3.18 34.64 -22.33
C VAL L 166 -2.77 36.11 -22.12
N GLY L 167 -1.71 36.34 -21.33
CA GLY L 167 -1.21 37.68 -21.08
C GLY L 167 -0.62 38.32 -22.34
N ILE L 168 0.24 37.58 -23.02
CA ILE L 168 0.80 38.02 -24.29
C ILE L 168 -0.33 38.39 -25.25
N LEU L 169 -1.31 37.48 -25.42
CA LEU L 169 -2.29 37.66 -26.47
C LEU L 169 -3.25 38.76 -26.10
N ALA L 170 -3.58 38.91 -24.82
CA ALA L 170 -4.42 39.99 -24.37
C ALA L 170 -3.72 41.34 -24.54
N ALA L 171 -2.44 41.44 -24.20
CA ALA L 171 -1.68 42.67 -24.39
C ALA L 171 -1.62 43.05 -25.87
N LEU L 172 -1.53 42.04 -26.75
CA LEU L 172 -1.52 42.28 -28.19
C LEU L 172 -2.88 42.83 -28.62
N TRP L 173 -3.98 42.40 -28.01
CA TRP L 173 -5.26 42.93 -28.38
C TRP L 173 -5.30 44.41 -28.02
N GLU L 174 -4.87 44.70 -26.78
CA GLU L 174 -4.86 46.03 -26.20
C GLU L 174 -3.98 46.94 -27.05
N ARG L 175 -2.88 46.40 -27.57
CA ARG L 175 -1.92 47.16 -28.36
C ARG L 175 -2.58 47.66 -29.65
N GLN L 176 -3.55 46.89 -30.18
CA GLN L 176 -4.25 47.27 -31.39
C GLN L 176 -4.90 48.64 -31.25
N SER L 177 -5.42 48.99 -30.08
CA SER L 177 -6.00 50.30 -29.96
C SER L 177 -5.00 51.32 -29.37
N SER L 178 -3.98 50.91 -28.60
CA SER L 178 -3.16 51.87 -27.87
C SER L 178 -1.88 52.23 -28.63
N GLY L 179 -1.49 51.42 -29.61
CA GLY L 179 -0.19 51.48 -30.27
C GLY L 179 0.99 51.16 -29.35
N LYS L 180 0.73 50.75 -28.07
CA LYS L 180 1.76 50.50 -27.06
C LYS L 180 1.77 49.06 -26.55
N GLY L 181 2.98 48.51 -26.36
CA GLY L 181 3.20 47.31 -25.58
C GLY L 181 3.12 47.58 -24.07
N GLN L 182 3.55 46.57 -23.28
CA GLN L 182 3.62 46.70 -21.83
C GLN L 182 4.26 45.42 -21.27
N VAL L 183 4.40 45.38 -19.95
CA VAL L 183 4.95 44.22 -19.28
C VAL L 183 3.83 43.30 -18.78
N VAL L 184 4.02 42.01 -19.08
CA VAL L 184 3.19 40.91 -18.58
C VAL L 184 3.96 40.13 -17.50
N ASP L 185 3.44 40.17 -16.27
CA ASP L 185 4.04 39.47 -15.14
C ASP L 185 3.19 38.24 -14.81
N ALA L 186 3.64 37.08 -15.31
CA ALA L 186 2.99 35.80 -15.10
C ALA L 186 3.79 34.98 -14.07
N ALA L 187 3.22 34.90 -12.87
CA ALA L 187 3.80 34.08 -11.79
C ALA L 187 2.98 32.78 -11.63
N MET L 188 3.65 31.63 -11.55
CA MET L 188 2.97 30.34 -11.44
C MET L 188 2.11 30.25 -10.18
N VAL L 189 2.52 30.93 -9.13
CA VAL L 189 1.79 30.90 -7.88
C VAL L 189 0.46 31.65 -8.02
N ASP L 190 0.41 32.63 -8.91
CA ASP L 190 -0.83 33.35 -9.21
C ASP L 190 -1.71 32.55 -10.18
N GLY L 191 -1.18 32.24 -11.37
CA GLY L 191 -1.90 31.55 -12.41
C GLY L 191 -2.48 30.22 -11.95
N SER L 192 -1.71 29.44 -11.17
CA SER L 192 -2.17 28.16 -10.65
C SER L 192 -3.32 28.41 -9.66
N SER L 193 -3.31 29.56 -8.96
CA SER L 193 -4.42 29.90 -8.06
C SER L 193 -5.73 30.15 -8.83
N VAL L 194 -5.63 30.77 -10.00
CA VAL L 194 -6.80 31.10 -10.81
C VAL L 194 -7.26 29.83 -11.51
N LEU L 195 -6.28 28.98 -11.87
CA LEU L 195 -6.58 27.67 -12.39
C LEU L 195 -7.51 26.92 -11.44
N ILE L 196 -7.34 27.08 -10.12
CA ILE L 196 -8.10 26.35 -9.11
C ILE L 196 -9.18 27.23 -8.49
N GLN L 197 -9.60 28.27 -9.20
CA GLN L 197 -10.59 29.20 -8.64
C GLN L 197 -11.84 28.45 -8.17
N MET L 198 -12.21 27.37 -8.87
CA MET L 198 -13.44 26.63 -8.58
C MET L 198 -13.39 26.11 -7.16
N MET L 199 -12.22 25.60 -6.75
CA MET L 199 -12.10 25.05 -5.41
C MET L 199 -12.22 26.16 -4.37
N TRP L 200 -11.63 27.35 -4.66
CA TRP L 200 -11.76 28.49 -3.74
C TRP L 200 -13.24 28.93 -3.65
N ALA L 201 -13.94 28.84 -4.77
CA ALA L 201 -15.35 29.17 -4.85
C ALA L 201 -16.14 28.17 -4.00
N MET L 202 -15.89 26.88 -4.19
CA MET L 202 -16.64 25.85 -3.49
C MET L 202 -16.31 25.87 -1.99
N ARG L 203 -15.07 26.26 -1.64
CA ARG L 203 -14.69 26.33 -0.25
C ARG L 203 -15.54 27.39 0.45
N ALA L 204 -15.74 28.53 -0.24
CA ALA L 204 -16.57 29.62 0.25
C ALA L 204 -17.99 29.13 0.58
N THR L 205 -18.56 28.23 -0.21
CA THR L 205 -19.94 27.85 -0.02
C THR L 205 -20.05 26.53 0.73
N GLY L 206 -19.00 26.11 1.44
CA GLY L 206 -19.09 24.90 2.23
C GLY L 206 -18.99 23.60 1.42
N MET L 207 -18.69 23.67 0.12
CA MET L 207 -18.77 22.48 -0.72
C MET L 207 -17.38 21.93 -1.10
N TRP L 208 -16.31 22.37 -0.42
CA TRP L 208 -14.98 21.82 -0.57
C TRP L 208 -14.26 21.99 0.77
N THR L 209 -13.66 20.92 1.29
CA THR L 209 -12.94 20.99 2.55
C THR L 209 -11.45 20.75 2.30
N ASP L 210 -10.64 21.17 3.26
CA ASP L 210 -9.19 21.09 3.17
C ASP L 210 -8.70 19.66 3.41
N THR L 211 -9.61 18.75 3.77
CA THR L 211 -9.23 17.34 3.94
C THR L 211 -8.98 16.70 2.59
N ARG L 212 -7.77 16.19 2.42
CA ARG L 212 -7.34 15.55 1.19
C ARG L 212 -8.13 14.25 1.00
N GLY L 213 -8.59 14.00 -0.23
CA GLY L 213 -9.28 12.77 -0.60
C GLY L 213 -10.71 12.61 -0.07
N ALA L 214 -11.40 13.72 0.26
CA ALA L 214 -12.72 13.68 0.86
C ALA L 214 -13.65 14.64 0.14
N ASN L 215 -13.45 14.85 -1.16
CA ASN L 215 -14.26 15.82 -1.87
C ASN L 215 -14.77 15.18 -3.14
N MET L 216 -15.59 15.93 -3.87
CA MET L 216 -16.27 15.41 -5.05
C MET L 216 -15.30 15.12 -6.18
N LEU L 217 -14.20 15.89 -6.31
CA LEU L 217 -13.35 15.80 -7.48
C LEU L 217 -11.90 15.42 -7.15
N ASP L 218 -11.61 14.98 -5.91
CA ASP L 218 -10.24 14.65 -5.55
C ASP L 218 -10.01 13.15 -5.42
N GLY L 219 -10.97 12.33 -5.82
CA GLY L 219 -10.88 10.89 -5.63
C GLY L 219 -11.72 10.38 -4.45
N GLY L 220 -12.24 11.27 -3.62
CA GLY L 220 -13.07 10.88 -2.50
C GLY L 220 -14.48 10.40 -2.86
N ALA L 221 -15.08 10.89 -3.97
CA ALA L 221 -16.39 10.41 -4.39
C ALA L 221 -16.26 9.09 -5.13
N PRO L 222 -16.99 8.03 -4.76
CA PRO L 222 -16.92 6.77 -5.52
C PRO L 222 -17.28 6.82 -7.00
N TYR L 223 -18.02 7.86 -7.41
CA TYR L 223 -18.40 8.02 -8.82
C TYR L 223 -17.45 8.95 -9.58
N TYR L 224 -16.38 9.41 -8.92
CA TYR L 224 -15.34 10.19 -9.59
C TYR L 224 -13.96 9.73 -9.11
N ASP L 225 -13.46 8.67 -9.73
CA ASP L 225 -12.23 7.99 -9.28
C ASP L 225 -11.84 6.95 -10.30
N THR L 226 -10.69 6.33 -10.10
CA THR L 226 -10.28 5.20 -10.91
C THR L 226 -10.60 3.92 -10.14
N TYR L 227 -10.77 2.82 -10.89
CA TYR L 227 -11.06 1.52 -10.29
C TYR L 227 -10.14 0.51 -10.95
N GLU L 228 -9.56 -0.39 -10.16
CA GLU L 228 -8.81 -1.50 -10.73
C GLU L 228 -9.75 -2.58 -11.26
N CYS L 229 -9.43 -3.11 -12.43
CA CYS L 229 -10.20 -4.14 -13.13
C CYS L 229 -9.55 -5.50 -12.91
N ALA L 230 -10.13 -6.54 -13.50
CA ALA L 230 -9.69 -7.91 -13.23
C ALA L 230 -8.27 -8.16 -13.73
N ASP L 231 -7.83 -7.43 -14.74
CA ASP L 231 -6.51 -7.64 -15.31
C ASP L 231 -5.44 -6.75 -14.63
N GLY L 232 -5.80 -6.01 -13.59
CA GLY L 232 -4.86 -5.07 -12.96
C GLY L 232 -4.77 -3.72 -13.67
N ARG L 233 -5.46 -3.53 -14.81
CA ARG L 233 -5.54 -2.21 -15.42
C ARG L 233 -6.70 -1.41 -14.81
N TYR L 234 -6.87 -0.14 -15.23
CA TYR L 234 -7.86 0.71 -14.61
C TYR L 234 -8.87 1.32 -15.57
N VAL L 235 -10.04 1.64 -14.98
CA VAL L 235 -10.99 2.53 -15.62
C VAL L 235 -11.11 3.79 -14.78
N ALA L 236 -11.54 4.84 -15.46
CA ALA L 236 -11.93 6.10 -14.85
C ALA L 236 -13.44 6.22 -14.93
N VAL L 237 -14.04 6.56 -13.79
CA VAL L 237 -15.44 6.89 -13.65
C VAL L 237 -15.55 8.38 -13.33
N GLY L 238 -16.36 9.10 -14.12
CA GLY L 238 -16.67 10.49 -13.82
C GLY L 238 -18.16 10.78 -13.87
N ALA L 239 -18.97 9.85 -13.38
CA ALA L 239 -20.42 9.96 -13.45
C ALA L 239 -20.97 10.88 -12.37
N ILE L 240 -20.84 12.19 -12.56
CA ILE L 240 -21.30 13.16 -11.58
C ILE L 240 -22.83 13.29 -11.63
N GLU L 241 -23.36 13.52 -12.84
CA GLU L 241 -24.78 13.79 -13.01
C GLU L 241 -25.57 12.49 -12.77
N PRO L 242 -26.67 12.57 -12.02
CA PRO L 242 -27.46 11.38 -11.69
C PRO L 242 -27.80 10.47 -12.87
N GLN L 243 -28.14 11.06 -14.01
N GLN L 243 -28.21 11.02 -14.03
CA GLN L 243 -28.58 10.25 -15.14
CA GLN L 243 -28.54 10.22 -15.22
C GLN L 243 -27.40 9.48 -15.71
C GLN L 243 -27.34 9.38 -15.64
N PHE L 244 -26.16 9.99 -15.57
CA PHE L 244 -24.99 9.29 -16.07
C PHE L 244 -24.65 8.16 -15.08
N TYR L 245 -24.66 8.50 -13.81
CA TYR L 245 -24.42 7.55 -12.74
C TYR L 245 -25.37 6.36 -12.90
N ALA L 246 -26.66 6.63 -13.16
CA ALA L 246 -27.65 5.56 -13.25
C ALA L 246 -27.32 4.64 -14.42
N ALA L 247 -26.82 5.22 -15.51
CA ALA L 247 -26.43 4.45 -16.67
C ALA L 247 -25.23 3.59 -16.34
N MET L 248 -24.34 4.16 -15.54
CA MET L 248 -23.15 3.43 -15.12
C MET L 248 -23.56 2.19 -14.31
N LEU L 249 -24.42 2.38 -13.30
CA LEU L 249 -24.85 1.25 -12.47
C LEU L 249 -25.48 0.13 -13.31
N ALA L 250 -26.35 0.50 -14.27
CA ALA L 250 -26.98 -0.52 -15.11
C ALA L 250 -25.94 -1.32 -15.87
N GLY L 251 -24.84 -0.69 -16.34
CA GLY L 251 -23.86 -1.44 -17.10
C GLY L 251 -22.99 -2.33 -16.24
N LEU L 252 -22.88 -1.94 -14.95
CA LEU L 252 -22.13 -2.70 -13.97
C LEU L 252 -22.93 -3.90 -13.49
N GLY L 253 -24.25 -3.83 -13.65
CA GLY L 253 -25.14 -4.92 -13.22
C GLY L 253 -25.62 -4.73 -11.79
N LEU L 254 -25.53 -3.51 -11.27
CA LEU L 254 -25.94 -3.24 -9.90
C LEU L 254 -27.30 -2.55 -9.91
N ASP L 255 -28.15 -2.96 -8.98
CA ASP L 255 -29.47 -2.37 -8.83
C ASP L 255 -29.41 -1.20 -7.89
N ALA L 256 -29.92 -0.05 -8.33
CA ALA L 256 -29.87 1.15 -7.52
C ALA L 256 -30.51 0.89 -6.16
N ALA L 257 -31.52 0.00 -6.12
CA ALA L 257 -32.27 -0.31 -4.91
C ALA L 257 -31.40 -0.94 -3.82
N GLU L 258 -30.34 -1.64 -4.22
CA GLU L 258 -29.46 -2.34 -3.29
C GLU L 258 -28.30 -1.44 -2.82
N LEU L 259 -28.19 -0.21 -3.35
CA LEU L 259 -27.01 0.61 -3.12
C LEU L 259 -27.42 1.80 -2.27
N PRO L 260 -26.49 2.40 -1.49
CA PRO L 260 -26.78 3.69 -0.87
C PRO L 260 -26.98 4.77 -1.92
N PRO L 261 -27.63 5.88 -1.55
CA PRO L 261 -27.77 7.02 -2.45
C PRO L 261 -26.39 7.52 -2.92
N GLN L 262 -26.32 7.92 -4.20
CA GLN L 262 -25.11 8.39 -4.85
C GLN L 262 -24.35 9.42 -4.01
N ASN L 263 -25.08 10.34 -3.37
CA ASN L 263 -24.47 11.46 -2.67
C ASN L 263 -24.78 11.45 -1.17
N ASP L 264 -25.05 10.29 -0.57
CA ASP L 264 -25.00 10.14 0.87
C ASP L 264 -23.55 9.80 1.28
N ARG L 265 -22.78 10.85 1.60
CA ARG L 265 -21.35 10.76 1.89
C ARG L 265 -21.08 9.87 3.10
N ALA L 266 -21.99 9.80 4.07
CA ALA L 266 -21.74 8.95 5.21
C ALA L 266 -21.69 7.47 4.80
N ARG L 267 -22.22 7.12 3.61
CA ARG L 267 -22.24 5.75 3.15
C ARG L 267 -21.39 5.54 1.90
N TRP L 268 -20.54 6.51 1.57
CA TRP L 268 -19.57 6.32 0.50
C TRP L 268 -18.68 5.09 0.74
N PRO L 269 -18.22 4.77 1.96
CA PRO L 269 -17.43 3.54 2.15
C PRO L 269 -18.13 2.29 1.64
N GLU L 270 -19.42 2.10 1.96
CA GLU L 270 -20.17 0.95 1.45
C GLU L 270 -20.29 1.05 -0.08
N LEU L 271 -20.68 2.23 -0.58
CA LEU L 271 -20.84 2.44 -2.01
C LEU L 271 -19.55 2.10 -2.75
N ARG L 272 -18.40 2.61 -2.25
CA ARG L 272 -17.14 2.30 -2.89
C ARG L 272 -16.85 0.80 -2.91
N ALA L 273 -17.17 0.11 -1.82
CA ALA L 273 -16.91 -1.34 -1.77
C ALA L 273 -17.71 -2.06 -2.85
N LEU L 274 -18.95 -1.64 -3.07
CA LEU L 274 -19.78 -2.29 -4.07
C LEU L 274 -19.31 -2.02 -5.49
N LEU L 275 -18.95 -0.77 -5.78
CA LEU L 275 -18.43 -0.45 -7.10
C LEU L 275 -17.09 -1.14 -7.32
N THR L 276 -16.26 -1.21 -6.27
CA THR L 276 -14.93 -1.81 -6.40
C THR L 276 -15.05 -3.27 -6.83
N GLU L 277 -15.94 -4.01 -6.16
CA GLU L 277 -16.17 -5.42 -6.48
C GLU L 277 -16.66 -5.57 -7.92
N ALA L 278 -17.60 -4.73 -8.33
CA ALA L 278 -18.18 -4.85 -9.66
C ALA L 278 -17.12 -4.63 -10.73
N PHE L 279 -16.35 -3.52 -10.65
CA PHE L 279 -15.32 -3.22 -11.65
C PHE L 279 -14.22 -4.27 -11.65
N ALA L 280 -13.91 -4.82 -10.48
CA ALA L 280 -12.86 -5.84 -10.40
C ALA L 280 -13.27 -7.13 -11.11
N SER L 281 -14.55 -7.31 -11.47
CA SER L 281 -14.99 -8.62 -11.94
C SER L 281 -14.79 -8.80 -13.45
N HIS L 282 -14.36 -7.78 -14.19
CA HIS L 282 -14.09 -7.91 -15.62
C HIS L 282 -12.87 -7.04 -15.94
N ASP L 283 -12.21 -7.29 -17.07
CA ASP L 283 -11.03 -6.58 -17.47
C ASP L 283 -11.38 -5.17 -17.99
N ARG L 284 -10.36 -4.34 -18.14
CA ARG L 284 -10.56 -2.96 -18.54
C ARG L 284 -11.23 -2.93 -19.90
N ASP L 285 -10.73 -3.73 -20.84
CA ASP L 285 -11.18 -3.63 -22.21
C ASP L 285 -12.61 -4.14 -22.32
N HIS L 286 -13.02 -5.02 -21.41
CA HIS L 286 -14.42 -5.36 -21.36
C HIS L 286 -15.26 -4.13 -21.00
N TRP L 287 -14.89 -3.41 -19.92
CA TRP L 287 -15.65 -2.24 -19.58
C TRP L 287 -15.67 -1.24 -20.74
N GLY L 288 -14.56 -1.16 -21.47
CA GLY L 288 -14.38 -0.23 -22.58
C GLY L 288 -15.44 -0.41 -23.66
N ALA L 289 -15.72 -1.66 -24.01
CA ALA L 289 -16.70 -2.02 -25.01
C ALA L 289 -18.09 -1.90 -24.40
N VAL L 290 -18.29 -2.39 -23.18
CA VAL L 290 -19.56 -2.26 -22.51
C VAL L 290 -20.05 -0.81 -22.55
N PHE L 291 -19.13 0.14 -22.40
CA PHE L 291 -19.57 1.52 -22.23
C PHE L 291 -19.27 2.37 -23.46
N ALA L 292 -18.77 1.81 -24.55
CA ALA L 292 -18.68 2.62 -25.76
C ALA L 292 -20.06 3.20 -26.08
N ASN L 293 -20.11 4.49 -26.42
CA ASN L 293 -21.32 5.18 -26.86
C ASN L 293 -22.26 5.47 -25.69
N SER L 294 -21.82 5.32 -24.43
CA SER L 294 -22.70 5.60 -23.32
C SER L 294 -22.37 6.95 -22.68
N ASP L 295 -23.33 7.47 -21.94
CA ASP L 295 -23.17 8.62 -21.09
C ASP L 295 -22.79 8.23 -19.66
N ALA L 296 -22.28 7.01 -19.48
CA ALA L 296 -21.94 6.49 -18.17
C ALA L 296 -20.64 7.10 -17.64
N CYS L 297 -19.83 7.75 -18.50
CA CYS L 297 -18.62 8.42 -18.05
C CYS L 297 -17.64 7.40 -17.46
N VAL L 298 -17.51 6.27 -18.14
CA VAL L 298 -16.52 5.28 -17.83
C VAL L 298 -15.59 5.17 -19.03
N THR L 299 -14.29 5.32 -18.78
CA THR L 299 -13.31 5.24 -19.84
C THR L 299 -12.11 4.42 -19.39
N PRO L 300 -11.45 3.71 -20.31
CA PRO L 300 -10.19 3.05 -19.99
C PRO L 300 -9.08 4.06 -19.71
N VAL L 301 -8.26 3.75 -18.70
CA VAL L 301 -7.08 4.52 -18.36
C VAL L 301 -5.91 3.96 -19.17
N LEU L 302 -5.62 4.60 -20.30
CA LEU L 302 -4.55 4.16 -21.19
C LEU L 302 -3.20 4.68 -20.73
N ALA L 303 -2.17 3.85 -20.89
CA ALA L 303 -0.80 4.27 -20.76
C ALA L 303 -0.37 4.97 -22.06
N PHE L 304 0.59 5.89 -21.94
CA PHE L 304 1.13 6.62 -23.08
C PHE L 304 1.33 5.66 -24.27
N GLY L 305 1.95 4.51 -24.03
CA GLY L 305 2.30 3.54 -25.07
C GLY L 305 1.09 2.96 -25.83
N GLU L 306 -0.12 3.06 -25.26
CA GLU L 306 -1.31 2.47 -25.88
C GLU L 306 -2.15 3.52 -26.62
N VAL L 307 -1.88 4.82 -26.37
CA VAL L 307 -2.71 5.92 -26.83
C VAL L 307 -2.85 5.91 -28.36
N HIS L 308 -1.77 5.53 -29.07
CA HIS L 308 -1.75 5.56 -30.52
C HIS L 308 -2.71 4.52 -31.11
N ASN L 309 -3.19 3.57 -30.31
CA ASN L 309 -4.13 2.56 -30.77
C ASN L 309 -5.59 2.90 -30.48
N GLU L 310 -5.87 4.05 -29.88
CA GLU L 310 -7.23 4.31 -29.49
C GLU L 310 -7.92 4.99 -30.67
N PRO L 311 -9.03 4.42 -31.19
CA PRO L 311 -9.66 4.96 -32.39
C PRO L 311 -9.95 6.45 -32.34
N HIS L 312 -10.52 6.96 -31.24
CA HIS L 312 -10.86 8.37 -31.17
C HIS L 312 -9.61 9.25 -31.31
N ILE L 313 -8.46 8.78 -30.81
CA ILE L 313 -7.24 9.56 -30.87
C ILE L 313 -6.74 9.59 -32.31
N ILE L 314 -6.71 8.41 -32.95
CA ILE L 314 -6.23 8.27 -34.32
C ILE L 314 -7.06 9.17 -35.23
N GLU L 315 -8.37 9.14 -35.05
CA GLU L 315 -9.22 9.68 -36.09
C GLU L 315 -9.21 11.19 -36.03
N ARG L 316 -8.95 11.82 -34.86
CA ARG L 316 -8.97 13.27 -34.82
C ARG L 316 -7.57 13.87 -35.09
N ASN L 317 -6.58 13.01 -35.36
CA ASN L 317 -5.16 13.34 -35.46
C ASN L 317 -4.70 14.21 -34.29
N THR L 318 -4.95 13.72 -33.08
CA THR L 318 -4.50 14.40 -31.89
C THR L 318 -2.97 14.43 -31.88
N PHE L 319 -2.36 13.34 -32.34
CA PHE L 319 -0.93 13.16 -32.38
C PHE L 319 -0.40 13.09 -33.80
N TYR L 320 0.90 13.41 -33.97
CA TYR L 320 1.65 13.13 -35.19
C TYR L 320 2.91 12.38 -34.78
N GLU L 321 3.51 11.66 -35.74
CA GLU L 321 4.71 10.89 -35.51
C GLU L 321 5.93 11.70 -35.92
N ALA L 322 6.85 11.95 -34.98
CA ALA L 322 8.13 12.56 -35.27
C ALA L 322 9.23 11.58 -34.89
N ASN L 323 10.48 11.97 -35.15
CA ASN L 323 11.56 11.73 -34.20
C ASN L 323 11.48 10.30 -33.68
N GLY L 324 11.37 10.12 -32.35
CA GLY L 324 11.39 8.80 -31.73
C GLY L 324 9.99 8.19 -31.67
N GLY L 325 9.02 9.01 -31.24
CA GLY L 325 7.63 8.61 -31.24
C GLY L 325 6.70 9.80 -31.38
N TRP L 326 5.51 9.62 -30.84
CA TRP L 326 4.38 10.50 -31.10
C TRP L 326 4.56 11.81 -30.33
N GLN L 327 3.96 12.84 -30.91
CA GLN L 327 3.95 14.16 -30.32
C GLN L 327 2.58 14.75 -30.58
N PRO L 328 2.09 15.56 -29.65
CA PRO L 328 0.82 16.22 -29.81
C PRO L 328 0.80 17.27 -30.91
N MET L 329 -0.25 17.22 -31.75
CA MET L 329 -0.49 18.25 -32.72
C MET L 329 -0.90 19.51 -32.00
N PRO L 330 -0.78 20.68 -32.64
CA PRO L 330 -1.16 21.94 -32.03
C PRO L 330 -2.60 21.94 -31.56
N ALA L 331 -2.83 22.69 -30.48
CA ALA L 331 -4.17 22.89 -29.97
C ALA L 331 -4.26 24.37 -29.60
N PRO L 332 -5.45 25.01 -29.63
CA PRO L 332 -6.68 24.41 -30.16
C PRO L 332 -6.67 24.44 -31.68
N ARG L 333 -7.86 24.28 -32.30
CA ARG L 333 -7.95 24.17 -33.74
C ARG L 333 -8.77 25.33 -34.29
N PHE L 334 -8.47 25.64 -35.56
CA PHE L 334 -8.95 26.84 -36.22
C PHE L 334 -9.60 26.46 -37.55
N SER L 335 -10.83 26.95 -37.78
CA SER L 335 -11.57 26.56 -39.00
C SER L 335 -10.92 27.11 -40.27
N ARG L 336 -10.60 28.42 -40.31
CA ARG L 336 -10.03 29.06 -41.48
C ARG L 336 -8.50 28.99 -41.49
N THR L 337 -7.84 29.66 -40.53
CA THR L 337 -6.38 29.69 -40.48
C THR L 337 -5.85 28.57 -39.60
N ALA L 338 -5.65 27.40 -40.19
CA ALA L 338 -5.34 26.21 -39.43
C ALA L 338 -3.82 26.03 -39.32
N SER L 339 -3.38 25.65 -38.11
CA SER L 339 -1.98 25.35 -37.85
C SER L 339 -1.57 24.19 -38.73
N SER L 340 -0.27 24.06 -38.94
CA SER L 340 0.27 22.95 -39.69
C SER L 340 1.03 22.06 -38.73
N GLN L 341 1.57 20.98 -39.27
CA GLN L 341 2.36 20.05 -38.48
C GLN L 341 3.64 20.74 -38.04
N PRO L 342 4.08 20.60 -36.77
CA PRO L 342 5.31 21.27 -36.32
C PRO L 342 6.56 20.93 -37.12
N ARG L 343 7.38 21.97 -37.32
CA ARG L 343 8.72 21.80 -37.87
C ARG L 343 9.60 21.32 -36.73
N PRO L 344 10.38 20.26 -36.95
CA PRO L 344 11.27 19.74 -35.93
C PRO L 344 12.30 20.79 -35.57
N PRO L 345 13.05 20.59 -34.46
CA PRO L 345 14.22 21.44 -34.17
C PRO L 345 15.24 21.33 -35.30
N ALA L 346 15.87 22.45 -35.68
CA ALA L 346 16.88 22.44 -36.74
C ALA L 346 18.17 23.08 -36.22
N ALA L 347 19.23 23.09 -37.05
CA ALA L 347 20.53 23.57 -36.58
C ALA L 347 20.45 25.07 -36.25
N THR L 348 21.32 25.47 -35.31
CA THR L 348 21.56 26.88 -35.00
C THR L 348 21.70 27.66 -36.29
N ILE L 349 21.35 28.94 -36.24
CA ILE L 349 21.66 29.80 -37.35
C ILE L 349 22.20 31.11 -36.79
N ASP L 350 22.79 31.88 -37.72
CA ASP L 350 23.47 33.12 -37.40
C ASP L 350 22.44 34.23 -37.18
N ILE L 351 22.61 34.96 -36.08
CA ILE L 351 21.65 35.97 -35.64
C ILE L 351 21.54 37.12 -36.65
N GLU L 352 22.63 37.41 -37.39
CA GLU L 352 22.62 38.42 -38.45
C GLU L 352 21.69 38.00 -39.59
N ALA L 353 21.77 36.72 -39.99
CA ALA L 353 20.89 36.14 -41.00
C ALA L 353 19.42 36.32 -40.62
N VAL L 354 19.10 36.16 -39.34
CA VAL L 354 17.76 36.43 -38.89
C VAL L 354 17.47 37.92 -39.06
N LEU L 355 18.44 38.78 -38.72
CA LEU L 355 18.24 40.22 -38.82
C LEU L 355 17.98 40.64 -40.28
N THR L 356 18.67 40.02 -41.25
CA THR L 356 18.45 40.32 -42.67
C THR L 356 17.04 39.92 -43.09
N ASP L 357 16.60 38.71 -42.70
CA ASP L 357 15.25 38.26 -42.96
C ASP L 357 14.23 39.27 -42.40
N TRP L 358 14.32 39.65 -41.12
CA TRP L 358 13.37 40.61 -40.56
C TRP L 358 13.62 42.02 -41.11
N ASP L 359 12.88 42.37 -42.17
CA ASP L 359 12.93 43.68 -42.84
C ASP L 359 14.29 43.87 -43.52
N GLY L 360 15.29 44.32 -42.73
CA GLY L 360 16.69 44.44 -43.14
C GLY L 360 17.01 43.63 -44.38
N1A CO6 M . 38.99 -19.83 9.83
C2A CO6 M . 37.66 -19.81 9.72
N3A CO6 M . 36.89 -20.08 8.66
C4A CO6 M . 37.66 -20.45 7.62
C5A CO6 M . 39.03 -20.49 7.57
C6A CO6 M . 39.74 -20.15 8.74
N6A CO6 M . 41.05 -20.16 8.85
N7A CO6 M . 39.45 -20.88 6.31
C8A CO6 M . 38.35 -21.05 5.62
N9A CO6 M . 37.23 -20.79 6.37
C1B CO6 M . 35.87 -21.01 6.02
C2B CO6 M . 35.22 -20.04 5.07
O2B CO6 M . 35.05 -18.87 5.85
C3B CO6 M . 34.01 -20.89 4.64
O3B CO6 M . 32.99 -21.10 5.61
P3B CO6 M . 31.44 -20.69 5.35
O7A CO6 M . 31.50 -19.26 5.80
O8A CO6 M . 30.95 -20.81 3.92
O9A CO6 M . 30.64 -21.57 6.29
C4B CO6 M . 34.69 -22.27 4.45
O4B CO6 M . 35.81 -22.27 5.37
C5B CO6 M . 35.17 -22.63 3.07
O5B CO6 M . 34.09 -22.45 2.15
P1A CO6 M . 33.96 -23.36 0.85
O1A CO6 M . 32.68 -23.02 0.17
O2A CO6 M . 35.23 -23.15 0.06
O3A CO6 M . 34.09 -24.79 1.53
P2A CO6 M . 33.17 -26.11 1.43
O4A CO6 M . 31.76 -25.67 1.14
O5A CO6 M . 33.81 -26.97 2.45
O6A CO6 M . 33.57 -26.59 -0.06
CBP CO6 M . 35.13 -27.11 -1.82
CCP CO6 M . 34.83 -27.27 -0.32
CDP CO6 M . 36.40 -27.93 -2.05
CEP CO6 M . 33.98 -27.68 -2.66
CAP CO6 M . 35.31 -25.63 -2.23
OAP CO6 M . 36.38 -25.13 -1.41
C9P CO6 M . 35.58 -25.42 -3.71
O9P CO6 M . 34.69 -25.62 -4.56
N8P CO6 M . 36.78 -24.93 -4.02
C7P CO6 M . 37.23 -24.64 -5.38
C6P CO6 M . 37.59 -25.92 -6.15
C5P CO6 M . 38.28 -26.99 -5.36
O5P CO6 M . 39.24 -26.76 -4.61
N4P CO6 M . 37.81 -28.23 -5.51
C3P CO6 M . 38.58 -29.38 -5.05
C2P CO6 M . 39.61 -29.90 -6.11
S1P CO6 M . 40.43 -31.25 -5.18
O1 CO6 M . 40.32 -33.64 -6.55
C1 CO6 M . 40.62 -33.09 -5.50
C2 CO6 M . 42.55 -33.40 -3.82
C3 CO6 M . 41.19 -33.91 -4.29
C4 CO6 M . 40.29 -33.96 -3.04
N1A CO6 N . 67.92 -26.46 -39.54
C2A CO6 N . 68.68 -27.56 -39.66
N3A CO6 N . 68.78 -28.61 -38.85
C4A CO6 N . 67.96 -28.46 -37.79
C5A CO6 N . 67.12 -27.40 -37.54
C6A CO6 N . 67.12 -26.34 -38.45
N6A CO6 N . 66.34 -25.29 -38.33
N7A CO6 N . 66.43 -27.60 -36.35
C8A CO6 N . 66.87 -28.74 -35.89
N9A CO6 N . 67.80 -29.31 -36.73
C1B CO6 N . 68.45 -30.59 -36.57
C2B CO6 N . 69.35 -30.67 -35.36
O2B CO6 N . 70.53 -29.97 -35.67
C3B CO6 N . 69.47 -32.18 -35.21
O3B CO6 N . 70.45 -32.64 -36.13
P3B CO6 N . 71.45 -33.89 -35.75
O7A CO6 N . 70.87 -35.07 -36.48
O8A CO6 N . 71.63 -34.11 -34.28
O9A CO6 N . 72.77 -33.45 -36.31
C4B CO6 N . 68.05 -32.64 -35.57
O4B CO6 N . 67.45 -31.55 -36.32
C5B CO6 N . 67.12 -32.93 -34.43
O5B CO6 N . 67.80 -33.81 -33.49
P1A CO6 N . 66.94 -34.77 -32.50
O1A CO6 N . 67.86 -35.82 -32.02
O2A CO6 N . 66.28 -33.94 -31.49
O3A CO6 N . 65.79 -35.33 -33.46
P2A CO6 N . 65.35 -36.81 -33.84
O4A CO6 N . 64.39 -36.54 -34.93
O5A CO6 N . 66.51 -37.73 -33.86
O6A CO6 N . 64.63 -37.30 -32.47
CBP CO6 N . 63.02 -36.83 -30.69
CCP CO6 N . 63.26 -36.84 -32.21
CDP CO6 N . 61.60 -36.32 -30.42
CEP CO6 N . 63.17 -38.26 -30.18
CAP CO6 N . 64.03 -35.94 -29.95
OAP CO6 N . 63.98 -34.61 -30.49
C9P CO6 N . 63.82 -35.92 -28.44
O9P CO6 N . 64.06 -36.90 -27.73
N8P CO6 N . 63.41 -34.77 -27.93
C7P CO6 N . 63.24 -34.59 -26.50
C6P CO6 N . 61.98 -35.26 -25.97
C5P CO6 N . 60.80 -35.14 -26.90
O5P CO6 N . 60.57 -34.07 -27.47
N4P CO6 N . 60.00 -36.20 -27.08
C3P CO6 N . 58.69 -36.07 -27.70
C2P CO6 N . 57.56 -35.76 -26.65
S1P CO6 N . 56.19 -35.57 -27.82
O1 CO6 N . 54.07 -37.37 -27.38
C1 CO6 N . 54.62 -36.54 -28.09
C2 CO6 N . 54.24 -36.98 -30.73
C3 CO6 N . 54.12 -36.03 -29.51
C4 CO6 N . 52.70 -35.51 -29.44
N1A CO6 O . -40.24 20.16 -13.85
C2A CO6 O . -38.90 19.98 -13.86
N3A CO6 O . -38.19 18.93 -14.28
C4A CO6 O . -39.00 17.95 -14.72
C5A CO6 O . -40.38 17.98 -14.77
C6A CO6 O . -41.03 19.14 -14.29
N6A CO6 O . -42.34 19.32 -14.30
N7A CO6 O . -40.85 16.81 -15.32
C8A CO6 O . -39.79 16.08 -15.56
N9A CO6 O . -38.63 16.74 -15.22
C1B CO6 O . -37.26 16.27 -15.41
C2B CO6 O . -36.84 15.13 -14.51
O2B CO6 O . -36.40 15.61 -13.26
C3B CO6 O . -35.68 14.55 -15.31
O3B CO6 O . -34.56 15.41 -15.12
P3B CO6 O . -33.04 14.81 -15.07
O7A CO6 O . -32.71 14.99 -13.61
O8A CO6 O . -33.04 13.36 -15.45
O9A CO6 O . -32.19 15.69 -15.94
C4B CO6 O . -36.20 14.66 -16.76
O4B CO6 O . -37.16 15.76 -16.74
C5B CO6 O . -36.83 13.43 -17.35
O5B CO6 O . -35.85 12.36 -17.30
P1A CO6 O . -35.87 11.19 -18.44
O1A CO6 O . -34.65 10.38 -18.32
O2A CO6 O . -37.16 10.45 -18.29
O3A CO6 O . -35.88 12.02 -19.82
P2A CO6 O . -34.96 11.99 -21.16
O4A CO6 O . -35.48 13.14 -21.91
O5A CO6 O . -33.57 11.60 -20.78
O6A CO6 O . -35.40 10.59 -21.82
CBP CO6 O . -37.06 9.03 -22.64
CCP CO6 O . -36.62 10.50 -22.61
CDP CO6 O . -38.37 8.93 -23.42
CEP CO6 O . -36.00 8.20 -23.35
CAP CO6 O . -37.27 8.50 -21.20
OAP CO6 O . -38.26 9.36 -20.60
C9P CO6 O . -37.68 7.03 -21.12
O9P CO6 O . -36.92 6.10 -21.44
N8P CO6 O . -38.91 6.80 -20.69
C7P CO6 O . -39.39 5.44 -20.49
C6P CO6 O . -39.90 4.77 -21.78
C5P CO6 O . -40.54 5.77 -22.72
O5P CO6 O . -41.33 6.61 -22.34
N4P CO6 O . -40.13 5.73 -23.99
C3P CO6 O . -40.55 6.72 -24.96
C2P CO6 O . -42.03 6.65 -25.26
S1P CO6 O . -42.41 5.22 -26.26
O1 CO6 O . -42.15 5.15 -29.08
C1 CO6 O . -42.50 5.84 -28.13
C2 CO6 O . -42.55 8.52 -28.51
C3 CO6 O . -43.24 7.13 -28.58
C4 CO6 O . -43.63 6.86 -30.05
N1A CO6 P . -73.21 -25.35 -26.02
C2A CO6 P . -73.91 -25.32 -27.17
N3A CO6 P . -73.86 -24.43 -28.16
C4A CO6 P . -72.98 -23.46 -27.88
C5A CO6 P . -72.22 -23.33 -26.74
C6A CO6 P . -72.36 -24.33 -25.76
N6A CO6 P . -71.67 -24.33 -24.62
N7A CO6 P . -71.46 -22.18 -26.79
C8A CO6 P . -71.77 -21.63 -27.94
N9A CO6 P . -72.72 -22.35 -28.63
C1B CO6 P . -73.20 -22.10 -29.98
C2B CO6 P . -74.34 -21.09 -30.14
O2B CO6 P . -75.56 -21.68 -29.78
C3B CO6 P . -74.18 -20.77 -31.62
O3B CO6 P . -74.63 -21.86 -32.43
P3B CO6 P . -76.10 -21.73 -33.12
O7A CO6 P . -77.02 -21.61 -31.94
O8A CO6 P . -76.18 -23.03 -33.80
O9A CO6 P . -76.23 -20.55 -34.10
C4B CO6 P . -72.66 -20.69 -31.76
O4B CO6 P . -72.13 -21.58 -30.72
C5B CO6 P . -72.06 -19.32 -31.62
O5B CO6 P . -72.78 -18.41 -32.49
P1A CO6 P . -72.03 -17.42 -33.52
O1A CO6 P . -73.01 -17.02 -34.56
O2A CO6 P . -71.47 -16.27 -32.72
O3A CO6 P . -70.87 -18.38 -34.06
P2A CO6 P . -70.35 -18.63 -35.56
O4A CO6 P . -69.48 -19.83 -35.53
O5A CO6 P . -71.47 -18.43 -36.54
O6A CO6 P . -69.44 -17.32 -35.79
CBP CO6 P . -67.60 -15.86 -35.22
CCP CO6 P . -68.09 -17.30 -35.23
CDP CO6 P . -66.17 -15.80 -34.67
CEP CO6 P . -67.63 -15.31 -36.64
CAP CO6 P . -68.55 -15.03 -34.35
OAP CO6 P . -68.75 -15.65 -33.12
C9P CO6 P . -68.15 -13.58 -34.11
O9P CO6 P . -68.29 -12.73 -35.00
N8P CO6 P . -67.81 -13.28 -32.85
C7P CO6 P . -67.53 -11.92 -32.42
C6P CO6 P . -66.23 -11.36 -32.99
C5P CO6 P . -65.12 -12.39 -33.00
O5P CO6 P . -64.89 -13.15 -32.04
N4P CO6 P . -64.48 -12.52 -34.15
C3P CO6 P . -63.24 -13.27 -34.23
C2P CO6 P . -62.05 -12.29 -33.98
S1P CO6 P . -60.81 -13.45 -33.67
O1 CO6 P . -58.65 -13.23 -35.45
C1 CO6 P . -59.25 -13.89 -34.61
C2 CO6 P . -57.31 -15.22 -33.81
C3 CO6 P . -58.78 -15.29 -34.13
C4 CO6 P . -59.05 -16.50 -35.04
N1A CO6 Q . -23.48 -31.31 29.52
C2A CO6 Q . -23.96 -30.16 30.04
N3A CO6 Q . -23.41 -28.95 30.04
C4A CO6 Q . -22.24 -28.96 29.39
C5A CO6 Q . -21.63 -30.04 28.78
C6A CO6 Q . -22.28 -31.28 28.87
N6A CO6 Q . -21.83 -32.42 28.35
N7A CO6 Q . -20.41 -29.64 28.21
C8A CO6 Q . -20.33 -28.36 28.47
N9A CO6 Q . -21.41 -27.89 29.19
C1B CO6 Q . -21.69 -26.56 29.59
C2B CO6 Q . -20.89 -26.14 30.81
O2B CO6 Q . -21.52 -26.87 31.83
C3B CO6 Q . -21.05 -24.62 30.70
O3B CO6 Q . -22.33 -24.26 31.24
P3B CO6 Q . -22.60 -22.79 31.88
O7A CO6 Q . -23.37 -23.02 33.14
O8A CO6 Q . -21.30 -22.11 32.19
O9A CO6 Q . -23.44 -22.04 30.88
C4B CO6 Q . -20.92 -24.40 29.19
O4B CO6 Q . -21.31 -25.66 28.58
C5B CO6 Q . -19.55 -24.01 28.68
O5B CO6 Q . -19.17 -22.75 29.30
P1A CO6 Q . -18.09 -21.77 28.62
O1A CO6 Q . -17.97 -20.50 29.45
O2A CO6 Q . -16.86 -22.57 28.33
O3A CO6 Q . -18.83 -21.44 27.23
P2A CO6 Q . -19.15 -20.09 26.38
O4A CO6 Q . -19.56 -19.00 27.33
O5A CO6 Q . -19.97 -20.55 25.23
O6A CO6 Q . -17.69 -19.57 25.95
CBP CO6 Q . -15.54 -19.79 24.89
CCP CO6 Q . -17.03 -20.12 24.77
CDP CO6 Q . -14.82 -20.51 23.73
CEP CO6 Q . -15.33 -18.27 24.75
CAP CO6 Q . -15.01 -20.24 26.26
OAP CO6 Q . -15.27 -21.64 26.43
C9P CO6 Q . -13.52 -19.96 26.49
O9P CO6 Q . -13.12 -18.83 26.77
N8P CO6 Q . -12.73 -21.03 26.43
C7P CO6 Q . -11.32 -21.04 26.80
C6P CO6 Q . -10.43 -20.43 25.71
C5P CO6 Q . -10.89 -20.96 24.37
O5P CO6 Q . -11.16 -22.15 24.22
N4P CO6 Q . -11.10 -20.07 23.39
C3P CO6 Q . -11.31 -20.48 22.01
C2P CO6 Q . -9.99 -20.59 21.25
S1P CO6 Q . -10.50 -21.35 19.72
O1 CO6 Q . -9.72 -19.48 17.83
C1 CO6 Q . -10.35 -20.50 18.07
C2 CO6 Q . -10.81 -20.47 15.67
C3 CO6 Q . -11.15 -21.20 16.96
C4 CO6 Q . -12.68 -21.27 17.17
N1A CO6 R . 32.61 -30.63 16.87
C2A CO6 R . 32.91 -30.96 15.61
N3A CO6 R . 32.11 -31.06 14.55
C4A CO6 R . 30.85 -30.76 14.90
C5A CO6 R . 30.38 -30.41 16.15
C6A CO6 R . 31.32 -30.36 17.19
N6A CO6 R . 31.04 -30.02 18.44
N7A CO6 R . 29.02 -30.17 16.09
C8A CO6 R . 28.68 -30.42 14.84
N9A CO6 R . 29.76 -30.78 14.07
C1B CO6 R . 29.81 -30.96 12.65
C2B CO6 R . 29.22 -32.22 12.05
O2B CO6 R . 30.13 -33.27 12.31
C3B CO6 R . 29.10 -31.77 10.58
O3B CO6 R . 30.33 -31.66 9.85
P3B CO6 R . 30.39 -32.32 8.36
O7A CO6 R . 31.01 -33.69 8.61
O8A CO6 R . 31.26 -31.50 7.46
O9A CO6 R . 28.99 -32.47 7.86
C4B CO6 R . 28.54 -30.36 10.78
O4B CO6 R . 29.05 -29.91 12.07
C5B CO6 R . 27.04 -30.25 10.76
O5B CO6 R . 26.54 -30.77 9.49
P1A CO6 R . 25.15 -30.21 8.87
O1A CO6 R . 24.88 -30.92 7.60
O2A CO6 R . 24.15 -30.22 9.99
O3A CO6 R . 25.52 -28.67 8.73
P2A CO6 R . 25.38 -27.61 7.55
O4A CO6 R . 25.96 -26.44 8.21
O5A CO6 R . 25.56 -28.29 6.23
O6A CO6 R . 23.77 -27.43 7.47
CBP CO6 R . 21.63 -26.94 8.40
CCP CO6 R . 23.11 -26.60 8.45
CDP CO6 R . 21.13 -26.72 6.97
CEP CO6 R . 20.89 -26.00 9.36
CAP CO6 R . 21.37 -28.42 8.79
OAP CO6 R . 21.90 -28.51 10.14
C9P CO6 R . 19.97 -29.04 8.53
O9P CO6 R . 19.51 -29.00 7.39
N8P CO6 R . 19.23 -29.70 9.42
C7P CO6 R . 18.34 -29.22 10.45
C6P CO6 R . 17.15 -28.36 9.93
C5P CO6 R . 17.53 -27.09 10.63
O5P CO6 R . 18.00 -27.19 11.76
N4P CO6 R . 17.31 -25.83 10.14
C3P CO6 R . 16.02 -25.33 9.73
C2P CO6 R . 15.21 -24.68 10.86
S1P CO6 R . 16.15 -23.32 11.58
O1 CO6 R . 14.43 -21.41 10.57
C1 CO6 R . 15.43 -21.61 11.24
C2 CO6 R . 17.61 -20.20 11.66
C3 CO6 R . 16.10 -20.40 11.91
C4 CO6 R . 15.32 -19.18 11.45
N1A CO6 S . -66.66 19.82 41.64
C2A CO6 S . -67.22 19.61 42.84
N3A CO6 S . -66.98 18.65 43.74
C4A CO6 S . -66.01 17.83 43.30
C5A CO6 S . -65.35 17.91 42.09
C6A CO6 S . -65.70 18.96 41.22
N6A CO6 S . -65.13 19.20 40.04
N7A CO6 S . -64.42 16.87 42.00
C8A CO6 S . -64.57 16.20 43.11
N9A CO6 S . -65.54 16.72 43.94
C1B CO6 S . -65.90 16.32 45.27
C2B CO6 S . -66.78 15.10 45.43
O2B CO6 S . -68.15 15.43 45.28
C3B CO6 S . -66.50 14.77 46.89
O3B CO6 S . -67.10 15.71 47.77
P3B CO6 S . -68.01 15.13 48.97
O7A CO6 S . -69.43 15.22 48.50
O8A CO6 S . -67.70 16.07 50.09
O9A CO6 S . -67.60 13.71 49.22
C4B CO6 S . -64.99 14.99 46.95
O4B CO6 S . -64.72 15.98 45.95
C5B CO6 S . -64.15 13.76 46.72
O5B CO6 S . -64.52 12.77 47.71
P1A CO6 S . -63.44 11.74 48.34
O1A CO6 S . -64.08 10.95 49.42
O2A CO6 S . -62.85 10.94 47.22
O3A CO6 S . -62.37 12.82 48.77
P2A CO6 S . -61.57 12.99 50.15
O4A CO6 S . -60.74 14.20 49.93
O5A CO6 S . -62.44 12.47 51.29
O6A CO6 S . -60.57 11.71 50.12
CBP CO6 S . -58.84 10.31 49.20
CCP CO6 S . -59.32 11.75 49.37
CDP CO6 S . -57.55 10.28 48.39
CEP CO6 S . -58.59 9.67 50.56
CAP CO6 S . -59.94 9.52 48.48
OAP CO6 S . -60.26 10.27 47.29
C9P CO6 S . -59.57 8.09 48.12
O9P CO6 S . -59.49 7.18 48.96
N8P CO6 S . -59.35 7.90 46.83
C7P CO6 S . -59.20 6.58 46.25
C6P CO6 S . -57.78 6.08 46.36
C5P CO6 S . -56.78 7.19 46.25
O5P CO6 S . -56.79 8.05 45.35
N4P CO6 S . -55.99 7.27 47.29
C3P CO6 S . -54.80 8.07 47.32
C2P CO6 S . -53.71 7.07 47.53
S1P CO6 S . -52.59 7.15 46.21
O1 CO6 S . -50.11 7.57 47.63
C1 CO6 S . -50.89 7.93 46.76
C2 CO6 S . -51.89 10.18 46.22
C3 CO6 S . -50.61 9.33 46.17
C4 CO6 S . -49.47 10.06 46.90
N1A CO6 T . -34.76 -23.56 21.40
C2A CO6 T . -33.48 -23.26 21.12
N3A CO6 T . -32.78 -22.19 21.49
C4A CO6 T . -33.55 -21.33 22.19
C5A CO6 T . -34.88 -21.50 22.54
C6A CO6 T . -35.51 -22.68 22.11
N6A CO6 T . -36.78 -22.99 22.35
N7A CO6 T . -35.32 -20.39 23.26
C8A CO6 T . -34.27 -19.61 23.34
N9A CO6 T . -33.16 -20.13 22.69
C1B CO6 T . -31.80 -19.58 22.57
C2B CO6 T . -31.70 -18.32 21.74
O2B CO6 T . -31.87 -18.64 20.38
C3B CO6 T . -30.31 -17.86 22.19
O3B CO6 T . -29.31 -18.67 21.57
P3B CO6 T . -27.88 -17.93 21.36
O7A CO6 T . -28.07 -16.45 21.44
O8A CO6 T . -26.92 -18.47 22.36
O9A CO6 T . -27.48 -18.31 19.97
C4B CO6 T . -30.37 -18.11 23.69
O4B CO6 T . -31.31 -19.21 23.84
C5B CO6 T . -30.85 -16.95 24.54
O5B CO6 T . -29.97 -15.83 24.34
P1A CO6 T . -29.84 -14.59 25.36
O1A CO6 T . -28.70 -13.73 24.95
O2A CO6 T . -31.20 -13.97 25.51
O3A CO6 T . -29.47 -15.37 26.72
P2A CO6 T . -28.31 -15.32 27.83
O4A CO6 T . -28.59 -16.49 28.70
O5A CO6 T . -27.04 -14.85 27.18
O6A CO6 T . -28.66 -13.96 28.65
CBP CO6 T . -30.30 -12.55 29.75
CCP CO6 T . -29.72 -13.97 29.65
CDP CO6 T . -31.46 -12.57 30.76
CEP CO6 T . -29.20 -11.60 30.27
CAP CO6 T . -30.81 -12.04 28.40
OAP CO6 T . -31.83 -12.95 27.92
C9P CO6 T . -31.35 -10.61 28.48
O9P CO6 T . -30.59 -9.66 28.79
N8P CO6 T . -32.63 -10.44 28.17
C7P CO6 T . -33.35 -9.17 28.19
C6P CO6 T . -33.44 -8.58 29.59
C5P CO6 T . -33.88 -9.59 30.64
O5P CO6 T . -34.75 -10.44 30.42
N4P CO6 T . -33.25 -9.54 31.81
C3P CO6 T . -33.56 -10.48 32.87
C2P CO6 T . -34.91 -10.17 33.47
S1P CO6 T . -34.75 -9.01 34.85
O1 CO6 T . -34.52 -9.44 37.66
C1 CO6 T . -34.62 -9.95 36.56
C2 CO6 T . -34.21 -12.15 37.84
C3 CO6 T . -34.63 -11.52 36.52
C4 CO6 T . -35.97 -12.14 36.15
N1A CO6 U . 33.26 23.24 -17.82
C2A CO6 U . 31.96 23.22 -17.47
N3A CO6 U . 31.40 23.51 -16.28
C4A CO6 U . 32.34 23.88 -15.40
C5A CO6 U . 33.70 23.97 -15.62
C6A CO6 U . 34.18 23.61 -16.89
N6A CO6 U . 35.46 23.69 -17.23
N7A CO6 U . 34.37 24.36 -14.45
C8A CO6 U . 33.40 24.51 -13.57
N9A CO6 U . 32.15 24.24 -14.09
C1B CO6 U . 30.90 24.37 -13.44
C2B CO6 U . 30.46 23.23 -12.54
O2B CO6 U . 29.74 22.22 -13.21
C3B CO6 U . 29.49 23.98 -11.65
O3B CO6 U . 28.27 24.26 -12.33
P3B CO6 U . 26.96 23.38 -12.00
O7A CO6 U . 26.59 23.41 -10.52
O8A CO6 U . 27.32 21.99 -12.44
O9A CO6 U . 25.90 24.00 -12.91
C4B CO6 U . 30.18 25.34 -11.45
O4B CO6 U . 31.02 25.51 -12.62
C5B CO6 U . 30.96 25.51 -10.18
O5B CO6 U . 30.09 25.09 -9.08
P1A CO6 U . 30.07 25.96 -7.71
O1A CO6 U . 28.89 25.55 -6.92
O2A CO6 U . 31.42 25.83 -7.04
O3A CO6 U . 30.01 27.44 -8.31
P2A CO6 U . 29.02 28.68 -8.00
O4A CO6 U . 29.31 29.64 -9.09
O5A CO6 U . 27.67 28.25 -7.56
O6A CO6 U . 29.71 29.17 -6.62
CBP CO6 U . 31.57 30.06 -5.33
CCP CO6 U . 30.84 30.10 -6.67
CDP CO6 U . 32.81 30.97 -5.39
CEP CO6 U . 30.65 30.56 -4.23
CAP CO6 U . 31.96 28.60 -4.99
OAP CO6 U . 32.71 28.09 -6.06
C9P CO6 U . 32.70 28.38 -3.69
O9P CO6 U . 32.11 28.49 -2.61
N8P CO6 U . 33.96 27.94 -3.79
C7P CO6 U . 34.80 27.72 -2.62
C6P CO6 U . 35.10 29.03 -1.85
C5P CO6 U . 35.46 30.18 -2.75
O5P CO6 U . 36.22 30.06 -3.72
N4P CO6 U . 34.96 31.38 -2.44
C3P CO6 U . 35.19 32.52 -3.32
C2P CO6 U . 36.64 33.01 -3.31
S1P CO6 U . 37.11 33.70 -1.73
O1 CO6 U . 36.76 36.51 -1.24
C1 CO6 U . 37.01 35.67 -2.09
C2 CO6 U . 37.88 37.76 -3.14
C3 CO6 U . 37.43 36.33 -3.47
C4 CO6 U . 36.43 36.47 -4.65
N1A CO6 V . 72.97 33.04 22.60
C2A CO6 V . 73.65 34.20 22.50
N3A CO6 V . 73.44 35.23 21.70
C4A CO6 V . 72.35 35.02 20.94
C5A CO6 V . 71.54 33.90 20.94
C6A CO6 V . 71.88 32.86 21.82
N6A CO6 V . 71.19 31.72 21.95
N7A CO6 V . 70.50 34.08 20.03
C8A CO6 V . 70.72 35.25 19.48
N9A CO6 V . 71.84 35.86 20.00
C1B CO6 V . 72.33 37.17 19.71
C2B CO6 V . 72.85 37.40 18.31
O2B CO6 V . 74.16 36.90 18.16
C3B CO6 V . 72.77 38.92 18.26
O3B CO6 V . 73.89 39.41 19.01
P3B CO6 V . 74.44 40.92 18.72
O7A CO6 V . 75.92 40.86 18.90
O8A CO6 V . 73.80 41.78 19.76
O9A CO6 V . 74.12 41.31 17.30
C4B CO6 V . 71.44 39.19 18.98
O4B CO6 V . 71.24 38.04 19.83
C5B CO6 V . 70.23 39.35 18.09
O5B CO6 V . 70.47 40.43 17.18
P1A CO6 V . 69.28 41.20 16.43
O1A CO6 V . 69.85 42.27 15.57
O2A CO6 V . 68.47 40.19 15.68
O3A CO6 V . 68.37 41.57 17.68
P2A CO6 V . 67.86 42.96 18.28
O4A CO6 V . 67.17 42.64 19.52
O5A CO6 V . 68.85 43.99 17.91
O6A CO6 V . 66.76 43.30 17.13
CBP CO6 V . 64.80 42.73 15.83
CCP CO6 V . 65.43 42.71 17.22
CDP CO6 V . 63.41 42.12 15.95
CEP CO6 V . 64.63 44.17 15.37
CAP CO6 V . 65.66 41.92 14.84
OAP CO6 V . 65.72 40.57 15.42
C9P CO6 V . 65.15 41.90 13.39
O9P CO6 V . 65.10 42.94 12.71
N8P CO6 V . 64.76 40.73 12.90
C7P CO6 V . 64.28 40.56 11.53
C6P CO6 V . 62.87 41.08 11.36
C5P CO6 V . 61.99 40.75 12.52
O5P CO6 V . 62.01 39.63 13.05
N4P CO6 V . 61.19 41.72 12.96
C3P CO6 V . 60.34 41.55 14.12
C2P CO6 V . 59.30 40.47 13.91
S1P CO6 V . 57.87 41.15 13.06
O1 CO6 V . 55.58 42.43 14.22
C1 CO6 V . 56.56 41.72 14.42
C2 CO6 V . 55.52 41.91 16.68
C3 CO6 V . 56.68 41.28 15.91
C4 CO6 V . 56.65 39.80 16.23
N1A CO6 W . -32.62 27.69 -22.89
C2A CO6 W . -33.08 26.51 -23.35
N3A CO6 W . -32.42 25.40 -23.65
C4A CO6 W . -31.11 25.56 -23.41
C5A CO6 W . -30.47 26.69 -22.96
C6A CO6 W . -31.28 27.83 -22.70
N6A CO6 W . -30.83 28.99 -22.22
N7A CO6 W . -29.12 26.47 -22.86
C8A CO6 W . -28.95 25.23 -23.26
N9A CO6 W . -30.13 24.63 -23.61
C1B CO6 W . -30.35 23.26 -24.03
C2B CO6 W . -29.76 22.88 -25.38
O2B CO6 W . -30.62 23.34 -26.39
C3B CO6 W . -29.65 21.36 -25.21
O3B CO6 W . -30.93 20.72 -25.37
P3B CO6 W . -31.03 19.29 -26.12
O7A CO6 W . -31.64 18.53 -25.04
O8A CO6 W . -31.93 19.54 -27.29
O9A CO6 W . -29.73 18.72 -26.63
C4B CO6 W . -29.21 21.24 -23.76
O4B CO6 W . -29.68 22.43 -23.10
C5B CO6 W . -27.72 21.09 -23.53
O5B CO6 W . -27.26 19.90 -24.23
P1A CO6 W . -25.97 19.02 -23.74
O1A CO6 W . -25.97 17.80 -24.60
O2A CO6 W . -24.75 19.87 -23.88
O3A CO6 W . -26.27 18.82 -22.20
P2A CO6 W . -26.35 17.50 -21.30
O4A CO6 W . -26.78 16.40 -22.20
O5A CO6 W . -26.89 17.99 -20.01
O6A CO6 W . -24.80 17.06 -21.18
CBP CO6 W . -22.50 17.59 -20.75
CCP CO6 W . -23.94 17.73 -20.24
CDP CO6 W . -21.59 18.28 -19.73
CEP CO6 W . -22.12 16.11 -20.79
CAP CO6 W . -22.33 18.22 -22.14
OAP CO6 W . -22.75 19.59 -22.00
C9P CO6 W . -20.92 18.09 -22.73
O9P CO6 W . -20.51 16.99 -23.10
N8P CO6 W . -20.17 19.19 -22.85
C7P CO6 W . -18.73 19.12 -23.19
C6P CO6 W . -17.80 18.65 -22.01
C5P CO6 W . -18.21 19.28 -20.72
O5P CO6 W . -18.55 20.45 -20.82
N4P CO6 W . -18.05 18.74 -19.46
C3P CO6 W . -16.78 18.27 -18.92
C2P CO6 W . -16.05 19.26 -18.00
S1P CO6 W . -15.41 18.51 -16.42
O1 CO6 W . -14.99 18.02 -13.87
C1 CO6 W . -15.78 18.53 -14.62
C2 CO6 W . -17.00 19.98 -12.86
C3 CO6 W . -17.14 19.10 -14.11
C4 CO6 W . -17.89 19.89 -15.18
N1A CO6 X . 24.47 34.48 -22.32
C2A CO6 X . 25.09 34.60 -21.14
N3A CO6 X . 24.59 34.45 -19.91
C4A CO6 X . 23.29 34.11 -19.96
C5A CO6 X . 22.52 33.95 -21.09
C6A CO6 X . 23.15 34.17 -22.33
N6A CO6 X . 22.53 34.05 -23.50
N7A CO6 X . 21.20 33.68 -20.77
C8A CO6 X . 21.20 33.65 -19.46
N9A CO6 X . 22.43 33.93 -18.91
C1B CO6 X . 22.78 33.90 -17.50
C2B CO6 X . 22.49 35.14 -16.67
O2B CO6 X . 23.56 36.07 -16.78
C3B CO6 X . 22.47 34.54 -15.27
O3B CO6 X . 23.75 34.19 -14.75
P3B CO6 X . 24.63 35.08 -13.70
O7A CO6 X . 24.75 36.43 -14.35
O8A CO6 X . 23.94 35.17 -12.33
O9A CO6 X . 25.93 34.27 -13.69
C4B CO6 X . 21.78 33.18 -15.53
O4B CO6 X . 22.05 32.85 -16.92
C5B CO6 X . 20.29 33.11 -15.24
O5B CO6 X . 20.10 33.65 -13.90
P1A CO6 X . 19.15 32.92 -12.83
O1A CO6 X . 19.52 33.38 -11.46
O2A CO6 X . 17.74 33.20 -13.27
O3A CO6 X . 19.60 31.40 -13.07
P2A CO6 X . 20.04 30.22 -12.05
O4A CO6 X . 20.53 29.09 -12.89
O5A CO6 X . 20.57 30.70 -10.71
O6A CO6 X . 18.55 29.79 -11.57
CBP CO6 X . 16.28 29.04 -11.99
CCP CO6 X . 17.74 28.91 -12.42
CDP CO6 X . 15.44 28.08 -12.82
CEP CO6 X . 16.14 28.69 -10.52
CAP CO6 X . 15.80 30.50 -12.19
OAP CO6 X . 16.01 30.84 -13.54
C9P CO6 X . 14.36 30.80 -11.86
O9P CO6 X . 13.98 30.84 -10.67
N8P CO6 X . 13.57 31.08 -12.88
C7P CO6 X . 12.18 31.48 -12.69
C6P CO6 X . 11.28 30.29 -12.33
C5P CO6 X . 11.57 29.05 -13.13
O5P CO6 X . 11.75 29.05 -14.36
N4P CO6 X . 11.64 27.91 -12.44
C3P CO6 X . 12.05 26.66 -13.08
C2P CO6 X . 11.01 26.14 -14.05
S1P CO6 X . 9.54 25.54 -13.22
O1 CO6 X . 9.32 22.72 -12.56
C1 CO6 X . 9.80 23.54 -13.31
C2 CO6 X . 12.04 22.70 -14.53
C3 CO6 X . 10.52 22.81 -14.51
C4 CO6 X . 10.00 21.36 -14.52
#